data_8TNN
#
_entry.id   8TNN
#
_cell.length_a   88.750
_cell.length_b   138.960
_cell.length_c   316.264
_cell.angle_alpha   90.00
_cell.angle_beta   90.00
_cell.angle_gamma   90.00
#
_symmetry.space_group_name_H-M   'P 21 21 21'
#
loop_
_entity.id
_entity.type
_entity.pdbx_description
1 polymer 'Envelope glycoprotein H'
2 polymer 'Envelope glycoprotein L'
3 polymer 'Glycoprotein 42'
4 polymer 'A10 light chain'
5 polymer 'A10 heavy chain'
6 branched beta-D-mannopyranose-(1-4)-2-acetamido-2-deoxy-beta-D-glucopyranose-(1-4)-2-acetamido-2-deoxy-beta-D-glucopyranose
7 non-polymer 2-acetamido-2-deoxy-beta-D-glucopyranose
#
loop_
_entity_poly.entity_id
_entity_poly.type
_entity_poly.pdbx_seq_one_letter_code
_entity_poly.pdbx_strand_id
1 'polypeptide(L)'
;AASLSEVKLHLDIEGHASHYTIPWTELMAKVPGLSPEALWREANVTEDLASMLNRYKLIYKTSGTLGIALAEPVDIPAVS
EGSMQVDASKVHPGVISGLNSPACMLSAPLEKQLFYYIGTMLPNTRPHSYVFYQLRCHLSYVALSINGDKFQYTGAMTSK
FLMGTYKRVTEKGDEHVLSLVFGKTKDLPDLRGPFSYPSLTSAQSGDYSLVIVTTFVHYANFHNYFVPNLKDMFSRAVTM
TAASYARYVLQKLVLLEMKGGCREPELDTETLTTMFEVSVAFFKVGHAVGETGNGCVDLRWLAKSFFELTVLKDIIGICY
GATVKGMQSYGLERLAAMLMATVKMEELGHLTTEKQEYALRLATVGYPKAGVYSGLIGGATSVLLSAYNRHPLFQPLHTV
MRETLFIGSHVVLRELRLNVTTQGPNLALYQLLSTALCSALEIGEVLRGLALGTESGLFSPCYLSLRFDLTRDKLLSMAP
QEATLDQAAVSNAVDGFLGRLSLEREDRDAWHLPAYKCVDRLDKVLMIIPLINVTFIISSDREVRGSALYEASTTYLSSS
LFLSPVIMNKCSQGAVAGEPRQIPKIQNFTRTQKSCIFCGFALLSYDEKEGLETTTYITSQEVQNSILSSNYFDFDNLHV
HYLLLTTNGTVMEIAGLY
;
A,D
2 'polypeptide(L)'
;WAYPCCHVTQLRAQHLLALENISDIYLVSNQTCDGFSLASLNSPKNGSNQLVISRCANGLNVVSFFISILKRSSSALTGH
LRELLTTLETLYGSFSVEDLFGANLNRYAWHR
;
B,E
3 'polypeptide(L)'
;GGGRVAAAAITWVPKPNVEVWPVDPPPPVNFNKTAEQEYGDKEVKLPHWTPTLHTFQVPQNYTKANCTYCNTREYTFSYK
GCCFYFTKKKHTWNGCFQACAELYPCTYFYGPTPDILPVVTRNLNAIESLWVGVYRVGEGNWTSLDGGTFKVYQIFGSHC
TYVSKFSTVPVSHHECSFLKPCLCVSQRSNS
;
C,F
4 'polypeptide(L)'
;NSYELTQPPSVSAASGQTARITCGGDNIGSKNVQWYQQKPAQAPVLVIYADSKRPSGVPERFSGSNSGNTATLTISGVEA
GDEADYYCQVWDRSSNIFGVGTRLTVLGQPKAAPSVTLFPPSSEELQANKATLVCLISDFYPGAVTVAWKADSSPVKAGV
ETTTPSKQSNNKYAASSYLSLTPEQWKSHRSYSCQVTHEGSTVEKTVAPTECS
;
G,I
5 'polypeptide(L)'
;NSQVQLQESGPGLVKPSQTLSLTCAISGDSVSSNSATWNWIRQSPSRGLEWLGRTYYRSKWYYDYAQSVQNRISINPDTS
KNQFSLQLNSVTPEDMAVYYCARGDFDAFDFWGQGLRVTVSSASTKGPSVFPLAPSSKSTSGGTAALGCLVKDYFPEPVT
VSWNSGALTSGVHTFPAVLQSSGLYSLSSVVTVPSSSLGTQTYICNVNHKPSNTKVDKKVEPKSCDKGLEVLFQ
;
H,J
#
# COMPACT_ATOMS: atom_id res chain seq x y z
N ALA A 1 -42.30 -1.61 59.51
CA ALA A 1 -41.22 -0.93 58.80
C ALA A 1 -41.74 0.27 58.00
N ALA A 2 -42.67 0.01 57.08
CA ALA A 2 -43.31 1.05 56.29
C ALA A 2 -44.83 0.83 56.34
N SER A 3 -45.57 1.87 56.73
CA SER A 3 -47.01 1.75 56.95
C SER A 3 -47.73 1.55 55.61
N LEU A 4 -47.61 0.33 55.07
CA LEU A 4 -48.21 -0.02 53.80
C LEU A 4 -49.14 -1.21 53.99
N SER A 5 -50.28 -1.19 53.31
CA SER A 5 -51.26 -2.26 53.42
C SER A 5 -51.63 -2.76 52.04
N GLU A 6 -52.77 -3.45 51.95
CA GLU A 6 -53.21 -4.05 50.70
C GLU A 6 -53.70 -2.98 49.72
N VAL A 7 -53.90 -3.39 48.47
CA VAL A 7 -54.46 -2.51 47.44
C VAL A 7 -55.27 -3.36 46.47
N LYS A 8 -56.26 -2.74 45.85
CA LYS A 8 -57.17 -3.41 44.94
C LYS A 8 -57.06 -2.81 43.54
N LEU A 9 -56.88 -3.67 42.55
CA LEU A 9 -56.80 -3.27 41.15
C LEU A 9 -58.11 -3.62 40.48
N HIS A 10 -58.79 -2.63 39.92
CA HIS A 10 -60.04 -2.84 39.21
C HIS A 10 -59.77 -2.70 37.71
N LEU A 11 -60.31 -3.63 36.92
CA LEU A 11 -60.10 -3.59 35.48
C LEU A 11 -61.31 -4.14 34.76
N ASP A 12 -61.50 -3.68 33.53
CA ASP A 12 -62.62 -4.08 32.68
C ASP A 12 -62.05 -4.65 31.37
N ILE A 13 -61.46 -5.84 31.47
CA ILE A 13 -60.95 -6.55 30.31
C ILE A 13 -62.09 -6.83 29.35
N GLU A 14 -62.76 -7.97 29.54
CA GLU A 14 -63.89 -8.36 28.70
C GLU A 14 -65.05 -7.38 28.82
N GLY A 15 -66.25 -7.83 28.44
CA GLY A 15 -67.44 -7.01 28.66
C GLY A 15 -67.66 -6.74 30.14
N HIS A 16 -67.67 -7.81 30.94
CA HIS A 16 -67.73 -7.65 32.39
C HIS A 16 -66.39 -7.17 32.93
N ALA A 17 -66.38 -6.80 34.21
CA ALA A 17 -65.19 -6.28 34.86
C ALA A 17 -64.91 -7.07 36.13
N SER A 18 -63.66 -7.03 36.58
CA SER A 18 -63.28 -7.76 37.79
C SER A 18 -62.18 -6.99 38.52
N HIS A 19 -61.96 -7.40 39.77
CA HIS A 19 -60.99 -6.77 40.65
C HIS A 19 -60.09 -7.83 41.26
N TYR A 20 -58.90 -7.40 41.68
CA TYR A 20 -57.92 -8.27 42.32
C TYR A 20 -57.33 -7.53 43.50
N THR A 21 -57.34 -8.17 44.67
CA THR A 21 -56.83 -7.56 45.89
C THR A 21 -55.45 -8.15 46.18
N ILE A 22 -54.41 -7.35 45.95
CA ILE A 22 -53.03 -7.75 46.22
C ILE A 22 -52.67 -7.21 47.61
N PRO A 23 -52.43 -8.07 48.60
CA PRO A 23 -52.07 -7.59 49.93
C PRO A 23 -50.58 -7.36 50.08
N TRP A 24 -50.13 -6.10 50.21
CA TRP A 24 -48.70 -5.88 50.36
C TRP A 24 -48.21 -6.36 51.70
N THR A 25 -49.02 -6.23 52.74
CA THR A 25 -48.70 -6.92 53.99
C THR A 25 -48.74 -8.42 53.72
N GLU A 26 -48.18 -9.19 54.64
CA GLU A 26 -47.93 -10.63 54.50
C GLU A 26 -47.12 -10.97 53.26
N LEU A 27 -47.36 -10.28 52.12
CA LEU A 27 -46.53 -10.53 50.95
C LEU A 27 -45.12 -10.02 51.15
N MET A 28 -44.97 -8.93 51.91
CA MET A 28 -43.64 -8.44 52.24
C MET A 28 -42.93 -9.39 53.20
N ALA A 29 -43.68 -10.04 54.09
CA ALA A 29 -43.08 -11.01 55.01
C ALA A 29 -42.78 -12.34 54.34
N LYS A 30 -43.43 -12.63 53.21
CA LYS A 30 -43.15 -13.86 52.48
C LYS A 30 -41.92 -13.71 51.59
N VAL A 31 -41.71 -12.53 51.03
CA VAL A 31 -40.57 -12.23 50.17
C VAL A 31 -39.75 -11.15 50.85
N PRO A 32 -38.67 -11.51 51.55
CA PRO A 32 -37.93 -10.50 52.33
C PRO A 32 -37.31 -9.39 51.50
N GLY A 33 -36.90 -9.69 50.27
CA GLY A 33 -36.27 -8.66 49.45
C GLY A 33 -37.20 -7.66 48.81
N LEU A 34 -38.51 -7.90 48.88
CA LEU A 34 -39.46 -7.01 48.23
C LEU A 34 -39.56 -5.67 48.94
N SER A 35 -39.54 -4.60 48.15
CA SER A 35 -39.72 -3.23 48.65
C SER A 35 -40.63 -2.53 47.67
N PRO A 36 -41.95 -2.72 47.80
CA PRO A 36 -42.87 -2.15 46.81
C PRO A 36 -42.76 -0.65 46.66
N GLU A 37 -42.45 0.06 47.75
CA GLU A 37 -42.32 1.52 47.66
C GLU A 37 -41.11 1.92 46.84
N ALA A 38 -40.03 1.13 46.91
CA ALA A 38 -38.85 1.42 46.10
C ALA A 38 -39.16 1.31 44.61
N LEU A 39 -39.84 0.23 44.21
CA LEU A 39 -40.23 0.10 42.80
C LEU A 39 -41.26 1.15 42.41
N TRP A 40 -42.14 1.54 43.33
CA TRP A 40 -43.07 2.62 43.04
C TRP A 40 -42.34 3.93 42.76
N ARG A 41 -41.29 4.21 43.54
CA ARG A 41 -40.46 5.37 43.28
C ARG A 41 -39.74 5.25 41.94
N GLU A 42 -39.24 4.05 41.63
CA GLU A 42 -38.57 3.85 40.36
C GLU A 42 -39.52 4.14 39.20
N ALA A 43 -40.75 3.66 39.30
CA ALA A 43 -41.74 3.88 38.25
C ALA A 43 -42.24 5.31 38.30
N ASN A 44 -41.92 6.10 37.28
CA ASN A 44 -42.48 7.46 37.19
C ASN A 44 -43.95 7.28 36.84
N VAL A 45 -44.75 6.96 37.86
CA VAL A 45 -46.18 6.72 37.65
C VAL A 45 -46.86 7.99 37.16
N THR A 46 -46.41 9.14 37.64
CA THR A 46 -46.94 10.43 37.22
C THR A 46 -46.23 10.97 35.98
N GLU A 47 -45.64 10.12 35.15
CA GLU A 47 -44.93 10.59 33.97
C GLU A 47 -45.93 11.02 32.91
N ASP A 48 -45.71 12.21 32.35
CA ASP A 48 -46.53 12.64 31.22
C ASP A 48 -46.17 11.79 30.01
N LEU A 49 -47.19 11.47 29.21
CA LEU A 49 -46.98 10.58 28.06
C LEU A 49 -45.88 11.12 27.13
N ALA A 50 -45.75 12.44 27.02
CA ALA A 50 -44.72 13.02 26.17
C ALA A 50 -43.32 12.65 26.67
N SER A 51 -43.09 12.78 27.98
CA SER A 51 -41.78 12.47 28.53
C SER A 51 -41.47 10.97 28.41
N MET A 52 -42.50 10.12 28.58
CA MET A 52 -42.37 8.71 28.23
C MET A 52 -41.88 8.53 26.80
N LEU A 53 -42.56 9.19 25.86
CA LEU A 53 -42.18 9.04 24.46
C LEU A 53 -40.76 9.50 24.24
N ASN A 54 -40.32 10.51 24.98
CA ASN A 54 -38.94 10.99 24.85
C ASN A 54 -37.97 9.92 25.33
N ARG A 55 -38.25 9.33 26.50
CA ARG A 55 -37.44 8.23 26.99
C ARG A 55 -37.34 7.12 25.94
N TYR A 56 -38.47 6.69 25.39
CA TYR A 56 -38.45 5.66 24.36
C TYR A 56 -37.62 6.12 23.17
N LYS A 57 -37.75 7.38 22.78
CA LYS A 57 -37.05 7.90 21.60
C LYS A 57 -35.56 8.07 21.85
N LEU A 58 -35.10 7.91 23.08
CA LEU A 58 -33.66 8.01 23.35
C LEU A 58 -32.95 6.66 23.35
N ILE A 59 -33.65 5.56 23.65
CA ILE A 59 -33.03 4.24 23.74
C ILE A 59 -33.02 3.57 22.37
N TYR A 60 -31.85 3.04 21.99
CA TYR A 60 -31.72 2.36 20.70
C TYR A 60 -32.66 1.16 20.62
N LYS A 61 -33.38 1.07 19.50
CA LYS A 61 -34.25 -0.06 19.19
C LYS A 61 -33.62 -0.83 18.04
N THR A 62 -33.64 -2.16 18.15
CA THR A 62 -32.94 -2.99 17.18
C THR A 62 -33.54 -2.85 15.78
N SER A 63 -32.70 -3.03 14.77
CA SER A 63 -33.13 -2.98 13.38
C SER A 63 -33.47 -4.38 12.88
N GLY A 64 -34.36 -5.04 13.60
CA GLY A 64 -34.76 -6.39 13.26
C GLY A 64 -34.19 -7.40 14.24
N THR A 65 -34.96 -8.47 14.46
CA THR A 65 -34.57 -9.52 15.40
C THR A 65 -34.26 -10.79 14.60
N LEU A 66 -32.98 -11.18 14.59
CA LEU A 66 -32.57 -12.41 13.92
C LEU A 66 -33.14 -13.63 14.63
N GLY A 67 -34.12 -14.28 14.00
CA GLY A 67 -34.74 -15.47 14.57
C GLY A 67 -34.04 -16.75 14.19
N ILE A 68 -32.96 -17.09 14.87
CA ILE A 68 -32.21 -18.28 14.52
C ILE A 68 -32.78 -19.47 15.28
N ALA A 69 -32.52 -20.67 14.79
CA ALA A 69 -32.95 -21.90 15.43
C ALA A 69 -31.71 -22.63 15.92
N LEU A 70 -31.40 -22.47 17.21
CA LEU A 70 -30.25 -23.09 17.85
C LEU A 70 -30.72 -24.07 18.91
N ALA A 71 -29.87 -25.04 19.21
CA ALA A 71 -30.21 -26.15 20.10
C ALA A 71 -29.25 -26.22 21.28
N GLU A 72 -29.82 -26.46 22.45
CA GLU A 72 -29.02 -26.54 23.67
C GLU A 72 -28.15 -27.80 23.62
N PRO A 73 -26.92 -27.72 24.10
CA PRO A 73 -26.02 -28.88 24.04
C PRO A 73 -26.32 -29.86 25.17
N VAL A 74 -25.64 -31.00 25.12
CA VAL A 74 -25.71 -32.00 26.17
C VAL A 74 -24.50 -31.76 27.07
N ASP A 75 -24.67 -30.85 28.03
CA ASP A 75 -23.56 -30.50 28.91
C ASP A 75 -23.53 -31.40 30.14
N ILE A 76 -24.31 -31.02 31.15
CA ILE A 76 -24.35 -31.76 32.40
C ILE A 76 -24.88 -33.16 32.16
N PRO A 77 -24.12 -34.19 32.49
CA PRO A 77 -24.53 -35.56 32.22
C PRO A 77 -25.55 -36.03 33.25
N ALA A 78 -26.00 -37.27 33.08
CA ALA A 78 -26.92 -37.86 34.04
C ALA A 78 -26.14 -38.45 35.20
N VAL A 79 -26.80 -38.52 36.36
CA VAL A 79 -26.14 -39.06 37.54
C VAL A 79 -25.77 -40.52 37.28
N SER A 80 -24.47 -40.81 37.37
CA SER A 80 -24.04 -42.19 37.21
C SER A 80 -24.56 -43.01 38.38
N GLU A 81 -25.19 -44.15 38.09
CA GLU A 81 -25.75 -45.01 39.12
C GLU A 81 -24.69 -45.38 40.15
N GLY A 82 -24.96 -45.01 41.39
CA GLY A 82 -24.06 -45.23 42.49
C GLY A 82 -23.16 -44.04 42.77
N SER A 83 -23.59 -42.83 42.44
CA SER A 83 -22.77 -41.65 42.61
C SER A 83 -22.92 -41.13 44.04
N MET A 84 -21.80 -40.81 44.68
CA MET A 84 -21.89 -40.27 46.03
C MET A 84 -22.39 -38.83 45.97
N GLN A 85 -23.56 -38.59 46.56
CA GLN A 85 -24.15 -37.27 46.60
C GLN A 85 -23.43 -36.42 47.62
N VAL A 86 -22.74 -35.37 47.16
CA VAL A 86 -21.93 -34.54 48.03
C VAL A 86 -22.60 -33.19 48.17
N ASP A 87 -22.97 -32.86 49.41
CA ASP A 87 -23.44 -31.51 49.72
C ASP A 87 -22.20 -30.64 49.92
N ALA A 88 -22.11 -29.56 49.14
CA ALA A 88 -20.92 -28.72 49.18
C ALA A 88 -20.67 -28.16 50.57
N SER A 89 -21.73 -27.82 51.30
CA SER A 89 -21.55 -27.28 52.63
C SER A 89 -21.09 -28.35 53.61
N LYS A 90 -21.65 -29.56 53.51
CA LYS A 90 -21.29 -30.66 54.41
C LYS A 90 -20.33 -31.62 53.71
N VAL A 91 -19.09 -31.18 53.57
CA VAL A 91 -18.04 -31.97 52.95
C VAL A 91 -17.31 -32.73 54.07
N HIS A 92 -17.57 -34.04 54.18
CA HIS A 92 -17.01 -34.90 55.22
C HIS A 92 -15.61 -35.38 54.82
N PRO A 93 -14.69 -35.46 55.78
CA PRO A 93 -13.28 -35.75 55.43
C PRO A 93 -13.10 -37.05 54.64
N GLY A 94 -14.03 -37.98 54.80
CA GLY A 94 -14.02 -39.26 54.13
C GLY A 94 -15.23 -39.52 53.26
N VAL A 95 -15.66 -38.54 52.45
CA VAL A 95 -16.86 -38.75 51.63
C VAL A 95 -16.66 -39.91 50.66
N ILE A 96 -15.69 -39.80 49.75
CA ILE A 96 -15.47 -40.86 48.78
C ILE A 96 -14.02 -40.79 48.31
N SER A 97 -13.27 -41.86 48.54
CA SER A 97 -11.87 -41.90 48.15
C SER A 97 -11.72 -42.62 46.82
N GLY A 98 -10.77 -42.15 46.01
CA GLY A 98 -10.46 -42.78 44.76
C GLY A 98 -10.90 -41.99 43.54
N LEU A 99 -10.01 -41.88 42.55
CA LEU A 99 -10.37 -41.21 41.30
C LEU A 99 -11.41 -42.02 40.52
N ASN A 100 -11.45 -43.34 40.72
CA ASN A 100 -12.44 -44.20 40.07
C ASN A 100 -13.78 -44.21 40.78
N SER A 101 -13.92 -43.49 41.89
CA SER A 101 -15.17 -43.49 42.64
C SER A 101 -16.21 -42.64 41.92
N PRO A 102 -17.42 -43.16 41.67
CA PRO A 102 -18.47 -42.31 41.10
C PRO A 102 -19.00 -41.34 42.15
N ALA A 103 -18.99 -40.06 41.81
CA ALA A 103 -19.38 -39.04 42.77
C ALA A 103 -19.99 -37.85 42.02
N CYS A 104 -20.98 -37.22 42.65
CA CYS A 104 -21.65 -36.06 42.08
C CYS A 104 -21.93 -35.04 43.18
N MET A 105 -21.75 -33.77 42.85
CA MET A 105 -22.00 -32.66 43.77
C MET A 105 -23.43 -32.16 43.58
N LEU A 106 -24.14 -32.02 44.68
CA LEU A 106 -25.54 -31.60 44.62
C LEU A 106 -25.64 -30.18 44.08
N SER A 107 -26.70 -29.93 43.31
CA SER A 107 -26.79 -28.67 42.56
C SER A 107 -27.04 -27.48 43.48
N ALA A 108 -28.05 -27.56 44.34
CA ALA A 108 -28.45 -26.41 45.16
C ALA A 108 -27.35 -25.87 46.07
N PRO A 109 -26.69 -26.68 46.90
CA PRO A 109 -25.60 -26.11 47.72
C PRO A 109 -24.51 -25.49 46.87
N LEU A 110 -24.17 -26.13 45.76
CA LEU A 110 -23.15 -25.59 44.87
C LEU A 110 -23.56 -24.22 44.34
N GLU A 111 -24.81 -24.09 43.88
CA GLU A 111 -25.29 -22.78 43.45
C GLU A 111 -25.21 -21.76 44.58
N LYS A 112 -25.59 -22.17 45.79
CA LYS A 112 -25.55 -21.26 46.92
C LYS A 112 -24.12 -20.82 47.22
N GLN A 113 -23.13 -21.62 46.83
CA GLN A 113 -21.73 -21.23 47.01
C GLN A 113 -21.20 -20.41 45.84
N LEU A 114 -21.52 -20.79 44.60
CA LEU A 114 -21.08 -20.03 43.43
C LEU A 114 -21.68 -18.63 43.44
N PHE A 115 -22.97 -18.54 43.69
CA PHE A 115 -23.64 -17.26 43.79
C PHE A 115 -23.92 -16.96 45.24
N TYR A 116 -22.87 -17.00 46.06
CA TYR A 116 -22.99 -16.65 47.47
C TYR A 116 -23.08 -15.13 47.63
N TYR A 117 -22.26 -14.40 46.88
CA TYR A 117 -22.21 -12.95 47.01
C TYR A 117 -23.50 -12.31 46.51
N ILE A 118 -24.00 -11.32 47.25
CA ILE A 118 -25.17 -10.55 46.85
C ILE A 118 -24.73 -9.14 46.46
N GLY A 119 -25.49 -8.50 45.58
CA GLY A 119 -25.24 -7.11 45.24
C GLY A 119 -26.20 -6.64 44.17
N THR A 120 -26.06 -5.35 43.84
CA THR A 120 -26.92 -4.71 42.85
C THR A 120 -26.37 -4.98 41.45
N MET A 121 -27.16 -5.66 40.62
CA MET A 121 -26.73 -5.92 39.24
C MET A 121 -27.12 -4.77 38.31
N LEU A 122 -28.41 -4.59 38.09
CA LEU A 122 -28.90 -3.51 37.25
C LEU A 122 -28.82 -2.19 38.01
N PRO A 123 -28.00 -1.24 37.58
CA PRO A 123 -27.76 -0.04 38.41
C PRO A 123 -28.71 1.10 38.12
N ASN A 124 -28.53 2.19 38.84
CA ASN A 124 -29.19 3.46 38.53
C ASN A 124 -28.30 4.35 37.68
N THR A 125 -27.76 3.78 36.60
CA THR A 125 -26.85 4.49 35.71
C THR A 125 -27.51 4.53 34.33
N ARG A 126 -27.90 5.73 33.90
CA ARG A 126 -28.47 5.89 32.58
C ARG A 126 -27.54 5.28 31.54
N PRO A 127 -28.03 4.38 30.67
CA PRO A 127 -29.41 4.23 30.23
C PRO A 127 -30.22 3.17 30.96
N HIS A 128 -29.58 2.40 31.85
CA HIS A 128 -30.28 1.29 32.48
C HIS A 128 -31.40 1.78 33.40
N SER A 129 -31.21 2.94 34.03
CA SER A 129 -32.27 3.51 34.86
C SER A 129 -33.55 3.71 34.06
N TYR A 130 -33.44 4.11 32.79
CA TYR A 130 -34.62 4.37 31.99
C TYR A 130 -35.37 3.09 31.67
N VAL A 131 -34.63 2.02 31.42
CA VAL A 131 -35.18 0.81 30.85
C VAL A 131 -35.53 -0.23 31.91
N PHE A 132 -34.60 -0.48 32.84
CA PHE A 132 -34.71 -1.58 33.79
C PHE A 132 -35.12 -1.10 35.18
N TYR A 133 -35.76 -2.01 35.93
CA TYR A 133 -36.00 -1.85 37.36
C TYR A 133 -34.79 -2.36 38.13
N GLN A 134 -34.24 -1.52 39.01
CA GLN A 134 -33.06 -1.91 39.78
C GLN A 134 -33.28 -3.23 40.49
N LEU A 135 -32.28 -4.09 40.46
CA LEU A 135 -32.37 -5.43 41.03
C LEU A 135 -31.13 -5.73 41.87
N ARG A 136 -31.35 -6.16 43.11
CA ARG A 136 -30.31 -6.65 43.99
C ARG A 136 -30.49 -8.15 44.17
N CYS A 137 -29.50 -8.93 43.79
CA CYS A 137 -29.59 -10.38 43.83
C CYS A 137 -28.20 -10.98 44.03
N HIS A 138 -28.20 -12.30 44.24
CA HIS A 138 -26.95 -13.04 44.30
C HIS A 138 -26.30 -13.03 42.93
N LEU A 139 -25.10 -12.48 42.83
CA LEU A 139 -24.47 -12.29 41.54
C LEU A 139 -23.07 -12.91 41.51
N SER A 140 -22.47 -12.86 40.32
CA SER A 140 -21.04 -13.07 40.10
C SER A 140 -20.60 -12.11 39.01
N TYR A 141 -19.45 -11.45 39.21
CA TYR A 141 -19.02 -10.44 38.25
C TYR A 141 -17.61 -10.67 37.75
N VAL A 142 -17.42 -10.36 36.47
CA VAL A 142 -16.09 -10.26 35.87
C VAL A 142 -15.91 -8.83 35.40
N ALA A 143 -14.83 -8.19 35.81
CA ALA A 143 -14.68 -6.77 35.52
C ALA A 143 -13.23 -6.44 35.15
N LEU A 144 -13.09 -5.57 34.15
CA LEU A 144 -11.79 -5.09 33.71
C LEU A 144 -11.87 -3.61 33.40
N SER A 145 -10.70 -2.97 33.46
CA SER A 145 -10.56 -1.56 33.10
C SER A 145 -9.22 -1.38 32.41
N ILE A 146 -9.26 -0.89 31.16
CA ILE A 146 -8.08 -0.70 30.33
C ILE A 146 -8.02 0.72 29.81
N ASN A 147 -6.86 1.04 29.22
CA ASN A 147 -6.55 2.34 28.63
C ASN A 147 -6.73 3.46 29.66
N GLY A 148 -5.95 3.37 30.73
CA GLY A 148 -5.98 4.39 31.76
C GLY A 148 -7.35 4.54 32.38
N ASP A 149 -8.03 3.43 32.62
CA ASP A 149 -9.38 3.40 33.18
C ASP A 149 -10.39 4.16 32.33
N LYS A 150 -10.06 4.42 31.07
CA LYS A 150 -11.03 5.07 30.19
C LYS A 150 -12.02 4.08 29.61
N PHE A 151 -11.58 2.88 29.22
CA PHE A 151 -12.52 1.85 28.81
C PHE A 151 -12.69 0.84 29.93
N GLN A 152 -13.94 0.49 30.24
CA GLN A 152 -14.23 -0.42 31.33
C GLN A 152 -15.35 -1.36 30.92
N TYR A 153 -15.17 -2.65 31.16
CA TYR A 153 -16.21 -3.63 30.93
C TYR A 153 -16.54 -4.33 32.25
N THR A 154 -17.83 -4.38 32.57
CA THR A 154 -18.31 -5.08 33.75
C THR A 154 -19.41 -6.03 33.32
N GLY A 155 -19.16 -7.33 33.41
CA GLY A 155 -20.16 -8.33 33.12
C GLY A 155 -20.65 -9.03 34.39
N ALA A 156 -21.92 -8.82 34.72
CA ALA A 156 -22.53 -9.35 35.93
C ALA A 156 -23.55 -10.41 35.56
N MET A 157 -23.52 -11.54 36.26
CA MET A 157 -24.32 -12.70 35.91
C MET A 157 -25.02 -13.27 37.14
N THR A 158 -26.22 -13.80 36.90
CA THR A 158 -26.95 -14.63 37.85
C THR A 158 -26.83 -16.07 37.38
N SER A 159 -27.75 -16.91 37.85
CA SER A 159 -27.92 -18.25 37.32
C SER A 159 -28.95 -18.27 36.20
N LYS A 160 -29.42 -17.10 35.78
CA LYS A 160 -30.53 -16.97 34.83
C LYS A 160 -30.21 -16.04 33.67
N PHE A 161 -29.58 -14.89 33.91
CA PHE A 161 -29.25 -13.97 32.84
C PHE A 161 -27.88 -13.34 33.10
N LEU A 162 -27.40 -12.62 32.09
CA LEU A 162 -26.06 -12.03 32.10
C LEU A 162 -26.07 -10.67 31.41
N MET A 163 -25.53 -9.67 32.09
CA MET A 163 -25.47 -8.31 31.56
C MET A 163 -24.01 -7.84 31.49
N GLY A 164 -23.53 -7.58 30.28
CA GLY A 164 -22.21 -7.03 30.07
C GLY A 164 -22.31 -5.56 29.69
N THR A 165 -21.84 -4.67 30.57
CA THR A 165 -21.89 -3.25 30.34
C THR A 165 -20.50 -2.73 29.95
N TYR A 166 -20.40 -2.15 28.76
CA TYR A 166 -19.22 -1.46 28.25
C TYR A 166 -19.34 0.04 28.53
N LYS A 167 -18.22 0.70 28.80
CA LYS A 167 -18.24 2.13 29.03
C LYS A 167 -16.92 2.76 28.57
N ARG A 168 -17.03 3.80 27.76
CA ARG A 168 -15.89 4.56 27.28
C ARG A 168 -16.04 6.01 27.74
N VAL A 169 -15.01 6.52 28.39
CA VAL A 169 -14.94 7.92 28.80
C VAL A 169 -14.06 8.67 27.82
N THR A 170 -14.65 9.64 27.12
CA THR A 170 -13.92 10.43 26.14
C THR A 170 -12.87 11.28 26.87
N GLU A 171 -11.84 11.69 26.13
CA GLU A 171 -10.80 12.57 26.67
C GLU A 171 -11.42 13.77 27.36
N LYS A 172 -12.40 14.42 26.70
CA LYS A 172 -13.09 15.55 27.31
C LYS A 172 -13.83 15.11 28.58
N GLY A 173 -14.60 14.03 28.49
CA GLY A 173 -15.29 13.50 29.65
C GLY A 173 -16.65 12.89 29.36
N ASP A 174 -17.07 12.91 28.10
CA ASP A 174 -18.35 12.31 27.73
C ASP A 174 -18.27 10.81 27.92
N GLU A 175 -19.28 10.24 28.56
CA GLU A 175 -19.33 8.82 28.89
C GLU A 175 -20.37 8.12 28.00
N HIS A 176 -19.90 7.26 27.10
CA HIS A 176 -20.77 6.43 26.28
C HIS A 176 -20.79 5.02 26.86
N VAL A 177 -21.97 4.43 26.90
CA VAL A 177 -22.18 3.16 27.60
C VAL A 177 -23.16 2.29 26.80
N LEU A 178 -22.85 1.00 26.74
CA LEU A 178 -23.59 0.04 25.93
C LEU A 178 -23.64 -1.30 26.63
N SER A 179 -24.84 -1.87 26.80
CA SER A 179 -24.97 -3.11 27.54
C SER A 179 -25.60 -4.20 26.68
N LEU A 180 -25.14 -5.43 26.91
CA LEU A 180 -25.63 -6.60 26.20
C LEU A 180 -26.12 -7.63 27.22
N VAL A 181 -27.36 -8.08 27.05
CA VAL A 181 -28.01 -8.99 27.97
C VAL A 181 -28.30 -10.31 27.27
N PHE A 182 -27.68 -11.39 27.75
CA PHE A 182 -27.93 -12.72 27.23
C PHE A 182 -28.62 -13.59 28.27
N GLY A 183 -29.57 -14.39 27.83
CA GLY A 183 -30.22 -15.29 28.76
C GLY A 183 -31.50 -15.84 28.19
N LYS A 184 -32.10 -16.76 28.95
CA LYS A 184 -33.38 -17.31 28.53
C LYS A 184 -34.43 -16.20 28.49
N THR A 185 -35.24 -16.21 27.44
CA THR A 185 -36.28 -15.18 27.26
C THR A 185 -37.13 -15.02 28.51
N LYS A 186 -37.58 -16.14 29.09
CA LYS A 186 -38.45 -16.09 30.25
C LYS A 186 -37.74 -15.48 31.45
N ASP A 187 -36.44 -15.77 31.61
CA ASP A 187 -35.68 -15.36 32.78
C ASP A 187 -35.08 -13.97 32.64
N LEU A 188 -35.30 -13.30 31.53
CA LEU A 188 -34.70 -11.99 31.28
C LEU A 188 -35.18 -10.99 32.32
N PRO A 189 -34.34 -10.02 32.69
CA PRO A 189 -34.69 -9.08 33.77
C PRO A 189 -36.01 -8.37 33.56
N ASP A 190 -36.62 -7.94 34.68
CA ASP A 190 -37.90 -7.25 34.62
C ASP A 190 -37.74 -5.87 34.00
N LEU A 191 -38.62 -5.55 33.06
CA LEU A 191 -38.52 -4.34 32.27
C LEU A 191 -39.47 -3.27 32.81
N ARG A 192 -39.20 -2.02 32.42
CA ARG A 192 -39.94 -0.88 32.96
C ARG A 192 -40.52 -0.01 31.84
N GLY A 193 -41.60 0.68 32.19
CA GLY A 193 -42.18 1.74 31.37
C GLY A 193 -42.72 1.25 30.04
N PRO A 194 -42.47 2.00 28.97
CA PRO A 194 -43.01 1.60 27.67
C PRO A 194 -42.22 0.51 26.98
N PHE A 195 -41.03 0.17 27.50
CA PHE A 195 -40.10 -0.67 26.78
C PHE A 195 -40.55 -2.12 26.78
N SER A 196 -40.40 -2.77 25.62
CA SER A 196 -40.64 -4.20 25.50
C SER A 196 -39.43 -4.84 24.83
N TYR A 197 -39.10 -6.06 25.26
CA TYR A 197 -37.94 -6.76 24.73
C TYR A 197 -37.97 -6.99 23.22
N PRO A 198 -39.09 -7.45 22.60
CA PRO A 198 -39.13 -7.59 21.12
C PRO A 198 -38.39 -6.50 20.37
N SER A 199 -38.68 -5.24 20.72
CA SER A 199 -38.08 -4.10 20.04
C SER A 199 -36.59 -3.96 20.35
N LEU A 200 -36.09 -4.65 21.37
CA LEU A 200 -34.70 -4.49 21.81
C LEU A 200 -33.88 -5.77 21.66
N THR A 201 -34.50 -6.90 21.35
CA THR A 201 -33.79 -8.17 21.22
C THR A 201 -33.05 -8.20 19.88
N SER A 202 -31.72 -8.27 19.94
CA SER A 202 -30.96 -8.38 18.70
C SER A 202 -31.05 -9.79 18.12
N ALA A 203 -31.09 -10.82 18.96
CA ALA A 203 -31.22 -12.18 18.46
C ALA A 203 -32.07 -13.01 19.41
N GLN A 204 -32.70 -14.05 18.86
CA GLN A 204 -33.64 -14.85 19.62
C GLN A 204 -33.67 -16.28 19.09
N SER A 205 -33.55 -17.22 20.00
CA SER A 205 -33.74 -18.63 19.72
C SER A 205 -35.10 -19.07 20.28
N GLY A 206 -35.33 -20.39 20.28
CA GLY A 206 -36.60 -20.88 20.81
C GLY A 206 -36.80 -20.51 22.26
N ASP A 207 -35.73 -20.51 23.05
CA ASP A 207 -35.77 -20.20 24.46
C ASP A 207 -34.87 -19.05 24.87
N TYR A 208 -33.78 -18.78 24.16
CA TYR A 208 -32.78 -17.81 24.58
C TYR A 208 -32.96 -16.49 23.84
N SER A 209 -32.20 -15.49 24.28
CA SER A 209 -32.30 -14.16 23.67
C SER A 209 -31.07 -13.34 24.01
N LEU A 210 -30.73 -12.45 23.08
CA LEU A 210 -29.65 -11.47 23.21
C LEU A 210 -30.22 -10.09 22.90
N VAL A 211 -30.13 -9.19 23.88
CA VAL A 211 -30.74 -7.86 23.93
C VAL A 211 -29.65 -6.81 24.03
N ILE A 212 -29.82 -5.69 23.32
CA ILE A 212 -28.89 -4.58 23.36
C ILE A 212 -29.58 -3.36 23.97
N VAL A 213 -29.02 -2.82 25.05
CA VAL A 213 -29.58 -1.67 25.75
C VAL A 213 -28.55 -0.55 25.74
N THR A 214 -28.87 0.52 25.02
CA THR A 214 -28.02 1.70 24.97
C THR A 214 -28.84 2.85 24.40
N THR A 215 -28.26 4.05 24.43
CA THR A 215 -28.88 5.19 23.78
C THR A 215 -28.39 5.30 22.35
N PHE A 216 -29.23 5.88 21.49
CA PHE A 216 -28.91 6.01 20.08
C PHE A 216 -27.52 6.65 19.88
N VAL A 217 -27.27 7.74 20.61
CA VAL A 217 -26.00 8.45 20.48
C VAL A 217 -24.83 7.56 20.87
N HIS A 218 -24.94 6.92 22.03
CA HIS A 218 -23.92 5.99 22.48
C HIS A 218 -23.73 4.88 21.46
N TYR A 219 -24.84 4.36 20.93
CA TYR A 219 -24.77 3.31 19.92
C TYR A 219 -23.94 3.74 18.73
N ALA A 220 -24.16 4.96 18.22
CA ALA A 220 -23.39 5.44 17.08
C ALA A 220 -21.90 5.50 17.42
N ASN A 221 -21.57 6.16 18.53
CA ASN A 221 -20.17 6.27 18.91
C ASN A 221 -19.51 4.90 18.97
N PHE A 222 -20.17 3.94 19.63
CA PHE A 222 -19.63 2.60 19.71
C PHE A 222 -19.51 1.95 18.35
N HIS A 223 -20.52 2.14 17.49
CA HIS A 223 -20.53 1.50 16.17
C HIS A 223 -19.31 1.90 15.35
N ASN A 224 -18.78 3.11 15.57
CA ASN A 224 -17.55 3.46 14.84
C ASN A 224 -16.42 2.48 15.09
N TYR A 225 -16.35 1.85 16.27
CA TYR A 225 -15.28 0.90 16.58
C TYR A 225 -15.74 -0.50 16.98
N PHE A 226 -17.04 -0.72 17.22
CA PHE A 226 -17.54 -2.01 17.70
C PHE A 226 -18.70 -2.49 16.81
N VAL A 227 -18.40 -3.35 15.85
CA VAL A 227 -19.44 -3.94 15.01
C VAL A 227 -19.45 -5.46 15.18
N PRO A 228 -20.07 -5.97 16.24
CA PRO A 228 -20.00 -7.40 16.51
C PRO A 228 -20.91 -8.22 15.62
N ASN A 229 -20.52 -9.48 15.42
CA ASN A 229 -21.33 -10.47 14.71
C ASN A 229 -22.30 -11.12 15.69
N LEU A 230 -23.40 -10.39 15.97
CA LEU A 230 -24.36 -10.82 16.98
C LEU A 230 -24.82 -12.25 16.72
N LYS A 231 -25.10 -12.57 15.46
CA LYS A 231 -25.49 -13.93 15.09
C LYS A 231 -24.48 -14.95 15.59
N ASP A 232 -23.20 -14.76 15.24
CA ASP A 232 -22.17 -15.73 15.61
C ASP A 232 -22.05 -15.87 17.13
N MET A 233 -21.97 -14.74 17.83
CA MET A 233 -21.85 -14.79 19.29
C MET A 233 -23.01 -15.54 19.92
N PHE A 234 -24.23 -15.15 19.57
CA PHE A 234 -25.42 -15.78 20.10
C PHE A 234 -25.44 -17.27 19.80
N SER A 235 -25.13 -17.64 18.55
CA SER A 235 -25.10 -19.05 18.16
C SER A 235 -24.10 -19.84 19.00
N ARG A 236 -22.84 -19.39 19.03
CA ARG A 236 -21.83 -20.07 19.85
C ARG A 236 -22.30 -20.23 21.29
N ALA A 237 -22.84 -19.15 21.87
CA ALA A 237 -23.31 -19.21 23.25
C ALA A 237 -24.36 -20.30 23.45
N VAL A 238 -25.41 -20.27 22.64
CA VAL A 238 -26.51 -21.21 22.84
C VAL A 238 -26.06 -22.65 22.57
N THR A 239 -25.23 -22.83 21.54
CA THR A 239 -24.92 -24.18 21.07
C THR A 239 -23.72 -24.80 21.77
N MET A 240 -22.64 -24.04 21.96
CA MET A 240 -21.41 -24.65 22.42
C MET A 240 -21.53 -25.13 23.86
N THR A 241 -20.84 -26.24 24.14
CA THR A 241 -20.70 -26.71 25.51
C THR A 241 -19.87 -25.72 26.33
N ALA A 242 -20.17 -25.67 27.63
CA ALA A 242 -19.48 -24.76 28.56
C ALA A 242 -17.97 -24.85 28.42
N ALA A 243 -17.41 -26.05 28.54
CA ALA A 243 -15.97 -26.24 28.38
C ALA A 243 -15.49 -25.74 27.03
N SER A 244 -16.21 -26.11 25.95
CA SER A 244 -15.78 -25.72 24.62
C SER A 244 -15.80 -24.21 24.44
N TYR A 245 -16.85 -23.54 24.93
CA TYR A 245 -16.92 -22.09 24.88
C TYR A 245 -15.74 -21.47 25.62
N ALA A 246 -15.47 -21.96 26.83
CA ALA A 246 -14.36 -21.42 27.61
C ALA A 246 -13.04 -21.58 26.88
N ARG A 247 -12.83 -22.73 26.26
CA ARG A 247 -11.58 -22.95 25.51
C ARG A 247 -11.49 -22.03 24.31
N TYR A 248 -12.62 -21.82 23.60
CA TYR A 248 -12.67 -20.85 22.51
C TYR A 248 -12.20 -19.48 22.96
N VAL A 249 -12.75 -19.01 24.09
CA VAL A 249 -12.35 -17.70 24.61
C VAL A 249 -10.88 -17.68 24.98
N LEU A 250 -10.39 -18.75 25.60
CA LEU A 250 -8.97 -18.84 25.96
C LEU A 250 -8.07 -18.69 24.74
N GLN A 251 -8.39 -19.40 23.65
CA GLN A 251 -7.61 -19.28 22.43
C GLN A 251 -7.62 -17.85 21.90
N LYS A 252 -8.81 -17.24 21.88
CA LYS A 252 -8.93 -15.84 21.46
C LYS A 252 -8.00 -14.96 22.27
N LEU A 253 -7.97 -15.17 23.58
CA LEU A 253 -7.22 -14.28 24.45
C LEU A 253 -5.71 -14.50 24.28
N VAL A 254 -5.31 -15.74 24.01
CA VAL A 254 -3.91 -16.01 23.77
C VAL A 254 -3.46 -15.37 22.46
N LEU A 255 -4.34 -15.38 21.46
CA LEU A 255 -4.00 -14.71 20.21
C LEU A 255 -3.92 -13.20 20.40
N LEU A 256 -4.71 -12.64 21.33
CA LEU A 256 -4.60 -11.22 21.60
C LEU A 256 -3.31 -10.89 22.32
N GLU A 257 -2.92 -11.76 23.26
CA GLU A 257 -1.62 -11.61 23.94
C GLU A 257 -0.47 -11.60 22.94
N MET A 258 -0.44 -12.57 22.02
CA MET A 258 0.63 -12.60 21.03
C MET A 258 0.66 -11.33 20.17
N LYS A 259 -0.51 -10.79 19.82
CA LYS A 259 -0.54 -9.61 18.99
C LYS A 259 -0.19 -8.36 19.79
N GLY A 260 -0.02 -8.52 21.10
CA GLY A 260 0.24 -7.42 22.00
C GLY A 260 -1.01 -6.69 22.64
N GLY A 261 -2.20 -7.30 22.62
CA GLY A 261 -3.35 -6.70 23.31
C GLY A 261 -3.20 -6.64 24.82
N CYS A 262 -2.28 -7.41 25.41
CA CYS A 262 -2.06 -7.33 26.85
C CYS A 262 -1.36 -6.02 27.20
N ARG A 263 -0.26 -5.73 26.51
CA ARG A 263 0.51 -4.53 26.81
C ARG A 263 -0.22 -3.27 26.33
N GLU A 264 -0.65 -3.26 25.06
CA GLU A 264 -1.32 -2.11 24.45
C GLU A 264 -2.69 -2.54 23.97
N PRO A 265 -3.70 -2.51 24.84
CA PRO A 265 -5.04 -3.02 24.48
C PRO A 265 -5.70 -2.09 23.47
N GLU A 266 -5.95 -2.62 22.27
CA GLU A 266 -6.58 -1.86 21.21
C GLU A 266 -8.09 -2.07 21.23
N LEU A 267 -8.84 -1.00 20.97
CA LEU A 267 -10.30 -1.02 20.96
C LEU A 267 -10.81 -1.41 19.57
N ASP A 268 -10.83 -2.71 19.30
CA ASP A 268 -11.35 -3.25 18.06
C ASP A 268 -12.46 -4.25 18.36
N THR A 269 -13.23 -4.59 17.33
CA THR A 269 -14.35 -5.51 17.48
C THR A 269 -13.93 -6.82 18.14
N GLU A 270 -12.81 -7.40 17.69
CA GLU A 270 -12.35 -8.68 18.25
C GLU A 270 -12.12 -8.60 19.76
N THR A 271 -11.35 -7.60 20.20
CA THR A 271 -11.02 -7.46 21.61
C THR A 271 -12.27 -7.37 22.47
N LEU A 272 -13.20 -6.49 22.09
CA LEU A 272 -14.39 -6.24 22.90
C LEU A 272 -15.31 -7.47 22.90
N THR A 273 -15.46 -8.10 21.73
CA THR A 273 -16.26 -9.31 21.65
C THR A 273 -15.70 -10.40 22.55
N THR A 274 -14.38 -10.56 22.55
CA THR A 274 -13.74 -11.49 23.46
C THR A 274 -14.05 -11.13 24.91
N MET A 275 -14.01 -9.84 25.24
CA MET A 275 -14.37 -9.41 26.58
C MET A 275 -15.73 -9.96 26.97
N PHE A 276 -16.74 -9.72 26.12
CA PHE A 276 -18.08 -10.21 26.42
C PHE A 276 -18.10 -11.73 26.56
N GLU A 277 -17.39 -12.42 25.66
CA GLU A 277 -17.47 -13.88 25.65
C GLU A 277 -16.86 -14.51 26.90
N VAL A 278 -15.90 -13.85 27.54
CA VAL A 278 -15.42 -14.32 28.83
C VAL A 278 -16.58 -14.49 29.81
N SER A 279 -17.31 -13.39 30.02
CA SER A 279 -18.48 -13.40 30.88
C SER A 279 -19.47 -14.48 30.44
N VAL A 280 -19.64 -14.63 29.12
CA VAL A 280 -20.57 -15.66 28.64
C VAL A 280 -20.13 -17.05 29.12
N ALA A 281 -18.83 -17.35 29.05
CA ALA A 281 -18.35 -18.66 29.49
C ALA A 281 -18.70 -18.90 30.96
N PHE A 282 -18.32 -17.96 31.83
CA PHE A 282 -18.63 -18.12 33.24
C PHE A 282 -20.13 -18.30 33.44
N PHE A 283 -20.93 -17.46 32.78
CA PHE A 283 -22.36 -17.58 32.87
C PHE A 283 -22.83 -18.97 32.48
N LYS A 284 -22.33 -19.48 31.34
CA LYS A 284 -22.76 -20.79 30.86
C LYS A 284 -22.61 -21.86 31.93
N VAL A 285 -21.43 -21.89 32.58
CA VAL A 285 -21.25 -22.86 33.66
C VAL A 285 -22.32 -22.68 34.73
N GLY A 286 -22.49 -21.44 35.20
CA GLY A 286 -23.49 -21.19 36.24
C GLY A 286 -24.89 -21.57 35.81
N HIS A 287 -25.29 -21.13 34.61
CA HIS A 287 -26.61 -21.41 34.05
C HIS A 287 -26.89 -22.90 34.06
N ALA A 288 -25.97 -23.69 33.51
CA ALA A 288 -26.19 -25.14 33.48
C ALA A 288 -26.40 -25.69 34.89
N VAL A 289 -25.48 -25.37 35.80
CA VAL A 289 -25.62 -25.83 37.18
C VAL A 289 -27.01 -25.52 37.72
N GLY A 290 -27.44 -24.26 37.55
CA GLY A 290 -28.76 -23.88 38.03
C GLY A 290 -29.89 -24.66 37.37
N GLU A 291 -29.83 -24.81 36.03
CA GLU A 291 -30.93 -25.43 35.30
C GLU A 291 -31.13 -26.90 35.67
N THR A 292 -30.08 -27.55 36.18
CA THR A 292 -30.23 -28.94 36.62
C THR A 292 -31.53 -29.16 37.40
N GLY A 293 -31.83 -28.27 38.33
CA GLY A 293 -33.12 -28.31 39.01
C GLY A 293 -33.08 -29.21 40.22
N ASN A 294 -32.29 -28.84 41.22
CA ASN A 294 -32.17 -29.63 42.44
C ASN A 294 -31.74 -31.06 42.12
N GLY A 295 -30.64 -31.17 41.39
CA GLY A 295 -30.12 -32.46 40.97
C GLY A 295 -28.69 -32.70 41.42
N CYS A 296 -27.91 -33.31 40.54
CA CYS A 296 -26.51 -33.62 40.80
C CYS A 296 -25.69 -33.35 39.56
N VAL A 297 -24.41 -33.01 39.77
CA VAL A 297 -23.46 -32.76 38.70
C VAL A 297 -22.21 -33.61 38.95
N ASP A 298 -21.91 -34.51 38.02
CA ASP A 298 -20.74 -35.38 38.19
C ASP A 298 -19.48 -34.55 38.35
N LEU A 299 -18.60 -35.00 39.26
CA LEU A 299 -17.36 -34.28 39.53
C LEU A 299 -16.49 -34.13 38.29
N ARG A 300 -16.69 -34.97 37.28
CA ARG A 300 -15.90 -34.87 36.05
C ARG A 300 -16.26 -33.61 35.27
N TRP A 301 -17.57 -33.34 35.13
CA TRP A 301 -18.03 -32.14 34.44
C TRP A 301 -17.56 -30.90 35.20
N LEU A 302 -17.73 -30.90 36.51
CA LEU A 302 -17.28 -29.79 37.33
C LEU A 302 -15.78 -29.58 37.20
N ALA A 303 -15.02 -30.68 37.11
CA ALA A 303 -13.58 -30.57 36.96
C ALA A 303 -13.20 -29.90 35.64
N LYS A 304 -13.75 -30.40 34.52
CA LYS A 304 -13.40 -29.81 33.22
C LYS A 304 -13.82 -28.34 33.12
N SER A 305 -15.06 -28.06 33.51
CA SER A 305 -15.58 -26.70 33.39
C SER A 305 -14.83 -25.72 34.28
N PHE A 306 -14.65 -26.06 35.55
CA PHE A 306 -13.98 -25.14 36.45
C PHE A 306 -12.48 -25.06 36.20
N PHE A 307 -11.87 -26.10 35.61
CA PHE A 307 -10.48 -25.97 35.18
C PHE A 307 -10.36 -24.91 34.09
N GLU A 308 -11.25 -24.97 33.09
CA GLU A 308 -11.24 -23.94 32.06
C GLU A 308 -11.50 -22.57 32.67
N LEU A 309 -12.41 -22.49 33.65
CA LEU A 309 -12.73 -21.21 34.27
C LEU A 309 -11.53 -20.65 35.02
N THR A 310 -10.78 -21.52 35.72
CA THR A 310 -9.59 -21.06 36.44
C THR A 310 -8.56 -20.51 35.46
N VAL A 311 -8.33 -21.22 34.36
CA VAL A 311 -7.36 -20.78 33.37
C VAL A 311 -7.75 -19.42 32.81
N LEU A 312 -9.04 -19.26 32.47
CA LEU A 312 -9.53 -17.97 31.98
C LEU A 312 -9.34 -16.87 33.02
N LYS A 313 -9.62 -17.17 34.28
CA LYS A 313 -9.45 -16.20 35.36
C LYS A 313 -8.01 -15.68 35.39
N ASP A 314 -7.04 -16.58 35.44
CA ASP A 314 -5.65 -16.12 35.56
C ASP A 314 -5.20 -15.40 34.29
N ILE A 315 -5.64 -15.86 33.12
CA ILE A 315 -5.19 -15.22 31.89
C ILE A 315 -5.74 -13.80 31.80
N ILE A 316 -6.99 -13.58 32.22
CA ILE A 316 -7.52 -12.21 32.16
C ILE A 316 -6.91 -11.35 33.25
N GLY A 317 -6.53 -11.96 34.38
CA GLY A 317 -5.87 -11.19 35.41
C GLY A 317 -4.49 -10.72 34.99
N ILE A 318 -3.75 -11.56 34.28
CA ILE A 318 -2.42 -11.14 33.85
C ILE A 318 -2.49 -10.21 32.65
N CYS A 319 -3.45 -10.42 31.75
CA CYS A 319 -3.49 -9.62 30.53
C CYS A 319 -4.13 -8.26 30.77
N TYR A 320 -5.39 -8.25 31.23
CA TYR A 320 -6.14 -7.01 31.35
C TYR A 320 -6.25 -6.54 32.79
N GLY A 321 -5.74 -7.32 33.75
CA GLY A 321 -5.90 -6.99 35.15
C GLY A 321 -7.35 -7.01 35.58
N ALA A 322 -8.00 -8.16 35.41
CA ALA A 322 -9.42 -8.30 35.65
C ALA A 322 -9.67 -8.97 36.99
N THR A 323 -10.91 -8.86 37.45
CA THR A 323 -11.36 -9.41 38.73
C THR A 323 -12.58 -10.29 38.49
N VAL A 324 -12.56 -11.49 39.06
CA VAL A 324 -13.69 -12.41 39.01
C VAL A 324 -14.17 -12.67 40.42
N LYS A 325 -15.33 -12.11 40.77
CA LYS A 325 -16.02 -12.35 42.03
C LYS A 325 -17.09 -13.42 41.84
N GLY A 326 -17.03 -14.47 42.64
CA GLY A 326 -17.97 -15.56 42.55
C GLY A 326 -17.46 -16.69 41.67
N MET A 327 -18.39 -17.57 41.29
CA MET A 327 -18.10 -18.74 40.46
C MET A 327 -16.91 -19.53 41.04
N GLN A 328 -16.91 -19.66 42.36
CA GLN A 328 -15.87 -20.40 43.06
C GLN A 328 -16.52 -21.06 44.28
N SER A 329 -16.46 -22.38 44.33
CA SER A 329 -17.11 -23.15 45.39
C SER A 329 -16.03 -23.78 46.25
N TYR A 330 -16.01 -23.42 47.54
CA TYR A 330 -15.03 -24.03 48.44
C TYR A 330 -15.23 -25.53 48.58
N GLY A 331 -16.48 -26.00 48.47
CA GLY A 331 -16.73 -27.43 48.49
C GLY A 331 -15.98 -28.17 47.40
N LEU A 332 -16.06 -27.67 46.17
CA LEU A 332 -15.38 -28.31 45.05
C LEU A 332 -13.87 -28.32 45.25
N GLU A 333 -13.31 -27.17 45.64
CA GLU A 333 -11.88 -27.07 45.92
C GLU A 333 -11.44 -28.12 46.94
N ARG A 334 -12.19 -28.22 48.05
CA ARG A 334 -11.86 -29.16 49.10
C ARG A 334 -11.90 -30.60 48.59
N LEU A 335 -13.00 -30.98 47.93
CA LEU A 335 -13.13 -32.35 47.44
C LEU A 335 -11.98 -32.69 46.49
N ALA A 336 -11.64 -31.76 45.60
CA ALA A 336 -10.55 -32.01 44.66
C ALA A 336 -9.23 -32.26 45.38
N ALA A 337 -8.88 -31.39 46.34
CA ALA A 337 -7.61 -31.58 47.04
C ALA A 337 -7.59 -32.88 47.84
N MET A 338 -8.74 -33.24 48.44
CA MET A 338 -8.85 -34.54 49.09
C MET A 338 -8.50 -35.66 48.14
N LEU A 339 -9.13 -35.66 46.95
CA LEU A 339 -8.81 -36.70 45.97
C LEU A 339 -7.36 -36.63 45.52
N MET A 340 -6.74 -35.45 45.59
CA MET A 340 -5.32 -35.34 45.24
C MET A 340 -4.47 -36.07 46.26
N ALA A 341 -4.93 -36.15 47.50
CA ALA A 341 -4.20 -36.95 48.48
C ALA A 341 -4.29 -38.44 48.17
N THR A 342 -5.30 -38.89 47.42
CA THR A 342 -5.48 -40.31 47.12
C THR A 342 -4.68 -40.77 45.91
N VAL A 343 -3.86 -39.92 45.31
CA VAL A 343 -3.01 -40.34 44.21
C VAL A 343 -1.57 -40.01 44.57
N LYS A 344 -0.66 -40.73 43.94
CA LYS A 344 0.77 -40.50 44.09
C LYS A 344 1.22 -39.68 42.87
N MET A 345 1.63 -38.43 43.12
CA MET A 345 2.02 -37.56 42.02
C MET A 345 3.15 -38.18 41.21
N GLU A 346 4.15 -38.75 41.90
CA GLU A 346 5.34 -39.24 41.22
C GLU A 346 5.01 -40.28 40.16
N GLU A 347 3.89 -40.97 40.29
CA GLU A 347 3.48 -42.02 39.36
C GLU A 347 2.19 -41.68 38.63
N LEU A 348 1.85 -40.39 38.55
CA LEU A 348 0.61 -39.99 37.88
C LEU A 348 0.59 -40.45 36.44
N GLY A 349 1.73 -40.39 35.76
CA GLY A 349 1.81 -40.84 34.39
C GLY A 349 1.56 -42.32 34.22
N HIS A 350 1.58 -43.09 35.29
CA HIS A 350 1.35 -44.52 35.21
C HIS A 350 -0.13 -44.88 35.23
N LEU A 351 -1.01 -43.89 35.08
CA LEU A 351 -2.44 -44.11 35.01
C LEU A 351 -2.91 -43.96 33.57
N THR A 352 -4.22 -44.05 33.37
CA THR A 352 -4.80 -43.86 32.05
C THR A 352 -4.90 -42.38 31.72
N THR A 353 -4.87 -42.07 30.43
CA THR A 353 -4.98 -40.69 29.96
C THR A 353 -6.20 -40.00 30.56
N GLU A 354 -7.35 -40.67 30.56
CA GLU A 354 -8.55 -40.11 31.16
C GLU A 354 -8.31 -39.70 32.61
N LYS A 355 -7.79 -40.61 33.41
CA LYS A 355 -7.58 -40.32 34.83
C LYS A 355 -6.48 -39.27 35.00
N GLN A 356 -5.45 -39.31 34.16
CA GLN A 356 -4.43 -38.26 34.19
C GLN A 356 -5.06 -36.89 34.04
N GLU A 357 -5.88 -36.73 33.00
CA GLU A 357 -6.56 -35.46 32.75
C GLU A 357 -7.46 -35.08 33.92
N TYR A 358 -8.24 -36.04 34.41
CA TYR A 358 -9.12 -35.80 35.55
C TYR A 358 -8.35 -35.27 36.75
N ALA A 359 -7.26 -35.96 37.10
CA ALA A 359 -6.46 -35.57 38.26
C ALA A 359 -5.83 -34.19 38.08
N LEU A 360 -5.31 -33.91 36.90
CA LEU A 360 -4.67 -32.62 36.68
C LEU A 360 -5.69 -31.48 36.77
N ARG A 361 -6.87 -31.70 36.17
CA ARG A 361 -7.96 -30.73 36.29
C ARG A 361 -8.32 -30.51 37.75
N LEU A 362 -8.50 -31.61 38.49
CA LEU A 362 -8.81 -31.51 39.91
C LEU A 362 -7.72 -30.76 40.66
N ALA A 363 -6.46 -30.93 40.26
CA ALA A 363 -5.38 -30.21 40.89
C ALA A 363 -5.52 -28.72 40.70
N THR A 364 -5.83 -28.30 39.47
CA THR A 364 -5.96 -26.87 39.23
C THR A 364 -7.18 -26.29 39.96
N VAL A 365 -8.27 -27.04 40.03
CA VAL A 365 -9.45 -26.48 40.72
C VAL A 365 -9.28 -26.53 42.23
N GLY A 366 -8.58 -27.52 42.77
CA GLY A 366 -8.43 -27.70 44.20
C GLY A 366 -7.34 -26.84 44.80
N TYR A 367 -6.23 -26.67 44.09
CA TYR A 367 -5.13 -25.81 44.50
C TYR A 367 -4.92 -24.73 43.43
N PRO A 368 -5.81 -23.74 43.36
CA PRO A 368 -5.64 -22.72 42.31
C PRO A 368 -4.43 -21.84 42.54
N LYS A 369 -4.19 -21.43 43.78
CA LYS A 369 -3.06 -20.58 44.11
C LYS A 369 -1.79 -21.39 44.25
N ALA A 370 -0.66 -20.76 43.94
CA ALA A 370 0.64 -21.40 44.06
C ALA A 370 1.19 -21.10 45.45
N GLY A 371 1.72 -22.12 46.11
CA GLY A 371 2.21 -21.97 47.47
C GLY A 371 1.60 -22.95 48.44
N VAL A 372 0.52 -23.62 48.07
CA VAL A 372 -0.18 -24.53 48.97
C VAL A 372 0.47 -25.89 48.82
N TYR A 373 0.13 -26.59 47.73
CA TYR A 373 0.75 -27.87 47.40
C TYR A 373 1.70 -27.65 46.23
N SER A 374 3.00 -27.58 46.52
CA SER A 374 4.00 -27.41 45.48
C SER A 374 4.40 -28.72 44.82
N GLY A 375 4.10 -29.87 45.44
CA GLY A 375 4.42 -31.12 44.81
C GLY A 375 3.54 -31.50 43.63
N LEU A 376 2.53 -30.68 43.30
CA LEU A 376 1.75 -30.92 42.10
C LEU A 376 2.63 -30.99 40.88
N ILE A 377 3.72 -30.21 40.86
CA ILE A 377 4.66 -30.25 39.74
C ILE A 377 5.09 -31.68 39.46
N GLY A 378 5.37 -32.45 40.52
CA GLY A 378 5.73 -33.84 40.33
C GLY A 378 4.76 -34.56 39.42
N GLY A 379 3.46 -34.47 39.76
CA GLY A 379 2.46 -35.14 38.93
C GLY A 379 2.57 -34.70 37.48
N ALA A 380 2.63 -33.39 37.26
CA ALA A 380 2.78 -32.91 35.89
C ALA A 380 3.98 -33.55 35.23
N THR A 381 5.15 -33.46 35.88
CA THR A 381 6.35 -34.01 35.27
C THR A 381 6.18 -35.49 35.00
N SER A 382 5.53 -36.20 35.93
CA SER A 382 5.30 -37.63 35.71
C SER A 382 4.61 -37.83 34.37
N VAL A 383 3.49 -37.14 34.15
CA VAL A 383 2.78 -37.28 32.89
C VAL A 383 3.74 -37.03 31.73
N LEU A 384 4.50 -35.93 31.81
CA LEU A 384 5.40 -35.58 30.72
C LEU A 384 6.42 -36.69 30.52
N LEU A 385 7.04 -37.15 31.61
CA LEU A 385 8.01 -38.22 31.47
C LEU A 385 7.38 -39.41 30.76
N SER A 386 6.23 -39.87 31.25
CA SER A 386 5.56 -40.99 30.60
C SER A 386 5.32 -40.69 29.13
N ALA A 387 4.83 -39.49 28.83
CA ALA A 387 4.57 -39.11 27.45
C ALA A 387 5.83 -39.20 26.61
N TYR A 388 6.94 -38.70 27.14
CA TYR A 388 8.20 -38.79 26.40
C TYR A 388 8.55 -40.25 26.10
N ASN A 389 8.32 -41.14 27.06
CA ASN A 389 8.70 -42.54 26.83
C ASN A 389 7.86 -43.20 25.75
N ARG A 390 6.62 -42.75 25.54
CA ARG A 390 5.74 -43.33 24.54
C ARG A 390 5.55 -42.45 23.31
N HIS A 391 6.19 -41.30 23.26
CA HIS A 391 5.98 -40.42 22.11
C HIS A 391 6.99 -40.76 21.01
N PRO A 392 6.54 -40.95 19.77
CA PRO A 392 7.46 -41.10 18.65
C PRO A 392 8.53 -40.02 18.67
N LEU A 393 9.79 -40.42 18.85
CA LEU A 393 10.88 -39.47 18.99
C LEU A 393 10.93 -38.48 17.83
N PHE A 394 10.97 -37.20 18.19
CA PHE A 394 11.12 -36.04 17.30
C PHE A 394 9.85 -35.68 16.55
N GLN A 395 8.95 -36.64 16.37
CA GLN A 395 7.73 -36.40 15.62
C GLN A 395 6.86 -35.36 16.34
N PRO A 396 5.99 -34.67 15.59
CA PRO A 396 5.14 -33.67 16.25
C PRO A 396 4.19 -34.32 17.24
N LEU A 397 3.60 -33.49 18.10
CA LEU A 397 2.69 -33.98 19.12
C LEU A 397 1.27 -34.16 18.58
N HIS A 398 0.61 -35.21 19.07
CA HIS A 398 -0.74 -35.53 18.67
C HIS A 398 -1.74 -34.74 19.51
N THR A 399 -2.91 -34.49 18.92
CA THR A 399 -3.96 -33.71 19.58
C THR A 399 -4.21 -34.18 21.02
N VAL A 400 -4.39 -35.49 21.21
CA VAL A 400 -4.72 -36.03 22.54
C VAL A 400 -3.62 -35.71 23.54
N MET A 401 -2.37 -36.03 23.17
CA MET A 401 -1.23 -35.73 24.03
C MET A 401 -1.13 -34.24 24.33
N ARG A 402 -1.30 -33.41 23.29
CA ARG A 402 -1.24 -31.97 23.48
C ARG A 402 -2.25 -31.51 24.51
N GLU A 403 -3.49 -32.00 24.42
CA GLU A 403 -4.51 -31.62 25.39
C GLU A 403 -4.13 -32.05 26.81
N THR A 404 -3.73 -33.31 26.97
CA THR A 404 -3.32 -33.78 28.31
C THR A 404 -2.22 -32.89 28.89
N LEU A 405 -1.18 -32.61 28.09
CA LEU A 405 -0.06 -31.84 28.61
C LEU A 405 -0.43 -30.38 28.85
N PHE A 406 -1.32 -29.82 28.04
CA PHE A 406 -1.81 -28.47 28.29
C PHE A 406 -2.57 -28.41 29.61
N ILE A 407 -3.39 -29.42 29.90
CA ILE A 407 -4.06 -29.49 31.19
C ILE A 407 -3.04 -29.51 32.32
N GLY A 408 -1.95 -30.26 32.12
CA GLY A 408 -0.98 -30.32 33.20
C GLY A 408 0.03 -29.18 33.26
N SER A 409 0.06 -28.32 32.25
CA SER A 409 1.11 -27.31 32.18
C SER A 409 0.91 -26.18 33.19
N HIS A 410 -0.35 -25.79 33.42
CA HIS A 410 -0.63 -24.60 34.22
C HIS A 410 0.07 -24.62 35.59
N VAL A 411 0.07 -25.77 36.26
CA VAL A 411 0.77 -25.87 37.54
C VAL A 411 2.21 -25.40 37.41
N VAL A 412 2.91 -25.98 36.42
CA VAL A 412 4.29 -25.62 36.14
C VAL A 412 4.42 -24.13 35.88
N LEU A 413 3.54 -23.59 35.04
CA LEU A 413 3.62 -22.16 34.71
C LEU A 413 3.43 -21.28 35.94
N ARG A 414 2.44 -21.61 36.78
CA ARG A 414 2.21 -20.82 37.99
C ARG A 414 3.46 -20.78 38.85
N GLU A 415 4.04 -21.96 39.12
CA GLU A 415 5.21 -21.94 40.00
C GLU A 415 6.41 -21.30 39.34
N LEU A 416 6.50 -21.37 38.01
CA LEU A 416 7.57 -20.66 37.30
C LEU A 416 7.41 -19.15 37.44
N ARG A 417 6.17 -18.66 37.56
CA ARG A 417 5.95 -17.23 37.68
C ARG A 417 6.34 -16.70 39.05
N LEU A 418 6.43 -17.56 40.06
CA LEU A 418 6.85 -17.19 41.40
C LEU A 418 8.34 -16.85 41.44
N ASN A 419 8.75 -16.18 42.52
CA ASN A 419 10.17 -15.86 42.69
C ASN A 419 10.94 -16.95 43.43
N VAL A 420 10.28 -17.72 44.30
CA VAL A 420 10.90 -18.84 45.00
C VAL A 420 10.00 -20.05 44.90
N THR A 421 10.62 -21.23 44.71
CA THR A 421 9.90 -22.49 44.64
C THR A 421 10.75 -23.58 45.28
N THR A 422 10.10 -24.70 45.60
CA THR A 422 10.77 -25.83 46.25
C THR A 422 10.97 -27.02 45.33
N GLN A 423 10.17 -27.17 44.29
CA GLN A 423 10.31 -28.29 43.36
C GLN A 423 11.12 -27.90 42.12
N GLY A 424 12.23 -27.20 42.34
CA GLY A 424 13.14 -26.81 41.28
C GLY A 424 13.62 -27.95 40.39
N PRO A 425 14.21 -28.99 41.01
CA PRO A 425 14.62 -30.19 40.27
C PRO A 425 13.57 -30.70 39.30
N ASN A 426 12.37 -30.95 39.80
CA ASN A 426 11.31 -31.48 38.94
C ASN A 426 10.95 -30.47 37.85
N LEU A 427 10.95 -29.19 38.20
CA LEU A 427 10.71 -28.14 37.21
C LEU A 427 11.71 -28.24 36.07
N ALA A 428 12.98 -28.49 36.41
CA ALA A 428 14.01 -28.65 35.40
C ALA A 428 13.79 -29.91 34.58
N LEU A 429 13.29 -30.97 35.20
CA LEU A 429 12.91 -32.17 34.44
C LEU A 429 11.87 -31.83 33.38
N TYR A 430 10.78 -31.18 33.80
CA TYR A 430 9.74 -30.73 32.88
C TYR A 430 10.36 -29.96 31.71
N GLN A 431 11.16 -28.94 32.03
CA GLN A 431 11.71 -28.07 30.98
C GLN A 431 12.66 -28.84 30.06
N LEU A 432 13.48 -29.73 30.60
CA LEU A 432 14.37 -30.54 29.77
C LEU A 432 13.56 -31.38 28.79
N LEU A 433 12.51 -32.05 29.29
CA LEU A 433 11.73 -32.90 28.41
C LEU A 433 11.00 -32.06 27.37
N SER A 434 10.73 -30.79 27.70
CA SER A 434 10.13 -29.89 26.72
C SER A 434 11.13 -29.49 25.65
N THR A 435 12.38 -29.23 26.02
CA THR A 435 13.41 -29.02 25.02
C THR A 435 13.54 -30.21 24.08
N ALA A 436 13.47 -31.42 24.64
CA ALA A 436 13.55 -32.61 23.80
C ALA A 436 12.38 -32.68 22.83
N LEU A 437 11.15 -32.48 23.33
CA LEU A 437 9.99 -32.55 22.45
C LEU A 437 9.95 -31.39 21.46
N CYS A 438 10.67 -30.30 21.73
CA CYS A 438 10.72 -29.17 20.81
C CYS A 438 11.56 -29.50 19.57
N SER A 439 10.94 -30.05 18.54
CA SER A 439 11.62 -30.37 17.29
C SER A 439 11.15 -29.44 16.19
N ALA A 440 11.92 -29.41 15.11
CA ALA A 440 11.52 -28.62 13.95
C ALA A 440 10.13 -29.00 13.48
N LEU A 441 9.82 -30.31 13.51
CA LEU A 441 8.50 -30.79 13.13
C LEU A 441 7.42 -30.21 14.04
N GLU A 442 7.67 -30.26 15.35
CA GLU A 442 6.73 -29.69 16.31
C GLU A 442 6.55 -28.19 16.08
N ILE A 443 7.66 -27.45 15.99
CA ILE A 443 7.60 -26.03 15.69
C ILE A 443 6.72 -25.77 14.46
N GLY A 444 6.94 -26.58 13.41
CA GLY A 444 6.11 -26.46 12.23
C GLY A 444 4.63 -26.60 12.51
N GLU A 445 4.25 -27.68 13.23
CA GLU A 445 2.83 -27.89 13.53
C GLU A 445 2.25 -26.73 14.32
N VAL A 446 3.02 -26.21 15.29
CA VAL A 446 2.54 -25.10 16.10
C VAL A 446 2.36 -23.85 15.25
N LEU A 447 3.33 -23.56 14.37
CA LEU A 447 3.22 -22.39 13.50
C LEU A 447 2.02 -22.52 12.58
N ARG A 448 1.77 -23.73 12.08
CA ARG A 448 0.58 -23.98 11.28
C ARG A 448 -0.68 -23.67 12.05
N GLY A 449 -0.82 -24.24 13.25
CA GLY A 449 -1.99 -23.95 14.07
C GLY A 449 -2.15 -22.47 14.37
N LEU A 450 -1.05 -21.79 14.67
CA LEU A 450 -1.11 -20.34 14.95
C LEU A 450 -1.62 -19.59 13.73
N ALA A 451 -1.11 -19.91 12.55
CA ALA A 451 -1.53 -19.23 11.33
C ALA A 451 -2.99 -19.56 10.99
N LEU A 452 -3.41 -20.78 11.25
CA LEU A 452 -4.76 -21.22 10.91
C LEU A 452 -5.75 -21.07 12.05
N GLY A 453 -5.34 -20.49 13.18
CA GLY A 453 -6.24 -20.27 14.32
C GLY A 453 -6.85 -21.53 14.88
N THR A 454 -6.11 -22.63 14.88
CA THR A 454 -6.60 -23.90 15.38
C THR A 454 -5.98 -24.21 16.73
N GLU A 455 -6.36 -25.35 17.28
CA GLU A 455 -5.97 -25.74 18.63
C GLU A 455 -4.48 -26.00 18.76
N SER A 456 -3.78 -26.35 17.67
CA SER A 456 -2.38 -26.73 17.75
C SER A 456 -1.49 -25.62 18.29
N GLY A 457 -1.92 -24.36 18.19
CA GLY A 457 -1.11 -23.24 18.65
C GLY A 457 -1.29 -22.86 20.09
N LEU A 458 -2.31 -23.38 20.77
CA LEU A 458 -2.56 -23.02 22.16
C LEU A 458 -1.37 -23.37 23.05
N PHE A 459 -0.95 -24.64 23.02
CA PHE A 459 0.14 -25.12 23.85
C PHE A 459 1.09 -25.96 23.02
N SER A 460 2.38 -25.82 23.29
CA SER A 460 3.42 -26.62 22.69
C SER A 460 4.50 -26.76 23.73
N PRO A 461 5.11 -27.93 23.88
CA PRO A 461 6.27 -28.05 24.77
C PRO A 461 7.31 -26.98 24.51
N CYS A 462 7.48 -26.57 23.25
CA CYS A 462 8.44 -25.52 22.90
C CYS A 462 8.22 -24.27 23.74
N TYR A 463 6.96 -23.96 24.03
CA TYR A 463 6.65 -22.75 24.79
C TYR A 463 7.35 -22.76 26.14
N LEU A 464 7.43 -23.91 26.79
CA LEU A 464 8.05 -24.01 28.11
C LEU A 464 9.42 -24.67 28.04
N SER A 465 10.09 -24.54 26.90
CA SER A 465 11.37 -25.19 26.73
C SER A 465 12.50 -24.24 27.10
N LEU A 466 13.71 -24.80 27.17
CA LEU A 466 14.93 -24.06 27.47
C LEU A 466 15.75 -23.81 26.21
N ARG A 467 15.09 -23.71 25.07
CA ARG A 467 15.73 -23.46 23.79
C ARG A 467 15.68 -21.96 23.51
N PHE A 468 16.83 -21.30 23.58
CA PHE A 468 16.95 -19.87 23.29
C PHE A 468 17.62 -19.61 21.95
N ASP A 469 17.61 -20.59 21.04
CA ASP A 469 18.26 -20.43 19.75
C ASP A 469 17.29 -19.97 18.68
N LEU A 470 16.00 -20.21 18.88
CA LEU A 470 14.98 -19.89 17.91
C LEU A 470 14.93 -18.40 17.58
N THR A 471 15.35 -18.04 16.37
CA THR A 471 15.26 -16.67 15.87
C THR A 471 14.33 -16.66 14.67
N ARG A 472 13.88 -15.46 14.29
CA ARG A 472 12.91 -15.32 13.20
C ARG A 472 13.32 -16.15 12.00
N ASP A 473 14.58 -16.04 11.59
CA ASP A 473 15.06 -16.77 10.43
C ASP A 473 15.02 -18.28 10.65
N LYS A 474 15.54 -18.75 11.79
CA LYS A 474 15.47 -20.17 12.10
C LYS A 474 14.04 -20.67 12.04
N LEU A 475 13.09 -19.87 12.55
CA LEU A 475 11.68 -20.25 12.52
C LEU A 475 11.16 -20.29 11.09
N LEU A 476 11.58 -19.33 10.27
CA LEU A 476 11.15 -19.32 8.87
C LEU A 476 11.69 -20.53 8.12
N SER A 477 12.86 -21.03 8.51
CA SER A 477 13.36 -22.26 7.89
C SER A 477 12.54 -23.47 8.32
N MET A 478 12.11 -23.50 9.58
CA MET A 478 11.31 -24.60 10.11
C MET A 478 9.82 -24.36 9.97
N ALA A 479 9.41 -23.47 9.10
CA ALA A 479 8.02 -23.07 8.97
C ALA A 479 7.33 -23.96 7.94
N PRO A 480 6.02 -24.17 8.09
CA PRO A 480 5.27 -24.95 7.10
C PRO A 480 5.34 -24.30 5.73
N GLN A 481 5.85 -25.05 4.75
CA GLN A 481 5.96 -24.56 3.39
C GLN A 481 4.72 -24.82 2.57
N GLU A 482 3.67 -25.39 3.17
CA GLU A 482 2.40 -25.58 2.48
C GLU A 482 1.90 -24.27 1.91
N ALA A 483 1.73 -24.22 0.59
CA ALA A 483 1.32 -22.97 -0.06
C ALA A 483 -0.14 -22.64 0.20
N THR A 484 -0.94 -23.61 0.64
CA THR A 484 -2.33 -23.34 0.99
C THR A 484 -2.45 -22.22 2.00
N LEU A 485 -1.56 -22.21 3.00
CA LEU A 485 -1.63 -21.21 4.04
C LEU A 485 -0.94 -19.93 3.56
N ASP A 486 -1.58 -18.79 3.81
CA ASP A 486 -0.98 -17.53 3.38
C ASP A 486 0.29 -17.27 4.18
N GLN A 487 1.37 -16.98 3.47
CA GLN A 487 2.66 -16.80 4.13
C GLN A 487 2.66 -15.59 5.06
N ALA A 488 1.76 -14.63 4.83
CA ALA A 488 1.62 -13.51 5.77
C ALA A 488 1.21 -14.00 7.15
N ALA A 489 0.21 -14.88 7.20
CA ALA A 489 -0.20 -15.45 8.48
C ALA A 489 0.94 -16.25 9.09
N VAL A 490 1.75 -16.92 8.27
CA VAL A 490 2.89 -17.66 8.78
C VAL A 490 3.90 -16.72 9.42
N SER A 491 4.11 -15.55 8.79
CA SER A 491 5.04 -14.56 9.34
C SER A 491 4.55 -14.05 10.69
N ASN A 492 3.26 -13.71 10.76
CA ASN A 492 2.69 -13.28 12.05
C ASN A 492 2.79 -14.39 13.09
N ALA A 493 2.62 -15.64 12.67
CA ALA A 493 2.76 -16.77 13.58
C ALA A 493 4.19 -16.89 14.08
N VAL A 494 5.17 -16.67 13.20
CA VAL A 494 6.57 -16.68 13.63
C VAL A 494 6.80 -15.63 14.69
N ASP A 495 6.31 -14.42 14.45
CA ASP A 495 6.49 -13.33 15.41
C ASP A 495 5.80 -13.66 16.74
N GLY A 496 4.60 -14.25 16.68
CA GLY A 496 3.92 -14.64 17.91
C GLY A 496 4.65 -15.74 18.67
N PHE A 497 5.20 -16.71 17.93
CA PHE A 497 6.00 -17.77 18.54
C PHE A 497 7.17 -17.16 19.30
N LEU A 498 7.87 -16.21 18.69
CA LEU A 498 8.94 -15.54 19.43
C LEU A 498 8.38 -14.78 20.62
N GLY A 499 7.18 -14.21 20.48
CA GLY A 499 6.57 -13.49 21.61
C GLY A 499 6.32 -14.38 22.81
N ARG A 500 5.81 -15.60 22.57
CA ARG A 500 5.60 -16.54 23.67
C ARG A 500 6.93 -16.97 24.29
N LEU A 501 8.01 -16.95 23.52
CA LEU A 501 9.32 -17.37 23.98
C LEU A 501 10.24 -16.20 24.29
N SER A 502 9.67 -15.02 24.54
CA SER A 502 10.45 -13.80 24.74
C SER A 502 11.09 -13.82 26.13
N LEU A 503 12.42 -14.00 26.18
CA LEU A 503 13.12 -13.91 27.46
C LEU A 503 12.83 -12.58 28.13
N GLU A 504 12.68 -11.53 27.32
CA GLU A 504 12.25 -10.24 27.84
C GLU A 504 10.88 -10.39 28.48
N ARG A 505 10.80 -10.06 29.77
CA ARG A 505 9.57 -10.22 30.56
C ARG A 505 9.21 -11.70 30.51
N GLU A 506 7.96 -12.06 30.21
CA GLU A 506 7.48 -13.44 30.15
C GLU A 506 8.15 -14.28 31.23
N ASP A 507 7.70 -14.11 32.48
CA ASP A 507 8.32 -14.77 33.62
C ASP A 507 8.47 -16.27 33.42
N ARG A 508 7.61 -16.88 32.60
CA ARG A 508 7.66 -18.29 32.27
C ARG A 508 8.88 -18.66 31.41
N ASP A 509 9.98 -17.92 31.52
CA ASP A 509 11.16 -18.26 30.72
C ASP A 509 12.36 -18.70 31.56
N ALA A 510 13.12 -17.75 32.10
CA ALA A 510 14.35 -18.07 32.84
C ALA A 510 14.31 -17.41 34.21
N TRP A 511 14.63 -18.18 35.25
CA TRP A 511 14.54 -17.68 36.62
C TRP A 511 15.05 -18.69 37.63
N HIS A 512 14.27 -19.74 37.87
CA HIS A 512 14.56 -20.78 38.85
C HIS A 512 15.67 -21.73 38.44
N LEU A 513 16.17 -21.64 37.21
CA LEU A 513 17.27 -22.51 36.82
C LEU A 513 18.50 -22.21 37.68
N PRO A 514 19.16 -23.23 38.25
CA PRO A 514 20.26 -22.95 39.19
C PRO A 514 21.53 -22.47 38.51
N ALA A 515 21.74 -22.76 37.23
CA ALA A 515 22.90 -22.26 36.51
C ALA A 515 22.58 -21.03 35.68
N TYR A 516 21.47 -20.35 35.98
CA TYR A 516 21.12 -19.13 35.27
C TYR A 516 22.04 -18.00 35.67
N LYS A 517 22.53 -18.03 36.91
CA LYS A 517 23.45 -17.05 37.44
C LYS A 517 24.91 -17.43 37.18
N CYS A 518 25.17 -18.34 36.24
CA CYS A 518 26.53 -18.62 35.79
C CYS A 518 26.83 -18.07 34.41
N VAL A 519 25.88 -17.38 33.80
CA VAL A 519 26.03 -16.79 32.48
C VAL A 519 26.08 -15.28 32.61
N ASP A 520 27.08 -14.65 31.98
CA ASP A 520 27.11 -13.19 31.92
C ASP A 520 26.50 -12.65 30.64
N ARG A 521 26.73 -13.33 29.51
CA ARG A 521 26.12 -12.95 28.23
C ARG A 521 24.90 -13.85 28.02
N LEU A 522 23.79 -13.45 28.64
CA LEU A 522 22.56 -14.23 28.56
C LEU A 522 21.82 -14.05 27.23
N ASP A 523 22.32 -13.17 26.35
CA ASP A 523 21.75 -13.02 25.02
C ASP A 523 22.35 -13.99 24.01
N LYS A 524 23.58 -14.45 24.25
CA LYS A 524 24.27 -15.39 23.37
C LYS A 524 24.05 -16.83 23.77
N VAL A 525 23.25 -17.09 24.80
CA VAL A 525 22.94 -18.45 25.21
C VAL A 525 22.01 -19.10 24.19
N LEU A 526 22.27 -20.38 23.89
CA LEU A 526 21.49 -21.16 22.93
C LEU A 526 20.59 -22.19 23.59
N MET A 527 21.08 -22.93 24.58
CA MET A 527 20.29 -23.98 25.21
C MET A 527 20.85 -24.31 26.58
N ILE A 528 19.98 -24.61 27.53
CA ILE A 528 20.40 -25.06 28.84
C ILE A 528 19.83 -26.45 29.08
N ILE A 529 20.72 -27.41 29.33
CA ILE A 529 20.31 -28.80 29.55
C ILE A 529 20.57 -29.16 31.01
N PRO A 530 19.52 -29.19 31.83
CA PRO A 530 19.70 -29.54 33.25
C PRO A 530 19.61 -31.04 33.51
N LEU A 531 20.76 -31.69 33.63
CA LEU A 531 20.81 -33.12 33.85
C LEU A 531 20.97 -33.39 35.34
N ILE A 532 21.06 -34.68 35.69
CA ILE A 532 21.32 -35.03 37.07
C ILE A 532 22.78 -34.74 37.38
N ASN A 533 23.02 -34.03 38.48
CA ASN A 533 24.36 -33.67 38.96
C ASN A 533 25.06 -32.62 38.09
N VAL A 534 24.49 -32.26 36.94
CA VAL A 534 25.13 -31.32 36.01
C VAL A 534 24.11 -30.42 35.33
N THR A 535 24.55 -29.21 34.99
CA THR A 535 23.77 -28.23 34.21
C THR A 535 24.65 -27.77 33.04
N PHE A 536 24.45 -28.37 31.87
CA PHE A 536 25.19 -27.91 30.69
C PHE A 536 24.58 -26.62 30.15
N ILE A 537 25.44 -25.70 29.71
CA ILE A 537 25.02 -24.46 29.08
C ILE A 537 25.69 -24.37 27.71
N ILE A 538 24.87 -24.50 26.66
CA ILE A 538 25.35 -24.37 25.28
C ILE A 538 25.11 -22.93 24.84
N SER A 539 26.18 -22.27 24.38
CA SER A 539 26.17 -20.84 24.07
C SER A 539 27.04 -20.57 22.85
N SER A 540 26.98 -19.34 22.37
CA SER A 540 27.83 -18.89 21.26
C SER A 540 29.11 -18.22 21.73
N ASP A 541 29.09 -17.55 22.88
CA ASP A 541 30.28 -16.96 23.49
C ASP A 541 30.95 -17.94 24.45
N ARG A 542 32.24 -17.74 24.66
CA ARG A 542 33.00 -18.57 25.59
C ARG A 542 32.93 -18.09 27.04
N GLU A 543 32.35 -16.92 27.29
CA GLU A 543 32.27 -16.35 28.64
C GLU A 543 31.12 -17.00 29.42
N VAL A 544 31.42 -18.10 30.12
CA VAL A 544 30.46 -18.77 30.98
C VAL A 544 31.21 -19.41 32.16
N ARG A 545 30.78 -19.10 33.38
CA ARG A 545 31.44 -19.65 34.56
C ARG A 545 31.09 -21.13 34.74
N GLY A 546 31.93 -22.01 34.21
CA GLY A 546 31.66 -23.43 34.28
C GLY A 546 32.90 -24.21 34.64
N SER A 547 32.73 -25.53 34.76
CA SER A 547 33.86 -26.39 35.11
C SER A 547 34.82 -26.57 33.94
N ALA A 548 34.31 -26.55 32.72
CA ALA A 548 35.15 -26.72 31.54
C ALA A 548 34.60 -25.83 30.42
N LEU A 549 35.26 -25.89 29.27
CA LEU A 549 34.83 -25.13 28.10
C LEU A 549 35.15 -25.99 26.89
N TYR A 550 34.12 -26.58 26.30
CA TYR A 550 34.27 -27.41 25.11
C TYR A 550 33.86 -26.59 23.90
N GLU A 551 34.59 -26.78 22.80
CA GLU A 551 34.26 -26.15 21.54
C GLU A 551 33.94 -27.22 20.52
N ALA A 552 32.82 -27.09 19.84
CA ALA A 552 32.47 -28.15 18.91
C ALA A 552 33.08 -27.86 17.55
N SER A 553 33.23 -28.92 16.77
CA SER A 553 33.83 -28.84 15.43
C SER A 553 32.82 -28.17 14.51
N THR A 554 32.83 -26.84 14.53
CA THR A 554 31.94 -26.07 13.69
C THR A 554 32.75 -25.47 12.54
N THR A 555 32.08 -25.25 11.42
CA THR A 555 32.74 -24.86 10.18
C THR A 555 32.29 -23.45 9.80
N TYR A 556 33.11 -22.45 10.19
CA TYR A 556 32.88 -21.05 9.85
C TYR A 556 31.45 -20.60 10.17
N LEU A 557 30.91 -21.12 11.27
CA LEU A 557 29.59 -20.74 11.75
C LEU A 557 29.77 -19.62 12.76
N SER A 558 29.15 -18.46 12.47
CA SER A 558 29.24 -17.30 13.35
C SER A 558 28.93 -17.67 14.80
N SER A 559 27.86 -18.44 15.01
CA SER A 559 27.47 -18.93 16.33
C SER A 559 28.28 -20.20 16.62
N SER A 560 29.56 -19.99 16.95
CA SER A 560 30.41 -21.12 17.30
C SER A 560 29.90 -21.77 18.57
N LEU A 561 29.68 -23.08 18.47
CA LEU A 561 29.05 -23.84 19.55
C LEU A 561 30.03 -24.08 20.70
N PHE A 562 29.70 -23.52 21.86
CA PHE A 562 30.51 -23.64 23.08
C PHE A 562 29.67 -24.33 24.14
N LEU A 563 30.12 -25.49 24.60
CA LEU A 563 29.42 -26.25 25.63
C LEU A 563 30.14 -26.05 26.95
N SER A 564 29.45 -25.58 27.98
CA SER A 564 30.08 -25.37 29.27
C SER A 564 29.36 -26.19 30.34
N PRO A 565 30.03 -27.13 31.01
CA PRO A 565 29.35 -27.93 32.03
C PRO A 565 29.45 -27.30 33.41
N VAL A 566 28.35 -27.30 34.14
CA VAL A 566 28.32 -26.77 35.51
C VAL A 566 27.99 -27.94 36.41
N ILE A 567 28.99 -28.43 37.14
CA ILE A 567 28.83 -29.62 37.95
C ILE A 567 28.21 -29.25 39.29
N MET A 568 27.15 -29.98 39.66
CA MET A 568 26.42 -29.77 40.90
C MET A 568 25.95 -28.32 41.02
N ASN A 569 25.57 -27.74 39.87
CA ASN A 569 25.14 -26.34 39.74
C ASN A 569 25.96 -25.43 40.64
N LYS A 570 27.29 -25.57 40.54
CA LYS A 570 28.23 -24.77 41.33
C LYS A 570 28.99 -23.88 40.37
N CYS A 571 28.68 -22.58 40.39
CA CYS A 571 29.37 -21.59 39.59
C CYS A 571 30.87 -21.64 39.88
N SER A 572 31.66 -22.17 38.95
CA SER A 572 33.09 -22.28 39.21
C SER A 572 33.70 -20.89 39.20
N GLN A 573 34.42 -20.58 40.27
CA GLN A 573 34.99 -19.25 40.46
C GLN A 573 36.02 -18.94 39.39
N GLY A 574 35.67 -18.06 38.46
CA GLY A 574 36.56 -17.71 37.38
C GLY A 574 36.17 -18.33 36.05
N ALA A 575 35.90 -17.50 35.04
CA ALA A 575 35.56 -18.00 33.72
C ALA A 575 36.74 -18.75 33.12
N VAL A 576 36.46 -19.92 32.54
CA VAL A 576 37.49 -20.74 31.93
C VAL A 576 38.19 -19.94 30.82
N ALA A 577 39.52 -19.86 30.91
CA ALA A 577 40.35 -19.11 29.99
C ALA A 577 41.21 -20.07 29.15
N GLY A 578 42.29 -19.54 28.58
CA GLY A 578 43.17 -20.29 27.71
C GLY A 578 42.51 -20.73 26.42
N GLU A 579 42.44 -22.03 26.17
CA GLU A 579 41.86 -22.53 24.94
C GLU A 579 40.78 -23.53 25.29
N PRO A 580 39.66 -23.54 24.56
CA PRO A 580 38.61 -24.50 24.88
C PRO A 580 39.04 -25.90 24.49
N ARG A 581 38.50 -26.88 25.22
CA ARG A 581 38.86 -28.27 24.98
C ARG A 581 38.19 -28.80 23.73
N GLN A 582 38.84 -29.76 23.09
CA GLN A 582 38.25 -30.41 21.95
C GLN A 582 37.36 -31.56 22.43
N ILE A 583 36.32 -31.83 21.66
CA ILE A 583 35.34 -32.84 22.06
C ILE A 583 35.91 -34.22 21.73
N PRO A 584 36.10 -35.09 22.74
CA PRO A 584 36.59 -36.45 22.46
C PRO A 584 35.69 -37.22 21.52
N LYS A 585 36.20 -37.56 20.34
CA LYS A 585 35.41 -38.33 19.38
C LYS A 585 35.53 -39.80 19.76
N ILE A 586 34.40 -40.45 19.99
CA ILE A 586 34.37 -41.87 20.29
C ILE A 586 33.88 -42.61 19.05
N GLN A 587 34.72 -43.47 18.51
CA GLN A 587 34.36 -44.27 17.36
C GLN A 587 34.25 -45.75 17.69
N ASN A 588 34.61 -46.15 18.91
CA ASN A 588 34.52 -47.53 19.37
C ASN A 588 33.15 -47.71 20.02
N PHE A 589 32.21 -48.31 19.32
CA PHE A 589 30.88 -48.43 19.89
C PHE A 589 30.05 -49.44 19.11
N THR A 590 29.02 -49.94 19.79
CA THR A 590 28.11 -50.95 19.27
C THR A 590 26.67 -50.47 19.37
N ARG A 591 25.85 -50.86 18.40
CA ARG A 591 24.44 -50.51 18.45
C ARG A 591 23.69 -51.42 19.41
N THR A 592 24.13 -52.67 19.56
CA THR A 592 23.44 -53.67 20.38
C THR A 592 23.95 -53.65 21.83
N GLN A 593 23.67 -52.54 22.50
CA GLN A 593 23.93 -52.37 23.93
C GLN A 593 22.76 -52.92 24.75
N LYS A 594 22.97 -54.06 25.41
CA LYS A 594 21.86 -54.70 26.12
C LYS A 594 21.44 -53.93 27.36
N SER A 595 22.37 -53.29 28.06
CA SER A 595 22.08 -52.47 29.23
C SER A 595 21.86 -51.00 28.87
N CYS A 596 21.11 -50.29 29.71
CA CYS A 596 20.91 -48.85 29.52
C CYS A 596 22.14 -48.11 30.05
N ILE A 597 23.16 -47.99 29.20
CA ILE A 597 24.37 -47.31 29.63
C ILE A 597 24.15 -45.80 29.62
N PHE A 598 23.38 -45.31 28.65
CA PHE A 598 23.14 -43.88 28.49
C PHE A 598 22.01 -43.34 29.34
N CYS A 599 21.30 -44.19 30.06
CA CYS A 599 20.18 -43.74 30.88
C CYS A 599 20.60 -42.58 31.78
N GLY A 600 20.01 -41.42 31.53
CA GLY A 600 20.35 -40.20 32.24
C GLY A 600 21.27 -39.26 31.48
N PHE A 601 21.51 -39.51 30.21
CA PHE A 601 22.39 -38.70 29.39
C PHE A 601 21.57 -37.98 28.32
N ALA A 602 22.23 -37.11 27.57
CA ALA A 602 21.56 -36.31 26.55
C ALA A 602 22.31 -36.38 25.22
N LEU A 603 21.57 -36.56 24.13
CA LEU A 603 22.13 -36.62 22.78
C LEU A 603 21.65 -35.41 21.99
N LEU A 604 22.60 -34.67 21.42
CA LEU A 604 22.31 -33.42 20.72
C LEU A 604 22.90 -33.50 19.31
N SER A 605 22.04 -33.37 18.31
CA SER A 605 22.46 -33.27 16.92
C SER A 605 22.47 -31.82 16.46
N TYR A 606 23.58 -31.43 15.84
CA TYR A 606 23.79 -30.05 15.38
C TYR A 606 24.45 -30.07 14.01
N ASP A 607 24.10 -29.06 13.21
CA ASP A 607 24.67 -28.84 11.88
C ASP A 607 25.68 -27.71 11.97
N GLU A 608 26.91 -27.97 11.52
CA GLU A 608 28.03 -27.03 11.69
C GLU A 608 27.84 -25.74 10.90
N LYS A 609 26.61 -25.46 10.47
CA LYS A 609 26.32 -24.29 9.66
C LYS A 609 24.90 -23.79 9.95
N GLU A 610 23.99 -24.70 10.29
CA GLU A 610 22.61 -24.32 10.55
C GLU A 610 22.30 -24.14 12.03
N GLY A 611 22.85 -24.97 12.89
CA GLY A 611 22.67 -24.83 14.33
C GLY A 611 22.17 -26.10 14.98
N LEU A 612 21.79 -25.97 16.25
CA LEU A 612 21.29 -27.11 17.01
C LEU A 612 19.97 -27.60 16.42
N GLU A 613 19.95 -28.88 16.03
CA GLU A 613 18.75 -29.48 15.47
C GLU A 613 17.94 -30.22 16.51
N THR A 614 18.48 -31.31 17.07
CA THR A 614 17.67 -32.17 17.92
C THR A 614 18.30 -32.44 19.28
N THR A 615 17.43 -32.56 20.28
CA THR A 615 17.82 -32.88 21.65
C THR A 615 17.03 -34.10 22.13
N THR A 616 17.72 -35.03 22.79
CA THR A 616 17.11 -36.27 23.25
C THR A 616 17.60 -36.58 24.65
N TYR A 617 16.68 -36.82 25.57
CA TYR A 617 17.03 -37.21 26.94
C TYR A 617 16.75 -38.71 27.07
N ILE A 618 17.82 -39.50 27.21
CA ILE A 618 17.67 -40.93 27.37
C ILE A 618 17.00 -41.22 28.70
N THR A 619 15.70 -41.46 28.68
CA THR A 619 14.96 -41.70 29.91
C THR A 619 14.85 -43.18 30.23
N SER A 620 14.82 -44.03 29.22
CA SER A 620 14.61 -45.46 29.41
C SER A 620 15.46 -46.22 28.40
N GLN A 621 15.59 -47.53 28.65
CA GLN A 621 16.26 -48.40 27.69
C GLN A 621 15.51 -48.38 26.36
N GLU A 622 14.18 -48.27 26.41
CA GLU A 622 13.40 -48.16 25.20
C GLU A 622 13.89 -47.00 24.34
N VAL A 623 14.13 -45.85 24.96
CA VAL A 623 14.56 -44.68 24.22
C VAL A 623 15.96 -44.91 23.64
N GLN A 624 16.85 -45.53 24.42
CA GLN A 624 18.17 -45.88 23.92
C GLN A 624 18.08 -46.78 22.69
N ASN A 625 17.33 -47.88 22.83
CA ASN A 625 17.12 -48.80 21.72
C ASN A 625 16.61 -48.06 20.49
N SER A 626 15.62 -47.20 20.69
CA SER A 626 15.06 -46.43 19.57
C SER A 626 16.13 -45.59 18.90
N ILE A 627 16.91 -44.85 19.68
CA ILE A 627 17.93 -43.98 19.11
C ILE A 627 18.98 -44.80 18.36
N LEU A 628 19.45 -45.90 18.96
CA LEU A 628 20.51 -46.68 18.35
C LEU A 628 20.04 -47.41 17.10
N SER A 629 18.87 -48.05 17.18
CA SER A 629 18.32 -48.83 16.07
C SER A 629 17.30 -48.02 15.27
N SER A 630 17.78 -46.95 14.63
CA SER A 630 16.90 -46.10 13.81
C SER A 630 17.76 -45.34 12.82
N ASN A 631 17.13 -44.40 12.09
CA ASN A 631 17.89 -43.61 11.14
C ASN A 631 18.43 -42.34 11.76
N TYR A 632 18.47 -42.28 13.09
CA TYR A 632 19.00 -41.11 13.79
C TYR A 632 20.43 -40.85 13.38
N PHE A 633 21.27 -41.89 13.44
CA PHE A 633 22.69 -41.76 13.16
C PHE A 633 22.88 -41.94 11.65
N ASP A 634 23.12 -40.83 10.96
CA ASP A 634 23.46 -40.84 9.55
C ASP A 634 24.84 -40.19 9.44
N PHE A 635 25.84 -40.97 9.83
CA PHE A 635 27.21 -40.48 9.84
C PHE A 635 27.66 -40.02 8.46
N ASP A 636 26.99 -40.50 7.40
CA ASP A 636 27.26 -40.05 6.04
C ASP A 636 27.21 -38.53 5.92
N ASN A 637 26.22 -37.89 6.54
CA ASN A 637 26.16 -36.43 6.56
C ASN A 637 27.28 -35.92 7.45
N LEU A 638 28.31 -35.37 6.84
CA LEU A 638 29.46 -34.86 7.55
C LEU A 638 29.20 -33.51 8.20
N HIS A 639 28.11 -32.83 7.82
CA HIS A 639 27.75 -31.56 8.43
C HIS A 639 27.08 -31.74 9.79
N VAL A 640 26.27 -32.78 9.93
CA VAL A 640 25.54 -33.05 11.17
C VAL A 640 26.37 -33.93 12.07
N HIS A 641 26.73 -33.41 13.24
CA HIS A 641 27.43 -34.18 14.25
C HIS A 641 26.52 -34.42 15.45
N TYR A 642 26.90 -35.43 16.23
CA TYR A 642 26.11 -35.94 17.35
C TYR A 642 26.98 -35.91 18.59
N LEU A 643 26.53 -35.19 19.62
CA LEU A 643 27.28 -35.01 20.85
C LEU A 643 26.51 -35.66 21.98
N LEU A 644 27.25 -36.24 22.92
CA LEU A 644 26.69 -36.93 24.06
C LEU A 644 27.12 -36.19 25.32
N LEU A 645 26.14 -35.83 26.13
CA LEU A 645 26.32 -35.08 27.35
C LEU A 645 26.04 -36.02 28.51
N THR A 646 26.97 -36.08 29.45
CA THR A 646 26.93 -37.07 30.53
C THR A 646 26.72 -36.41 31.88
N THR A 647 26.25 -37.23 32.84
CA THR A 647 26.05 -36.74 34.20
C THR A 647 27.38 -36.45 34.89
N ASN A 648 28.45 -37.13 34.50
CA ASN A 648 29.77 -36.82 35.03
C ASN A 648 30.21 -35.42 34.62
N GLY A 649 29.71 -34.92 33.50
CA GLY A 649 30.09 -33.62 32.99
C GLY A 649 31.01 -33.65 31.77
N THR A 650 31.06 -34.76 31.05
CA THR A 650 31.97 -34.93 29.92
C THR A 650 31.16 -34.93 28.63
N VAL A 651 31.56 -34.08 27.68
CA VAL A 651 30.92 -34.02 26.36
C VAL A 651 31.75 -34.85 25.40
N MET A 652 31.15 -35.91 24.87
CA MET A 652 31.78 -36.78 23.88
C MET A 652 31.07 -36.60 22.54
N GLU A 653 31.67 -37.16 21.48
CA GLU A 653 31.12 -37.05 20.14
C GLU A 653 30.95 -38.43 19.53
N ILE A 654 29.71 -38.87 19.34
CA ILE A 654 29.49 -40.14 18.68
C ILE A 654 29.68 -39.92 17.19
N ALA A 655 30.70 -40.56 16.63
CA ALA A 655 31.01 -40.44 15.21
C ALA A 655 31.07 -41.75 14.47
N GLY A 656 31.22 -42.87 15.17
CA GLY A 656 31.23 -44.16 14.50
C GLY A 656 30.80 -45.24 15.47
N LEU A 657 30.44 -46.38 14.92
CA LEU A 657 29.98 -47.54 15.68
C LEU A 657 30.63 -48.81 15.15
N TYR A 658 31.95 -48.75 14.94
CA TYR A 658 32.73 -49.86 14.40
C TYR A 658 32.13 -50.42 13.12
N TYR B 3 -66.05 6.20 32.88
CA TYR B 3 -66.07 7.64 32.67
C TYR B 3 -64.99 8.07 31.68
N PRO B 4 -65.13 9.28 31.13
CA PRO B 4 -64.07 9.81 30.26
C PRO B 4 -62.71 9.74 30.95
N CYS B 5 -61.67 9.62 30.13
CA CYS B 5 -60.31 9.44 30.60
C CYS B 5 -59.73 10.75 31.11
N CYS B 6 -58.47 10.70 31.54
CA CYS B 6 -57.82 11.83 32.18
C CYS B 6 -56.52 12.14 31.45
N HIS B 7 -55.79 13.11 31.99
CA HIS B 7 -54.50 13.52 31.48
C HIS B 7 -53.53 13.59 32.64
N VAL B 8 -52.26 13.28 32.37
CA VAL B 8 -51.26 13.15 33.42
C VAL B 8 -50.45 14.43 33.49
N THR B 9 -50.32 14.98 34.69
CA THR B 9 -49.52 16.16 34.95
C THR B 9 -48.82 15.99 36.29
N GLN B 10 -47.50 16.07 36.27
CA GLN B 10 -46.68 15.91 37.47
C GLN B 10 -46.05 17.22 37.94
N LEU B 11 -46.08 18.27 37.11
CA LEU B 11 -45.42 19.52 37.45
C LEU B 11 -45.91 20.12 38.75
N ARG B 12 -47.08 19.69 39.24
CA ARG B 12 -47.60 20.15 40.52
C ARG B 12 -46.60 19.90 41.63
N ALA B 13 -46.07 20.97 42.21
CA ALA B 13 -45.08 20.86 43.27
C ALA B 13 -45.77 20.71 44.62
N GLN B 14 -45.07 20.05 45.55
CA GLN B 14 -45.54 19.73 46.89
C GLN B 14 -46.77 18.84 46.90
N HIS B 15 -47.18 18.31 45.75
CA HIS B 15 -48.31 17.38 45.67
C HIS B 15 -47.77 15.95 45.81
N LEU B 16 -47.55 15.56 47.06
CA LEU B 16 -46.94 14.26 47.34
C LEU B 16 -47.88 13.10 47.08
N LEU B 17 -47.29 11.97 46.69
CA LEU B 17 -48.01 10.74 46.37
C LEU B 17 -47.30 9.56 47.02
N ALA B 18 -48.06 8.70 47.68
CA ALA B 18 -47.46 7.59 48.40
C ALA B 18 -48.35 6.35 48.28
N LEU B 19 -47.70 5.19 48.12
CA LEU B 19 -48.43 3.93 48.00
C LEU B 19 -49.23 3.60 49.24
N GLU B 20 -48.79 4.07 50.40
CA GLU B 20 -49.48 3.81 51.65
C GLU B 20 -50.92 4.30 51.60
N ASN B 21 -51.17 5.42 50.91
CA ASN B 21 -52.49 6.03 50.84
C ASN B 21 -53.21 5.75 49.52
N ILE B 22 -52.82 4.70 48.81
CA ILE B 22 -53.49 4.30 47.58
C ILE B 22 -54.22 3.00 47.86
N SER B 23 -55.54 3.01 47.68
CA SER B 23 -56.40 1.85 47.95
C SER B 23 -56.95 1.23 46.69
N ASP B 24 -57.34 2.03 45.70
CA ASP B 24 -57.90 1.48 44.48
C ASP B 24 -57.13 2.00 43.27
N ILE B 25 -56.83 1.11 42.34
CA ILE B 25 -56.15 1.47 41.10
C ILE B 25 -57.00 1.01 39.94
N TYR B 26 -57.54 1.97 39.19
CA TYR B 26 -58.40 1.69 38.05
C TYR B 26 -57.59 1.81 36.78
N LEU B 27 -57.45 0.72 36.05
CA LEU B 27 -56.70 0.69 34.80
C LEU B 27 -57.67 0.56 33.62
N VAL B 28 -57.51 1.41 32.62
CA VAL B 28 -58.39 1.32 31.46
C VAL B 28 -57.85 0.28 30.49
N SER B 29 -58.74 -0.22 29.66
CA SER B 29 -58.46 -1.30 28.73
C SER B 29 -58.28 -0.75 27.31
N ASN B 30 -58.34 -1.65 26.33
CA ASN B 30 -58.16 -1.26 24.93
C ASN B 30 -59.30 -0.35 24.49
N GLN B 31 -59.00 0.50 23.52
CA GLN B 31 -59.96 1.42 22.89
C GLN B 31 -60.59 2.43 23.85
N THR B 32 -60.76 2.06 25.13
CA THR B 32 -61.42 2.96 26.08
C THR B 32 -60.79 4.35 26.05
N CYS B 33 -59.47 4.41 26.13
CA CYS B 33 -58.74 5.67 26.05
C CYS B 33 -57.68 5.69 24.95
N ASP B 34 -57.41 4.54 24.31
CA ASP B 34 -56.43 4.43 23.24
C ASP B 34 -55.02 4.78 23.70
N GLY B 35 -54.84 5.96 24.29
CA GLY B 35 -53.55 6.43 24.76
C GLY B 35 -52.98 5.66 25.96
N PHE B 36 -53.76 4.75 26.54
CA PHE B 36 -53.32 3.96 27.69
C PHE B 36 -53.01 4.82 28.93
N SER B 37 -53.68 5.96 29.09
CA SER B 37 -53.56 6.66 30.37
C SER B 37 -54.47 5.86 31.27
N LEU B 38 -53.89 4.88 31.95
CA LEU B 38 -54.65 3.83 32.60
C LEU B 38 -54.37 3.73 34.09
N ALA B 39 -54.28 4.85 34.79
CA ALA B 39 -54.15 4.74 36.24
C ALA B 39 -55.00 5.82 36.89
N SER B 40 -56.09 5.41 37.51
CA SER B 40 -56.84 6.25 38.41
C SER B 40 -56.46 5.73 39.79
N LEU B 41 -55.62 6.48 40.49
CA LEU B 41 -55.25 6.12 41.85
C LEU B 41 -56.24 6.77 42.80
N ASN B 42 -56.90 5.95 43.62
CA ASN B 42 -57.93 6.41 44.53
C ASN B 42 -57.51 6.14 45.96
N SER B 43 -57.59 7.18 46.78
CA SER B 43 -57.25 7.11 48.19
C SER B 43 -58.25 6.20 48.91
N PRO B 44 -57.97 5.80 50.14
CA PRO B 44 -58.93 4.95 50.85
C PRO B 44 -60.22 5.71 51.12
N LYS B 45 -61.34 5.03 50.87
CA LYS B 45 -62.65 5.67 50.94
C LYS B 45 -63.47 5.17 52.13
N ASN B 46 -62.89 5.24 53.33
CA ASN B 46 -63.57 4.81 54.55
C ASN B 46 -64.10 5.99 55.37
N GLY B 47 -64.42 7.10 54.70
CA GLY B 47 -64.99 8.25 55.38
C GLY B 47 -64.49 9.59 54.86
N SER B 48 -64.89 9.94 53.65
CA SER B 48 -64.51 11.23 53.07
C SER B 48 -65.45 11.66 51.95
N ASN B 49 -66.70 11.22 52.01
CA ASN B 49 -67.77 11.65 51.09
C ASN B 49 -67.38 11.25 49.67
N GLN B 50 -67.56 12.14 48.68
CA GLN B 50 -67.31 11.79 47.29
C GLN B 50 -66.32 12.77 46.65
N LEU B 51 -66.61 13.17 45.41
CA LEU B 51 -65.82 14.13 44.65
C LEU B 51 -64.42 13.61 44.31
N VAL B 52 -63.50 14.52 43.97
CA VAL B 52 -62.20 14.15 43.45
C VAL B 52 -61.24 13.90 44.62
N ILE B 53 -60.78 12.66 44.75
CA ILE B 53 -59.73 12.27 45.68
C ILE B 53 -58.75 11.40 44.91
N SER B 54 -58.90 11.39 43.59
CA SER B 54 -58.17 10.51 42.70
C SER B 54 -57.15 11.30 41.90
N ARG B 55 -56.06 10.62 41.56
CA ARG B 55 -54.97 11.19 40.77
C ARG B 55 -54.81 10.37 39.50
N CYS B 56 -54.60 11.06 38.39
CA CYS B 56 -54.39 10.34 37.14
C CYS B 56 -52.92 10.03 37.00
N ALA B 57 -52.64 8.90 36.37
CA ALA B 57 -51.28 8.41 36.31
C ALA B 57 -51.15 7.47 35.13
N ASN B 58 -49.90 7.29 34.76
CA ASN B 58 -49.50 6.59 33.57
C ASN B 58 -49.81 5.10 33.67
N GLY B 59 -50.53 4.56 32.68
CA GLY B 59 -50.95 3.17 32.78
C GLY B 59 -49.81 2.20 32.54
N LEU B 60 -48.93 2.51 31.60
CA LEU B 60 -47.84 1.59 31.26
C LEU B 60 -46.85 1.47 32.42
N ASN B 61 -46.50 2.59 33.05
CA ASN B 61 -45.58 2.53 34.18
C ASN B 61 -46.19 1.77 35.35
N VAL B 62 -47.47 2.00 35.62
CA VAL B 62 -48.14 1.29 36.71
C VAL B 62 -48.17 -0.21 36.42
N VAL B 63 -48.50 -0.58 35.19
CA VAL B 63 -48.58 -1.99 34.84
C VAL B 63 -47.20 -2.65 34.91
N SER B 64 -46.16 -1.92 34.50
CA SER B 64 -44.81 -2.47 34.60
C SER B 64 -44.42 -2.68 36.06
N PHE B 65 -44.74 -1.71 36.91
CA PHE B 65 -44.47 -1.87 38.34
C PHE B 65 -45.16 -3.10 38.91
N PHE B 66 -46.43 -3.28 38.57
CA PHE B 66 -47.18 -4.40 39.14
C PHE B 66 -46.70 -5.74 38.57
N ILE B 67 -46.41 -5.77 37.27
CA ILE B 67 -45.84 -6.98 36.67
C ILE B 67 -44.53 -7.33 37.36
N SER B 68 -43.71 -6.32 37.65
CA SER B 68 -42.42 -6.60 38.25
C SER B 68 -42.56 -7.09 39.69
N ILE B 69 -43.48 -6.51 40.47
CA ILE B 69 -43.62 -6.97 41.85
C ILE B 69 -44.23 -8.36 41.90
N LEU B 70 -45.19 -8.66 41.01
CA LEU B 70 -45.74 -10.00 40.99
C LEU B 70 -44.72 -11.03 40.52
N LYS B 71 -43.84 -10.65 39.59
CA LYS B 71 -42.77 -11.54 39.18
C LYS B 71 -41.80 -11.80 40.32
N ARG B 72 -41.40 -10.73 41.02
CA ARG B 72 -40.42 -10.87 42.11
C ARG B 72 -40.95 -11.68 43.28
N SER B 73 -42.23 -12.03 43.30
CA SER B 73 -42.81 -12.76 44.41
C SER B 73 -43.52 -14.02 43.94
N SER B 74 -42.91 -14.73 42.97
CA SER B 74 -43.56 -15.91 42.42
C SER B 74 -43.75 -17.00 43.48
N SER B 75 -42.88 -17.05 44.49
CA SER B 75 -43.01 -18.05 45.54
C SER B 75 -44.28 -17.83 46.36
N ALA B 76 -44.59 -16.58 46.68
CA ALA B 76 -45.77 -16.26 47.50
C ALA B 76 -47.06 -16.23 46.70
N LEU B 77 -47.00 -16.02 45.40
CA LEU B 77 -48.21 -15.86 44.60
C LEU B 77 -49.09 -17.09 44.68
N THR B 78 -50.38 -16.87 44.92
CA THR B 78 -51.37 -17.94 45.04
C THR B 78 -52.36 -17.80 43.90
N GLY B 79 -52.40 -18.82 43.03
CA GLY B 79 -53.28 -18.92 41.87
C GLY B 79 -54.06 -17.70 41.43
N HIS B 80 -54.81 -17.09 42.35
CA HIS B 80 -55.55 -15.87 42.05
C HIS B 80 -54.60 -14.76 41.60
N LEU B 81 -53.52 -14.55 42.34
CA LEU B 81 -52.56 -13.53 41.95
C LEU B 81 -51.76 -13.94 40.71
N ARG B 82 -51.59 -15.25 40.48
CA ARG B 82 -50.96 -15.69 39.23
C ARG B 82 -51.85 -15.38 38.03
N GLU B 83 -53.15 -15.60 38.18
CA GLU B 83 -54.10 -15.24 37.13
C GLU B 83 -54.10 -13.72 36.91
N LEU B 84 -54.00 -12.95 38.00
CA LEU B 84 -53.83 -11.51 37.86
C LEU B 84 -52.57 -11.16 37.07
N LEU B 85 -51.46 -11.85 37.37
CA LEU B 85 -50.21 -11.61 36.66
C LEU B 85 -50.36 -11.87 35.17
N THR B 86 -50.98 -13.00 34.81
CA THR B 86 -51.12 -13.32 33.39
C THR B 86 -52.03 -12.33 32.68
N THR B 87 -53.13 -11.93 33.34
CA THR B 87 -54.03 -10.95 32.71
C THR B 87 -53.34 -9.60 32.54
N LEU B 88 -52.55 -9.18 33.53
CA LEU B 88 -51.86 -7.90 33.43
C LEU B 88 -50.71 -7.97 32.42
N GLU B 89 -50.12 -9.14 32.24
CA GLU B 89 -49.11 -9.30 31.19
C GLU B 89 -49.73 -9.21 29.82
N THR B 90 -50.92 -9.80 29.63
CA THR B 90 -51.61 -9.64 28.34
C THR B 90 -52.03 -8.19 28.11
N LEU B 91 -52.47 -7.50 29.16
CA LEU B 91 -52.81 -6.09 29.02
C LEU B 91 -51.59 -5.26 28.62
N TYR B 92 -50.43 -5.52 29.25
CA TYR B 92 -49.22 -4.83 28.84
C TYR B 92 -48.79 -5.23 27.43
N GLY B 93 -49.10 -6.46 27.01
CA GLY B 93 -48.85 -6.87 25.64
C GLY B 93 -49.75 -6.18 24.64
N SER B 94 -50.90 -5.68 25.08
CA SER B 94 -51.77 -4.83 24.27
C SER B 94 -51.23 -3.41 24.12
N PHE B 95 -49.99 -3.16 24.50
CA PHE B 95 -49.41 -1.83 24.40
C PHE B 95 -49.12 -1.47 22.95
N SER B 96 -48.94 -0.18 22.70
CA SER B 96 -48.52 0.30 21.39
C SER B 96 -47.86 1.67 21.60
N VAL B 97 -46.52 1.68 21.56
CA VAL B 97 -45.81 2.93 21.77
C VAL B 97 -45.74 3.71 20.47
N GLU B 98 -45.75 3.00 19.33
CA GLU B 98 -45.77 3.68 18.04
C GLU B 98 -47.08 4.43 17.85
N ASP B 99 -48.16 3.94 18.44
CA ASP B 99 -49.47 4.57 18.31
C ASP B 99 -49.53 5.95 18.97
N LEU B 100 -48.55 6.28 19.80
CA LEU B 100 -48.49 7.59 20.44
C LEU B 100 -47.51 8.53 19.75
N PHE B 101 -46.85 8.09 18.68
CA PHE B 101 -45.90 8.95 17.99
C PHE B 101 -46.60 10.03 17.18
N GLY B 102 -47.64 9.66 16.43
CA GLY B 102 -48.37 10.63 15.65
C GLY B 102 -49.43 11.39 16.41
N ALA B 103 -49.90 10.86 17.55
CA ALA B 103 -50.90 11.56 18.33
C ALA B 103 -50.31 12.83 18.94
N ASN B 104 -51.16 13.84 19.08
CA ASN B 104 -50.74 15.11 19.64
C ASN B 104 -50.83 15.16 21.15
N LEU B 105 -51.45 14.15 21.77
CA LEU B 105 -51.51 14.04 23.22
C LEU B 105 -52.32 15.19 23.82
N ASN B 106 -52.37 15.25 25.15
CA ASN B 106 -53.19 16.20 25.89
C ASN B 106 -54.62 16.26 25.32
N ARG B 107 -55.19 15.08 25.08
CA ARG B 107 -56.52 14.99 24.52
C ARG B 107 -57.61 15.01 25.59
N TYR B 108 -57.28 15.50 26.79
CA TYR B 108 -58.20 15.58 27.90
C TYR B 108 -57.89 16.84 28.71
N ALA B 109 -58.03 18.00 28.08
CA ALA B 109 -57.77 19.27 28.75
C ALA B 109 -58.43 20.42 28.00
N ILE C 10 36.13 -44.86 29.63
CA ILE C 10 36.09 -46.08 28.84
C ILE C 10 35.12 -47.08 29.45
N THR C 11 35.19 -47.24 30.77
CA THR C 11 34.25 -48.11 31.46
C THR C 11 32.84 -47.51 31.41
N TRP C 12 31.86 -48.36 31.12
CA TRP C 12 30.47 -47.96 30.89
C TRP C 12 29.57 -48.68 31.88
N VAL C 13 29.23 -48.02 32.98
CA VAL C 13 28.37 -48.61 33.99
C VAL C 13 26.91 -48.28 33.67
N PRO C 14 26.02 -49.26 33.70
CA PRO C 14 24.61 -49.02 33.36
C PRO C 14 23.91 -48.21 34.46
N LYS C 15 23.40 -47.06 34.08
CA LYS C 15 22.66 -46.22 35.01
C LYS C 15 21.18 -46.62 35.00
N PRO C 16 20.46 -46.42 36.10
CA PRO C 16 19.05 -46.81 36.14
C PRO C 16 18.17 -45.83 35.37
N ASN C 17 16.92 -46.24 35.17
CA ASN C 17 15.96 -45.42 34.45
C ASN C 17 15.71 -44.12 35.20
N VAL C 18 15.20 -43.13 34.48
CA VAL C 18 14.91 -41.82 35.06
C VAL C 18 13.51 -41.86 35.66
N GLU C 19 13.35 -41.21 36.81
CA GLU C 19 12.05 -41.09 37.45
C GLU C 19 11.93 -39.69 38.05
N VAL C 20 10.70 -39.34 38.42
CA VAL C 20 10.44 -38.03 39.01
C VAL C 20 11.00 -38.00 40.43
N TRP C 21 11.61 -36.88 40.79
CA TRP C 21 12.05 -36.67 42.15
C TRP C 21 10.85 -36.78 43.10
N PRO C 22 10.99 -37.43 44.24
CA PRO C 22 9.85 -37.59 45.16
C PRO C 22 9.36 -36.24 45.68
N VAL C 23 8.06 -36.17 45.93
CA VAL C 23 7.42 -34.94 46.38
C VAL C 23 6.72 -35.19 47.71
N ASP C 24 6.69 -34.15 48.54
CA ASP C 24 6.02 -34.23 49.82
C ASP C 24 4.51 -34.42 49.62
N PRO C 25 3.83 -35.05 50.57
CA PRO C 25 2.37 -35.17 50.48
C PRO C 25 1.69 -33.83 50.64
N PRO C 26 0.44 -33.69 50.21
CA PRO C 26 -0.25 -32.40 50.31
C PRO C 26 -0.75 -32.18 51.72
N PRO C 27 -0.85 -30.93 52.15
CA PRO C 27 -1.40 -30.65 53.48
C PRO C 27 -2.89 -30.94 53.52
N PRO C 28 -3.44 -31.19 54.71
CA PRO C 28 -4.88 -31.45 54.82
C PRO C 28 -5.69 -30.18 54.55
N VAL C 29 -6.96 -30.41 54.22
CA VAL C 29 -7.83 -29.34 53.72
C VAL C 29 -8.83 -28.98 54.80
N ASN C 30 -8.93 -27.69 55.10
CA ASN C 30 -9.64 -27.22 56.28
C ASN C 30 -11.14 -27.37 56.06
N PHE C 31 -11.77 -28.26 56.82
CA PHE C 31 -13.22 -28.34 56.85
C PHE C 31 -13.82 -27.37 57.87
N ASN C 32 -13.10 -27.09 58.95
CA ASN C 32 -13.56 -26.17 59.98
C ASN C 32 -13.61 -24.72 59.51
N LYS C 33 -13.34 -24.44 58.25
CA LYS C 33 -13.46 -23.09 57.73
C LYS C 33 -14.89 -22.60 57.87
N THR C 34 -15.03 -21.32 58.22
CA THR C 34 -16.32 -20.72 58.51
C THR C 34 -17.17 -20.48 57.26
N ALA C 35 -16.60 -20.63 56.06
CA ALA C 35 -17.28 -20.32 54.80
C ALA C 35 -17.51 -18.82 54.69
N GLU C 36 -18.04 -18.21 55.76
CA GLU C 36 -18.18 -16.77 55.79
C GLU C 36 -16.82 -16.08 55.69
N GLN C 37 -15.76 -16.73 56.20
CA GLN C 37 -14.42 -16.19 56.09
C GLN C 37 -13.65 -16.79 54.92
N GLU C 38 -14.09 -17.93 54.37
CA GLU C 38 -13.50 -18.43 53.14
C GLU C 38 -13.77 -17.46 52.00
N TYR C 39 -15.03 -17.06 51.83
CA TYR C 39 -15.34 -15.93 50.97
C TYR C 39 -15.15 -14.67 51.82
N GLY C 40 -15.91 -13.63 51.52
CA GLY C 40 -15.87 -12.45 52.36
C GLY C 40 -17.25 -12.19 52.93
N ASP C 41 -17.59 -10.92 53.13
CA ASP C 41 -18.96 -10.58 53.40
C ASP C 41 -19.75 -10.70 52.10
N LYS C 42 -20.90 -11.38 52.17
CA LYS C 42 -21.67 -11.66 50.96
C LYS C 42 -22.12 -10.40 50.24
N GLU C 43 -22.24 -9.27 50.96
CA GLU C 43 -22.63 -8.03 50.31
C GLU C 43 -21.46 -7.48 49.49
N VAL C 44 -21.71 -7.23 48.20
CA VAL C 44 -20.67 -6.74 47.29
C VAL C 44 -21.20 -5.53 46.54
N LYS C 45 -20.31 -4.59 46.26
CA LYS C 45 -20.59 -3.45 45.40
C LYS C 45 -19.83 -3.63 44.10
N LEU C 46 -20.51 -3.42 42.97
CA LEU C 46 -19.85 -3.55 41.68
C LEU C 46 -18.81 -2.45 41.50
N PRO C 47 -17.65 -2.78 40.93
CA PRO C 47 -16.57 -1.79 40.83
C PRO C 47 -16.93 -0.63 39.94
N HIS C 48 -16.33 0.52 40.24
CA HIS C 48 -16.50 1.73 39.47
C HIS C 48 -15.15 2.42 39.39
N TRP C 49 -14.82 2.96 38.22
CA TRP C 49 -13.55 3.62 38.00
C TRP C 49 -13.78 5.08 37.64
N THR C 50 -12.85 5.92 38.09
CA THR C 50 -12.90 7.36 37.81
C THR C 50 -11.59 7.76 37.14
N PRO C 51 -11.59 7.94 35.82
CA PRO C 51 -10.35 8.27 35.12
C PRO C 51 -10.02 9.75 35.23
N THR C 52 -8.75 10.04 35.51
CA THR C 52 -8.29 11.41 35.62
C THR C 52 -8.20 12.03 34.23
N LEU C 53 -9.14 12.92 33.93
CA LEU C 53 -9.08 13.66 32.67
C LEU C 53 -7.84 14.54 32.64
N HIS C 54 -7.18 14.58 31.49
CA HIS C 54 -5.97 15.38 31.31
C HIS C 54 -6.12 16.22 30.04
N THR C 55 -6.34 17.51 30.22
CA THR C 55 -6.44 18.42 29.08
C THR C 55 -5.11 18.54 28.36
N PHE C 56 -5.18 18.73 27.05
CA PHE C 56 -4.00 18.80 26.19
C PHE C 56 -3.91 20.19 25.60
N GLN C 57 -2.81 20.89 25.89
CA GLN C 57 -2.50 22.18 25.30
C GLN C 57 -1.26 22.07 24.42
N VAL C 58 -1.05 23.09 23.59
CA VAL C 58 0.11 23.12 22.70
C VAL C 58 1.39 23.17 23.53
N PRO C 59 2.40 22.36 23.23
CA PRO C 59 3.59 22.30 24.10
C PRO C 59 4.35 23.62 24.21
N GLN C 60 4.34 24.44 23.16
CA GLN C 60 4.99 25.76 23.18
C GLN C 60 6.50 25.65 23.37
N ASN C 61 6.94 24.88 24.37
CA ASN C 61 8.36 24.63 24.57
C ASN C 61 9.01 24.05 23.32
N TYR C 62 8.27 23.24 22.57
CA TYR C 62 8.73 22.66 21.31
C TYR C 62 7.79 23.14 20.20
N THR C 63 8.35 23.59 19.09
CA THR C 63 7.53 24.08 17.99
C THR C 63 8.34 24.02 16.69
N LYS C 64 7.77 24.58 15.63
CA LYS C 64 8.42 24.57 14.32
C LYS C 64 9.72 25.36 14.34
N ALA C 65 10.80 24.71 13.89
CA ALA C 65 12.10 25.34 13.85
C ALA C 65 12.22 26.26 12.63
N ASN C 66 12.88 27.41 12.83
CA ASN C 66 13.14 28.34 11.74
C ASN C 66 14.38 28.00 10.94
N CYS C 67 15.11 26.96 11.34
CA CYS C 67 16.37 26.58 10.72
C CYS C 67 16.16 25.53 9.63
N THR C 68 17.23 25.29 8.86
CA THR C 68 17.23 24.29 7.79
C THR C 68 18.38 23.32 7.99
N TYR C 69 18.13 22.05 7.75
CA TYR C 69 19.11 20.99 7.93
C TYR C 69 18.61 19.73 7.24
N CYS C 70 19.53 18.81 6.98
CA CYS C 70 19.16 17.47 6.52
C CYS C 70 20.37 16.56 6.70
N ASN C 71 20.26 15.61 7.64
CA ASN C 71 21.31 14.61 7.76
C ASN C 71 21.22 13.69 6.57
N THR C 72 21.96 14.05 5.51
CA THR C 72 21.84 13.35 4.24
C THR C 72 22.16 11.86 4.34
N ARG C 73 23.00 11.48 5.31
CA ARG C 73 23.43 10.08 5.42
C ARG C 73 22.50 9.20 6.24
N GLU C 74 21.62 9.78 7.07
CA GLU C 74 20.85 8.98 8.01
C GLU C 74 19.36 9.36 8.01
N TYR C 75 18.87 9.89 6.90
CA TYR C 75 17.44 10.20 6.81
C TYR C 75 16.68 9.03 6.20
N THR C 76 15.44 8.84 6.67
CA THR C 76 14.62 7.74 6.18
C THR C 76 14.21 7.96 4.73
N PHE C 77 13.58 9.09 4.43
CA PHE C 77 13.27 9.39 3.03
C PHE C 77 13.15 10.89 2.83
N SER C 78 13.51 11.36 1.64
CA SER C 78 13.45 12.77 1.32
C SER C 78 12.42 13.01 0.23
N TYR C 79 11.88 14.23 0.19
CA TYR C 79 10.91 14.58 -0.84
C TYR C 79 10.91 16.09 -1.02
N LYS C 80 11.10 16.53 -2.26
CA LYS C 80 11.08 17.94 -2.62
C LYS C 80 12.02 18.76 -1.74
N GLY C 81 11.45 19.49 -0.78
CA GLY C 81 12.26 20.33 0.08
C GLY C 81 12.22 19.93 1.55
N CYS C 82 12.00 18.66 1.83
CA CYS C 82 11.93 18.17 3.20
C CYS C 82 12.62 16.83 3.33
N CYS C 83 13.21 16.59 4.50
CA CYS C 83 13.84 15.33 4.84
C CYS C 83 13.09 14.72 6.01
N PHE C 84 12.82 13.41 5.95
CA PHE C 84 11.92 12.74 6.87
C PHE C 84 12.66 11.60 7.56
N TYR C 85 12.53 11.56 8.88
CA TYR C 85 13.16 10.55 9.72
C TYR C 85 12.11 9.80 10.52
N PHE C 86 12.29 8.49 10.65
CA PHE C 86 11.47 7.65 11.51
C PHE C 86 12.27 7.35 12.76
N THR C 87 11.74 7.76 13.92
CA THR C 87 12.44 7.51 15.17
C THR C 87 12.66 6.02 15.38
N LYS C 88 13.89 5.64 15.73
CA LYS C 88 14.18 4.23 15.92
C LYS C 88 13.53 3.71 17.20
N LYS C 89 13.58 4.50 18.26
CA LYS C 89 12.93 4.12 19.52
C LYS C 89 11.49 4.60 19.52
N LYS C 90 10.57 3.72 19.90
CA LYS C 90 9.17 4.10 20.02
C LYS C 90 8.98 5.07 21.18
N HIS C 91 8.05 6.00 21.03
CA HIS C 91 7.82 7.03 22.04
C HIS C 91 6.33 7.29 22.19
N THR C 92 5.98 8.06 23.21
CA THR C 92 4.62 8.55 23.35
C THR C 92 4.34 9.61 22.29
N TRP C 93 3.06 9.81 22.00
CA TRP C 93 2.68 10.78 20.98
C TRP C 93 3.14 12.19 21.36
N ASN C 94 2.73 12.66 22.55
CA ASN C 94 3.09 13.99 22.99
C ASN C 94 4.60 14.13 23.14
N GLY C 95 5.23 13.18 23.84
CA GLY C 95 6.66 13.25 24.07
C GLY C 95 7.48 13.31 22.80
N CYS C 96 6.89 12.94 21.67
CA CYS C 96 7.62 12.99 20.40
C CYS C 96 7.95 14.41 19.99
N PHE C 97 7.16 15.39 20.44
CA PHE C 97 7.56 16.78 20.27
C PHE C 97 9.01 16.97 20.71
N GLN C 98 9.35 16.39 21.87
CA GLN C 98 10.74 16.41 22.31
C GLN C 98 11.59 15.47 21.45
N ALA C 99 11.07 14.26 21.18
CA ALA C 99 11.88 13.22 20.54
C ALA C 99 12.36 13.62 19.16
N CYS C 100 11.67 14.53 18.49
CA CYS C 100 12.11 14.98 17.18
C CYS C 100 13.19 16.04 17.32
N ALA C 101 13.05 16.94 18.28
CA ALA C 101 14.04 18.00 18.46
C ALA C 101 15.40 17.43 18.88
N GLU C 102 15.39 16.44 19.76
CA GLU C 102 16.64 15.87 20.25
C GLU C 102 17.31 14.94 19.24
N LEU C 103 16.57 14.48 18.23
CA LEU C 103 17.13 13.54 17.27
C LEU C 103 18.23 14.20 16.45
N TYR C 104 17.85 15.14 15.59
CA TYR C 104 18.77 15.87 14.73
C TYR C 104 18.47 17.35 14.82
N PRO C 105 19.46 18.20 14.53
CA PRO C 105 19.22 19.65 14.58
C PRO C 105 18.13 20.07 13.61
N CYS C 106 17.28 21.00 14.06
CA CYS C 106 16.23 21.60 13.23
C CYS C 106 15.27 20.54 12.70
N THR C 107 14.81 19.67 13.60
CA THR C 107 13.87 18.62 13.28
C THR C 107 12.65 18.74 14.20
N TYR C 108 11.46 18.46 13.66
CA TYR C 108 10.25 18.65 14.45
C TYR C 108 9.14 17.71 14.00
N PHE C 109 8.16 17.55 14.90
CA PHE C 109 6.98 16.72 14.66
C PHE C 109 6.17 17.28 13.51
N TYR C 110 5.83 16.42 12.54
CA TYR C 110 5.22 16.84 11.30
C TYR C 110 3.81 16.29 11.11
N GLY C 111 2.98 17.07 10.42
CA GLY C 111 1.69 16.64 9.93
C GLY C 111 1.79 16.40 8.44
N PRO C 112 1.41 15.19 8.03
CA PRO C 112 1.87 14.67 6.73
C PRO C 112 1.20 15.17 5.46
N THR C 113 -0.12 15.42 5.48
CA THR C 113 -0.83 15.69 4.24
C THR C 113 -0.34 16.90 3.44
N PRO C 114 0.17 17.99 4.01
CA PRO C 114 0.72 19.06 3.16
C PRO C 114 1.84 18.57 2.28
N ASP C 115 2.59 17.57 2.73
CA ASP C 115 3.60 16.90 1.92
C ASP C 115 3.00 15.77 1.12
N ILE C 116 1.75 15.41 1.40
CA ILE C 116 1.05 14.25 0.84
C ILE C 116 1.71 13.04 1.51
N LEU C 117 0.92 12.35 2.34
CA LEU C 117 1.30 11.18 3.14
C LEU C 117 1.41 9.86 2.37
N PRO C 118 0.79 9.67 1.17
CA PRO C 118 1.05 8.44 0.42
C PRO C 118 2.51 8.03 0.36
N VAL C 119 3.45 8.98 0.31
CA VAL C 119 4.86 8.58 0.28
C VAL C 119 5.27 8.02 1.64
N VAL C 120 4.88 8.70 2.72
CA VAL C 120 5.13 8.21 4.07
C VAL C 120 4.56 6.79 4.23
N THR C 121 3.28 6.63 3.90
CA THR C 121 2.66 5.31 4.01
C THR C 121 3.33 4.29 3.10
N ARG C 122 3.99 4.73 2.03
CA ARG C 122 4.70 3.80 1.16
C ARG C 122 5.91 3.20 1.87
N ASN C 123 6.61 4.01 2.68
CA ASN C 123 7.83 3.57 3.36
C ASN C 123 7.55 2.91 4.70
N LEU C 124 6.43 2.22 4.84
CA LEU C 124 6.07 1.54 6.08
C LEU C 124 5.82 0.06 5.80
N ASN C 125 5.88 -0.74 6.87
CA ASN C 125 5.46 -2.13 6.78
C ASN C 125 3.94 -2.22 6.84
N ALA C 126 3.42 -3.43 6.63
CA ALA C 126 1.99 -3.66 6.58
C ALA C 126 1.38 -3.97 7.93
N ILE C 127 1.96 -3.44 9.01
CA ILE C 127 1.43 -3.66 10.35
C ILE C 127 1.92 -2.58 11.29
N GLU C 128 3.06 -1.96 10.97
CA GLU C 128 3.64 -0.95 11.83
C GLU C 128 2.90 0.37 11.69
N SER C 129 2.65 1.01 12.83
CA SER C 129 2.01 2.32 12.89
C SER C 129 3.05 3.42 13.05
N LEU C 130 2.59 4.67 12.93
CA LEU C 130 3.48 5.82 13.03
C LEU C 130 2.71 7.03 13.55
N TRP C 131 3.12 7.56 14.70
CA TRP C 131 2.54 8.80 15.20
C TRP C 131 2.85 9.94 14.24
N VAL C 132 1.83 10.73 13.92
CA VAL C 132 2.03 11.90 13.07
C VAL C 132 1.57 13.13 13.83
N GLY C 133 2.02 14.29 13.35
CA GLY C 133 1.90 15.51 14.13
C GLY C 133 0.79 16.47 13.76
N VAL C 134 -0.43 15.98 13.57
CA VAL C 134 -1.61 16.84 13.44
C VAL C 134 -2.47 16.62 14.67
N TYR C 135 -2.93 17.71 15.27
CA TYR C 135 -3.58 17.67 16.57
C TYR C 135 -4.72 18.68 16.60
N ARG C 136 -5.34 18.82 17.77
CA ARG C 136 -6.31 19.89 18.00
C ARG C 136 -6.28 20.24 19.48
N VAL C 137 -5.88 21.48 19.77
CA VAL C 137 -5.68 21.90 21.16
C VAL C 137 -7.01 21.96 21.90
N GLY C 138 -7.96 22.73 21.38
CA GLY C 138 -9.29 22.79 21.97
C GLY C 138 -10.25 21.87 21.25
N GLU C 139 -11.38 22.42 20.81
CA GLU C 139 -12.34 21.69 19.99
C GLU C 139 -12.41 22.24 18.58
N GLY C 140 -11.36 22.93 18.13
CA GLY C 140 -11.32 23.55 16.82
C GLY C 140 -10.82 22.63 15.74
N ASN C 141 -10.13 23.20 14.77
CA ASN C 141 -9.65 22.46 13.61
C ASN C 141 -8.43 21.60 13.95
N TRP C 142 -8.24 20.55 13.17
CA TRP C 142 -7.05 19.73 13.26
C TRP C 142 -5.90 20.46 12.56
N THR C 143 -4.80 20.70 13.29
CA THR C 143 -3.69 21.47 12.75
C THR C 143 -2.38 20.84 13.16
N SER C 144 -1.29 21.33 12.55
CA SER C 144 0.07 20.89 12.82
C SER C 144 0.92 22.11 13.17
N LEU C 145 2.20 21.86 13.46
CA LEU C 145 3.13 22.97 13.67
C LEU C 145 3.24 23.83 12.42
N ASP C 146 3.18 23.21 11.24
CA ASP C 146 3.17 23.97 10.01
C ASP C 146 1.88 24.77 9.82
N GLY C 147 0.82 24.41 10.53
CA GLY C 147 -0.43 25.15 10.45
C GLY C 147 -1.40 24.57 9.45
N GLY C 148 -2.48 25.33 9.23
CA GLY C 148 -3.52 24.92 8.31
C GLY C 148 -4.54 23.98 8.93
N THR C 149 -5.45 23.52 8.08
CA THR C 149 -6.50 22.59 8.48
C THR C 149 -6.27 21.24 7.81
N PHE C 150 -6.83 20.20 8.42
CA PHE C 150 -6.62 18.83 7.99
C PHE C 150 -7.93 18.06 7.95
N LYS C 151 -8.10 17.25 6.92
CA LYS C 151 -9.12 16.22 6.96
C LYS C 151 -8.57 15.05 7.74
N VAL C 152 -9.33 14.58 8.74
CA VAL C 152 -8.89 13.52 9.63
C VAL C 152 -10.01 12.49 9.76
N TYR C 153 -9.63 11.22 9.76
CA TYR C 153 -10.58 10.15 10.05
C TYR C 153 -10.62 9.97 11.57
N GLN C 154 -11.40 10.84 12.20
CA GLN C 154 -11.51 10.88 13.65
C GLN C 154 -12.68 10.01 14.08
N ILE C 155 -12.42 9.08 15.00
CA ILE C 155 -13.44 8.17 15.50
C ILE C 155 -13.41 8.13 17.02
N PHE C 156 -12.36 8.68 17.61
CA PHE C 156 -12.29 8.78 19.06
C PHE C 156 -12.18 10.25 19.46
N GLY C 157 -12.45 10.51 20.74
CA GLY C 157 -12.43 11.87 21.25
C GLY C 157 -11.07 12.51 21.31
N SER C 158 -10.01 11.72 21.16
CA SER C 158 -8.68 12.17 21.54
C SER C 158 -8.13 13.18 20.54
N HIS C 159 -6.90 13.62 20.81
CA HIS C 159 -6.21 14.63 20.01
C HIS C 159 -5.05 14.09 19.20
N CYS C 160 -4.67 12.82 19.39
CA CYS C 160 -3.49 12.27 18.77
C CYS C 160 -3.86 11.53 17.48
N THR C 161 -2.86 11.25 16.66
CA THR C 161 -3.11 10.66 15.36
C THR C 161 -1.95 9.78 14.93
N TYR C 162 -2.29 8.71 14.22
CA TYR C 162 -1.32 7.76 13.69
C TYR C 162 -1.63 7.50 12.22
N VAL C 163 -0.68 6.85 11.55
CA VAL C 163 -0.84 6.43 10.18
C VAL C 163 -0.33 4.99 10.06
N SER C 164 -0.86 4.26 9.10
CA SER C 164 -0.44 2.90 8.80
C SER C 164 -0.22 2.76 7.29
N LYS C 165 0.25 1.58 6.88
CA LYS C 165 0.52 1.34 5.46
C LYS C 165 -0.72 1.60 4.62
N PHE C 166 -1.88 1.19 5.10
CA PHE C 166 -3.12 1.29 4.35
C PHE C 166 -3.87 2.59 4.62
N SER C 167 -3.33 3.46 5.47
CA SER C 167 -4.02 4.70 5.81
C SER C 167 -4.06 5.63 4.62
N THR C 168 -5.23 6.24 4.41
CA THR C 168 -5.41 7.26 3.39
C THR C 168 -5.33 8.67 3.95
N VAL C 169 -5.68 8.83 5.22
CA VAL C 169 -5.80 10.11 5.90
C VAL C 169 -5.34 9.88 7.34
N PRO C 170 -4.83 10.89 8.04
CA PRO C 170 -4.50 10.71 9.46
C PRO C 170 -5.70 10.21 10.26
N VAL C 171 -5.44 9.23 11.12
CA VAL C 171 -6.49 8.57 11.90
C VAL C 171 -6.28 8.89 13.37
N SER C 172 -7.35 9.33 14.03
CA SER C 172 -7.26 9.61 15.46
C SER C 172 -7.11 8.31 16.24
N HIS C 173 -6.29 8.36 17.28
CA HIS C 173 -6.07 7.21 18.16
C HIS C 173 -6.85 7.36 19.45
N HIS C 174 -7.06 6.24 20.12
CA HIS C 174 -7.87 6.22 21.34
C HIS C 174 -7.03 6.42 22.60
N GLU C 175 -5.82 5.87 22.64
CA GLU C 175 -4.93 6.03 23.78
C GLU C 175 -3.60 6.58 23.28
N CYS C 176 -3.33 7.86 23.57
CA CYS C 176 -2.11 8.52 23.12
C CYS C 176 -0.89 8.13 23.94
N SER C 177 -1.04 7.23 24.91
CA SER C 177 0.08 6.74 25.68
C SER C 177 0.78 5.57 25.02
N PHE C 178 0.20 5.00 23.96
CA PHE C 178 0.81 3.85 23.28
C PHE C 178 2.16 4.23 22.69
N LEU C 179 3.08 3.28 22.68
CA LEU C 179 4.42 3.49 22.16
C LEU C 179 4.44 3.18 20.67
N LYS C 180 4.83 4.17 19.87
CA LYS C 180 4.94 4.03 18.43
C LYS C 180 6.08 4.91 17.95
N PRO C 181 6.69 4.60 16.81
CA PRO C 181 7.69 5.50 16.23
C PRO C 181 7.05 6.81 15.81
N CYS C 182 7.90 7.76 15.40
CA CYS C 182 7.42 9.09 15.10
C CYS C 182 8.03 9.62 13.81
N LEU C 183 7.23 10.42 13.12
CA LEU C 183 7.61 11.03 11.86
C LEU C 183 8.14 12.43 12.15
N CYS C 184 9.43 12.65 11.90
CA CYS C 184 10.04 13.95 12.15
C CYS C 184 10.60 14.50 10.86
N VAL C 185 10.63 15.82 10.75
CA VAL C 185 11.00 16.48 9.51
C VAL C 185 12.07 17.52 9.74
N SER C 186 12.89 17.72 8.72
CA SER C 186 13.86 18.80 8.66
C SER C 186 13.67 19.54 7.35
N GLN C 187 13.69 20.87 7.44
CA GLN C 187 13.40 21.75 6.31
C GLN C 187 14.68 22.06 5.53
N ARG C 188 14.49 22.45 4.27
CA ARG C 188 15.59 22.88 3.42
C ARG C 188 15.45 24.30 2.91
N SER C 189 14.31 24.96 3.11
CA SER C 189 14.09 26.31 2.64
C SER C 189 14.92 27.33 3.42
N ALA D 2 -56.90 -37.02 -19.37
CA ALA D 2 -58.04 -36.14 -19.49
C ALA D 2 -59.32 -36.84 -19.03
N SER D 3 -59.30 -37.40 -17.81
CA SER D 3 -60.40 -38.19 -17.28
C SER D 3 -60.35 -38.14 -15.75
N LEU D 4 -60.86 -37.05 -15.20
CA LEU D 4 -60.84 -36.80 -13.76
C LEU D 4 -62.25 -36.67 -13.25
N SER D 5 -62.48 -37.16 -12.04
CA SER D 5 -63.80 -37.14 -11.43
C SER D 5 -63.80 -36.48 -10.07
N GLU D 6 -63.33 -37.20 -9.05
CA GLU D 6 -63.33 -36.69 -7.68
C GLU D 6 -62.34 -37.50 -6.86
N VAL D 7 -62.05 -37.01 -5.66
CA VAL D 7 -61.17 -37.73 -4.74
C VAL D 7 -61.58 -37.43 -3.30
N LYS D 8 -61.26 -38.36 -2.41
CA LYS D 8 -61.60 -38.25 -1.00
C LYS D 8 -60.32 -38.28 -0.17
N LEU D 9 -60.17 -37.30 0.72
CA LEU D 9 -59.02 -37.19 1.61
C LEU D 9 -59.43 -37.58 3.02
N HIS D 10 -58.70 -38.53 3.61
CA HIS D 10 -58.90 -38.97 4.99
C HIS D 10 -57.82 -38.37 5.87
N LEU D 11 -58.21 -37.96 7.08
CA LEU D 11 -57.28 -37.30 7.99
C LEU D 11 -57.56 -37.80 9.40
N ASP D 12 -56.56 -37.69 10.27
CA ASP D 12 -56.61 -38.21 11.62
C ASP D 12 -56.45 -37.06 12.61
N ILE D 13 -57.49 -36.24 12.75
CA ILE D 13 -57.48 -35.19 13.77
C ILE D 13 -57.36 -35.85 15.15
N GLU D 14 -56.83 -35.08 16.11
CA GLU D 14 -56.61 -35.62 17.44
C GLU D 14 -57.91 -36.09 18.08
N GLY D 15 -59.01 -35.36 17.86
CA GLY D 15 -60.30 -35.83 18.36
C GLY D 15 -60.71 -37.15 17.74
N HIS D 16 -60.74 -37.21 16.41
CA HIS D 16 -61.01 -38.42 15.65
C HIS D 16 -60.84 -38.07 14.18
N ALA D 17 -60.88 -39.10 13.34
CA ALA D 17 -60.67 -38.94 11.90
C ALA D 17 -61.70 -38.01 11.28
N SER D 18 -61.36 -37.48 10.11
CA SER D 18 -62.23 -36.57 9.38
C SER D 18 -62.03 -36.82 7.89
N HIS D 19 -62.96 -36.29 7.09
CA HIS D 19 -62.98 -36.52 5.65
C HIS D 19 -63.13 -35.21 4.90
N TYR D 20 -62.66 -35.22 3.65
CA TYR D 20 -62.78 -34.08 2.76
C TYR D 20 -63.04 -34.58 1.34
N THR D 21 -64.08 -34.05 0.69
CA THR D 21 -64.44 -34.46 -0.65
C THR D 21 -63.99 -33.38 -1.64
N ILE D 22 -62.96 -33.67 -2.41
CA ILE D 22 -62.42 -32.74 -3.40
C ILE D 22 -63.02 -33.08 -4.76
N PRO D 23 -63.86 -32.21 -5.34
CA PRO D 23 -64.39 -32.49 -6.68
C PRO D 23 -63.46 -31.97 -7.79
N TRP D 24 -62.83 -32.91 -8.51
CA TRP D 24 -61.87 -32.54 -9.54
C TRP D 24 -62.53 -31.91 -10.77
N THR D 25 -63.80 -32.24 -11.04
CA THR D 25 -64.51 -31.72 -12.21
C THR D 25 -64.63 -30.19 -12.27
N GLU D 26 -65.40 -29.60 -11.37
CA GLU D 26 -65.75 -28.19 -11.48
C GLU D 26 -64.52 -27.28 -11.59
N LEU D 27 -63.42 -27.66 -10.94
CA LEU D 27 -62.21 -26.84 -10.96
C LEU D 27 -61.58 -26.78 -12.35
N MET D 28 -61.74 -27.84 -13.16
CA MET D 28 -61.14 -27.82 -14.49
C MET D 28 -61.84 -26.81 -15.40
N ALA D 29 -63.16 -26.69 -15.29
CA ALA D 29 -63.88 -25.70 -16.07
C ALA D 29 -63.85 -24.32 -15.45
N LYS D 30 -63.62 -24.21 -14.15
CA LYS D 30 -63.59 -22.91 -13.50
C LYS D 30 -62.23 -22.24 -13.62
N VAL D 31 -61.15 -23.01 -13.53
CA VAL D 31 -59.81 -22.44 -13.65
C VAL D 31 -59.09 -23.07 -14.84
N PRO D 32 -59.13 -22.42 -16.01
CA PRO D 32 -58.47 -23.00 -17.18
C PRO D 32 -56.95 -23.06 -16.99
N GLY D 33 -56.33 -23.89 -17.82
CA GLY D 33 -54.89 -24.09 -17.75
C GLY D 33 -54.42 -25.03 -16.67
N LEU D 34 -55.30 -25.46 -15.77
CA LEU D 34 -54.91 -26.37 -14.71
C LEU D 34 -54.61 -27.76 -15.28
N SER D 35 -53.51 -28.35 -14.84
CA SER D 35 -53.13 -29.70 -15.28
C SER D 35 -52.66 -30.50 -14.07
N PRO D 36 -53.61 -31.08 -13.32
CA PRO D 36 -53.22 -31.81 -12.10
C PRO D 36 -52.25 -32.96 -12.35
N GLU D 37 -52.31 -33.61 -13.51
CA GLU D 37 -51.40 -34.73 -13.76
C GLU D 37 -49.95 -34.25 -13.91
N ALA D 38 -49.76 -33.06 -14.50
CA ALA D 38 -48.41 -32.51 -14.61
C ALA D 38 -47.81 -32.23 -13.24
N LEU D 39 -48.59 -31.58 -12.36
CA LEU D 39 -48.10 -31.31 -11.02
C LEU D 39 -47.94 -32.60 -10.20
N TRP D 40 -48.78 -33.61 -10.47
CA TRP D 40 -48.60 -34.90 -9.82
C TRP D 40 -47.28 -35.53 -10.21
N ARG D 41 -46.90 -35.43 -11.50
CA ARG D 41 -45.59 -35.90 -11.92
C ARG D 41 -44.48 -35.08 -11.27
N GLU D 42 -44.69 -33.77 -11.15
CA GLU D 42 -43.69 -32.91 -10.52
C GLU D 42 -43.45 -33.31 -9.07
N ALA D 43 -44.52 -33.62 -8.33
CA ALA D 43 -44.42 -33.95 -6.91
C ALA D 43 -43.80 -35.32 -6.63
N ASN D 44 -43.59 -36.17 -7.65
CA ASN D 44 -42.97 -37.48 -7.48
C ASN D 44 -43.86 -38.43 -6.67
N VAL D 45 -44.25 -38.00 -5.47
CA VAL D 45 -45.05 -38.73 -4.48
C VAL D 45 -44.48 -40.10 -4.14
N THR D 46 -43.93 -40.82 -5.12
CA THR D 46 -43.29 -42.09 -4.84
C THR D 46 -41.82 -41.92 -4.49
N GLU D 47 -41.45 -40.74 -3.97
CA GLU D 47 -40.09 -40.46 -3.58
C GLU D 47 -39.76 -41.18 -2.28
N ASP D 48 -38.62 -41.86 -2.24
CA ASP D 48 -38.17 -42.46 -0.99
C ASP D 48 -37.73 -41.35 -0.04
N LEU D 49 -38.00 -41.54 1.26
CA LEU D 49 -37.72 -40.51 2.25
C LEU D 49 -36.26 -40.07 2.21
N ALA D 50 -35.34 -40.98 1.91
CA ALA D 50 -33.94 -40.64 1.84
C ALA D 50 -33.67 -39.60 0.75
N SER D 51 -34.24 -39.83 -0.45
CA SER D 51 -34.01 -38.89 -1.55
C SER D 51 -34.66 -37.53 -1.28
N MET D 52 -35.83 -37.51 -0.65
CA MET D 52 -36.43 -36.27 -0.20
C MET D 52 -35.49 -35.51 0.72
N LEU D 53 -34.97 -36.20 1.75
CA LEU D 53 -34.06 -35.56 2.68
C LEU D 53 -32.80 -35.08 1.96
N ASN D 54 -32.34 -35.82 0.96
CA ASN D 54 -31.15 -35.43 0.22
C ASN D 54 -31.40 -34.13 -0.56
N ARG D 55 -32.54 -34.06 -1.25
CA ARG D 55 -32.93 -32.82 -1.92
C ARG D 55 -32.93 -31.66 -0.93
N TYR D 56 -33.56 -31.86 0.22
CA TYR D 56 -33.55 -30.82 1.24
C TYR D 56 -32.12 -30.46 1.62
N LYS D 57 -31.26 -31.47 1.74
CA LYS D 57 -29.89 -31.25 2.20
C LYS D 57 -29.00 -30.58 1.16
N LEU D 58 -29.44 -30.46 -0.08
CA LEU D 58 -28.60 -29.78 -1.08
C LEU D 58 -28.94 -28.31 -1.27
N ILE D 59 -30.16 -27.88 -0.92
CA ILE D 59 -30.59 -26.50 -1.10
C ILE D 59 -30.16 -25.67 0.10
N TYR D 60 -29.52 -24.52 -0.17
CA TYR D 60 -29.10 -23.61 0.90
C TYR D 60 -30.29 -23.12 1.70
N LYS D 61 -30.16 -23.20 3.02
CA LYS D 61 -31.16 -22.68 3.94
C LYS D 61 -30.58 -21.52 4.73
N THR D 62 -31.38 -20.47 4.90
CA THR D 62 -30.90 -19.28 5.58
C THR D 62 -30.57 -19.57 7.04
N SER D 63 -29.59 -18.86 7.58
CA SER D 63 -29.20 -19.02 8.98
C SER D 63 -29.94 -18.02 9.86
N GLY D 64 -31.25 -18.05 9.77
CA GLY D 64 -32.03 -17.13 10.57
C GLY D 64 -32.69 -16.06 9.73
N THR D 65 -33.88 -15.63 10.16
CA THR D 65 -34.70 -14.67 9.44
C THR D 65 -34.71 -13.35 10.21
N LEU D 66 -34.19 -12.30 9.60
CA LEU D 66 -34.23 -10.98 10.23
C LEU D 66 -35.68 -10.52 10.35
N GLY D 67 -36.22 -10.52 11.57
CA GLY D 67 -37.59 -10.09 11.76
C GLY D 67 -37.70 -8.59 11.95
N ILE D 68 -37.63 -7.85 10.86
CA ILE D 68 -37.64 -6.40 10.90
C ILE D 68 -39.08 -5.90 10.77
N ALA D 69 -39.31 -4.68 11.25
CA ALA D 69 -40.63 -4.05 11.24
C ALA D 69 -40.59 -2.82 10.32
N LEU D 70 -41.09 -2.98 9.09
CA LEU D 70 -41.13 -1.91 8.11
C LEU D 70 -42.57 -1.59 7.74
N ALA D 71 -42.78 -0.37 7.21
CA ALA D 71 -44.10 0.13 6.90
C ALA D 71 -44.21 0.48 5.43
N GLU D 72 -45.33 0.09 4.82
CA GLU D 72 -45.57 0.40 3.41
C GLU D 72 -45.82 1.90 3.23
N PRO D 73 -45.29 2.50 2.16
CA PRO D 73 -45.42 3.95 1.97
C PRO D 73 -46.79 4.32 1.41
N VAL D 74 -47.01 5.63 1.32
CA VAL D 74 -48.21 6.20 0.71
C VAL D 74 -47.85 6.56 -0.73
N ASP D 75 -47.97 5.59 -1.63
CA ASP D 75 -47.62 5.81 -3.04
C ASP D 75 -48.80 6.34 -3.83
N ILE D 76 -49.64 5.44 -4.33
CA ILE D 76 -50.81 5.84 -5.12
C ILE D 76 -51.74 6.67 -4.25
N PRO D 77 -52.05 7.90 -4.65
CA PRO D 77 -52.85 8.79 -3.80
C PRO D 77 -54.33 8.39 -3.84
N ALA D 78 -55.14 9.19 -3.15
CA ALA D 78 -56.56 8.96 -3.11
C ALA D 78 -57.20 9.52 -4.38
N VAL D 79 -58.36 8.96 -4.74
CA VAL D 79 -59.03 9.36 -5.97
C VAL D 79 -59.39 10.84 -5.88
N SER D 80 -58.86 11.62 -6.81
CA SER D 80 -59.12 13.06 -6.86
C SER D 80 -60.57 13.35 -7.22
N GLU D 81 -61.18 14.28 -6.49
CA GLU D 81 -62.56 14.68 -6.75
C GLU D 81 -62.74 15.13 -8.19
N GLY D 82 -63.58 14.43 -8.93
CA GLY D 82 -63.86 14.81 -10.31
C GLY D 82 -62.94 14.19 -11.34
N SER D 83 -62.34 13.04 -11.05
CA SER D 83 -61.38 12.42 -11.95
C SER D 83 -62.10 11.55 -12.98
N MET D 84 -61.73 11.72 -14.25
CA MET D 84 -62.25 10.90 -15.34
C MET D 84 -61.59 9.53 -15.30
N GLN D 85 -62.39 8.47 -15.13
CA GLN D 85 -61.90 7.11 -15.14
C GLN D 85 -61.63 6.69 -16.58
N VAL D 86 -60.37 6.43 -16.91
CA VAL D 86 -59.96 6.14 -18.29
C VAL D 86 -59.56 4.68 -18.42
N ASP D 87 -60.24 3.96 -19.34
CA ASP D 87 -59.88 2.59 -19.69
C ASP D 87 -58.70 2.58 -20.66
N ALA D 88 -57.65 1.83 -20.30
CA ALA D 88 -56.44 1.80 -21.11
C ALA D 88 -56.71 1.29 -22.52
N SER D 89 -57.59 0.30 -22.66
CA SER D 89 -57.92 -0.21 -23.99
C SER D 89 -58.81 0.75 -24.75
N LYS D 90 -59.77 1.37 -24.07
CA LYS D 90 -60.70 2.29 -24.69
C LYS D 90 -60.23 3.73 -24.47
N VAL D 91 -59.15 4.08 -25.16
CA VAL D 91 -58.59 5.43 -25.09
C VAL D 91 -59.21 6.23 -26.21
N HIS D 92 -60.32 6.91 -25.91
CA HIS D 92 -60.90 7.71 -26.97
C HIS D 92 -60.34 9.14 -26.93
N PRO D 93 -60.03 9.70 -28.10
CA PRO D 93 -59.41 11.03 -28.15
C PRO D 93 -60.18 12.15 -27.45
N GLY D 94 -61.43 11.92 -27.04
CA GLY D 94 -62.12 13.05 -26.43
C GLY D 94 -62.28 12.95 -24.93
N VAL D 95 -61.25 12.42 -24.28
CA VAL D 95 -61.15 12.48 -22.83
C VAL D 95 -60.89 13.93 -22.41
N ILE D 96 -61.04 14.20 -21.12
CA ILE D 96 -60.88 15.56 -20.62
C ILE D 96 -59.47 16.07 -20.95
N SER D 97 -59.41 17.18 -21.69
CA SER D 97 -58.18 17.77 -22.17
C SER D 97 -57.72 18.89 -21.23
N GLY D 98 -56.41 19.09 -21.18
CA GLY D 98 -55.83 20.12 -20.33
C GLY D 98 -54.99 19.53 -19.22
N LEU D 99 -53.85 20.14 -18.94
CA LEU D 99 -52.98 19.66 -17.86
C LEU D 99 -53.66 19.81 -16.50
N ASN D 100 -54.58 20.77 -16.36
CA ASN D 100 -55.30 20.96 -15.11
C ASN D 100 -56.44 19.97 -14.95
N SER D 101 -56.64 19.08 -15.90
CA SER D 101 -57.77 18.17 -15.88
C SER D 101 -57.58 17.07 -14.84
N PRO D 102 -58.55 16.83 -13.96
CA PRO D 102 -58.48 15.67 -13.06
C PRO D 102 -58.82 14.38 -13.81
N ALA D 103 -57.92 13.40 -13.72
CA ALA D 103 -58.10 12.14 -14.44
C ALA D 103 -57.42 11.03 -13.66
N CYS D 104 -57.99 9.83 -13.73
CA CYS D 104 -57.41 8.66 -13.10
C CYS D 104 -57.55 7.47 -14.05
N MET D 105 -56.48 6.68 -14.17
CA MET D 105 -56.48 5.59 -15.14
C MET D 105 -56.89 4.28 -14.47
N LEU D 106 -57.87 3.59 -15.04
CA LEU D 106 -58.42 2.42 -14.38
C LEU D 106 -57.35 1.33 -14.21
N SER D 107 -57.39 0.67 -13.06
CA SER D 107 -56.30 -0.20 -12.66
C SER D 107 -56.26 -1.49 -13.46
N ALA D 108 -57.38 -2.22 -13.52
CA ALA D 108 -57.37 -3.54 -14.14
C ALA D 108 -56.93 -3.54 -15.59
N PRO D 109 -57.48 -2.70 -16.49
CA PRO D 109 -56.96 -2.67 -17.86
C PRO D 109 -55.48 -2.33 -17.92
N LEU D 110 -55.03 -1.41 -17.06
CA LEU D 110 -53.62 -1.04 -17.03
C LEU D 110 -52.75 -2.23 -16.68
N GLU D 111 -53.15 -2.98 -15.65
CA GLU D 111 -52.44 -4.20 -15.29
C GLU D 111 -52.41 -5.18 -16.46
N LYS D 112 -53.54 -5.33 -17.15
CA LYS D 112 -53.58 -6.23 -18.29
C LYS D 112 -52.66 -5.76 -19.43
N GLN D 113 -52.36 -4.47 -19.48
CA GLN D 113 -51.47 -3.96 -20.53
C GLN D 113 -50.01 -4.11 -20.13
N LEU D 114 -49.67 -3.79 -18.88
CA LEU D 114 -48.30 -3.96 -18.42
C LEU D 114 -47.91 -5.43 -18.43
N PHE D 115 -48.80 -6.30 -17.96
CA PHE D 115 -48.55 -7.73 -17.95
C PHE D 115 -49.34 -8.42 -19.06
N TYR D 116 -49.10 -7.99 -20.30
CA TYR D 116 -49.69 -8.66 -21.45
C TYR D 116 -49.01 -9.99 -21.72
N TYR D 117 -47.69 -10.00 -21.65
CA TYR D 117 -46.91 -11.19 -22.00
C TYR D 117 -47.08 -12.28 -20.95
N ILE D 118 -47.26 -13.52 -21.42
CA ILE D 118 -47.29 -14.70 -20.58
C ILE D 118 -46.00 -15.47 -20.82
N GLY D 119 -45.56 -16.24 -19.83
CA GLY D 119 -44.40 -17.08 -20.03
C GLY D 119 -44.07 -17.85 -18.78
N THR D 120 -43.04 -18.69 -18.90
CA THR D 120 -42.61 -19.54 -17.80
C THR D 120 -41.75 -18.72 -16.85
N MET D 121 -42.21 -18.54 -15.61
CA MET D 121 -41.39 -17.86 -14.61
C MET D 121 -40.55 -18.89 -13.84
N LEU D 122 -41.22 -19.75 -13.08
CA LEU D 122 -40.57 -20.83 -12.33
C LEU D 122 -40.20 -21.94 -13.29
N PRO D 123 -38.90 -22.19 -13.54
CA PRO D 123 -38.51 -23.12 -14.60
C PRO D 123 -38.29 -24.54 -14.11
N ASN D 124 -37.97 -25.42 -15.06
CA ASN D 124 -37.44 -26.76 -14.76
C ASN D 124 -35.92 -26.77 -14.84
N THR D 125 -35.32 -25.77 -14.17
CA THR D 125 -33.88 -25.58 -14.15
C THR D 125 -33.41 -25.66 -12.70
N ARG D 126 -32.62 -26.68 -12.38
CA ARG D 126 -32.02 -26.81 -11.07
C ARG D 126 -31.29 -25.51 -10.72
N PRO D 127 -31.59 -24.88 -9.57
CA PRO D 127 -32.17 -25.50 -8.37
C PRO D 127 -33.67 -25.33 -8.21
N HIS D 128 -34.30 -24.55 -9.09
CA HIS D 128 -35.71 -24.25 -8.91
C HIS D 128 -36.60 -25.48 -9.05
N SER D 129 -36.17 -26.46 -9.86
CA SER D 129 -36.94 -27.68 -10.03
C SER D 129 -37.22 -28.36 -8.70
N TYR D 130 -36.25 -28.35 -7.78
CA TYR D 130 -36.43 -29.05 -6.51
C TYR D 130 -37.40 -28.31 -5.60
N VAL D 131 -37.35 -26.98 -5.61
CA VAL D 131 -38.00 -26.19 -4.56
C VAL D 131 -39.40 -25.78 -4.96
N PHE D 132 -39.58 -25.27 -6.17
CA PHE D 132 -40.84 -24.70 -6.60
C PHE D 132 -41.59 -25.65 -7.51
N TYR D 133 -42.92 -25.52 -7.51
CA TYR D 133 -43.72 -26.15 -8.55
C TYR D 133 -43.72 -25.22 -9.76
N GLN D 134 -43.35 -25.76 -10.92
CA GLN D 134 -43.21 -24.94 -12.13
C GLN D 134 -44.47 -24.11 -12.40
N LEU D 135 -44.25 -22.85 -12.76
CA LEU D 135 -45.37 -21.92 -12.95
C LEU D 135 -45.17 -21.09 -14.21
N ARG D 136 -46.20 -21.07 -15.06
CA ARG D 136 -46.26 -20.20 -16.23
C ARG D 136 -47.36 -19.18 -15.97
N CYS D 137 -47.01 -17.89 -16.01
CA CYS D 137 -47.96 -16.84 -15.68
C CYS D 137 -47.63 -15.59 -16.47
N HIS D 138 -48.49 -14.59 -16.33
CA HIS D 138 -48.25 -13.27 -16.93
C HIS D 138 -47.04 -12.64 -16.26
N LEU D 139 -46.01 -12.32 -17.04
CA LEU D 139 -44.74 -11.84 -16.50
C LEU D 139 -44.34 -10.49 -17.11
N SER D 140 -43.25 -9.95 -16.56
CA SER D 140 -42.46 -8.92 -17.21
C SER D 140 -41.02 -9.16 -16.80
N TYR D 141 -40.07 -9.06 -17.74
CA TYR D 141 -38.70 -9.40 -17.40
C TYR D 141 -37.74 -8.27 -17.72
N VAL D 142 -36.72 -8.13 -16.88
CA VAL D 142 -35.55 -7.32 -17.16
C VAL D 142 -34.35 -8.25 -17.20
N ALA D 143 -33.59 -8.23 -18.29
CA ALA D 143 -32.55 -9.24 -18.43
C ALA D 143 -31.29 -8.64 -19.05
N LEU D 144 -30.13 -9.07 -18.53
CA LEU D 144 -28.84 -8.63 -19.04
C LEU D 144 -27.84 -9.79 -19.03
N SER D 145 -26.78 -9.63 -19.82
CA SER D 145 -25.66 -10.57 -19.87
C SER D 145 -24.37 -9.79 -20.04
N ILE D 146 -23.42 -9.99 -19.12
CA ILE D 146 -22.15 -9.27 -19.15
C ILE D 146 -20.99 -10.25 -19.15
N ASN D 147 -19.81 -9.70 -19.44
CA ASN D 147 -18.54 -10.42 -19.52
C ASN D 147 -18.63 -11.63 -20.44
N GLY D 148 -18.90 -11.34 -21.71
CA GLY D 148 -18.97 -12.38 -22.72
C GLY D 148 -20.07 -13.40 -22.46
N ASP D 149 -21.24 -12.94 -22.06
CA ASP D 149 -22.39 -13.81 -21.76
C ASP D 149 -22.09 -14.82 -20.69
N LYS D 150 -21.02 -14.61 -19.93
CA LYS D 150 -20.69 -15.52 -18.85
C LYS D 150 -21.50 -15.22 -17.59
N PHE D 151 -21.73 -13.95 -17.26
CA PHE D 151 -22.66 -13.62 -16.19
C PHE D 151 -23.99 -13.19 -16.80
N GLN D 152 -25.08 -13.72 -16.24
CA GLN D 152 -26.41 -13.49 -16.78
C GLN D 152 -27.36 -13.21 -15.63
N TYR D 153 -28.11 -12.12 -15.73
CA TYR D 153 -29.16 -11.81 -14.76
C TYR D 153 -30.51 -11.73 -15.46
N THR D 154 -31.48 -12.47 -14.94
CA THR D 154 -32.84 -12.38 -15.45
C THR D 154 -33.80 -12.17 -14.29
N GLY D 155 -34.42 -11.00 -14.21
CA GLY D 155 -35.40 -10.74 -13.18
C GLY D 155 -36.81 -10.69 -13.74
N ALA D 156 -37.66 -11.64 -13.33
CA ALA D 156 -39.02 -11.74 -13.83
C ALA D 156 -40.01 -11.41 -12.72
N MET D 157 -41.01 -10.62 -13.04
CA MET D 157 -41.94 -10.12 -12.04
C MET D 157 -43.38 -10.34 -12.49
N THR D 158 -44.23 -10.58 -11.50
CA THR D 158 -45.68 -10.53 -11.63
C THR D 158 -46.18 -9.24 -10.98
N SER D 159 -47.45 -9.22 -10.60
CA SER D 159 -47.95 -8.14 -9.77
C SER D 159 -47.93 -8.51 -8.30
N LYS D 160 -47.35 -9.65 -7.95
CA LYS D 160 -47.40 -10.21 -6.61
C LYS D 160 -46.02 -10.56 -6.06
N PHE D 161 -45.16 -11.19 -6.87
CA PHE D 161 -43.82 -11.54 -6.43
C PHE D 161 -42.83 -11.32 -7.57
N LEU D 162 -41.55 -11.46 -7.24
CA LEU D 162 -40.47 -11.18 -8.18
C LEU D 162 -39.33 -12.16 -7.94
N MET D 163 -38.85 -12.78 -9.01
CA MET D 163 -37.73 -13.71 -8.92
C MET D 163 -36.59 -13.19 -9.79
N GLY D 164 -35.48 -12.86 -9.16
CA GLY D 164 -34.28 -12.46 -9.85
C GLY D 164 -33.26 -13.57 -9.82
N THR D 165 -32.95 -14.16 -10.97
CA THR D 165 -32.00 -15.26 -11.05
C THR D 165 -30.67 -14.78 -11.60
N TYR D 166 -29.62 -14.94 -10.79
CA TYR D 166 -28.24 -14.74 -11.21
C TYR D 166 -27.66 -16.07 -11.68
N LYS D 167 -26.77 -16.00 -12.67
CA LYS D 167 -26.14 -17.19 -13.21
C LYS D 167 -24.74 -16.86 -13.71
N ARG D 168 -23.74 -17.62 -13.28
CA ARG D 168 -22.37 -17.46 -13.75
C ARG D 168 -21.90 -18.77 -14.38
N VAL D 169 -21.38 -18.68 -15.60
CA VAL D 169 -20.76 -19.81 -16.27
C VAL D 169 -19.25 -19.66 -16.16
N THR D 170 -18.61 -20.57 -15.45
CA THR D 170 -17.17 -20.55 -15.28
C THR D 170 -16.44 -20.85 -16.59
N GLU D 171 -15.17 -20.46 -16.63
CA GLU D 171 -14.32 -20.78 -17.77
C GLU D 171 -14.40 -22.27 -18.12
N LYS D 172 -14.32 -23.14 -17.10
CA LYS D 172 -14.41 -24.57 -17.33
C LYS D 172 -15.77 -24.95 -17.91
N GLY D 173 -16.85 -24.49 -17.30
CA GLY D 173 -18.16 -24.73 -17.86
C GLY D 173 -19.24 -24.97 -16.83
N ASP D 174 -18.86 -24.98 -15.56
CA ASP D 174 -19.83 -25.18 -14.49
C ASP D 174 -20.74 -23.97 -14.36
N GLU D 175 -22.03 -24.22 -14.20
CA GLU D 175 -23.04 -23.17 -14.10
C GLU D 175 -23.48 -23.04 -12.64
N HIS D 176 -23.13 -21.91 -12.02
CA HIS D 176 -23.58 -21.59 -10.67
C HIS D 176 -24.74 -20.61 -10.76
N VAL D 177 -25.76 -20.84 -9.93
CA VAL D 177 -27.02 -20.10 -10.06
C VAL D 177 -27.58 -19.78 -8.68
N LEU D 178 -28.09 -18.56 -8.53
CA LEU D 178 -28.60 -18.06 -7.25
C LEU D 178 -29.82 -17.17 -7.47
N SER D 179 -30.92 -17.44 -6.78
CA SER D 179 -32.16 -16.71 -7.05
C SER D 179 -32.67 -16.01 -5.80
N LEU D 180 -33.27 -14.83 -6.00
CA LEU D 180 -33.85 -14.02 -4.92
C LEU D 180 -35.31 -13.72 -5.22
N VAL D 181 -36.18 -14.02 -4.26
CA VAL D 181 -37.63 -13.85 -4.41
C VAL D 181 -38.10 -12.79 -3.44
N PHE D 182 -38.65 -11.71 -3.97
CA PHE D 182 -39.24 -10.66 -3.15
C PHE D 182 -40.76 -10.63 -3.33
N GLY D 183 -41.47 -10.48 -2.23
CA GLY D 183 -42.91 -10.35 -2.33
C GLY D 183 -43.59 -10.58 -1.01
N LYS D 184 -44.89 -10.30 -1.01
CA LYS D 184 -45.69 -10.52 0.19
C LYS D 184 -45.74 -12.00 0.56
N THR D 185 -45.70 -12.28 1.87
CA THR D 185 -45.72 -13.66 2.37
C THR D 185 -46.81 -14.48 1.71
N LYS D 186 -48.02 -13.92 1.67
CA LYS D 186 -49.16 -14.64 1.10
C LYS D 186 -48.99 -14.88 -0.39
N ASP D 187 -48.35 -13.95 -1.11
CA ASP D 187 -48.28 -14.01 -2.55
C ASP D 187 -47.12 -14.85 -3.07
N LEU D 188 -46.27 -15.36 -2.18
CA LEU D 188 -45.09 -16.07 -2.61
C LEU D 188 -45.47 -17.38 -3.30
N PRO D 189 -44.71 -17.79 -4.32
CA PRO D 189 -45.09 -18.99 -5.09
C PRO D 189 -45.26 -20.22 -4.21
N ASP D 190 -46.11 -21.14 -4.68
CA ASP D 190 -46.37 -22.39 -3.97
C ASP D 190 -45.16 -23.31 -4.01
N LEU D 191 -44.86 -23.91 -2.87
CA LEU D 191 -43.64 -24.67 -2.66
C LEU D 191 -43.89 -26.17 -2.85
N ARG D 192 -42.79 -26.91 -3.00
CA ARG D 192 -42.82 -28.33 -3.33
C ARG D 192 -42.12 -29.13 -2.25
N GLY D 193 -42.56 -30.37 -2.05
CA GLY D 193 -41.82 -31.31 -1.25
C GLY D 193 -41.66 -30.89 0.20
N PRO D 194 -40.44 -31.06 0.72
CA PRO D 194 -40.18 -30.75 2.12
C PRO D 194 -40.00 -29.27 2.39
N PHE D 195 -39.81 -28.45 1.37
CA PHE D 195 -39.33 -27.10 1.57
C PHE D 195 -40.43 -26.22 2.16
N SER D 196 -40.03 -25.39 3.10
CA SER D 196 -40.91 -24.41 3.70
C SER D 196 -40.21 -23.05 3.66
N TYR D 197 -41.02 -22.00 3.47
CA TYR D 197 -40.47 -20.65 3.37
C TYR D 197 -39.68 -20.22 4.60
N PRO D 198 -40.14 -20.45 5.87
CA PRO D 198 -39.31 -20.06 7.04
C PRO D 198 -37.82 -20.34 6.90
N SER D 199 -37.46 -21.56 6.50
CA SER D 199 -36.05 -21.94 6.40
C SER D 199 -35.32 -21.23 5.28
N LEU D 200 -36.06 -20.61 4.35
CA LEU D 200 -35.46 -20.00 3.17
C LEU D 200 -35.62 -18.49 3.13
N THR D 201 -36.44 -17.92 4.00
CA THR D 201 -36.66 -16.48 4.01
C THR D 201 -35.48 -15.80 4.68
N SER D 202 -34.75 -15.00 3.90
CA SER D 202 -33.65 -14.24 4.47
C SER D 202 -34.16 -13.06 5.28
N ALA D 203 -35.25 -12.42 4.84
CA ALA D 203 -35.81 -11.31 5.58
C ALA D 203 -37.33 -11.35 5.50
N GLN D 204 -38.00 -10.78 6.50
CA GLN D 204 -39.44 -10.85 6.57
C GLN D 204 -39.99 -9.65 7.33
N SER D 205 -40.97 -8.97 6.74
CA SER D 205 -41.71 -7.93 7.42
C SER D 205 -43.11 -8.43 7.79
N GLY D 206 -43.97 -7.51 8.23
CA GLY D 206 -45.32 -7.87 8.59
C GLY D 206 -46.08 -8.53 7.46
N ASP D 207 -45.83 -8.07 6.23
CA ASP D 207 -46.51 -8.61 5.06
C ASP D 207 -45.57 -9.16 4.01
N TYR D 208 -44.34 -8.66 3.93
CA TYR D 208 -43.42 -8.97 2.85
C TYR D 208 -42.37 -9.98 3.29
N SER D 209 -41.56 -10.42 2.32
CA SER D 209 -40.49 -11.38 2.54
C SER D 209 -39.50 -11.32 1.38
N LEU D 210 -38.26 -11.66 1.73
CA LEU D 210 -37.16 -11.85 0.79
C LEU D 210 -36.57 -13.22 1.06
N VAL D 211 -36.60 -14.07 0.03
CA VAL D 211 -36.26 -15.50 0.09
C VAL D 211 -35.06 -15.75 -0.81
N ILE D 212 -34.12 -16.56 -0.33
CA ILE D 212 -32.93 -16.90 -1.09
C ILE D 212 -33.02 -18.38 -1.46
N VAL D 213 -32.97 -18.66 -2.76
CA VAL D 213 -33.08 -20.02 -3.28
C VAL D 213 -31.80 -20.32 -4.05
N THR D 214 -30.98 -21.21 -3.51
CA THR D 214 -29.75 -21.63 -4.17
C THR D 214 -29.27 -22.91 -3.49
N THR D 215 -28.26 -23.53 -4.09
CA THR D 215 -27.60 -24.68 -3.50
C THR D 215 -26.40 -24.22 -2.67
N PHE D 216 -26.06 -25.02 -1.66
CA PHE D 216 -24.97 -24.68 -0.74
C PHE D 216 -23.68 -24.35 -1.47
N VAL D 217 -23.27 -25.21 -2.41
CA VAL D 217 -22.04 -25.01 -3.15
C VAL D 217 -22.10 -23.72 -3.97
N HIS D 218 -23.21 -23.53 -4.69
CA HIS D 218 -23.40 -22.30 -5.45
C HIS D 218 -23.38 -21.10 -4.52
N TYR D 219 -24.01 -21.23 -3.33
CA TYR D 219 -23.97 -20.16 -2.36
C TYR D 219 -22.55 -19.78 -2.01
N ALA D 220 -21.68 -20.76 -1.76
CA ALA D 220 -20.29 -20.45 -1.43
C ALA D 220 -19.60 -19.71 -2.57
N ASN D 221 -19.69 -20.26 -3.78
CA ASN D 221 -19.06 -19.63 -4.93
C ASN D 221 -19.49 -18.18 -5.05
N PHE D 222 -20.80 -17.92 -4.96
CA PHE D 222 -21.30 -16.55 -5.04
C PHE D 222 -20.80 -15.72 -3.86
N HIS D 223 -20.76 -16.33 -2.68
CA HIS D 223 -20.37 -15.63 -1.47
C HIS D 223 -18.98 -15.02 -1.59
N ASN D 224 -18.09 -15.66 -2.34
CA ASN D 224 -16.77 -15.04 -2.49
C ASN D 224 -16.83 -13.65 -3.12
N TYR D 225 -17.81 -13.37 -4.00
CA TYR D 225 -17.85 -12.07 -4.66
C TYR D 225 -19.15 -11.29 -4.45
N PHE D 226 -20.19 -11.92 -3.89
CA PHE D 226 -21.49 -11.28 -3.73
C PHE D 226 -21.93 -11.47 -2.28
N VAL D 227 -21.66 -10.47 -1.44
CA VAL D 227 -22.07 -10.46 -0.03
C VAL D 227 -23.08 -9.32 0.16
N PRO D 228 -24.35 -9.57 -0.13
CA PRO D 228 -25.32 -8.47 -0.15
C PRO D 228 -25.68 -7.98 1.23
N ASN D 229 -26.00 -6.69 1.31
CA ASN D 229 -26.57 -6.10 2.52
C ASN D 229 -28.09 -6.28 2.44
N LEU D 230 -28.50 -7.53 2.65
CA LEU D 230 -29.89 -7.92 2.46
C LEU D 230 -30.85 -7.05 3.28
N LYS D 231 -30.48 -6.76 4.53
CA LYS D 231 -31.31 -5.89 5.36
C LYS D 231 -31.61 -4.58 4.65
N ASP D 232 -30.57 -3.89 4.17
CA ASP D 232 -30.77 -2.59 3.51
C ASP D 232 -31.66 -2.73 2.28
N MET D 233 -31.39 -3.71 1.43
CA MET D 233 -32.17 -3.90 0.21
C MET D 233 -33.66 -4.11 0.54
N PHE D 234 -33.94 -5.07 1.44
CA PHE D 234 -35.31 -5.35 1.85
C PHE D 234 -36.00 -4.12 2.42
N SER D 235 -35.30 -3.41 3.32
CA SER D 235 -35.85 -2.20 3.91
C SER D 235 -36.19 -1.17 2.83
N ARG D 236 -35.23 -0.83 1.97
CA ARG D 236 -35.47 0.12 0.89
C ARG D 236 -36.70 -0.28 0.07
N ALA D 237 -36.77 -1.57 -0.31
CA ALA D 237 -37.88 -2.03 -1.13
C ALA D 237 -39.21 -1.76 -0.43
N VAL D 238 -39.35 -2.20 0.81
CA VAL D 238 -40.64 -2.06 1.48
C VAL D 238 -40.97 -0.59 1.78
N THR D 239 -39.96 0.20 2.12
CA THR D 239 -40.18 1.56 2.64
C THR D 239 -40.25 2.62 1.55
N MET D 240 -39.34 2.59 0.59
CA MET D 240 -39.17 3.71 -0.34
C MET D 240 -40.35 3.84 -1.30
N THR D 241 -40.62 5.08 -1.70
CA THR D 241 -41.58 5.33 -2.77
C THR D 241 -41.06 4.73 -4.07
N ALA D 242 -41.99 4.24 -4.90
CA ALA D 242 -41.60 3.68 -6.19
C ALA D 242 -40.70 4.63 -6.97
N ALA D 243 -41.16 5.87 -7.15
CA ALA D 243 -40.36 6.88 -7.86
C ALA D 243 -39.00 7.07 -7.18
N SER D 244 -38.98 7.19 -5.85
CA SER D 244 -37.73 7.41 -5.15
C SER D 244 -36.79 6.21 -5.30
N TYR D 245 -37.33 5.00 -5.22
CA TYR D 245 -36.51 3.80 -5.43
C TYR D 245 -35.89 3.79 -6.82
N ALA D 246 -36.71 4.09 -7.84
CA ALA D 246 -36.20 4.11 -9.20
C ALA D 246 -35.11 5.17 -9.36
N ARG D 247 -35.30 6.34 -8.75
CA ARG D 247 -34.27 7.38 -8.83
C ARG D 247 -32.99 6.96 -8.13
N TYR D 248 -33.12 6.30 -6.98
CA TYR D 248 -31.97 5.73 -6.28
C TYR D 248 -31.18 4.80 -7.20
N VAL D 249 -31.89 3.89 -7.86
CA VAL D 249 -31.24 2.96 -8.77
C VAL D 249 -30.58 3.71 -9.93
N LEU D 250 -31.30 4.67 -10.51
CA LEU D 250 -30.78 5.47 -11.61
C LEU D 250 -29.49 6.18 -11.22
N GLN D 251 -29.48 6.80 -10.03
CA GLN D 251 -28.29 7.47 -9.53
C GLN D 251 -27.12 6.49 -9.38
N LYS D 252 -27.39 5.33 -8.76
CA LYS D 252 -26.37 4.30 -8.68
C LYS D 252 -25.82 3.97 -10.06
N LEU D 253 -26.69 3.86 -11.05
CA LEU D 253 -26.27 3.41 -12.37
C LEU D 253 -25.49 4.49 -13.12
N VAL D 254 -25.82 5.78 -12.94
CA VAL D 254 -25.00 6.81 -13.59
C VAL D 254 -23.65 6.91 -12.91
N LEU D 255 -23.61 6.71 -11.59
CA LEU D 255 -22.32 6.65 -10.91
C LEU D 255 -21.54 5.42 -11.36
N LEU D 256 -22.24 4.35 -11.74
CA LEU D 256 -21.58 3.17 -12.30
C LEU D 256 -21.10 3.42 -13.72
N GLU D 257 -21.88 4.20 -14.50
CA GLU D 257 -21.42 4.68 -15.80
C GLU D 257 -20.06 5.33 -15.64
N MET D 258 -19.97 6.27 -14.70
CA MET D 258 -18.66 6.78 -14.33
C MET D 258 -17.88 5.63 -13.70
N LYS D 259 -16.56 5.62 -13.93
CA LYS D 259 -15.67 4.57 -13.42
C LYS D 259 -15.76 3.27 -14.22
N GLY D 260 -16.50 3.25 -15.32
CA GLY D 260 -16.30 2.16 -16.26
C GLY D 260 -17.06 0.91 -15.94
N GLY D 261 -18.09 1.01 -15.11
CA GLY D 261 -18.90 -0.15 -14.83
C GLY D 261 -19.63 -0.65 -16.03
N CYS D 262 -19.85 0.23 -17.01
CA CYS D 262 -20.42 -0.15 -18.30
C CYS D 262 -19.37 -0.77 -19.21
N ARG D 263 -18.19 -0.13 -19.30
CA ARG D 263 -17.16 -0.58 -20.24
C ARG D 263 -16.57 -1.92 -19.80
N GLU D 264 -16.07 -1.99 -18.56
CA GLU D 264 -15.44 -3.18 -18.02
C GLU D 264 -16.22 -3.58 -16.77
N PRO D 265 -17.31 -4.33 -16.93
CA PRO D 265 -18.16 -4.63 -15.78
C PRO D 265 -17.49 -5.57 -14.79
N GLU D 266 -17.22 -5.08 -13.58
CA GLU D 266 -16.61 -5.88 -12.54
C GLU D 266 -17.69 -6.56 -11.72
N LEU D 267 -17.44 -7.82 -11.35
CA LEU D 267 -18.40 -8.59 -10.56
C LEU D 267 -18.14 -8.31 -9.09
N ASP D 268 -18.71 -7.21 -8.61
CA ASP D 268 -18.62 -6.84 -7.21
C ASP D 268 -20.02 -6.79 -6.62
N THR D 269 -20.07 -6.82 -5.29
CA THR D 269 -21.34 -6.85 -4.58
C THR D 269 -22.26 -5.71 -5.02
N GLU D 270 -21.72 -4.50 -5.13
CA GLU D 270 -22.52 -3.34 -5.52
C GLU D 270 -23.21 -3.58 -6.86
N THR D 271 -22.45 -4.01 -7.87
CA THR D 271 -22.99 -4.20 -9.22
C THR D 271 -24.18 -5.16 -9.21
N LEU D 272 -24.02 -6.31 -8.55
CA LEU D 272 -25.05 -7.34 -8.59
C LEU D 272 -26.29 -6.90 -7.80
N THR D 273 -26.07 -6.26 -6.64
CA THR D 273 -27.19 -5.72 -5.89
C THR D 273 -27.95 -4.69 -6.72
N THR D 274 -27.22 -3.84 -7.45
CA THR D 274 -27.85 -2.87 -8.34
C THR D 274 -28.75 -3.56 -9.37
N MET D 275 -28.28 -4.65 -9.96
CA MET D 275 -29.11 -5.42 -10.89
C MET D 275 -30.44 -5.81 -10.23
N PHE D 276 -30.35 -6.43 -9.05
CA PHE D 276 -31.58 -6.83 -8.37
C PHE D 276 -32.47 -5.62 -8.13
N GLU D 277 -31.90 -4.50 -7.71
CA GLU D 277 -32.70 -3.33 -7.38
C GLU D 277 -33.38 -2.72 -8.61
N VAL D 278 -32.76 -2.84 -9.79
CA VAL D 278 -33.43 -2.49 -11.04
C VAL D 278 -34.75 -3.26 -11.15
N SER D 279 -34.62 -4.59 -11.08
CA SER D 279 -35.82 -5.43 -11.15
C SER D 279 -36.84 -5.00 -10.09
N VAL D 280 -36.36 -4.70 -8.89
CA VAL D 280 -37.23 -4.31 -7.79
C VAL D 280 -38.01 -3.04 -8.13
N ALA D 281 -37.37 -2.05 -8.73
CA ALA D 281 -38.07 -0.81 -9.08
C ALA D 281 -39.26 -1.09 -9.99
N PHE D 282 -38.99 -1.79 -11.10
CA PHE D 282 -40.09 -2.12 -12.02
C PHE D 282 -41.19 -2.87 -11.28
N PHE D 283 -40.79 -3.87 -10.47
CA PHE D 283 -41.75 -4.63 -9.69
C PHE D 283 -42.58 -3.73 -8.77
N LYS D 284 -41.95 -2.76 -8.11
CA LYS D 284 -42.65 -1.89 -7.17
C LYS D 284 -43.82 -1.21 -7.86
N VAL D 285 -43.57 -0.64 -9.04
CA VAL D 285 -44.68 -0.02 -9.77
C VAL D 285 -45.78 -1.04 -10.05
N GLY D 286 -45.38 -2.20 -10.59
CA GLY D 286 -46.37 -3.23 -10.92
C GLY D 286 -47.19 -3.68 -9.72
N HIS D 287 -46.50 -4.01 -8.64
CA HIS D 287 -47.11 -4.43 -7.38
C HIS D 287 -48.15 -3.42 -6.89
N ALA D 288 -47.78 -2.13 -6.92
CA ALA D 288 -48.74 -1.11 -6.48
C ALA D 288 -50.02 -1.19 -7.30
N VAL D 289 -49.88 -1.13 -8.62
CA VAL D 289 -51.06 -1.22 -9.49
C VAL D 289 -51.89 -2.44 -9.12
N GLY D 290 -51.25 -3.61 -9.01
CA GLY D 290 -51.98 -4.83 -8.69
C GLY D 290 -52.73 -4.74 -7.36
N GLU D 291 -52.05 -4.24 -6.33
CA GLU D 291 -52.65 -4.22 -5.00
C GLU D 291 -53.86 -3.30 -4.92
N THR D 292 -53.88 -2.21 -5.71
CA THR D 292 -55.07 -1.37 -5.74
C THR D 292 -56.35 -2.19 -5.96
N GLY D 293 -56.28 -3.20 -6.82
CA GLY D 293 -57.41 -4.11 -7.04
C GLY D 293 -58.28 -3.68 -8.22
N ASN D 294 -59.53 -3.31 -7.95
CA ASN D 294 -60.43 -2.85 -9.01
C ASN D 294 -60.73 -1.37 -8.86
N GLY D 295 -59.68 -0.56 -8.78
CA GLY D 295 -59.85 0.87 -8.68
C GLY D 295 -59.11 1.54 -9.82
N CYS D 296 -58.48 2.68 -9.56
CA CYS D 296 -57.73 3.36 -10.60
C CYS D 296 -56.49 4.00 -10.01
N VAL D 297 -55.45 4.12 -10.85
CA VAL D 297 -54.26 4.88 -10.50
C VAL D 297 -54.68 6.34 -10.46
N ASP D 298 -54.69 6.90 -9.24
CA ASP D 298 -55.11 8.27 -9.02
C ASP D 298 -54.19 9.26 -9.72
N LEU D 299 -54.79 10.30 -10.27
CA LEU D 299 -54.06 11.36 -10.99
C LEU D 299 -53.15 10.69 -12.01
N ARG D 300 -52.02 11.32 -12.28
CA ARG D 300 -51.03 10.74 -13.16
C ARG D 300 -49.64 10.88 -12.56
N TRP D 301 -49.54 11.31 -11.30
CA TRP D 301 -48.23 11.46 -10.66
C TRP D 301 -47.52 10.11 -10.54
N LEU D 302 -48.21 9.12 -9.96
CA LEU D 302 -47.65 7.77 -9.96
C LEU D 302 -47.50 7.25 -11.38
N ALA D 303 -48.44 7.61 -12.26
CA ALA D 303 -48.27 7.33 -13.68
C ALA D 303 -47.04 8.06 -14.22
N LYS D 304 -46.85 9.33 -13.84
CA LYS D 304 -45.67 10.09 -14.22
C LYS D 304 -44.40 9.36 -13.78
N SER D 305 -44.48 8.60 -12.68
CA SER D 305 -43.34 7.84 -12.20
C SER D 305 -42.78 6.92 -13.28
N PHE D 306 -43.56 6.61 -14.32
CA PHE D 306 -43.08 5.81 -15.43
C PHE D 306 -41.96 6.52 -16.19
N PHE D 307 -41.83 7.84 -15.99
CA PHE D 307 -40.65 8.55 -16.48
C PHE D 307 -39.39 7.96 -15.88
N GLU D 308 -39.42 7.66 -14.57
CA GLU D 308 -38.29 7.01 -13.93
C GLU D 308 -37.98 5.67 -14.59
N LEU D 309 -39.02 4.91 -14.91
CA LEU D 309 -38.82 3.61 -15.52
C LEU D 309 -38.23 3.72 -16.92
N THR D 310 -38.69 4.70 -17.70
CA THR D 310 -38.15 4.88 -19.05
C THR D 310 -36.68 5.30 -19.02
N VAL D 311 -36.33 6.27 -18.17
CA VAL D 311 -34.92 6.69 -18.09
C VAL D 311 -34.06 5.52 -17.61
N LEU D 312 -34.55 4.75 -16.64
CA LEU D 312 -33.85 3.55 -16.21
C LEU D 312 -33.66 2.57 -17.37
N LYS D 313 -34.71 2.38 -18.17
CA LYS D 313 -34.62 1.50 -19.33
C LYS D 313 -33.47 1.94 -20.24
N ASP D 314 -33.41 3.23 -20.55
CA ASP D 314 -32.36 3.72 -21.43
C ASP D 314 -30.98 3.55 -20.81
N ILE D 315 -30.84 3.83 -19.52
CA ILE D 315 -29.51 3.74 -18.91
C ILE D 315 -29.05 2.28 -18.86
N ILE D 316 -29.96 1.33 -18.59
CA ILE D 316 -29.52 -0.05 -18.54
C ILE D 316 -29.26 -0.58 -19.94
N GLY D 317 -29.98 -0.06 -20.94
CA GLY D 317 -29.71 -0.48 -22.30
C GLY D 317 -28.37 0.03 -22.81
N ILE D 318 -28.01 1.27 -22.46
CA ILE D 318 -26.73 1.79 -22.94
C ILE D 318 -25.57 1.20 -22.13
N CYS D 319 -25.79 0.91 -20.85
CA CYS D 319 -24.70 0.39 -20.03
C CYS D 319 -24.48 -1.10 -20.29
N TYR D 320 -25.50 -1.92 -20.04
CA TYR D 320 -25.36 -3.37 -20.13
C TYR D 320 -25.99 -3.98 -21.37
N GLY D 321 -26.71 -3.20 -22.17
CA GLY D 321 -27.43 -3.77 -23.30
C GLY D 321 -28.49 -4.72 -22.80
N ALA D 322 -29.40 -4.22 -21.99
CA ALA D 322 -30.41 -5.05 -21.34
C ALA D 322 -31.73 -4.96 -22.08
N THR D 323 -32.63 -5.89 -21.76
CA THR D 323 -33.92 -5.97 -22.41
C THR D 323 -35.00 -5.91 -21.34
N VAL D 324 -36.00 -5.04 -21.56
CA VAL D 324 -37.14 -4.91 -20.67
C VAL D 324 -38.37 -5.31 -21.47
N LYS D 325 -38.91 -6.48 -21.17
CA LYS D 325 -40.17 -6.95 -21.73
C LYS D 325 -41.27 -6.63 -20.73
N GLY D 326 -42.31 -5.94 -21.21
CA GLY D 326 -43.41 -5.53 -20.37
C GLY D 326 -43.23 -4.12 -19.83
N MET D 327 -44.03 -3.80 -18.81
CA MET D 327 -44.02 -2.48 -18.19
C MET D 327 -44.14 -1.36 -19.22
N GLN D 328 -45.01 -1.57 -20.21
CA GLN D 328 -45.25 -0.57 -21.26
C GLN D 328 -46.71 -0.65 -21.67
N SER D 329 -47.44 0.45 -21.52
CA SER D 329 -48.86 0.53 -21.81
C SER D 329 -49.09 1.45 -23.00
N TYR D 330 -49.68 0.92 -24.07
CA TYR D 330 -49.98 1.79 -25.21
C TYR D 330 -51.00 2.86 -24.85
N GLY D 331 -51.91 2.56 -23.92
CA GLY D 331 -52.84 3.57 -23.45
C GLY D 331 -52.15 4.76 -22.83
N LEU D 332 -51.16 4.51 -21.97
CA LEU D 332 -50.45 5.60 -21.29
C LEU D 332 -49.74 6.50 -22.30
N GLU D 333 -48.98 5.90 -23.24
CA GLU D 333 -48.32 6.68 -24.28
C GLU D 333 -49.34 7.53 -25.04
N ARG D 334 -50.46 6.93 -25.43
CA ARG D 334 -51.48 7.64 -26.20
C ARG D 334 -52.01 8.85 -25.42
N LEU D 335 -52.45 8.62 -24.18
CA LEU D 335 -52.99 9.70 -23.36
C LEU D 335 -51.97 10.82 -23.18
N ALA D 336 -50.72 10.45 -22.92
CA ALA D 336 -49.66 11.45 -22.73
C ALA D 336 -49.49 12.29 -23.98
N ALA D 337 -49.39 11.65 -25.15
CA ALA D 337 -49.20 12.40 -26.39
C ALA D 337 -50.38 13.34 -26.67
N MET D 338 -51.61 12.89 -26.39
CA MET D 338 -52.75 13.78 -26.52
C MET D 338 -52.60 15.00 -25.62
N LEU D 339 -52.31 14.78 -24.34
CA LEU D 339 -52.14 15.88 -23.42
C LEU D 339 -51.00 16.80 -23.86
N MET D 340 -50.00 16.25 -24.55
CA MET D 340 -48.94 17.09 -25.10
C MET D 340 -49.44 17.94 -26.25
N ALA D 341 -50.38 17.40 -27.03
CA ALA D 341 -50.97 18.19 -28.11
C ALA D 341 -51.84 19.32 -27.59
N THR D 342 -52.36 19.21 -26.35
CA THR D 342 -53.20 20.29 -25.84
C THR D 342 -52.44 21.46 -25.21
N VAL D 343 -51.11 21.47 -25.26
CA VAL D 343 -50.33 22.59 -24.73
C VAL D 343 -49.39 23.14 -25.81
N LYS D 344 -48.91 24.36 -25.57
CA LYS D 344 -47.97 25.04 -26.45
C LYS D 344 -46.54 24.86 -25.95
N MET D 345 -45.70 24.18 -26.73
CA MET D 345 -44.31 23.95 -26.32
C MET D 345 -43.58 25.27 -26.12
N GLU D 346 -43.71 26.20 -27.07
CA GLU D 346 -42.93 27.44 -27.07
C GLU D 346 -43.12 28.25 -25.79
N GLU D 347 -44.26 28.10 -25.12
CA GLU D 347 -44.57 28.88 -23.93
C GLU D 347 -44.67 28.01 -22.69
N LEU D 348 -44.11 26.80 -22.75
CA LEU D 348 -44.25 25.86 -21.63
C LEU D 348 -43.65 26.44 -20.35
N GLY D 349 -42.56 27.19 -20.47
CA GLY D 349 -41.92 27.74 -19.29
C GLY D 349 -42.77 28.75 -18.52
N HIS D 350 -43.82 29.28 -19.14
CA HIS D 350 -44.68 30.25 -18.48
C HIS D 350 -45.82 29.59 -17.70
N LEU D 351 -45.71 28.30 -17.40
CA LEU D 351 -46.69 27.57 -16.60
C LEU D 351 -46.18 27.42 -15.17
N THR D 352 -46.91 26.67 -14.35
CA THR D 352 -46.47 26.42 -13.00
C THR D 352 -45.36 25.38 -13.00
N THR D 353 -44.42 25.52 -12.05
CA THR D 353 -43.31 24.58 -11.97
C THR D 353 -43.81 23.14 -11.87
N GLU D 354 -44.78 22.91 -10.99
CA GLU D 354 -45.41 21.59 -10.89
C GLU D 354 -45.98 21.16 -12.23
N LYS D 355 -46.74 22.04 -12.87
CA LYS D 355 -47.36 21.70 -14.15
C LYS D 355 -46.29 21.54 -15.24
N GLN D 356 -45.23 22.34 -15.19
CA GLN D 356 -44.09 22.16 -16.09
C GLN D 356 -43.53 20.74 -16.00
N GLU D 357 -43.21 20.31 -14.77
CA GLU D 357 -42.67 18.97 -14.57
C GLU D 357 -43.66 17.90 -15.02
N TYR D 358 -44.93 18.07 -14.67
CA TYR D 358 -45.98 17.15 -15.12
C TYR D 358 -45.96 16.99 -16.63
N ALA D 359 -45.93 18.11 -17.34
CA ALA D 359 -45.93 18.08 -18.80
C ALA D 359 -44.68 17.38 -19.35
N LEU D 360 -43.51 17.68 -18.76
CA LEU D 360 -42.28 17.07 -19.26
C LEU D 360 -42.29 15.55 -19.03
N ARG D 361 -42.75 15.13 -17.86
CA ARG D 361 -42.89 13.70 -17.58
C ARG D 361 -43.80 13.04 -18.61
N LEU D 362 -44.98 13.65 -18.84
CA LEU D 362 -45.91 13.12 -19.82
C LEU D 362 -45.29 13.05 -21.20
N ALA D 363 -44.46 14.05 -21.55
CA ALA D 363 -43.80 14.07 -22.85
C ALA D 363 -42.87 12.89 -23.01
N THR D 364 -42.02 12.64 -22.01
CA THR D 364 -41.10 11.51 -22.11
C THR D 364 -41.85 10.18 -22.11
N VAL D 365 -42.96 10.08 -21.38
CA VAL D 365 -43.68 8.81 -21.32
C VAL D 365 -44.44 8.55 -22.62
N GLY D 366 -44.94 9.60 -23.28
CA GLY D 366 -45.77 9.43 -24.46
C GLY D 366 -45.00 9.19 -25.74
N TYR D 367 -43.85 9.85 -25.89
CA TYR D 367 -42.98 9.71 -27.05
C TYR D 367 -41.65 9.14 -26.57
N PRO D 368 -41.59 7.83 -26.30
CA PRO D 368 -40.36 7.24 -25.75
C PRO D 368 -39.22 7.26 -26.76
N LYS D 369 -39.43 6.67 -27.93
CA LYS D 369 -38.38 6.68 -28.94
C LYS D 369 -38.38 8.04 -29.65
N ALA D 370 -37.21 8.46 -30.08
CA ALA D 370 -37.07 9.77 -30.72
C ALA D 370 -37.29 9.68 -32.22
N GLY D 371 -38.00 10.67 -32.77
CA GLY D 371 -38.32 10.68 -34.18
C GLY D 371 -39.76 10.98 -34.58
N VAL D 372 -40.70 10.94 -33.64
CA VAL D 372 -42.10 11.19 -33.99
C VAL D 372 -42.36 12.68 -33.81
N TYR D 373 -42.48 13.13 -32.55
CA TYR D 373 -42.63 14.55 -32.24
C TYR D 373 -41.27 15.05 -31.81
N SER D 374 -40.56 15.68 -32.74
CA SER D 374 -39.25 16.21 -32.39
C SER D 374 -39.36 17.60 -31.79
N GLY D 375 -40.46 18.31 -32.06
CA GLY D 375 -40.61 19.64 -31.52
C GLY D 375 -40.80 19.65 -30.02
N LEU D 376 -40.82 18.47 -29.41
CA LEU D 376 -40.81 18.39 -27.96
C LEU D 376 -39.62 19.13 -27.40
N ILE D 377 -38.49 19.15 -28.12
CA ILE D 377 -37.34 19.90 -27.63
C ILE D 377 -37.72 21.34 -27.32
N GLY D 378 -38.55 21.94 -28.17
CA GLY D 378 -39.00 23.31 -27.92
C GLY D 378 -39.51 23.49 -26.49
N GLY D 379 -40.40 22.60 -26.05
CA GLY D 379 -40.93 22.71 -24.71
C GLY D 379 -39.83 22.74 -23.67
N ALA D 380 -38.89 21.81 -23.78
CA ALA D 380 -37.76 21.80 -22.85
C ALA D 380 -37.06 23.15 -22.87
N THR D 381 -36.70 23.62 -24.06
CA THR D 381 -35.99 24.89 -24.14
C THR D 381 -36.81 25.99 -23.51
N SER D 382 -38.13 25.97 -23.74
CA SER D 382 -38.99 26.98 -23.14
C SER D 382 -38.85 26.98 -21.63
N VAL D 383 -39.08 25.82 -21.00
CA VAL D 383 -38.99 25.76 -19.54
C VAL D 383 -37.60 26.21 -19.11
N LEU D 384 -36.59 25.81 -19.88
CA LEU D 384 -35.22 26.18 -19.56
C LEU D 384 -35.03 27.69 -19.70
N LEU D 385 -35.52 28.27 -20.81
CA LEU D 385 -35.39 29.71 -21.02
C LEU D 385 -35.97 30.49 -19.85
N SER D 386 -37.23 30.20 -19.51
CA SER D 386 -37.86 30.86 -18.37
C SER D 386 -37.01 30.68 -17.12
N ALA D 387 -36.53 29.46 -16.89
CA ALA D 387 -35.70 29.20 -15.71
C ALA D 387 -34.47 30.09 -15.74
N TYR D 388 -33.83 30.19 -16.90
CA TYR D 388 -32.66 31.06 -17.05
C TYR D 388 -33.02 32.49 -16.68
N ASN D 389 -34.22 32.94 -17.06
CA ASN D 389 -34.65 34.30 -16.72
C ASN D 389 -34.82 34.49 -15.22
N ARG D 390 -35.11 33.43 -14.48
CA ARG D 390 -35.33 33.49 -13.04
C ARG D 390 -34.13 32.99 -12.25
N HIS D 391 -33.02 32.65 -12.91
CA HIS D 391 -31.88 32.08 -12.18
C HIS D 391 -30.99 33.17 -11.61
N PRO D 392 -30.68 33.11 -10.31
CA PRO D 392 -29.72 34.05 -9.69
C PRO D 392 -28.37 34.16 -10.40
N LEU D 393 -28.27 35.08 -11.37
CA LEU D 393 -27.06 35.36 -12.13
C LEU D 393 -26.15 34.16 -12.38
N PHE D 394 -25.07 34.05 -11.60
CA PHE D 394 -24.09 32.98 -11.69
C PHE D 394 -24.25 31.91 -10.60
N GLN D 395 -24.98 32.20 -9.53
CA GLN D 395 -25.07 31.29 -8.40
C GLN D 395 -25.57 29.91 -8.85
N PRO D 396 -25.27 28.86 -8.07
CA PRO D 396 -25.65 27.50 -8.48
C PRO D 396 -27.16 27.34 -8.59
N LEU D 397 -27.54 26.21 -9.17
CA LEU D 397 -28.94 25.91 -9.42
C LEU D 397 -29.58 25.42 -8.14
N HIS D 398 -30.84 25.78 -7.94
CA HIS D 398 -31.56 25.31 -6.77
C HIS D 398 -32.06 23.89 -7.03
N THR D 399 -32.18 23.11 -5.95
CA THR D 399 -32.61 21.72 -6.06
C THR D 399 -33.84 21.57 -6.95
N VAL D 400 -34.88 22.38 -6.70
CA VAL D 400 -36.12 22.27 -7.46
C VAL D 400 -35.86 22.53 -8.94
N MET D 401 -35.12 23.61 -9.23
CA MET D 401 -34.78 23.94 -10.62
C MET D 401 -34.02 22.79 -11.28
N ARG D 402 -33.04 22.23 -10.56
CA ARG D 402 -32.29 21.10 -11.08
C ARG D 402 -33.21 19.94 -11.42
N GLU D 403 -34.15 19.63 -10.53
CA GLU D 403 -35.10 18.54 -10.79
C GLU D 403 -35.91 18.80 -12.05
N THR D 404 -36.49 20.00 -12.15
CA THR D 404 -37.29 20.34 -13.33
C THR D 404 -36.46 20.18 -14.61
N LEU D 405 -35.24 20.73 -14.61
CA LEU D 405 -34.44 20.71 -15.82
C LEU D 405 -33.98 19.30 -16.17
N PHE D 406 -33.68 18.49 -15.15
CA PHE D 406 -33.33 17.09 -15.39
C PHE D 406 -34.51 16.34 -16.00
N ILE D 407 -35.72 16.57 -15.48
CA ILE D 407 -36.91 15.96 -16.06
C ILE D 407 -37.02 16.34 -17.53
N GLY D 408 -36.67 17.58 -17.86
CA GLY D 408 -36.73 17.99 -19.26
C GLY D 408 -35.53 17.62 -20.12
N SER D 409 -34.45 17.11 -19.53
CA SER D 409 -33.20 16.88 -20.24
C SER D 409 -33.24 15.66 -21.17
N HIS D 410 -33.93 14.59 -20.78
CA HIS D 410 -33.85 13.32 -21.52
C HIS D 410 -34.19 13.49 -22.99
N VAL D 411 -35.25 14.25 -23.30
CA VAL D 411 -35.61 14.48 -24.70
C VAL D 411 -34.44 15.07 -25.49
N VAL D 412 -33.83 16.13 -24.94
CA VAL D 412 -32.71 16.78 -25.63
C VAL D 412 -31.59 15.79 -25.89
N LEU D 413 -31.18 15.04 -24.86
CA LEU D 413 -30.07 14.10 -25.08
C LEU D 413 -30.46 13.01 -26.08
N ARG D 414 -31.69 12.52 -26.00
CA ARG D 414 -32.17 11.52 -26.96
C ARG D 414 -32.01 12.03 -28.38
N GLU D 415 -32.45 13.25 -28.64
CA GLU D 415 -32.32 13.81 -29.98
C GLU D 415 -30.86 14.09 -30.34
N LEU D 416 -30.03 14.39 -29.34
CA LEU D 416 -28.60 14.56 -29.59
C LEU D 416 -27.95 13.27 -30.08
N ARG D 417 -28.41 12.12 -29.58
CA ARG D 417 -27.82 10.87 -30.01
C ARG D 417 -28.24 10.46 -31.41
N LEU D 418 -29.34 10.99 -31.92
CA LEU D 418 -29.78 10.64 -33.25
C LEU D 418 -28.77 11.18 -34.25
N ASN D 419 -28.71 10.56 -35.43
CA ASN D 419 -27.76 10.99 -36.46
C ASN D 419 -28.33 12.10 -37.32
N VAL D 420 -29.65 12.27 -37.29
CA VAL D 420 -30.36 13.30 -38.03
C VAL D 420 -31.16 14.12 -37.02
N THR D 421 -31.30 15.41 -37.32
CA THR D 421 -31.99 16.32 -36.42
C THR D 421 -32.94 17.20 -37.22
N THR D 422 -33.98 17.70 -36.55
CA THR D 422 -34.95 18.55 -37.23
C THR D 422 -35.05 19.95 -36.65
N GLN D 423 -34.95 20.11 -35.33
CA GLN D 423 -34.97 21.45 -34.70
C GLN D 423 -33.58 21.86 -34.27
N GLY D 424 -32.57 21.73 -35.12
CA GLY D 424 -31.21 22.06 -34.77
C GLY D 424 -31.07 23.39 -34.02
N PRO D 425 -31.63 24.46 -34.58
CA PRO D 425 -31.67 25.75 -33.88
C PRO D 425 -32.06 25.69 -32.41
N ASN D 426 -33.21 25.09 -32.08
CA ASN D 426 -33.67 25.09 -30.70
C ASN D 426 -32.76 24.27 -29.79
N LEU D 427 -32.27 23.13 -30.30
CA LEU D 427 -31.29 22.35 -29.54
C LEU D 427 -30.06 23.21 -29.23
N ALA D 428 -29.63 24.01 -30.21
CA ALA D 428 -28.49 24.89 -30.00
C ALA D 428 -28.80 25.96 -28.97
N LEU D 429 -30.03 26.47 -28.96
CA LEU D 429 -30.44 27.40 -27.88
C LEU D 429 -30.30 26.75 -26.51
N TYR D 430 -30.88 25.56 -26.35
CA TYR D 430 -30.75 24.81 -25.10
C TYR D 430 -29.29 24.73 -24.67
N GLN D 431 -28.44 24.26 -25.58
CA GLN D 431 -27.03 24.05 -25.27
C GLN D 431 -26.32 25.37 -24.98
N LEU D 432 -26.61 26.42 -25.73
CA LEU D 432 -25.96 27.70 -25.52
C LEU D 432 -26.26 28.26 -24.14
N LEU D 433 -27.53 28.34 -23.77
CA LEU D 433 -27.80 28.96 -22.48
C LEU D 433 -27.40 28.02 -21.34
N SER D 434 -27.31 26.70 -21.59
CA SER D 434 -26.78 25.82 -20.56
C SER D 434 -25.29 26.01 -20.39
N THR D 435 -24.57 26.25 -21.49
CA THR D 435 -23.18 26.68 -21.43
C THR D 435 -23.04 27.93 -20.59
N ALA D 436 -23.97 28.87 -20.79
CA ALA D 436 -23.99 30.09 -19.98
C ALA D 436 -24.18 29.75 -18.51
N LEU D 437 -25.14 28.86 -18.21
CA LEU D 437 -25.45 28.49 -16.84
C LEU D 437 -24.29 27.78 -16.15
N CYS D 438 -23.35 27.23 -16.93
CA CYS D 438 -22.18 26.57 -16.36
C CYS D 438 -21.18 27.55 -15.77
N SER D 439 -21.33 27.85 -14.48
CA SER D 439 -20.41 28.71 -13.77
C SER D 439 -19.60 27.89 -12.78
N ALA D 440 -18.50 28.49 -12.29
CA ALA D 440 -17.66 27.81 -11.31
C ALA D 440 -18.47 27.33 -10.11
N LEU D 441 -19.43 28.14 -9.65
CA LEU D 441 -20.26 27.75 -8.52
C LEU D 441 -21.05 26.49 -8.82
N GLU D 442 -21.70 26.44 -9.99
CA GLU D 442 -22.45 25.25 -10.38
C GLU D 442 -21.55 24.03 -10.50
N ILE D 443 -20.44 24.16 -11.22
CA ILE D 443 -19.47 23.07 -11.34
C ILE D 443 -19.11 22.53 -9.97
N GLY D 444 -18.76 23.43 -9.05
CA GLY D 444 -18.41 23.01 -7.70
C GLY D 444 -19.54 22.25 -7.02
N GLU D 445 -20.74 22.81 -7.03
CA GLU D 445 -21.86 22.17 -6.33
C GLU D 445 -22.16 20.78 -6.90
N VAL D 446 -22.16 20.65 -8.23
CA VAL D 446 -22.50 19.37 -8.84
C VAL D 446 -21.40 18.33 -8.57
N LEU D 447 -20.13 18.72 -8.71
CA LEU D 447 -19.08 17.76 -8.40
C LEU D 447 -19.07 17.39 -6.91
N ARG D 448 -19.44 18.33 -6.04
CA ARG D 448 -19.62 18.02 -4.62
C ARG D 448 -20.67 16.93 -4.44
N GLY D 449 -21.84 17.12 -5.04
CA GLY D 449 -22.87 16.09 -5.00
C GLY D 449 -22.37 14.76 -5.56
N LEU D 450 -21.58 14.83 -6.64
CA LEU D 450 -21.00 13.62 -7.23
C LEU D 450 -20.12 12.90 -6.22
N ALA D 451 -19.29 13.64 -5.48
CA ALA D 451 -18.44 13.02 -4.48
C ALA D 451 -19.27 12.37 -3.38
N LEU D 452 -20.37 13.01 -3.00
CA LEU D 452 -21.25 12.44 -1.99
C LEU D 452 -22.39 11.62 -2.57
N GLY D 453 -22.44 11.43 -3.89
CA GLY D 453 -23.51 10.65 -4.48
C GLY D 453 -24.89 11.20 -4.23
N THR D 454 -25.03 12.53 -4.24
CA THR D 454 -26.30 13.19 -3.97
C THR D 454 -26.92 13.68 -5.27
N GLU D 455 -28.08 14.33 -5.13
CA GLU D 455 -28.85 14.76 -6.28
C GLU D 455 -28.10 15.81 -7.10
N SER D 456 -27.18 16.54 -6.48
CA SER D 456 -26.47 17.61 -7.18
C SER D 456 -25.64 17.06 -8.34
N GLY D 457 -25.20 15.81 -8.25
CA GLY D 457 -24.39 15.22 -9.29
C GLY D 457 -25.15 14.54 -10.41
N LEU D 458 -26.45 14.30 -10.21
CA LEU D 458 -27.27 13.64 -11.22
C LEU D 458 -27.29 14.44 -12.53
N PHE D 459 -27.69 15.70 -12.43
CA PHE D 459 -27.81 16.56 -13.59
C PHE D 459 -27.17 17.91 -13.35
N SER D 460 -26.54 18.45 -14.40
CA SER D 460 -25.97 19.78 -14.42
C SER D 460 -26.12 20.30 -15.84
N PRO D 461 -26.49 21.56 -16.01
CA PRO D 461 -26.47 22.13 -17.38
C PRO D 461 -25.14 21.91 -18.07
N CYS D 462 -24.04 21.92 -17.31
CA CYS D 462 -22.71 21.67 -17.87
C CYS D 462 -22.66 20.37 -18.65
N TYR D 463 -23.39 19.35 -18.20
CA TYR D 463 -23.38 18.07 -18.90
C TYR D 463 -23.82 18.24 -20.35
N LEU D 464 -24.81 19.09 -20.59
CA LEU D 464 -25.32 19.36 -21.94
C LEU D 464 -24.87 20.72 -22.45
N SER D 465 -23.71 21.17 -22.00
CA SER D 465 -23.16 22.47 -22.34
C SER D 465 -22.22 22.36 -23.55
N LEU D 466 -21.82 23.51 -24.06
CA LEU D 466 -20.88 23.61 -25.17
C LEU D 466 -19.49 24.03 -24.73
N ARG D 467 -19.13 23.70 -23.49
CA ARG D 467 -17.82 24.06 -22.94
C ARG D 467 -16.87 22.90 -23.19
N PHE D 468 -15.94 23.07 -24.12
CA PHE D 468 -14.93 22.05 -24.42
C PHE D 468 -13.57 22.42 -23.84
N ASP D 469 -13.55 23.31 -22.86
CA ASP D 469 -12.32 23.77 -22.22
C ASP D 469 -12.03 23.06 -20.90
N LEU D 470 -13.06 22.58 -20.21
CA LEU D 470 -12.92 22.02 -18.87
C LEU D 470 -11.98 20.82 -18.84
N THR D 471 -10.82 20.99 -18.20
CA THR D 471 -9.85 19.92 -18.02
C THR D 471 -9.68 19.61 -16.54
N ARG D 472 -9.07 18.44 -16.27
CA ARG D 472 -8.92 17.95 -14.91
C ARG D 472 -8.37 19.02 -13.97
N ASP D 473 -7.28 19.69 -14.37
CA ASP D 473 -6.69 20.71 -13.51
C ASP D 473 -7.68 21.84 -13.26
N LYS D 474 -8.32 22.30 -14.33
CA LYS D 474 -9.32 23.35 -14.24
C LYS D 474 -10.41 22.97 -13.25
N LEU D 475 -10.87 21.72 -13.28
CA LEU D 475 -11.91 21.29 -12.38
C LEU D 475 -11.41 21.25 -10.94
N LEU D 476 -10.16 20.82 -10.73
CA LEU D 476 -9.61 20.84 -9.38
C LEU D 476 -9.51 22.26 -8.85
N SER D 477 -9.31 23.24 -9.74
CA SER D 477 -9.26 24.63 -9.31
C SER D 477 -10.63 25.11 -8.86
N MET D 478 -11.69 24.68 -9.55
CA MET D 478 -13.06 25.05 -9.21
C MET D 478 -13.72 24.05 -8.26
N ALA D 479 -12.91 23.25 -7.51
CA ALA D 479 -13.46 22.20 -6.66
C ALA D 479 -13.69 22.71 -5.24
N PRO D 480 -14.73 22.18 -4.57
CA PRO D 480 -14.94 22.50 -3.15
C PRO D 480 -13.79 22.01 -2.29
N GLN D 481 -13.22 22.93 -1.53
CA GLN D 481 -12.13 22.61 -0.61
C GLN D 481 -12.63 22.15 0.75
N GLU D 482 -13.94 21.97 0.90
CA GLU D 482 -14.53 21.48 2.14
C GLU D 482 -13.84 20.21 2.60
N ALA D 483 -13.26 20.26 3.80
CA ALA D 483 -12.51 19.13 4.33
C ALA D 483 -13.43 18.00 4.79
N THR D 484 -14.70 18.29 5.02
CA THR D 484 -15.66 17.24 5.36
C THR D 484 -15.65 16.12 4.33
N LEU D 485 -15.53 16.47 3.05
CA LEU D 485 -15.50 15.48 1.98
C LEU D 485 -14.08 14.95 1.83
N ASP D 486 -13.92 13.64 1.74
CA ASP D 486 -12.60 13.05 1.52
C ASP D 486 -12.11 13.37 0.11
N GLN D 487 -10.84 13.78 0.01
CA GLN D 487 -10.30 14.23 -1.29
C GLN D 487 -10.27 13.12 -2.33
N ALA D 488 -10.24 11.86 -1.91
CA ALA D 488 -10.31 10.76 -2.87
C ALA D 488 -11.62 10.78 -3.65
N ALA D 489 -12.73 10.92 -2.94
CA ALA D 489 -14.04 11.02 -3.60
C ALA D 489 -14.11 12.25 -4.50
N VAL D 490 -13.50 13.36 -4.07
CA VAL D 490 -13.50 14.57 -4.90
C VAL D 490 -12.75 14.34 -6.20
N SER D 491 -11.60 13.66 -6.13
CA SER D 491 -10.85 13.36 -7.35
C SER D 491 -11.64 12.42 -8.26
N ASN D 492 -12.25 11.38 -7.68
CA ASN D 492 -13.08 10.49 -8.49
C ASN D 492 -14.24 11.24 -9.12
N ALA D 493 -14.81 12.20 -8.40
CA ALA D 493 -15.87 13.03 -8.98
C ALA D 493 -15.35 13.86 -10.13
N VAL D 494 -14.13 14.39 -10.01
CA VAL D 494 -13.54 15.15 -11.11
C VAL D 494 -13.42 14.28 -12.36
N ASP D 495 -12.82 13.10 -12.23
CA ASP D 495 -12.65 12.26 -13.41
C ASP D 495 -14.00 11.81 -13.98
N GLY D 496 -14.98 11.54 -13.11
CA GLY D 496 -16.30 11.21 -13.61
C GLY D 496 -16.95 12.36 -14.37
N PHE D 497 -16.78 13.58 -13.86
CA PHE D 497 -17.25 14.77 -14.57
C PHE D 497 -16.61 14.86 -15.95
N LEU D 498 -15.30 14.63 -16.03
CA LEU D 498 -14.63 14.62 -17.33
C LEU D 498 -15.20 13.53 -18.22
N GLY D 499 -15.55 12.39 -17.63
CA GLY D 499 -16.17 11.33 -18.40
C GLY D 499 -17.50 11.73 -18.99
N ARG D 500 -18.32 12.46 -18.22
CA ARG D 500 -19.62 12.91 -18.74
C ARG D 500 -19.45 13.89 -19.89
N LEU D 501 -18.34 14.62 -19.93
CA LEU D 501 -18.08 15.63 -20.95
C LEU D 501 -17.11 15.17 -22.03
N SER D 502 -17.05 13.86 -22.29
CA SER D 502 -16.07 13.32 -23.23
C SER D 502 -16.48 13.69 -24.65
N LEU D 503 -15.73 14.62 -25.26
CA LEU D 503 -15.96 15.00 -26.65
C LEU D 503 -15.89 13.78 -27.55
N GLU D 504 -16.72 13.79 -28.60
CA GLU D 504 -16.73 12.75 -29.62
C GLU D 504 -17.14 11.40 -29.05
N ARG D 505 -16.42 10.94 -28.01
CA ARG D 505 -16.72 9.63 -27.42
C ARG D 505 -18.18 9.54 -27.02
N GLU D 506 -18.67 10.55 -26.30
CA GLU D 506 -20.06 10.59 -25.89
C GLU D 506 -20.89 11.23 -27.01
N ASP D 507 -21.85 10.47 -27.55
CA ASP D 507 -22.70 10.98 -28.62
C ASP D 507 -23.38 12.29 -28.26
N ARG D 508 -23.53 12.59 -26.97
CA ARG D 508 -24.18 13.81 -26.55
C ARG D 508 -23.40 15.05 -26.98
N ASP D 509 -22.09 14.93 -27.15
CA ASP D 509 -21.25 16.04 -27.60
C ASP D 509 -20.77 15.67 -29.00
N ALA D 510 -21.59 16.01 -30.00
CA ALA D 510 -21.31 15.61 -31.37
C ALA D 510 -21.30 16.83 -32.29
N TRP D 511 -21.82 16.68 -33.51
CA TRP D 511 -21.75 17.73 -34.51
C TRP D 511 -23.14 18.19 -34.97
N HIS D 512 -24.13 18.19 -34.08
CA HIS D 512 -25.43 18.68 -34.52
C HIS D 512 -25.41 20.18 -34.70
N LEU D 513 -24.43 20.85 -34.11
CA LEU D 513 -24.22 22.27 -34.36
C LEU D 513 -23.74 22.47 -35.80
N PRO D 514 -24.29 23.49 -36.50
CA PRO D 514 -23.99 23.69 -37.93
C PRO D 514 -22.69 23.10 -38.49
N ALA D 515 -22.64 21.76 -38.56
CA ALA D 515 -21.53 21.03 -39.19
C ALA D 515 -20.16 21.47 -38.68
N TYR D 516 -20.11 22.04 -37.47
CA TYR D 516 -18.86 22.57 -36.92
C TYR D 516 -18.34 23.64 -37.86
N LYS D 517 -17.39 23.22 -38.69
CA LYS D 517 -16.73 24.03 -39.70
C LYS D 517 -15.95 23.04 -40.56
N CYS D 518 -14.76 23.45 -40.99
CA CYS D 518 -13.79 22.49 -41.52
C CYS D 518 -12.64 22.31 -40.55
N VAL D 519 -12.75 22.87 -39.34
CA VAL D 519 -11.75 22.62 -38.32
C VAL D 519 -11.68 21.12 -38.06
N ASP D 520 -10.46 20.59 -38.16
CA ASP D 520 -10.17 19.20 -37.84
C ASP D 520 -9.66 19.02 -36.42
N ARG D 521 -9.01 20.05 -35.89
CA ARG D 521 -8.47 20.02 -34.54
C ARG D 521 -9.58 20.48 -33.58
N LEU D 522 -10.50 19.56 -33.28
CA LEU D 522 -11.58 19.82 -32.34
C LEU D 522 -11.09 19.78 -30.91
N ASP D 523 -9.81 19.46 -30.71
CA ASP D 523 -9.22 19.44 -29.38
C ASP D 523 -8.78 20.82 -28.94
N LYS D 524 -8.47 21.70 -29.89
CA LYS D 524 -8.09 23.06 -29.57
C LYS D 524 -9.28 24.00 -29.57
N VAL D 525 -10.47 23.50 -29.88
CA VAL D 525 -11.67 24.32 -29.78
C VAL D 525 -12.00 24.50 -28.30
N LEU D 526 -12.35 25.73 -27.92
CA LEU D 526 -12.64 26.02 -26.53
C LEU D 526 -14.13 26.17 -26.28
N MET D 527 -14.84 26.87 -27.15
CA MET D 527 -16.27 27.05 -26.93
C MET D 527 -16.96 27.44 -28.24
N ILE D 528 -18.16 26.91 -28.43
CA ILE D 528 -18.98 27.24 -29.58
C ILE D 528 -20.24 27.92 -29.05
N ILE D 529 -20.45 29.17 -29.45
CA ILE D 529 -21.56 29.99 -29.01
C ILE D 529 -22.47 30.29 -30.20
N PRO D 530 -23.61 29.60 -30.31
CA PRO D 530 -24.52 29.88 -31.45
C PRO D 530 -25.48 31.01 -31.13
N LEU D 531 -25.12 32.21 -31.58
CA LEU D 531 -25.85 33.46 -31.36
C LEU D 531 -26.66 33.81 -32.60
N ILE D 532 -27.89 33.30 -32.68
CA ILE D 532 -28.84 33.63 -33.73
C ILE D 532 -28.25 33.46 -35.13
N ASN D 533 -27.76 34.55 -35.73
CA ASN D 533 -27.23 34.52 -37.09
C ASN D 533 -25.75 34.20 -37.18
N VAL D 534 -25.04 34.07 -36.08
CA VAL D 534 -23.62 33.78 -36.13
C VAL D 534 -23.34 32.73 -35.07
N THR D 535 -22.48 31.77 -35.37
CA THR D 535 -22.14 30.69 -34.44
C THR D 535 -20.64 30.81 -34.22
N PHE D 536 -20.29 31.54 -33.17
CA PHE D 536 -18.89 31.80 -32.86
C PHE D 536 -18.19 30.52 -32.42
N ILE D 537 -16.96 30.36 -32.89
CA ILE D 537 -16.10 29.25 -32.48
C ILE D 537 -14.82 29.88 -31.96
N ILE D 538 -14.64 29.87 -30.64
CA ILE D 538 -13.41 30.31 -30.03
C ILE D 538 -12.54 29.09 -29.76
N SER D 539 -11.31 29.13 -30.26
CA SER D 539 -10.41 27.98 -30.23
C SER D 539 -9.01 28.49 -29.98
N SER D 540 -8.09 27.56 -29.73
CA SER D 540 -6.70 27.92 -29.55
C SER D 540 -5.94 27.89 -30.86
N ASP D 541 -6.40 27.10 -31.82
CA ASP D 541 -5.81 27.04 -33.14
C ASP D 541 -6.42 28.12 -34.02
N ARG D 542 -5.63 28.57 -34.99
CA ARG D 542 -6.14 29.51 -35.99
C ARG D 542 -6.82 28.76 -37.12
N GLU D 543 -6.74 27.43 -37.09
CA GLU D 543 -7.31 26.61 -38.14
C GLU D 543 -8.83 26.58 -38.00
N VAL D 544 -9.47 27.53 -38.64
CA VAL D 544 -10.92 27.65 -38.73
C VAL D 544 -11.23 28.29 -40.08
N ARG D 545 -12.10 27.65 -40.86
CA ARG D 545 -12.36 28.20 -42.19
C ARG D 545 -13.15 29.49 -42.12
N GLY D 546 -13.90 29.70 -41.03
CA GLY D 546 -14.76 30.85 -40.80
C GLY D 546 -14.64 32.05 -41.72
N SER D 547 -14.08 33.15 -41.21
CA SER D 547 -13.93 34.36 -42.00
C SER D 547 -12.99 35.38 -41.32
N ALA D 548 -12.94 35.39 -39.99
CA ALA D 548 -12.12 36.38 -39.29
C ALA D 548 -11.43 35.71 -38.10
N LEU D 549 -10.57 36.48 -37.42
CA LEU D 549 -9.78 35.96 -36.31
C LEU D 549 -9.52 37.09 -35.32
N TYR D 550 -10.10 36.99 -34.13
CA TYR D 550 -9.93 38.01 -33.10
C TYR D 550 -8.95 37.52 -32.03
N GLU D 551 -8.10 38.43 -31.54
CA GLU D 551 -7.16 38.14 -30.46
C GLU D 551 -7.42 39.04 -29.27
N ALA D 552 -7.58 38.42 -28.10
CA ALA D 552 -7.84 39.06 -26.83
C ALA D 552 -6.53 39.31 -26.09
N SER D 553 -6.61 40.11 -25.02
CA SER D 553 -5.42 40.46 -24.22
C SER D 553 -4.97 39.23 -23.45
N THR D 554 -4.28 38.33 -24.16
CA THR D 554 -3.69 37.15 -23.55
C THR D 554 -2.17 37.16 -23.71
N THR D 555 -1.67 36.26 -24.56
CA THR D 555 -0.26 35.97 -24.81
C THR D 555 0.63 36.29 -23.62
N TYR D 556 0.85 35.29 -22.76
CA TYR D 556 1.74 35.45 -21.62
C TYR D 556 2.38 34.12 -21.25
N LEU D 557 2.61 33.29 -22.28
CA LEU D 557 3.23 31.96 -22.29
C LEU D 557 2.33 31.03 -23.10
N SER D 558 1.10 30.82 -22.62
CA SER D 558 0.14 29.97 -23.32
C SER D 558 -1.20 30.68 -23.48
N SER D 559 -2.29 29.92 -23.32
CA SER D 559 -3.67 30.42 -23.38
C SER D 559 -3.90 31.24 -24.66
N SER D 560 -3.80 30.55 -25.79
CA SER D 560 -4.11 31.14 -27.08
C SER D 560 -5.62 31.24 -27.28
N LEU D 561 -6.13 32.45 -27.55
CA LEU D 561 -7.56 32.65 -27.75
C LEU D 561 -7.75 33.28 -29.13
N PHE D 562 -8.31 32.50 -30.06
CA PHE D 562 -8.61 32.94 -31.41
C PHE D 562 -10.11 32.77 -31.62
N LEU D 563 -10.81 33.86 -31.89
CA LEU D 563 -12.25 33.86 -32.06
C LEU D 563 -12.61 33.93 -33.54
N SER D 564 -13.48 33.02 -33.99
CA SER D 564 -13.97 32.84 -35.35
C SER D 564 -15.49 33.07 -35.39
N PRO D 565 -15.99 33.80 -36.38
CA PRO D 565 -17.42 34.16 -36.39
C PRO D 565 -18.37 33.09 -36.94
N VAL D 566 -18.26 32.74 -38.22
CA VAL D 566 -19.11 31.77 -38.90
C VAL D 566 -20.55 32.27 -38.92
N ILE D 567 -20.93 32.93 -40.01
CA ILE D 567 -22.28 33.48 -40.17
C ILE D 567 -23.12 32.46 -40.90
N MET D 568 -24.27 32.07 -40.35
CA MET D 568 -25.17 31.14 -41.06
C MET D 568 -24.45 29.93 -41.63
N ASN D 569 -23.49 29.36 -40.90
CA ASN D 569 -22.65 28.29 -41.43
C ASN D 569 -22.04 28.67 -42.79
N LYS D 570 -21.32 29.80 -42.80
CA LYS D 570 -20.64 30.31 -43.99
C LYS D 570 -19.13 30.14 -43.87
N CYS D 571 -18.68 29.04 -43.29
CA CYS D 571 -17.24 28.79 -43.23
C CYS D 571 -16.67 28.72 -44.63
N SER D 572 -16.08 29.84 -45.07
CA SER D 572 -15.51 29.94 -46.40
C SER D 572 -14.19 29.18 -46.44
N GLN D 573 -14.01 28.33 -47.46
CA GLN D 573 -12.79 27.54 -47.55
C GLN D 573 -11.60 28.48 -47.69
N GLY D 574 -11.10 28.94 -46.55
CA GLY D 574 -9.99 29.89 -46.51
C GLY D 574 -9.73 30.38 -45.10
N ALA D 575 -8.87 29.67 -44.39
CA ALA D 575 -8.49 30.07 -43.04
C ALA D 575 -7.80 31.43 -43.08
N VAL D 576 -8.17 32.29 -42.13
CA VAL D 576 -7.60 33.64 -42.08
C VAL D 576 -6.09 33.53 -42.01
N ALA D 577 -5.41 34.17 -42.95
CA ALA D 577 -3.95 34.14 -43.01
C ALA D 577 -3.43 35.53 -42.65
N GLY D 578 -2.15 35.75 -42.92
CA GLY D 578 -1.57 37.04 -42.61
C GLY D 578 -1.64 37.33 -41.12
N GLU D 579 -2.34 38.40 -40.77
CA GLU D 579 -2.46 38.85 -39.40
C GLU D 579 -3.91 38.95 -38.95
N PRO D 580 -4.21 38.54 -37.72
CA PRO D 580 -5.56 38.64 -37.18
C PRO D 580 -5.96 40.05 -36.77
N ARG D 581 -7.26 40.27 -36.70
CA ARG D 581 -7.81 41.54 -36.23
C ARG D 581 -7.72 41.67 -34.72
N GLN D 582 -7.56 42.90 -34.26
CA GLN D 582 -7.61 43.22 -32.84
C GLN D 582 -9.04 43.56 -32.42
N ILE D 583 -9.35 43.32 -31.15
CA ILE D 583 -10.70 43.48 -30.62
C ILE D 583 -11.01 44.95 -30.40
N PRO D 584 -12.05 45.51 -31.06
CA PRO D 584 -12.44 46.89 -30.81
C PRO D 584 -12.78 47.15 -29.34
N LYS D 585 -11.97 48.00 -28.71
CA LYS D 585 -12.12 48.34 -27.29
C LYS D 585 -13.09 49.51 -27.13
N ILE D 586 -14.10 49.33 -26.28
CA ILE D 586 -15.06 50.37 -25.90
C ILE D 586 -14.70 50.83 -24.50
N GLN D 587 -14.46 52.13 -24.34
CA GLN D 587 -14.08 52.71 -23.05
C GLN D 587 -15.19 53.56 -22.43
N ASN D 588 -16.32 53.71 -23.10
CA ASN D 588 -17.42 54.53 -22.60
C ASN D 588 -18.25 53.70 -21.63
N PHE D 589 -18.13 54.00 -20.33
CA PHE D 589 -18.82 53.28 -19.26
C PHE D 589 -20.19 52.82 -19.72
N THR D 590 -21.10 53.76 -19.97
CA THR D 590 -22.47 53.49 -20.40
C THR D 590 -23.01 52.25 -19.71
N ARG D 591 -22.98 52.30 -18.37
CA ARG D 591 -23.36 51.15 -17.58
C ARG D 591 -24.87 50.98 -17.47
N THR D 592 -25.58 52.04 -17.12
CA THR D 592 -27.02 51.94 -16.91
C THR D 592 -27.73 52.33 -18.20
N GLN D 593 -27.54 51.48 -19.22
CA GLN D 593 -28.26 51.66 -20.46
C GLN D 593 -29.65 51.12 -20.17
N LYS D 594 -30.57 52.05 -19.91
CA LYS D 594 -31.92 51.69 -19.51
C LYS D 594 -32.69 51.07 -20.66
N SER D 595 -32.30 51.38 -21.90
CA SER D 595 -32.97 50.77 -23.03
C SER D 595 -32.47 49.34 -23.14
N CYS D 596 -33.38 48.43 -23.42
CA CYS D 596 -33.07 47.01 -23.46
C CYS D 596 -32.49 46.67 -24.82
N ILE D 597 -31.23 47.05 -24.98
CA ILE D 597 -30.52 46.87 -26.24
C ILE D 597 -29.80 45.53 -26.32
N PHE D 598 -29.27 45.04 -25.20
CA PHE D 598 -28.41 43.87 -25.25
C PHE D 598 -29.17 42.56 -25.34
N CYS D 599 -30.51 42.57 -25.28
CA CYS D 599 -31.29 41.35 -25.44
C CYS D 599 -30.89 40.66 -26.74
N GLY D 600 -30.30 39.47 -26.64
CA GLY D 600 -29.80 38.77 -27.80
C GLY D 600 -28.30 38.82 -28.00
N PHE D 601 -27.54 39.26 -27.01
CA PHE D 601 -26.09 39.37 -27.09
C PHE D 601 -25.47 38.36 -26.15
N ALA D 602 -24.16 38.14 -26.26
CA ALA D 602 -23.49 37.22 -25.34
C ALA D 602 -22.23 37.88 -24.82
N LEU D 603 -22.10 37.99 -23.51
CA LEU D 603 -20.94 38.62 -22.89
C LEU D 603 -20.18 37.59 -22.07
N LEU D 604 -18.88 37.50 -22.32
CA LEU D 604 -18.01 36.50 -21.72
C LEU D 604 -16.86 37.20 -21.00
N SER D 605 -16.70 36.86 -19.72
CA SER D 605 -15.58 37.29 -18.91
C SER D 605 -14.52 36.20 -18.94
N TYR D 606 -13.27 36.59 -19.18
CA TYR D 606 -12.16 35.68 -19.37
C TYR D 606 -10.94 36.21 -18.63
N ASP D 607 -10.14 35.29 -18.08
CA ASP D 607 -8.93 35.64 -17.37
C ASP D 607 -7.72 35.33 -18.24
N GLU D 608 -6.85 36.33 -18.43
CA GLU D 608 -5.73 36.19 -19.37
C GLU D 608 -4.74 35.12 -18.92
N LYS D 609 -4.57 34.93 -17.62
CA LYS D 609 -3.61 33.94 -17.14
C LYS D 609 -4.24 32.55 -17.11
N GLU D 610 -5.52 32.47 -16.78
CA GLU D 610 -6.23 31.20 -16.81
C GLU D 610 -7.02 31.07 -18.11
N GLY D 611 -8.34 31.15 -18.02
CA GLY D 611 -9.19 30.99 -19.17
C GLY D 611 -10.50 31.72 -19.04
N LEU D 612 -11.44 31.38 -19.91
CA LEU D 612 -12.75 32.01 -19.88
C LEU D 612 -13.40 31.72 -18.53
N GLU D 613 -13.84 32.78 -17.85
CA GLU D 613 -14.43 32.61 -16.52
C GLU D 613 -15.91 32.29 -16.65
N THR D 614 -16.70 33.26 -17.08
CA THR D 614 -18.14 33.06 -17.18
C THR D 614 -18.65 33.56 -18.52
N THR D 615 -19.66 32.88 -19.05
CA THR D 615 -20.31 33.29 -20.29
C THR D 615 -21.79 33.48 -20.02
N THR D 616 -22.37 34.56 -20.53
CA THR D 616 -23.74 34.91 -20.22
C THR D 616 -24.44 35.34 -21.50
N TYR D 617 -25.61 34.75 -21.75
CA TYR D 617 -26.44 35.10 -22.90
C TYR D 617 -27.60 35.97 -22.42
N ILE D 618 -27.59 37.24 -22.82
CA ILE D 618 -28.66 38.16 -22.47
C ILE D 618 -29.94 37.73 -23.18
N THR D 619 -30.85 37.10 -22.43
CA THR D 619 -32.08 36.58 -23.01
C THR D 619 -33.25 37.55 -22.90
N SER D 620 -33.31 38.35 -21.82
CA SER D 620 -34.46 39.21 -21.57
C SER D 620 -34.00 40.52 -20.96
N GLN D 621 -34.95 41.45 -20.86
CA GLN D 621 -34.68 42.74 -20.24
C GLN D 621 -34.24 42.59 -18.79
N GLU D 622 -34.89 41.68 -18.06
CA GLU D 622 -34.58 41.45 -16.65
C GLU D 622 -33.11 41.07 -16.46
N VAL D 623 -32.62 40.11 -17.24
CA VAL D 623 -31.24 39.65 -17.08
C VAL D 623 -30.26 40.74 -17.48
N GLN D 624 -30.58 41.53 -18.49
CA GLN D 624 -29.73 42.66 -18.85
C GLN D 624 -29.56 43.60 -17.66
N ASN D 625 -30.68 44.07 -17.11
CA ASN D 625 -30.63 44.92 -15.92
C ASN D 625 -29.82 44.26 -14.81
N SER D 626 -30.08 42.98 -14.55
CA SER D 626 -29.39 42.26 -13.48
C SER D 626 -27.88 42.26 -13.69
N ILE D 627 -27.43 41.92 -14.91
CA ILE D 627 -26.00 41.84 -15.18
C ILE D 627 -25.34 43.21 -15.01
N LEU D 628 -25.98 44.27 -15.52
CA LEU D 628 -25.36 45.58 -15.40
C LEU D 628 -25.35 46.06 -13.94
N SER D 629 -26.41 45.75 -13.19
CA SER D 629 -26.53 46.25 -11.82
C SER D 629 -25.79 45.39 -10.81
N SER D 630 -25.31 44.22 -11.20
CA SER D 630 -24.55 43.36 -10.30
C SER D 630 -23.08 43.76 -10.36
N ASN D 631 -22.23 42.99 -9.70
CA ASN D 631 -20.79 43.23 -9.63
C ASN D 631 -20.02 42.53 -10.75
N TYR D 632 -20.66 42.29 -11.90
CA TYR D 632 -20.02 41.54 -12.98
C TYR D 632 -18.69 42.16 -13.38
N PHE D 633 -18.67 43.47 -13.67
CA PHE D 633 -17.46 44.15 -14.11
C PHE D 633 -16.71 44.70 -12.89
N ASP D 634 -15.61 44.04 -12.53
CA ASP D 634 -14.72 44.53 -11.47
C ASP D 634 -13.29 44.64 -11.99
N PHE D 635 -12.98 45.76 -12.66
CA PHE D 635 -11.65 45.97 -13.20
C PHE D 635 -10.55 45.87 -12.14
N ASP D 636 -10.91 45.91 -10.85
CA ASP D 636 -9.93 45.70 -9.78
C ASP D 636 -9.04 44.50 -10.08
N ASN D 637 -9.63 43.39 -10.50
CA ASN D 637 -8.86 42.28 -11.08
C ASN D 637 -8.52 42.68 -12.51
N LEU D 638 -7.26 43.09 -12.76
CA LEU D 638 -6.87 43.47 -14.11
C LEU D 638 -6.60 42.27 -15.00
N HIS D 639 -6.41 41.10 -14.40
CA HIS D 639 -6.17 39.91 -15.19
C HIS D 639 -7.45 39.43 -15.85
N VAL D 640 -8.59 39.65 -15.21
CA VAL D 640 -9.89 39.28 -15.74
C VAL D 640 -10.43 40.44 -16.58
N HIS D 641 -10.60 40.21 -17.88
CA HIS D 641 -11.17 41.16 -18.82
C HIS D 641 -12.53 40.69 -19.33
N TYR D 642 -13.29 41.62 -19.92
CA TYR D 642 -14.69 41.38 -20.30
C TYR D 642 -14.93 41.72 -21.76
N LEU D 643 -15.39 40.73 -22.55
CA LEU D 643 -15.64 40.84 -23.98
C LEU D 643 -17.12 40.57 -24.29
N LEU D 644 -17.65 41.24 -25.32
CA LEU D 644 -19.04 41.07 -25.75
C LEU D 644 -19.13 40.67 -27.22
N LEU D 645 -19.95 39.65 -27.49
CA LEU D 645 -20.19 39.07 -28.81
C LEU D 645 -21.60 39.44 -29.29
N THR D 646 -21.70 39.93 -30.52
CA THR D 646 -22.93 40.43 -31.11
C THR D 646 -23.37 39.57 -32.28
N THR D 647 -24.66 39.68 -32.64
CA THR D 647 -25.16 39.00 -33.83
C THR D 647 -24.60 39.60 -35.10
N ASN D 648 -24.18 40.87 -35.06
CA ASN D 648 -23.49 41.48 -36.19
C ASN D 648 -22.21 40.73 -36.53
N GLY D 649 -21.62 40.08 -35.54
CA GLY D 649 -20.39 39.34 -35.72
C GLY D 649 -19.16 40.07 -35.26
N THR D 650 -19.33 41.11 -34.45
CA THR D 650 -18.23 41.98 -34.04
C THR D 650 -17.96 41.78 -32.56
N VAL D 651 -16.70 41.58 -32.22
CA VAL D 651 -16.28 41.35 -30.84
C VAL D 651 -15.87 42.70 -30.25
N MET D 652 -16.54 43.12 -29.18
CA MET D 652 -16.19 44.35 -28.50
C MET D 652 -15.54 44.01 -27.16
N GLU D 653 -14.84 44.98 -26.58
CA GLU D 653 -14.16 44.78 -25.31
C GLU D 653 -14.63 45.88 -24.35
N ILE D 654 -15.44 45.51 -23.37
CA ILE D 654 -16.00 46.49 -22.44
C ILE D 654 -15.02 46.83 -21.33
N ALA D 655 -14.68 48.11 -21.20
CA ALA D 655 -13.77 48.55 -20.16
C ALA D 655 -14.41 49.62 -19.27
N PRO E 4 -52.09 -48.57 10.00
CA PRO E 4 -50.71 -49.08 9.99
C PRO E 4 -49.83 -48.31 9.00
N CYS E 5 -48.53 -48.25 9.26
CA CYS E 5 -47.63 -47.48 8.42
C CYS E 5 -47.27 -48.27 7.17
N CYS E 6 -46.52 -47.62 6.27
CA CYS E 6 -46.20 -48.14 4.95
C CYS E 6 -44.71 -47.99 4.68
N HIS E 7 -44.30 -48.34 3.46
CA HIS E 7 -42.95 -48.10 2.96
C HIS E 7 -43.02 -47.56 1.54
N VAL E 8 -42.16 -46.59 1.23
CA VAL E 8 -42.11 -45.94 -0.07
C VAL E 8 -40.84 -46.35 -0.79
N THR E 9 -40.99 -46.75 -2.06
CA THR E 9 -39.83 -47.06 -2.90
C THR E 9 -40.03 -46.57 -4.32
N GLN E 10 -40.08 -47.49 -5.27
CA GLN E 10 -40.28 -47.15 -6.68
C GLN E 10 -41.66 -47.56 -7.15
N HIS E 15 -43.13 -51.67 -12.44
CA HIS E 15 -43.99 -51.71 -11.28
C HIS E 15 -44.34 -50.30 -10.81
N LEU E 16 -45.24 -49.65 -11.55
CA LEU E 16 -45.68 -48.26 -11.21
C LEU E 16 -47.08 -48.02 -11.78
N LEU E 17 -48.08 -47.81 -10.92
CA LEU E 17 -49.48 -47.64 -11.38
C LEU E 17 -50.19 -46.56 -10.57
N LEU E 19 -53.28 -43.53 -10.86
CA LEU E 19 -53.40 -42.07 -11.15
C LEU E 19 -54.85 -41.81 -11.57
N GLU E 20 -55.54 -40.82 -10.99
CA GLU E 20 -57.01 -40.57 -11.22
C GLU E 20 -57.74 -41.78 -10.64
N ASN E 21 -57.26 -42.98 -10.92
CA ASN E 21 -57.69 -44.24 -10.32
C ASN E 21 -57.62 -44.19 -8.79
N ILE E 22 -57.55 -42.99 -8.21
CA ILE E 22 -57.43 -42.81 -6.77
C ILE E 22 -58.72 -42.19 -6.25
N SER E 23 -59.36 -42.87 -5.31
CA SER E 23 -60.62 -42.42 -4.74
C SER E 23 -60.50 -41.97 -3.28
N ASP E 24 -59.73 -42.70 -2.46
CA ASP E 24 -59.57 -42.37 -1.05
C ASP E 24 -58.08 -42.23 -0.74
N ILE E 25 -57.74 -41.18 0.00
CA ILE E 25 -56.37 -40.89 0.41
C ILE E 25 -56.35 -40.74 1.93
N TYR E 26 -55.63 -41.64 2.61
CA TYR E 26 -55.51 -41.62 4.06
C TYR E 26 -54.21 -40.92 4.42
N LEU E 27 -54.33 -39.79 5.13
CA LEU E 27 -53.16 -39.02 5.56
C LEU E 27 -52.98 -39.22 7.07
N VAL E 28 -51.75 -39.52 7.46
CA VAL E 28 -51.43 -39.73 8.88
C VAL E 28 -51.14 -38.40 9.56
N SER E 29 -51.19 -38.41 10.88
CA SER E 29 -51.01 -37.19 11.65
C SER E 29 -49.58 -37.10 12.18
N ASN E 30 -49.34 -36.12 13.05
CA ASN E 30 -48.00 -35.88 13.56
C ASN E 30 -47.52 -36.98 14.51
N GLN E 31 -48.46 -37.66 15.17
CA GLN E 31 -48.12 -38.69 16.15
C GLN E 31 -48.48 -40.10 15.74
N THR E 32 -49.53 -40.28 14.92
CA THR E 32 -50.02 -41.61 14.57
C THR E 32 -48.90 -42.55 14.13
N CYS E 33 -48.03 -42.10 13.21
CA CYS E 33 -46.93 -42.91 12.71
C CYS E 33 -45.61 -42.19 12.98
N ASP E 34 -45.15 -42.24 14.22
CA ASP E 34 -43.90 -41.65 14.63
C ASP E 34 -43.87 -40.15 14.33
N GLY E 35 -43.17 -39.78 13.27
CA GLY E 35 -43.08 -38.40 12.85
C GLY E 35 -43.12 -38.30 11.34
N PHE E 36 -43.08 -39.45 10.67
CA PHE E 36 -43.09 -39.49 9.21
C PHE E 36 -44.51 -39.28 8.69
N SER E 37 -44.70 -38.19 7.95
CA SER E 37 -45.96 -37.88 7.28
C SER E 37 -46.10 -38.68 5.99
N LEU E 38 -47.00 -39.67 5.99
CA LEU E 38 -47.17 -40.61 4.88
C LEU E 38 -48.59 -40.49 4.32
N ALA E 39 -48.82 -41.12 3.16
CA ALA E 39 -50.10 -41.08 2.47
C ALA E 39 -50.42 -42.45 1.89
N SER E 40 -51.54 -43.04 2.31
CA SER E 40 -52.03 -44.30 1.77
C SER E 40 -53.10 -44.05 0.71
N LEU E 41 -52.76 -44.31 -0.56
CA LEU E 41 -53.67 -44.23 -1.69
C LEU E 41 -54.38 -45.57 -1.88
N ASN E 42 -55.68 -45.51 -2.15
CA ASN E 42 -56.53 -46.70 -2.21
C ASN E 42 -56.92 -46.99 -3.66
N SER E 43 -56.88 -48.28 -4.01
CA SER E 43 -57.11 -48.71 -5.39
C SER E 43 -58.48 -48.32 -5.94
N PRO E 44 -59.61 -48.72 -5.32
CA PRO E 44 -60.88 -48.30 -5.95
C PRO E 44 -61.13 -46.79 -5.87
N SER E 54 -53.69 -51.13 -2.49
CA SER E 54 -53.33 -49.78 -2.04
C SER E 54 -51.84 -49.53 -2.21
N ARG E 55 -51.48 -48.28 -2.51
CA ARG E 55 -50.09 -47.88 -2.70
C ARG E 55 -49.76 -46.73 -1.75
N CYS E 56 -48.59 -46.80 -1.11
CA CYS E 56 -48.16 -45.73 -0.23
C CYS E 56 -47.24 -44.74 -0.94
N ALA E 57 -47.22 -43.51 -0.40
CA ALA E 57 -46.44 -42.42 -0.98
C ALA E 57 -46.06 -41.44 0.13
N ASN E 58 -45.01 -40.66 -0.12
CA ASN E 58 -44.53 -39.72 0.88
C ASN E 58 -45.54 -38.59 1.07
N GLY E 59 -45.87 -38.31 2.33
CA GLY E 59 -46.94 -37.38 2.62
C GLY E 59 -46.63 -35.94 2.33
N LEU E 60 -45.37 -35.52 2.52
CA LEU E 60 -45.04 -34.11 2.33
C LEU E 60 -45.26 -33.68 0.89
N ASN E 61 -44.83 -34.49 -0.07
CA ASN E 61 -45.05 -34.14 -1.47
C ASN E 61 -46.54 -34.10 -1.80
N VAL E 62 -47.31 -35.05 -1.27
CA VAL E 62 -48.75 -35.08 -1.54
C VAL E 62 -49.43 -33.82 -1.00
N VAL E 63 -49.11 -33.45 0.25
CA VAL E 63 -49.77 -32.29 0.83
C VAL E 63 -49.31 -31.00 0.15
N SER E 64 -48.03 -30.93 -0.28
CA SER E 64 -47.60 -29.76 -1.03
C SER E 64 -48.33 -29.67 -2.36
N PHE E 65 -48.50 -30.82 -3.03
CA PHE E 65 -49.29 -30.84 -4.26
C PHE E 65 -50.70 -30.32 -4.01
N PHE E 66 -51.32 -30.74 -2.90
CA PHE E 66 -52.70 -30.34 -2.65
C PHE E 66 -52.80 -28.86 -2.28
N ILE E 67 -51.88 -28.34 -1.46
CA ILE E 67 -51.91 -26.90 -1.16
C ILE E 67 -51.72 -26.10 -2.44
N SER E 68 -50.85 -26.57 -3.34
CA SER E 68 -50.63 -25.84 -4.59
C SER E 68 -51.86 -25.89 -5.49
N ILE E 69 -52.54 -27.04 -5.53
CA ILE E 69 -53.70 -27.17 -6.39
C ILE E 69 -54.86 -26.30 -5.89
N LEU E 70 -55.09 -26.29 -4.58
CA LEU E 70 -56.14 -25.42 -4.05
C LEU E 70 -55.76 -23.94 -4.14
N LYS E 71 -54.47 -23.62 -4.01
CA LYS E 71 -54.04 -22.24 -4.18
C LYS E 71 -54.28 -21.76 -5.60
N ARG E 72 -53.91 -22.57 -6.59
CA ARG E 72 -54.07 -22.23 -7.99
C ARG E 72 -55.53 -22.14 -8.42
N SER E 73 -56.47 -22.51 -7.55
CA SER E 73 -57.90 -22.53 -7.85
C SER E 73 -58.66 -21.71 -6.83
N SER E 74 -58.11 -20.55 -6.46
CA SER E 74 -58.75 -19.70 -5.45
C SER E 74 -60.12 -19.23 -5.91
N SER E 75 -60.35 -19.15 -7.22
CA SER E 75 -61.66 -18.72 -7.73
C SER E 75 -62.77 -19.65 -7.26
N ALA E 76 -62.53 -20.96 -7.29
CA ALA E 76 -63.50 -21.94 -6.81
C ALA E 76 -63.37 -22.07 -5.28
N LEU E 77 -63.68 -20.96 -4.60
CA LEU E 77 -63.50 -20.88 -3.16
C LEU E 77 -64.35 -21.92 -2.42
N THR E 78 -65.64 -22.00 -2.78
CA THR E 78 -66.59 -22.92 -2.18
C THR E 78 -66.74 -22.69 -0.67
N GLY E 79 -65.64 -22.78 0.07
CA GLY E 79 -65.68 -22.57 1.51
C GLY E 79 -65.31 -23.83 2.28
N HIS E 80 -65.98 -24.94 1.96
CA HIS E 80 -65.62 -26.23 2.55
C HIS E 80 -64.19 -26.59 2.18
N LEU E 81 -63.84 -26.44 0.90
CA LEU E 81 -62.47 -26.72 0.48
C LEU E 81 -61.49 -25.67 1.00
N ARG E 82 -61.96 -24.44 1.28
CA ARG E 82 -61.06 -23.46 1.88
C ARG E 82 -60.70 -23.84 3.32
N GLU E 83 -61.69 -24.28 4.11
CA GLU E 83 -61.38 -24.78 5.45
C GLU E 83 -60.52 -26.04 5.37
N LEU E 84 -60.76 -26.89 4.36
CA LEU E 84 -59.87 -28.03 4.14
C LEU E 84 -58.44 -27.54 3.88
N LEU E 85 -58.29 -26.53 3.03
CA LEU E 85 -56.97 -25.99 2.73
C LEU E 85 -56.28 -25.50 3.98
N THR E 86 -56.98 -24.73 4.81
CA THR E 86 -56.34 -24.19 6.00
C THR E 86 -55.99 -25.29 7.00
N THR E 87 -56.87 -26.29 7.17
CA THR E 87 -56.58 -27.37 8.10
C THR E 87 -55.40 -28.21 7.64
N LEU E 88 -55.37 -28.57 6.35
CA LEU E 88 -54.25 -29.37 5.87
C LEU E 88 -52.98 -28.53 5.73
N GLU E 89 -53.10 -27.21 5.59
CA GLU E 89 -51.94 -26.34 5.65
C GLU E 89 -51.34 -26.34 7.04
N THR E 90 -52.19 -26.35 8.07
CA THR E 90 -51.68 -26.52 9.43
C THR E 90 -51.05 -27.90 9.62
N LEU E 91 -51.65 -28.92 8.99
CA LEU E 91 -51.07 -30.25 9.04
C LEU E 91 -49.67 -30.28 8.43
N TYR E 92 -49.51 -29.64 7.27
CA TYR E 92 -48.18 -29.52 6.66
C TYR E 92 -47.26 -28.64 7.49
N GLY E 93 -47.81 -27.66 8.20
CA GLY E 93 -47.01 -26.86 9.11
C GLY E 93 -46.53 -27.62 10.33
N SER E 94 -47.21 -28.71 10.67
CA SER E 94 -46.72 -29.61 11.71
C SER E 94 -45.56 -30.49 11.22
N PHE E 95 -45.02 -30.22 10.04
CA PHE E 95 -43.91 -30.99 9.51
C PHE E 95 -42.61 -30.58 10.20
N SER E 96 -41.62 -31.46 10.11
CA SER E 96 -40.28 -31.19 10.60
C SER E 96 -39.35 -32.15 9.86
N VAL E 97 -38.65 -31.64 8.85
CA VAL E 97 -37.77 -32.48 8.06
C VAL E 97 -36.36 -32.61 8.65
N GLU E 98 -35.87 -31.60 9.37
CA GLU E 98 -34.53 -31.69 9.93
C GLU E 98 -34.43 -32.74 11.04
N ASP E 99 -35.48 -32.92 11.83
CA ASP E 99 -35.40 -33.86 12.95
C ASP E 99 -35.35 -35.31 12.51
N LEU E 100 -35.65 -35.62 11.25
CA LEU E 100 -35.60 -36.98 10.74
C LEU E 100 -34.32 -37.26 9.96
N PHE E 101 -33.35 -36.33 9.99
CA PHE E 101 -32.10 -36.56 9.26
C PHE E 101 -31.31 -37.71 9.88
N GLY E 102 -31.24 -37.75 11.21
CA GLY E 102 -30.57 -38.85 11.89
C GLY E 102 -31.44 -40.08 12.04
N ALA E 103 -32.75 -39.93 11.88
CA ALA E 103 -33.68 -41.04 11.99
C ALA E 103 -33.44 -42.07 10.89
N ASN E 104 -33.81 -43.32 11.18
CA ASN E 104 -33.58 -44.44 10.26
C ASN E 104 -34.74 -44.51 9.25
N LEU E 105 -34.48 -44.08 8.02
CA LEU E 105 -35.44 -44.25 6.95
C LEU E 105 -35.42 -45.71 6.50
N ASN E 106 -36.24 -46.03 5.50
CA ASN E 106 -36.44 -47.41 5.04
C ASN E 106 -36.49 -48.38 6.21
N ARG E 107 -37.28 -48.00 7.22
CA ARG E 107 -37.41 -48.73 8.48
C ARG E 107 -38.49 -49.82 8.43
N TYR E 108 -38.82 -50.33 7.25
CA TYR E 108 -39.88 -51.32 7.10
C TYR E 108 -39.46 -52.39 6.08
N ALA E 109 -38.39 -53.12 6.41
CA ALA E 109 -37.89 -54.19 5.56
C ALA E 109 -37.01 -55.14 6.36
N THR F 11 -25.64 50.78 -35.22
CA THR F 11 -25.46 51.99 -34.42
C THR F 11 -26.14 51.83 -33.05
N TRP F 12 -25.95 50.65 -32.47
CA TRP F 12 -26.59 50.24 -31.22
C TRP F 12 -28.11 50.39 -31.29
N VAL F 13 -28.78 49.38 -31.81
CA VAL F 13 -30.25 49.35 -31.89
C VAL F 13 -30.78 48.44 -30.79
N PRO F 14 -31.81 48.86 -30.04
CA PRO F 14 -32.36 47.99 -29.00
C PRO F 14 -33.13 46.82 -29.62
N LYS F 15 -32.65 45.57 -29.35
CA LYS F 15 -33.24 44.33 -29.83
C LYS F 15 -34.29 43.79 -28.86
N PRO F 16 -35.30 43.07 -29.37
CA PRO F 16 -36.32 42.50 -28.49
C PRO F 16 -35.81 41.24 -27.78
N ASN F 17 -36.60 40.80 -26.81
CA ASN F 17 -36.27 39.60 -26.04
C ASN F 17 -36.25 38.37 -26.95
N VAL F 18 -35.54 37.34 -26.48
CA VAL F 18 -35.41 36.08 -27.21
C VAL F 18 -36.59 35.17 -26.86
N GLU F 19 -37.01 34.38 -27.84
CA GLU F 19 -38.06 33.40 -27.65
C GLU F 19 -37.67 32.11 -28.38
N VAL F 20 -38.42 31.06 -28.09
CA VAL F 20 -38.15 29.75 -28.70
C VAL F 20 -38.50 29.80 -30.18
N TRP F 21 -37.64 29.21 -31.01
CA TRP F 21 -37.95 29.06 -32.42
C TRP F 21 -39.25 28.25 -32.54
N PRO F 22 -40.14 28.63 -33.47
CA PRO F 22 -41.42 27.93 -33.57
C PRO F 22 -41.22 26.46 -33.90
N VAL F 23 -42.12 25.63 -33.37
CA VAL F 23 -42.06 24.19 -33.54
C VAL F 23 -43.37 23.72 -34.17
N ASP F 24 -43.27 22.69 -35.00
CA ASP F 24 -44.44 22.15 -35.67
C ASP F 24 -45.39 21.52 -34.66
N PRO F 25 -46.69 21.50 -34.95
CA PRO F 25 -47.64 20.78 -34.10
C PRO F 25 -47.41 19.29 -34.20
N PRO F 26 -47.88 18.50 -33.24
CA PRO F 26 -47.60 17.06 -33.26
C PRO F 26 -48.52 16.34 -34.23
N PRO F 27 -48.04 15.25 -34.83
CA PRO F 27 -48.90 14.43 -35.70
C PRO F 27 -49.95 13.69 -34.88
N PRO F 28 -51.03 13.21 -35.51
CA PRO F 28 -52.04 12.49 -34.74
C PRO F 28 -51.50 11.19 -34.18
N VAL F 29 -52.10 10.74 -33.07
CA VAL F 29 -51.52 9.67 -32.27
C VAL F 29 -52.34 8.39 -32.27
N ASN F 30 -53.65 8.44 -32.55
CA ASN F 30 -54.53 7.32 -32.23
C ASN F 30 -54.24 6.13 -33.14
N PHE F 31 -53.76 5.05 -32.55
CA PHE F 31 -53.62 3.77 -33.19
C PHE F 31 -54.95 3.03 -33.11
N ASN F 32 -55.13 2.03 -33.99
CA ASN F 32 -56.39 1.29 -33.98
C ASN F 32 -56.55 0.41 -32.73
N LYS F 33 -55.62 0.49 -31.78
CA LYS F 33 -55.71 -0.20 -30.50
C LYS F 33 -55.81 -1.72 -30.65
N THR F 34 -55.03 -2.28 -31.58
CA THR F 34 -55.12 -3.71 -31.81
C THR F 34 -54.47 -4.52 -30.69
N ALA F 35 -53.60 -3.90 -29.90
CA ALA F 35 -52.92 -4.54 -28.77
C ALA F 35 -52.08 -5.75 -29.17
N GLU F 36 -52.71 -6.70 -29.88
CA GLU F 36 -51.98 -7.87 -30.35
C GLU F 36 -50.89 -7.51 -31.35
N GLN F 37 -51.12 -6.47 -32.16
CA GLN F 37 -50.11 -6.01 -33.10
C GLN F 37 -49.31 -4.84 -32.58
N GLU F 38 -49.79 -4.14 -31.55
CA GLU F 38 -48.97 -3.13 -30.89
C GLU F 38 -47.78 -3.78 -30.19
N TYR F 39 -48.04 -4.77 -29.35
CA TYR F 39 -46.99 -5.63 -28.81
C TYR F 39 -46.70 -6.77 -29.78
N GLY F 40 -46.31 -7.93 -29.26
CA GLY F 40 -46.12 -9.10 -30.09
C GLY F 40 -47.03 -10.25 -29.73
N ASP F 41 -46.55 -11.48 -29.90
CA ASP F 41 -47.26 -12.64 -29.38
C ASP F 41 -47.13 -12.70 -27.87
N LYS F 42 -48.27 -12.91 -27.18
CA LYS F 42 -48.25 -12.89 -25.73
C LYS F 42 -47.36 -13.99 -25.15
N GLU F 43 -47.16 -15.08 -25.89
CA GLU F 43 -46.29 -16.15 -25.42
C GLU F 43 -44.83 -15.72 -25.58
N VAL F 44 -44.07 -15.77 -24.48
CA VAL F 44 -42.68 -15.34 -24.47
C VAL F 44 -41.81 -16.41 -23.83
N LYS F 45 -40.59 -16.54 -24.32
CA LYS F 45 -39.56 -17.38 -23.73
C LYS F 45 -38.51 -16.49 -23.09
N LEU F 46 -38.12 -16.82 -21.86
CA LEU F 46 -37.11 -16.03 -21.17
C LEU F 46 -35.77 -16.17 -21.86
N PRO F 47 -35.00 -15.08 -21.96
CA PRO F 47 -33.74 -15.14 -22.70
C PRO F 47 -32.73 -16.05 -22.04
N HIS F 48 -31.87 -16.63 -22.87
CA HIS F 48 -30.80 -17.50 -22.43
C HIS F 48 -29.58 -17.25 -23.29
N TRP F 49 -28.40 -17.24 -22.66
CA TRP F 49 -27.15 -17.01 -23.37
C TRP F 49 -26.27 -18.25 -23.23
N THR F 50 -25.56 -18.58 -24.28
CA THR F 50 -24.63 -19.72 -24.28
C THR F 50 -23.25 -19.23 -24.73
N PRO F 51 -22.34 -19.00 -23.79
CA PRO F 51 -21.01 -18.52 -24.15
C PRO F 51 -20.12 -19.66 -24.60
N THR F 52 -19.40 -19.44 -25.70
CA THR F 52 -18.48 -20.43 -26.23
C THR F 52 -17.24 -20.46 -25.33
N LEU F 53 -17.14 -21.50 -24.52
CA LEU F 53 -15.95 -21.70 -23.69
C LEU F 53 -14.74 -21.94 -24.58
N HIS F 54 -13.61 -21.37 -24.19
CA HIS F 54 -12.37 -21.47 -24.96
C HIS F 54 -11.25 -21.92 -24.04
N THR F 55 -10.81 -23.16 -24.19
CA THR F 55 -9.70 -23.67 -23.41
C THR F 55 -8.43 -22.93 -23.77
N PHE F 56 -7.56 -22.73 -22.77
CA PHE F 56 -6.34 -21.95 -22.93
C PHE F 56 -5.13 -22.84 -22.72
N GLN F 57 -4.28 -22.93 -23.73
CA GLN F 57 -2.97 -23.56 -23.62
C GLN F 57 -1.91 -22.49 -23.81
N VAL F 58 -0.69 -22.80 -23.39
CA VAL F 58 0.38 -21.81 -23.52
C VAL F 58 0.64 -21.53 -25.00
N PRO F 59 0.67 -20.27 -25.43
CA PRO F 59 0.85 -20.00 -26.87
C PRO F 59 2.20 -20.48 -27.37
N GLN F 60 2.19 -21.11 -28.54
CA GLN F 60 3.43 -21.53 -29.16
C GLN F 60 4.24 -20.31 -29.58
N ASN F 61 5.46 -20.56 -30.07
CA ASN F 61 6.33 -19.51 -30.59
C ASN F 61 6.80 -18.54 -29.49
N TYR F 62 6.02 -18.40 -28.42
CA TYR F 62 6.37 -17.53 -27.31
C TYR F 62 6.61 -18.36 -26.06
N THR F 63 7.76 -18.14 -25.43
CA THR F 63 8.14 -18.86 -24.21
C THR F 63 9.28 -18.08 -23.56
N LYS F 64 9.89 -18.66 -22.53
CA LYS F 64 11.02 -18.03 -21.87
C LYS F 64 12.17 -17.91 -22.86
N ALA F 65 12.71 -16.70 -22.99
CA ALA F 65 13.78 -16.45 -23.94
C ALA F 65 15.11 -16.96 -23.42
N ASN F 66 15.91 -17.53 -24.32
CA ASN F 66 17.25 -17.99 -24.00
C ASN F 66 18.28 -16.87 -24.03
N CYS F 67 17.88 -15.68 -24.42
CA CYS F 67 18.78 -14.53 -24.56
C CYS F 67 18.74 -13.68 -23.29
N THR F 68 19.69 -12.74 -23.21
CA THR F 68 19.76 -11.79 -22.11
C THR F 68 19.80 -10.36 -22.64
N TYR F 69 19.11 -9.46 -21.94
CA TYR F 69 19.04 -8.07 -22.36
C TYR F 69 18.52 -7.25 -21.20
N CYS F 70 18.77 -5.94 -21.26
CA CYS F 70 18.16 -5.00 -20.32
C CYS F 70 18.30 -3.61 -20.91
N ASN F 71 17.17 -3.00 -21.28
CA ASN F 71 17.20 -1.61 -21.73
C ASN F 71 17.48 -0.71 -20.54
N THR F 72 18.77 -0.44 -20.28
CA THR F 72 19.16 0.29 -19.08
C THR F 72 18.52 1.68 -19.04
N ARG F 73 18.22 2.26 -20.19
CA ARG F 73 17.69 3.62 -20.26
C ARG F 73 16.18 3.67 -20.11
N GLU F 74 15.48 2.55 -20.32
CA GLU F 74 14.01 2.57 -20.39
C GLU F 74 13.37 1.47 -19.55
N TYR F 75 14.05 1.00 -18.51
CA TYR F 75 13.45 -0.01 -17.64
C TYR F 75 12.75 0.68 -16.47
N THR F 76 11.62 0.11 -16.05
CA THR F 76 10.91 0.64 -14.90
C THR F 76 11.68 0.36 -13.61
N PHE F 77 11.99 -0.91 -13.35
CA PHE F 77 12.83 -1.17 -12.18
C PHE F 77 13.63 -2.45 -12.36
N SER F 78 14.82 -2.47 -11.78
CA SER F 78 15.71 -3.60 -11.87
C SER F 78 15.92 -4.22 -10.49
N TYR F 79 16.26 -5.51 -10.47
CA TYR F 79 16.53 -6.20 -9.21
C TYR F 79 17.43 -7.39 -9.50
N LYS F 80 18.56 -7.44 -8.79
CA LYS F 80 19.52 -8.53 -8.90
C LYS F 80 19.90 -8.78 -10.35
N GLY F 81 19.35 -9.83 -10.95
CA GLY F 81 19.68 -10.20 -12.31
C GLY F 81 18.52 -10.14 -13.27
N CYS F 82 17.55 -9.26 -13.00
CA CYS F 82 16.38 -9.13 -13.85
C CYS F 82 16.00 -7.66 -13.97
N CYS F 83 15.47 -7.32 -15.14
CA CYS F 83 14.96 -5.98 -15.42
C CYS F 83 13.48 -6.07 -15.75
N PHE F 84 12.68 -5.16 -15.20
CA PHE F 84 11.23 -5.25 -15.24
C PHE F 84 10.66 -4.00 -15.90
N TYR F 85 9.77 -4.22 -16.87
CA TYR F 85 9.14 -3.19 -17.66
C TYR F 85 7.63 -3.29 -17.52
N PHE F 86 6.98 -2.14 -17.45
CA PHE F 86 5.53 -2.02 -17.44
C PHE F 86 5.06 -1.56 -18.82
N THR F 87 4.22 -2.37 -19.46
CA THR F 87 3.71 -1.99 -20.77
C THR F 87 2.95 -0.68 -20.70
N LYS F 88 3.28 0.25 -21.60
CA LYS F 88 2.61 1.55 -21.59
C LYS F 88 1.18 1.45 -22.09
N LYS F 89 0.95 0.67 -23.14
CA LYS F 89 -0.38 0.47 -23.70
C LYS F 89 -1.07 -0.70 -22.98
N LYS F 90 -2.33 -0.49 -22.59
CA LYS F 90 -3.10 -1.57 -21.98
C LYS F 90 -3.39 -2.66 -22.99
N HIS F 91 -3.41 -3.90 -22.51
CA HIS F 91 -3.64 -5.05 -23.38
C HIS F 91 -4.50 -6.07 -22.66
N THR F 92 -5.00 -7.03 -23.42
CA THR F 92 -5.64 -8.19 -22.83
C THR F 92 -4.58 -9.10 -22.22
N TRP F 93 -5.01 -9.96 -21.29
CA TRP F 93 -4.07 -10.86 -20.63
C TRP F 93 -3.37 -11.76 -21.63
N ASN F 94 -4.15 -12.47 -22.46
CA ASN F 94 -3.57 -13.40 -23.43
C ASN F 94 -2.64 -12.67 -24.41
N GLY F 95 -3.12 -11.56 -24.98
CA GLY F 95 -2.35 -10.82 -25.94
C GLY F 95 -1.02 -10.29 -25.42
N CYS F 96 -0.84 -10.24 -24.11
CA CYS F 96 0.40 -9.70 -23.57
C CYS F 96 1.60 -10.59 -23.86
N PHE F 97 1.39 -11.90 -24.03
CA PHE F 97 2.46 -12.78 -24.47
C PHE F 97 3.14 -12.24 -25.72
N GLN F 98 2.34 -11.86 -26.72
CA GLN F 98 2.91 -11.23 -27.92
C GLN F 98 3.33 -9.80 -27.64
N ALA F 99 2.50 -9.03 -26.93
CA ALA F 99 2.73 -7.59 -26.78
C ALA F 99 4.04 -7.29 -26.06
N CYS F 100 4.52 -8.20 -25.21
CA CYS F 100 5.76 -7.95 -24.50
C CYS F 100 6.98 -8.30 -25.34
N ALA F 101 6.90 -9.37 -26.13
CA ALA F 101 8.02 -9.74 -26.98
C ALA F 101 8.32 -8.63 -27.99
N GLU F 102 7.28 -7.96 -28.48
CA GLU F 102 7.46 -6.88 -29.43
C GLU F 102 8.01 -5.62 -28.78
N LEU F 103 7.93 -5.52 -27.45
CA LEU F 103 8.37 -4.32 -26.73
C LEU F 103 9.88 -4.16 -26.82
N TYR F 104 10.62 -5.03 -26.16
CA TYR F 104 12.08 -5.00 -26.12
C TYR F 104 12.63 -6.38 -26.43
N PRO F 105 13.86 -6.46 -26.93
CA PRO F 105 14.44 -7.77 -27.24
C PRO F 105 14.55 -8.64 -25.99
N CYS F 106 14.28 -9.93 -26.16
CA CYS F 106 14.50 -10.94 -25.12
C CYS F 106 13.71 -10.62 -23.84
N THR F 107 12.43 -10.31 -24.01
CA THR F 107 11.55 -10.02 -22.89
C THR F 107 10.33 -10.93 -22.93
N TYR F 108 9.82 -11.28 -21.76
CA TYR F 108 8.71 -12.21 -21.72
C TYR F 108 7.82 -11.95 -20.51
N PHE F 109 6.59 -12.46 -20.61
CA PHE F 109 5.57 -12.32 -19.58
C PHE F 109 6.00 -13.00 -18.29
N TYR F 110 6.06 -12.24 -17.20
CA TYR F 110 6.46 -12.77 -15.91
C TYR F 110 5.33 -12.60 -14.89
N GLY F 111 5.09 -13.63 -14.11
CA GLY F 111 4.27 -13.54 -12.93
C GLY F 111 5.04 -13.80 -11.65
N PRO F 112 6.00 -12.95 -11.31
CA PRO F 112 6.96 -13.31 -10.26
C PRO F 112 6.37 -13.14 -8.87
N THR F 113 6.79 -14.01 -7.95
CA THR F 113 6.17 -13.90 -6.62
C THR F 113 7.20 -14.18 -5.52
N PRO F 114 6.87 -14.96 -4.45
CA PRO F 114 7.06 -14.44 -3.09
C PRO F 114 8.47 -13.97 -2.75
N ASP F 115 9.02 -13.10 -3.58
CA ASP F 115 10.32 -12.53 -3.30
C ASP F 115 10.51 -11.26 -4.10
N ILE F 116 9.70 -11.09 -5.15
CA ILE F 116 9.87 -9.95 -6.05
C ILE F 116 8.53 -9.36 -6.46
N LEU F 117 7.45 -9.82 -5.81
CA LEU F 117 6.14 -9.20 -5.97
C LEU F 117 5.99 -7.98 -5.06
N PRO F 118 6.58 -7.97 -3.85
CA PRO F 118 6.54 -6.72 -3.06
C PRO F 118 7.01 -5.48 -3.80
N VAL F 119 8.10 -5.57 -4.55
CA VAL F 119 8.62 -4.40 -5.25
C VAL F 119 7.69 -4.01 -6.40
N VAL F 120 7.19 -4.99 -7.14
CA VAL F 120 6.22 -4.72 -8.19
C VAL F 120 5.03 -3.93 -7.63
N THR F 121 4.39 -4.47 -6.58
CA THR F 121 3.25 -3.76 -5.99
C THR F 121 3.67 -2.42 -5.42
N ARG F 122 4.93 -2.28 -5.03
CA ARG F 122 5.43 -1.00 -4.54
C ARG F 122 5.44 0.04 -5.66
N ASN F 123 5.78 -0.38 -6.88
CA ASN F 123 5.88 0.52 -8.02
C ASN F 123 4.54 0.74 -8.73
N LEU F 124 3.43 0.71 -8.00
CA LEU F 124 2.10 0.93 -8.57
C LEU F 124 1.39 2.09 -7.90
N ASN F 125 0.38 2.60 -8.61
CA ASN F 125 -0.55 3.56 -8.05
C ASN F 125 -1.58 2.84 -7.19
N ALA F 126 -2.46 3.60 -6.55
CA ALA F 126 -3.46 3.05 -5.64
C ALA F 126 -4.77 2.71 -6.34
N ILE F 127 -4.74 2.34 -7.61
CA ILE F 127 -5.95 1.99 -8.35
C ILE F 127 -5.57 1.21 -9.60
N GLU F 128 -4.28 1.21 -9.93
CA GLU F 128 -3.82 0.56 -11.15
C GLU F 128 -3.81 -0.96 -10.99
N SER F 129 -4.30 -1.66 -12.00
CA SER F 129 -4.22 -3.10 -12.07
C SER F 129 -3.06 -3.49 -12.96
N LEU F 130 -2.69 -4.76 -12.93
CA LEU F 130 -1.57 -5.21 -13.75
C LEU F 130 -1.69 -6.68 -14.06
N TRP F 131 -1.83 -7.02 -15.34
CA TRP F 131 -1.78 -8.42 -15.73
C TRP F 131 -0.40 -9.00 -15.44
N VAL F 132 -0.36 -10.16 -14.80
CA VAL F 132 0.88 -10.85 -14.48
C VAL F 132 0.88 -12.21 -15.14
N GLY F 133 2.08 -12.80 -15.24
CA GLY F 133 2.27 -13.97 -16.08
C GLY F 133 2.34 -15.30 -15.35
N VAL F 134 1.43 -15.53 -14.42
CA VAL F 134 1.22 -16.84 -13.81
C VAL F 134 -0.15 -17.35 -14.25
N TYR F 135 -0.19 -18.60 -14.68
CA TYR F 135 -1.37 -19.13 -15.37
C TYR F 135 -1.58 -20.57 -14.92
N ARG F 136 -2.55 -21.23 -15.54
CA ARG F 136 -2.75 -22.67 -15.35
C ARG F 136 -3.31 -23.20 -16.66
N VAL F 137 -2.52 -24.03 -17.35
CA VAL F 137 -2.92 -24.50 -18.68
C VAL F 137 -4.09 -25.46 -18.57
N GLY F 138 -3.92 -26.55 -17.84
CA GLY F 138 -4.99 -27.49 -17.62
C GLY F 138 -5.67 -27.28 -16.28
N GLU F 139 -5.78 -28.34 -15.49
CA GLU F 139 -6.31 -28.25 -14.13
C GLU F 139 -5.25 -28.55 -13.08
N GLY F 140 -3.97 -28.38 -13.44
CA GLY F 140 -2.87 -28.65 -12.54
C GLY F 140 -2.49 -27.44 -11.71
N ASN F 141 -1.20 -27.34 -11.42
CA ASN F 141 -0.70 -26.26 -10.58
C ASN F 141 -0.60 -24.95 -11.38
N TRP F 142 -0.64 -23.84 -10.64
CA TRP F 142 -0.42 -22.53 -11.23
C TRP F 142 1.07 -22.33 -11.49
N THR F 143 1.43 -22.03 -12.74
CA THR F 143 2.81 -21.91 -13.13
C THR F 143 3.01 -20.70 -14.04
N SER F 144 4.27 -20.37 -14.28
CA SER F 144 4.65 -19.27 -15.16
C SER F 144 5.60 -19.79 -16.23
N LEU F 145 6.02 -18.90 -17.13
CA LEU F 145 7.03 -19.26 -18.11
C LEU F 145 8.35 -19.61 -17.44
N ASP F 146 8.69 -18.92 -16.35
CA ASP F 146 9.89 -19.24 -15.59
C ASP F 146 9.78 -20.58 -14.87
N GLY F 147 8.56 -21.09 -14.70
CA GLY F 147 8.35 -22.37 -14.06
C GLY F 147 8.04 -22.25 -12.58
N GLY F 148 7.96 -23.41 -11.94
CA GLY F 148 7.66 -23.48 -10.53
C GLY F 148 6.17 -23.42 -10.26
N THR F 149 5.84 -23.40 -8.97
CA THR F 149 4.46 -23.32 -8.51
C THR F 149 4.23 -22.00 -7.79
N PHE F 150 2.97 -21.58 -7.75
CA PHE F 150 2.59 -20.28 -7.19
C PHE F 150 1.37 -20.43 -6.29
N LYS F 151 1.38 -19.70 -5.17
CA LYS F 151 0.17 -19.50 -4.40
C LYS F 151 -0.65 -18.37 -5.04
N VAL F 152 -1.93 -18.64 -5.30
CA VAL F 152 -2.80 -17.72 -6.02
C VAL F 152 -4.14 -17.61 -5.29
N TYR F 153 -4.69 -16.40 -5.28
CA TYR F 153 -6.04 -16.15 -4.77
C TYR F 153 -7.04 -16.45 -5.88
N GLN F 154 -7.39 -17.73 -6.02
CA GLN F 154 -8.27 -18.18 -7.08
C GLN F 154 -9.71 -18.22 -6.58
N ILE F 155 -10.59 -17.49 -7.26
CA ILE F 155 -12.01 -17.46 -6.95
C ILE F 155 -12.78 -17.56 -8.26
N PHE F 156 -12.08 -17.36 -9.36
CA PHE F 156 -12.60 -17.44 -10.72
C PHE F 156 -11.83 -18.50 -11.49
N GLY F 157 -12.24 -18.74 -12.73
CA GLY F 157 -11.67 -19.83 -13.51
C GLY F 157 -10.18 -19.64 -13.73
N SER F 158 -9.46 -20.76 -13.72
CA SER F 158 -8.00 -20.78 -13.59
C SER F 158 -7.27 -20.34 -14.85
N HIS F 159 -7.50 -19.10 -15.28
CA HIS F 159 -6.86 -18.60 -16.50
C HIS F 159 -5.85 -17.51 -16.19
N CYS F 160 -6.33 -16.28 -16.06
CA CYS F 160 -5.52 -15.08 -15.97
C CYS F 160 -5.31 -14.67 -14.52
N THR F 161 -4.34 -13.78 -14.32
CA THR F 161 -3.96 -13.30 -13.00
C THR F 161 -3.55 -11.84 -13.10
N TYR F 162 -3.92 -11.05 -12.10
CA TYR F 162 -3.55 -9.65 -12.02
C TYR F 162 -3.06 -9.33 -10.61
N VAL F 163 -2.47 -8.15 -10.48
CA VAL F 163 -2.01 -7.63 -9.19
C VAL F 163 -2.43 -6.17 -9.06
N SER F 164 -2.56 -5.74 -7.80
CA SER F 164 -2.88 -4.37 -7.43
C SER F 164 -1.87 -3.92 -6.38
N LYS F 165 -1.96 -2.64 -5.99
CA LYS F 165 -1.01 -2.08 -5.04
C LYS F 165 -0.98 -2.88 -3.74
N PHE F 166 -2.15 -3.25 -3.22
CA PHE F 166 -2.25 -3.93 -1.94
C PHE F 166 -2.32 -5.44 -2.07
N SER F 167 -2.22 -5.98 -3.27
CA SER F 167 -2.29 -7.43 -3.46
C SER F 167 -1.07 -8.11 -2.84
N THR F 168 -1.30 -9.24 -2.20
CA THR F 168 -0.22 -10.02 -1.59
C THR F 168 0.31 -11.13 -2.47
N VAL F 169 -0.54 -11.67 -3.34
CA VAL F 169 -0.20 -12.80 -4.22
C VAL F 169 -0.97 -12.59 -5.51
N PRO F 170 -0.55 -13.19 -6.62
CA PRO F 170 -1.33 -13.07 -7.86
C PRO F 170 -2.79 -13.47 -7.63
N VAL F 171 -3.70 -12.67 -8.19
CA VAL F 171 -5.13 -12.82 -8.00
C VAL F 171 -5.77 -13.20 -9.32
N SER F 172 -6.58 -14.25 -9.30
CA SER F 172 -7.30 -14.64 -10.51
C SER F 172 -8.37 -13.61 -10.85
N HIS F 173 -8.53 -13.34 -12.14
CA HIS F 173 -9.55 -12.44 -12.64
C HIS F 173 -10.71 -13.24 -13.22
N HIS F 174 -11.85 -12.59 -13.37
CA HIS F 174 -13.05 -13.25 -13.84
C HIS F 174 -13.20 -13.19 -15.35
N GLU F 175 -12.84 -12.07 -15.96
CA GLU F 175 -12.89 -11.89 -17.41
C GLU F 175 -11.51 -11.45 -17.89
N CYS F 176 -10.79 -12.34 -18.57
CA CYS F 176 -9.44 -12.05 -19.02
C CYS F 176 -9.39 -11.14 -20.25
N SER F 177 -10.54 -10.66 -20.72
CA SER F 177 -10.55 -9.74 -21.85
C SER F 177 -10.33 -8.30 -21.45
N PHE F 178 -10.35 -7.99 -20.16
CA PHE F 178 -10.15 -6.62 -19.70
C PHE F 178 -8.76 -6.13 -20.08
N LEU F 179 -8.67 -4.85 -20.40
CA LEU F 179 -7.41 -4.23 -20.79
C LEU F 179 -6.69 -3.70 -19.55
N LYS F 180 -5.46 -4.14 -19.35
CA LYS F 180 -4.61 -3.70 -18.25
C LYS F 180 -3.17 -3.74 -18.72
N PRO F 181 -2.28 -2.94 -18.14
CA PRO F 181 -0.86 -3.05 -18.48
C PRO F 181 -0.30 -4.39 -18.02
N CYS F 182 0.96 -4.64 -18.40
CA CYS F 182 1.58 -5.93 -18.16
C CYS F 182 2.98 -5.78 -17.60
N LEU F 183 3.34 -6.72 -16.73
CA LEU F 183 4.65 -6.79 -16.10
C LEU F 183 5.49 -7.80 -16.88
N CYS F 184 6.54 -7.32 -17.54
CA CYS F 184 7.39 -8.23 -18.31
C CYS F 184 8.84 -8.08 -17.90
N VAL F 185 9.59 -9.16 -18.09
CA VAL F 185 10.94 -9.26 -17.54
C VAL F 185 11.94 -9.62 -18.63
N SER F 186 13.17 -9.15 -18.42
CA SER F 186 14.34 -9.53 -19.20
C SER F 186 15.44 -9.98 -18.25
N GLN F 187 16.13 -11.06 -18.60
CA GLN F 187 17.11 -11.67 -17.69
C GLN F 187 18.48 -11.00 -17.83
N ARG F 188 19.26 -11.10 -16.75
CA ARG F 188 20.64 -10.60 -16.68
C ARG F 188 20.83 -9.23 -17.31
N TYR G 3 20.18 10.08 -9.50
CA TYR G 3 21.63 9.96 -9.47
C TYR G 3 22.25 10.20 -10.85
N GLU G 4 21.63 9.64 -11.89
CA GLU G 4 22.10 9.80 -13.27
C GLU G 4 21.29 10.91 -13.92
N LEU G 5 21.86 12.12 -13.97
CA LEU G 5 21.19 13.25 -14.62
C LEU G 5 21.56 13.26 -16.09
N THR G 6 20.62 12.94 -16.95
CA THR G 6 20.84 12.90 -18.39
C THR G 6 20.14 14.09 -19.03
N GLN G 7 20.91 14.98 -19.63
CA GLN G 7 20.35 16.13 -20.31
C GLN G 7 20.92 16.19 -21.73
N PRO G 8 20.11 16.60 -22.70
CA PRO G 8 20.57 16.62 -24.10
C PRO G 8 21.83 17.44 -24.27
N PRO G 9 22.80 16.94 -25.02
CA PRO G 9 24.06 17.67 -25.19
C PRO G 9 23.88 19.05 -25.78
N SER G 10 22.96 19.20 -26.73
CA SER G 10 22.71 20.49 -27.38
C SER G 10 21.24 20.57 -27.77
N VAL G 11 20.70 21.78 -27.70
CA VAL G 11 19.32 22.05 -28.12
C VAL G 11 19.31 23.34 -28.93
N SER G 12 18.39 23.42 -29.88
CA SER G 12 18.30 24.55 -30.79
C SER G 12 16.87 25.06 -30.83
N ALA G 13 16.73 26.35 -31.13
CA ALA G 13 15.42 26.98 -31.24
C ALA G 13 15.57 28.30 -31.98
N ALA G 14 14.53 28.67 -32.73
CA ALA G 14 14.52 29.94 -33.42
C ALA G 14 14.23 31.08 -32.45
N SER G 15 14.81 32.25 -32.73
CA SER G 15 14.57 33.41 -31.88
C SER G 15 13.10 33.76 -31.86
N GLY G 16 12.49 33.70 -30.67
CA GLY G 16 11.08 33.96 -30.48
C GLY G 16 10.27 32.72 -30.19
N GLN G 17 10.70 31.57 -30.68
CA GLN G 17 9.96 30.34 -30.42
C GLN G 17 10.40 29.78 -29.09
N THR G 18 9.51 29.05 -28.43
CA THR G 18 9.80 28.57 -27.10
C THR G 18 10.84 27.46 -27.16
N ALA G 19 11.85 27.55 -26.30
CA ALA G 19 12.90 26.55 -26.19
C ALA G 19 12.67 25.67 -24.97
N ARG G 20 13.04 24.40 -25.10
CA ARG G 20 12.82 23.41 -24.04
C ARG G 20 14.11 22.64 -23.83
N ILE G 21 14.56 22.58 -22.57
CA ILE G 21 15.73 21.80 -22.19
C ILE G 21 15.26 20.76 -21.17
N THR G 22 15.59 19.51 -21.40
CA THR G 22 15.09 18.44 -20.55
C THR G 22 16.20 17.86 -19.72
N CYS G 23 15.82 17.21 -18.62
CA CYS G 23 16.77 16.59 -17.70
C CYS G 23 16.10 15.36 -17.12
N GLY G 24 16.68 14.20 -17.42
CA GLY G 24 16.06 12.96 -16.98
C GLY G 24 16.79 12.29 -15.83
N GLY G 25 16.08 11.44 -15.10
CA GLY G 25 16.65 10.69 -14.00
C GLY G 25 15.61 9.88 -13.24
N ASP G 26 16.07 8.88 -12.49
CA ASP G 26 15.16 8.01 -11.77
C ASP G 26 14.48 8.79 -10.65
N ASN G 27 13.16 8.92 -10.74
CA ASN G 27 12.35 9.59 -9.72
C ASN G 27 12.82 11.02 -9.48
N ILE G 28 13.20 11.71 -10.56
CA ILE G 28 13.57 13.11 -10.44
C ILE G 28 12.37 13.94 -10.03
N GLY G 29 11.15 13.46 -10.31
CA GLY G 29 9.96 14.14 -9.85
C GLY G 29 9.75 14.09 -8.35
N SER G 30 10.47 13.19 -7.67
CA SER G 30 10.40 13.12 -6.21
C SER G 30 11.34 14.11 -5.54
N LYS G 31 12.26 14.69 -6.30
CA LYS G 31 13.28 15.59 -5.79
C LYS G 31 13.00 17.02 -6.23
N ASN G 32 13.82 17.93 -5.71
CA ASN G 32 13.74 19.34 -6.08
C ASN G 32 14.82 19.61 -7.12
N VAL G 33 14.40 19.90 -8.34
CA VAL G 33 15.32 20.10 -9.44
C VAL G 33 15.70 21.58 -9.49
N GLN G 34 16.98 21.85 -9.67
CA GLN G 34 17.48 23.22 -9.80
C GLN G 34 18.09 23.38 -11.18
N TRP G 35 17.86 24.53 -11.79
CA TRP G 35 18.38 24.83 -13.13
C TRP G 35 19.27 26.05 -13.00
N TYR G 36 20.54 25.89 -13.37
CA TYR G 36 21.52 26.97 -13.35
C TYR G 36 21.92 27.30 -14.78
N GLN G 37 22.10 28.59 -15.04
CA GLN G 37 22.53 29.08 -16.34
C GLN G 37 23.94 29.63 -16.23
N GLN G 38 24.82 29.23 -17.13
CA GLN G 38 26.18 29.75 -17.21
C GLN G 38 26.38 30.29 -18.60
N LYS G 39 26.41 31.62 -18.71
CA LYS G 39 26.77 32.23 -19.99
C LYS G 39 28.27 32.05 -20.21
N PRO G 40 28.70 31.99 -21.47
CA PRO G 40 30.13 31.79 -21.75
C PRO G 40 31.00 32.81 -21.02
N ALA G 41 32.08 32.32 -20.41
CA ALA G 41 33.03 33.14 -19.66
C ALA G 41 32.34 33.91 -18.53
N GLN G 42 31.64 33.16 -17.68
CA GLN G 42 30.92 33.75 -16.56
C GLN G 42 30.73 32.68 -15.49
N ALA G 43 30.39 33.15 -14.28
CA ALA G 43 30.10 32.22 -13.18
C ALA G 43 28.66 31.73 -13.27
N PRO G 44 28.40 30.50 -12.84
CA PRO G 44 27.02 30.00 -12.86
C PRO G 44 26.09 30.87 -12.02
N VAL G 45 24.88 31.07 -12.53
CA VAL G 45 23.86 31.87 -11.87
C VAL G 45 22.57 31.05 -11.81
N LEU G 46 22.01 30.93 -10.61
CA LEU G 46 20.75 30.21 -10.44
C LEU G 46 19.63 30.90 -11.20
N VAL G 47 19.01 30.18 -12.13
CA VAL G 47 17.91 30.73 -12.91
C VAL G 47 16.56 30.14 -12.48
N ILE G 48 16.53 28.89 -12.01
CA ILE G 48 15.30 28.26 -11.54
C ILE G 48 15.64 27.39 -10.33
N TYR G 49 14.83 27.47 -9.29
CA TYR G 49 14.97 26.59 -8.15
C TYR G 49 13.60 26.04 -7.75
N ALA G 50 13.63 24.93 -7.02
CA ALA G 50 12.42 24.24 -6.56
C ALA G 50 11.48 23.99 -7.74
N ASP G 51 12.02 23.39 -8.80
CA ASP G 51 11.29 23.05 -10.02
C ASP G 51 10.76 24.27 -10.75
N SER G 52 9.93 25.08 -10.08
CA SER G 52 9.26 26.20 -10.72
C SER G 52 9.59 27.56 -10.11
N LYS G 53 10.07 27.63 -8.88
CA LYS G 53 10.34 28.90 -8.24
C LYS G 53 11.46 29.64 -8.96
N ARG G 54 11.33 30.96 -9.04
CA ARG G 54 12.27 31.81 -9.75
C ARG G 54 12.93 32.77 -8.76
N PRO G 55 14.26 32.93 -8.82
CA PRO G 55 14.90 33.90 -7.93
C PRO G 55 14.55 35.31 -8.36
N SER G 56 14.72 36.24 -7.43
CA SER G 56 14.40 37.64 -7.71
C SER G 56 15.27 38.17 -8.83
N GLY G 57 14.64 38.71 -9.87
CA GLY G 57 15.37 39.28 -10.97
C GLY G 57 15.71 38.28 -12.06
N VAL G 58 14.74 37.48 -12.46
CA VAL G 58 14.91 36.51 -13.55
C VAL G 58 13.71 36.66 -14.47
N PRO G 59 13.93 36.73 -15.78
CA PRO G 59 12.80 36.95 -16.70
C PRO G 59 11.73 35.87 -16.56
N GLU G 60 10.47 36.30 -16.62
CA GLU G 60 9.35 35.38 -16.47
C GLU G 60 9.26 34.38 -17.61
N ARG G 61 9.97 34.60 -18.71
CA ARG G 61 10.01 33.61 -19.79
C ARG G 61 10.60 32.29 -19.31
N PHE G 62 11.54 32.35 -18.36
CA PHE G 62 12.09 31.13 -17.76
C PHE G 62 11.02 30.46 -16.89
N SER G 63 10.78 29.17 -17.14
CA SER G 63 9.85 28.41 -16.34
C SER G 63 10.35 26.98 -16.24
N GLY G 64 9.86 26.26 -15.23
CA GLY G 64 10.34 24.91 -14.99
C GLY G 64 9.21 24.00 -14.53
N SER G 65 9.36 22.73 -14.87
CA SER G 65 8.42 21.69 -14.46
C SER G 65 9.20 20.43 -14.14
N ASN G 66 8.58 19.57 -13.33
CA ASN G 66 9.20 18.33 -12.88
C ASN G 66 8.12 17.27 -12.75
N SER G 67 8.35 16.10 -13.34
CA SER G 67 7.36 15.04 -13.27
C SER G 67 8.04 13.71 -13.54
N GLY G 68 7.84 12.74 -12.63
CA GLY G 68 8.34 11.40 -12.82
C GLY G 68 9.83 11.31 -13.08
N ASN G 69 10.19 11.13 -14.35
CA ASN G 69 11.59 10.99 -14.75
C ASN G 69 12.04 12.09 -15.69
N THR G 70 11.27 13.16 -15.86
CA THR G 70 11.61 14.24 -16.78
C THR G 70 11.38 15.58 -16.08
N ALA G 71 12.35 16.47 -16.18
CA ALA G 71 12.22 17.84 -15.72
C ALA G 71 12.56 18.76 -16.87
N THR G 72 11.64 19.69 -17.18
CA THR G 72 11.79 20.55 -18.34
C THR G 72 11.94 22.00 -17.92
N LEU G 73 12.93 22.67 -18.49
CA LEU G 73 13.16 24.10 -18.35
C LEU G 73 12.81 24.75 -19.68
N THR G 74 11.75 25.55 -19.70
CA THR G 74 11.26 26.17 -20.92
C THR G 74 11.50 27.67 -20.87
N ILE G 75 12.20 28.17 -21.88
CA ILE G 75 12.44 29.60 -22.07
C ILE G 75 11.50 30.07 -23.18
N SER G 76 10.48 30.83 -22.82
CA SER G 76 9.48 31.24 -23.80
C SER G 76 9.99 32.36 -24.70
N GLY G 77 10.76 33.30 -24.15
CA GLY G 77 11.16 34.45 -24.95
C GLY G 77 12.23 34.12 -25.98
N VAL G 78 13.35 33.54 -25.54
CA VAL G 78 14.48 33.23 -26.40
C VAL G 78 14.90 34.47 -27.17
N GLU G 79 15.50 35.41 -26.44
CA GLU G 79 16.01 36.66 -26.96
C GLU G 79 17.55 36.59 -26.97
N ALA G 80 18.19 37.73 -26.79
CA ALA G 80 19.65 37.76 -26.70
C ALA G 80 20.08 37.54 -25.27
N GLY G 81 21.31 37.06 -25.11
CA GLY G 81 21.82 36.68 -23.82
C GLY G 81 21.34 35.32 -23.34
N ASP G 82 20.41 34.70 -24.05
CA ASP G 82 19.94 33.37 -23.68
C ASP G 82 20.89 32.28 -24.17
N GLU G 83 21.76 32.60 -25.14
CA GLU G 83 22.78 31.67 -25.60
C GLU G 83 23.74 31.36 -24.46
N ALA G 84 23.62 30.18 -23.86
CA ALA G 84 24.42 29.84 -22.69
C ALA G 84 24.41 28.33 -22.52
N ASP G 85 25.11 27.86 -21.48
CA ASP G 85 25.10 26.45 -21.11
C ASP G 85 24.21 26.28 -19.89
N TYR G 86 23.22 25.39 -19.99
CA TYR G 86 22.23 25.20 -18.95
C TYR G 86 22.44 23.85 -18.28
N TYR G 87 22.54 23.85 -16.95
CA TYR G 87 22.81 22.64 -16.17
C TYR G 87 21.68 22.39 -15.19
N CYS G 88 21.26 21.13 -15.10
CA CYS G 88 20.35 20.71 -14.05
C CYS G 88 21.15 20.14 -12.88
N GLN G 89 20.60 20.33 -11.68
CA GLN G 89 21.26 19.94 -10.44
C GLN G 89 20.26 19.35 -9.47
N VAL G 90 20.62 18.20 -8.90
CA VAL G 90 19.79 17.52 -7.91
C VAL G 90 20.72 16.99 -6.82
N TRP G 91 20.14 16.45 -5.75
CA TRP G 91 20.91 16.00 -4.60
C TRP G 91 20.42 14.61 -4.22
N ASP G 92 21.03 13.57 -4.80
CA ASP G 92 20.68 12.19 -4.46
C ASP G 92 21.54 11.76 -3.29
N ARG G 93 20.91 11.62 -2.13
CA ARG G 93 21.56 11.19 -0.88
C ARG G 93 22.72 12.13 -0.59
N SER G 94 23.94 11.65 -0.43
CA SER G 94 25.10 12.48 -0.10
C SER G 94 25.89 12.86 -1.35
N SER G 95 25.21 13.35 -2.38
CA SER G 95 25.88 13.68 -3.63
C SER G 95 25.09 14.76 -4.35
N ASN G 96 25.78 15.82 -4.78
CA ASN G 96 25.17 16.84 -5.61
C ASN G 96 25.50 16.48 -7.05
N ILE G 97 24.48 16.04 -7.78
CA ILE G 97 24.68 15.63 -9.17
C ILE G 97 24.35 16.83 -10.05
N PHE G 98 25.35 17.29 -10.79
CA PHE G 98 25.21 18.32 -11.79
C PHE G 98 24.93 17.67 -13.14
N GLY G 99 24.42 18.47 -14.06
CA GLY G 99 24.21 17.97 -15.40
C GLY G 99 25.48 17.95 -16.21
N VAL G 100 25.43 17.21 -17.33
CA VAL G 100 26.57 17.18 -18.23
C VAL G 100 26.71 18.52 -18.94
N GLY G 101 25.60 19.09 -19.40
CA GLY G 101 25.63 20.38 -20.05
C GLY G 101 24.80 20.42 -21.31
N THR G 102 23.95 21.43 -21.45
CA THR G 102 23.11 21.62 -22.63
C THR G 102 23.46 22.97 -23.24
N ARG G 103 24.18 22.95 -24.35
CA ARG G 103 24.56 24.18 -25.04
C ARG G 103 23.37 24.69 -25.85
N LEU G 104 22.86 25.87 -25.51
CA LEU G 104 21.74 26.46 -26.23
C LEU G 104 22.24 27.28 -27.41
N THR G 105 21.61 27.08 -28.56
CA THR G 105 21.93 27.81 -29.78
C THR G 105 20.71 28.63 -30.17
N VAL G 106 20.91 29.94 -30.33
CA VAL G 106 19.83 30.86 -30.68
C VAL G 106 19.89 31.05 -32.19
N LEU G 107 19.08 30.28 -32.92
CA LEU G 107 19.04 30.43 -34.36
C LEU G 107 18.23 31.66 -34.73
N GLY G 108 18.44 32.13 -35.96
CA GLY G 108 17.78 33.31 -36.45
C GLY G 108 18.69 34.50 -36.66
N GLN G 109 19.86 34.50 -36.01
CA GLN G 109 20.77 35.63 -36.12
C GLN G 109 21.39 35.70 -37.51
N PRO G 110 21.62 36.92 -38.02
CA PRO G 110 22.21 37.06 -39.34
C PRO G 110 23.71 36.80 -39.34
N LYS G 111 24.19 36.31 -40.49
CA LYS G 111 25.62 36.05 -40.65
C LYS G 111 26.40 37.35 -40.72
N ALA G 112 26.79 37.89 -39.57
CA ALA G 112 27.51 39.16 -39.54
C ALA G 112 28.92 38.99 -40.09
N ALA G 113 29.35 39.97 -40.89
CA ALA G 113 30.67 39.92 -41.50
C ALA G 113 31.76 40.15 -40.46
N PRO G 114 32.93 39.54 -40.64
CA PRO G 114 34.00 39.70 -39.65
C PRO G 114 34.75 41.00 -39.84
N SER G 115 35.21 41.56 -38.72
CA SER G 115 36.04 42.75 -38.72
C SER G 115 37.44 42.34 -38.28
N VAL G 116 38.40 42.47 -39.18
CA VAL G 116 39.78 42.05 -38.92
C VAL G 116 40.67 43.28 -38.90
N THR G 117 41.70 43.23 -38.06
CA THR G 117 42.66 44.31 -37.94
C THR G 117 44.02 43.70 -37.65
N LEU G 118 45.08 44.39 -38.06
CA LEU G 118 46.43 43.84 -37.95
C LEU G 118 47.34 44.82 -37.24
N PHE G 119 48.29 44.26 -36.49
CA PHE G 119 49.19 45.02 -35.63
C PHE G 119 50.61 44.55 -35.93
N PRO G 120 51.46 45.42 -36.45
CA PRO G 120 52.85 45.05 -36.75
C PRO G 120 53.69 44.98 -35.49
N PRO G 121 54.95 44.56 -35.58
CA PRO G 121 55.81 44.51 -34.40
C PRO G 121 56.07 45.90 -33.82
N SER G 122 55.75 46.06 -32.54
CA SER G 122 55.87 47.32 -31.84
C SER G 122 57.34 47.73 -31.73
N SER G 123 57.55 49.00 -31.38
CA SER G 123 58.91 49.55 -31.33
C SER G 123 59.76 48.82 -30.30
N GLU G 124 59.24 48.63 -29.08
CA GLU G 124 60.01 47.92 -28.07
C GLU G 124 60.16 46.44 -28.41
N GLU G 125 59.18 45.87 -29.13
CA GLU G 125 59.29 44.47 -29.55
C GLU G 125 60.38 44.29 -30.59
N LEU G 126 60.48 45.20 -31.55
CA LEU G 126 61.57 45.14 -32.52
C LEU G 126 62.90 45.55 -31.91
N GLN G 127 62.88 46.33 -30.83
CA GLN G 127 64.12 46.69 -30.13
C GLN G 127 64.81 45.46 -29.55
N ALA G 128 64.03 44.48 -29.09
CA ALA G 128 64.59 43.21 -28.66
C ALA G 128 64.63 42.25 -29.84
N ASN G 129 64.90 40.97 -29.57
CA ASN G 129 64.98 39.97 -30.62
C ASN G 129 63.66 39.18 -30.66
N LYS G 130 62.63 39.87 -31.15
CA LYS G 130 61.30 39.29 -31.26
C LYS G 130 60.50 40.11 -32.27
N ALA G 131 59.57 39.45 -32.94
CA ALA G 131 58.69 40.12 -33.90
C ALA G 131 57.36 39.37 -33.90
N THR G 132 56.30 40.04 -33.45
CA THR G 132 54.99 39.42 -33.34
C THR G 132 53.99 40.23 -34.16
N LEU G 133 53.29 39.54 -35.05
CA LEU G 133 52.22 40.12 -35.86
C LEU G 133 50.89 39.66 -35.28
N VAL G 134 50.05 40.62 -34.88
CA VAL G 134 48.81 40.32 -34.20
C VAL G 134 47.65 40.52 -35.17
N CYS G 135 46.80 39.50 -35.33
CA CYS G 135 45.59 39.59 -36.12
C CYS G 135 44.42 39.51 -35.14
N LEU G 136 43.57 40.54 -35.16
CA LEU G 136 42.45 40.68 -34.23
C LEU G 136 41.18 40.61 -35.05
N ILE G 137 40.47 39.49 -34.95
CA ILE G 137 39.19 39.28 -35.61
C ILE G 137 38.09 39.46 -34.57
N SER G 138 37.02 40.16 -34.94
CA SER G 138 35.98 40.41 -33.96
C SER G 138 34.67 40.70 -34.69
N ASP G 139 33.58 40.54 -33.94
CA ASP G 139 32.23 40.91 -34.38
C ASP G 139 31.85 40.14 -35.64
N PHE G 140 31.74 38.82 -35.47
CA PHE G 140 31.37 37.94 -36.57
C PHE G 140 30.58 36.75 -36.05
N TYR G 141 29.63 36.31 -36.87
CA TYR G 141 28.77 35.18 -36.59
C TYR G 141 28.53 34.54 -37.94
N PRO G 142 28.65 33.21 -38.07
CA PRO G 142 28.95 32.19 -37.06
C PRO G 142 30.42 32.16 -36.63
N GLY G 143 30.66 31.92 -35.34
CA GLY G 143 31.99 31.90 -34.78
C GLY G 143 32.81 30.69 -35.17
N ALA G 144 33.20 30.65 -36.45
CA ALA G 144 34.01 29.55 -36.98
C ALA G 144 34.85 30.13 -38.10
N VAL G 145 36.15 30.29 -37.86
CA VAL G 145 37.07 30.93 -38.80
C VAL G 145 38.38 30.16 -38.85
N THR G 146 39.00 30.14 -40.02
CA THR G 146 40.31 29.53 -40.21
C THR G 146 41.29 30.59 -40.69
N VAL G 147 42.51 30.59 -40.12
CA VAL G 147 43.46 31.67 -40.33
C VAL G 147 44.71 31.14 -41.00
N ALA G 148 45.32 31.96 -41.85
CA ALA G 148 46.56 31.60 -42.53
C ALA G 148 47.35 32.87 -42.85
N TRP G 149 48.68 32.76 -42.75
CA TRP G 149 49.59 33.88 -42.97
C TRP G 149 50.33 33.73 -44.29
N LYS G 150 50.58 34.85 -44.95
CA LYS G 150 51.30 34.90 -46.22
C LYS G 150 52.48 35.84 -46.04
N ALA G 151 53.70 35.30 -46.07
CA ALA G 151 54.89 36.16 -46.02
C ALA G 151 54.95 37.06 -47.24
N ASP G 152 54.59 36.54 -48.41
CA ASP G 152 54.60 37.27 -49.67
C ASP G 152 54.04 36.36 -50.75
N SER G 153 52.72 36.11 -50.68
CA SER G 153 52.01 35.19 -51.57
C SER G 153 52.34 33.74 -51.25
N SER G 154 53.47 33.51 -50.56
CA SER G 154 53.93 32.16 -50.22
C SER G 154 53.47 31.79 -48.81
N PRO G 155 52.90 30.61 -48.61
CA PRO G 155 52.37 30.23 -47.29
C PRO G 155 53.46 29.77 -46.34
N VAL G 156 53.11 29.78 -45.05
CA VAL G 156 53.99 29.32 -43.98
C VAL G 156 53.14 28.57 -42.95
N LYS G 157 53.65 27.43 -42.47
CA LYS G 157 52.95 26.62 -41.49
C LYS G 157 53.83 26.30 -40.29
N ALA G 158 54.62 27.27 -39.83
CA ALA G 158 55.50 27.07 -38.69
C ALA G 158 55.56 28.33 -37.85
N GLY G 159 55.31 28.20 -36.54
CA GLY G 159 55.45 29.34 -35.65
C GLY G 159 54.22 30.22 -35.51
N VAL G 160 53.02 29.64 -35.58
CA VAL G 160 51.79 30.42 -35.58
C VAL G 160 50.86 29.91 -34.48
N GLU G 161 50.28 30.85 -33.73
CA GLU G 161 49.44 30.55 -32.58
C GLU G 161 48.07 31.17 -32.79
N THR G 162 47.03 30.36 -32.81
CA THR G 162 45.67 30.88 -32.92
C THR G 162 44.89 30.53 -31.67
N THR G 163 43.89 31.34 -31.35
CA THR G 163 43.04 31.08 -30.19
C THR G 163 41.66 30.63 -30.67
N THR G 164 40.82 30.27 -29.69
CA THR G 164 39.47 29.84 -30.00
C THR G 164 38.54 31.04 -30.15
N PRO G 165 37.58 30.97 -31.07
CA PRO G 165 36.51 31.98 -31.09
C PRO G 165 35.82 32.09 -29.73
N SER G 166 35.75 33.31 -29.23
CA SER G 166 35.23 33.60 -27.89
C SER G 166 34.07 34.58 -27.99
N LYS G 167 32.96 34.25 -27.34
CA LYS G 167 31.75 35.03 -27.46
C LYS G 167 31.95 36.44 -26.91
N GLN G 168 31.35 37.41 -27.59
CA GLN G 168 31.44 38.82 -27.23
C GLN G 168 30.23 39.24 -26.40
N SER G 169 30.30 40.46 -25.87
CA SER G 169 29.18 41.01 -25.10
C SER G 169 27.91 41.09 -25.94
N ASN G 170 28.03 41.43 -27.22
CA ASN G 170 26.86 41.53 -28.13
C ASN G 170 26.52 40.21 -28.80
N ASN G 171 26.64 39.10 -28.06
CA ASN G 171 26.47 37.74 -28.58
C ASN G 171 27.07 37.56 -29.97
N LYS G 172 28.28 38.11 -30.18
CA LYS G 172 29.07 37.88 -31.37
C LYS G 172 30.29 37.04 -30.97
N TYR G 173 31.28 36.99 -31.86
CA TYR G 173 32.46 36.18 -31.59
C TYR G 173 33.72 36.95 -31.97
N ALA G 174 34.85 36.51 -31.42
CA ALA G 174 36.13 37.14 -31.68
C ALA G 174 37.25 36.11 -31.51
N ALA G 175 38.41 36.43 -32.09
CA ALA G 175 39.58 35.56 -31.99
C ALA G 175 40.83 36.37 -32.33
N SER G 176 41.99 35.80 -32.00
CA SER G 176 43.27 36.49 -32.11
C SER G 176 44.35 35.51 -32.58
N SER G 177 44.93 35.77 -33.74
CA SER G 177 46.07 35.04 -34.24
C SER G 177 47.37 35.80 -33.98
N TYR G 178 48.45 35.04 -33.80
CA TYR G 178 49.78 35.58 -33.47
C TYR G 178 50.80 34.88 -34.33
N LEU G 179 51.51 35.67 -35.15
CA LEU G 179 52.60 35.16 -35.98
C LEU G 179 53.91 35.63 -35.36
N SER G 180 54.63 34.71 -34.74
CA SER G 180 55.88 35.04 -34.09
C SER G 180 57.05 34.66 -35.00
N LEU G 181 58.06 35.52 -35.04
CA LEU G 181 59.23 35.31 -35.88
C LEU G 181 60.33 36.23 -35.38
N THR G 182 61.52 36.05 -35.95
CA THR G 182 62.64 36.88 -35.56
C THR G 182 62.62 38.19 -36.35
N PRO G 183 63.12 39.29 -35.75
CA PRO G 183 63.10 40.57 -36.46
C PRO G 183 63.93 40.58 -37.72
N GLU G 184 64.91 39.67 -37.84
CA GLU G 184 65.70 39.59 -39.06
C GLU G 184 64.86 39.08 -40.23
N GLN G 185 63.83 38.30 -39.96
CA GLN G 185 62.94 37.79 -41.01
C GLN G 185 61.79 38.74 -41.30
N TRP G 186 61.84 39.98 -40.81
CA TRP G 186 60.91 41.00 -41.26
C TRP G 186 61.41 41.69 -42.53
N LYS G 187 62.68 42.09 -42.54
CA LYS G 187 63.26 42.77 -43.70
C LYS G 187 63.46 41.84 -44.89
N SER G 188 63.20 40.54 -44.75
CA SER G 188 63.37 39.62 -45.87
C SER G 188 62.32 39.88 -46.95
N HIS G 189 61.05 39.69 -46.61
CA HIS G 189 59.95 39.84 -47.55
C HIS G 189 59.41 41.26 -47.53
N ARG G 190 58.64 41.59 -48.56
CA ARG G 190 58.10 42.94 -48.69
C ARG G 190 57.12 43.27 -47.57
N SER G 191 56.04 42.49 -47.48
CA SER G 191 55.06 42.74 -46.43
C SER G 191 54.29 41.46 -46.16
N TYR G 192 53.90 41.28 -44.89
CA TYR G 192 53.19 40.09 -44.46
C TYR G 192 51.69 40.36 -44.44
N SER G 193 50.92 39.31 -44.68
CA SER G 193 49.48 39.43 -44.87
C SER G 193 48.75 38.36 -44.06
N CYS G 194 47.79 38.80 -43.24
CA CYS G 194 46.94 37.89 -42.50
C CYS G 194 45.69 37.62 -43.33
N GLN G 195 45.23 36.37 -43.34
CA GLN G 195 44.07 35.98 -44.12
C GLN G 195 43.16 35.12 -43.25
N VAL G 196 41.86 35.36 -43.34
CA VAL G 196 40.90 34.63 -42.53
C VAL G 196 39.74 34.20 -43.41
N THR G 197 39.51 32.89 -43.48
CA THR G 197 38.35 32.33 -44.16
C THR G 197 37.23 32.16 -43.14
N HIS G 198 36.10 32.80 -43.42
CA HIS G 198 34.90 32.78 -42.59
C HIS G 198 33.76 32.30 -43.47
N GLU G 199 33.23 31.12 -43.15
CA GLU G 199 32.04 30.60 -43.84
C GLU G 199 32.23 30.57 -45.35
N GLY G 200 33.45 30.24 -45.78
CA GLY G 200 33.75 30.23 -47.20
C GLY G 200 34.48 31.46 -47.69
N SER G 201 34.02 32.65 -47.32
CA SER G 201 34.63 33.88 -47.79
C SER G 201 36.02 34.07 -47.16
N THR G 202 36.82 34.93 -47.78
CA THR G 202 38.19 35.18 -47.34
C THR G 202 38.42 36.68 -47.22
N VAL G 203 39.01 37.11 -46.11
CA VAL G 203 39.31 38.52 -45.86
C VAL G 203 40.75 38.64 -45.40
N GLU G 204 41.52 39.50 -46.07
CA GLU G 204 42.94 39.65 -45.83
C GLU G 204 43.28 41.09 -45.44
N LYS G 205 44.37 41.23 -44.68
CA LYS G 205 44.96 42.52 -44.37
C LYS G 205 46.47 42.40 -44.49
N THR G 206 47.14 43.55 -44.56
CA THR G 206 48.59 43.59 -44.71
C THR G 206 49.22 44.76 -43.95
N GLN H 3 22.30 43.34 0.01
CA GLN H 3 23.16 42.92 -1.10
C GLN H 3 24.08 41.79 -0.68
N VAL H 4 23.77 40.57 -1.14
CA VAL H 4 24.55 39.39 -0.81
C VAL H 4 25.65 39.25 -1.85
N GLN H 5 26.89 39.17 -1.38
CA GLN H 5 28.04 39.03 -2.28
C GLN H 5 29.15 38.29 -1.55
N LEU H 6 30.08 37.74 -2.33
CA LEU H 6 31.20 37.00 -1.77
C LEU H 6 32.26 36.83 -2.84
N GLN H 7 33.52 36.91 -2.44
CA GLN H 7 34.64 36.88 -3.37
C GLN H 7 35.71 35.92 -2.88
N GLU H 8 36.32 35.22 -3.84
CA GLU H 8 37.37 34.26 -3.56
C GLU H 8 38.73 34.94 -3.55
N SER H 9 39.71 34.25 -2.97
CA SER H 9 41.07 34.74 -2.90
C SER H 9 42.01 33.59 -2.53
N GLY H 10 43.29 33.76 -2.84
CA GLY H 10 44.29 32.78 -2.52
C GLY H 10 45.27 32.54 -3.65
N PRO H 11 46.27 31.70 -3.41
CA PRO H 11 47.26 31.40 -4.45
C PRO H 11 46.64 30.58 -5.58
N GLY H 12 46.92 31.01 -6.82
CA GLY H 12 46.37 30.36 -7.99
C GLY H 12 47.24 29.25 -8.55
N LEU H 13 48.51 29.21 -8.14
CA LEU H 13 49.47 28.22 -8.61
C LEU H 13 49.81 27.26 -7.48
N VAL H 14 49.72 25.96 -7.75
CA VAL H 14 50.07 24.92 -6.78
C VAL H 14 50.89 23.85 -7.50
N LYS H 15 51.99 23.43 -6.89
CA LYS H 15 52.83 22.38 -7.44
C LYS H 15 52.16 21.01 -7.24
N PRO H 16 52.62 19.99 -7.96
CA PRO H 16 52.08 18.64 -7.72
C PRO H 16 52.31 18.22 -6.29
N SER H 17 51.52 17.24 -5.84
CA SER H 17 51.42 16.87 -4.44
C SER H 17 50.98 18.16 -3.73
N GLN H 18 51.76 18.73 -2.80
CA GLN H 18 51.53 20.06 -2.24
C GLN H 18 50.13 20.24 -1.61
N THR H 19 49.88 21.41 -1.03
CA THR H 19 48.58 21.77 -0.47
C THR H 19 48.01 22.98 -1.22
N LEU H 20 46.70 22.94 -1.48
CA LEU H 20 45.99 24.04 -2.11
C LEU H 20 45.19 24.74 -1.03
N SER H 21 45.27 26.07 -0.98
CA SER H 21 44.57 26.88 0.01
C SER H 21 43.83 28.02 -0.67
N LEU H 22 42.58 28.23 -0.28
CA LEU H 22 41.75 29.32 -0.80
C LEU H 22 40.87 29.83 0.33
N THR H 23 40.35 31.04 0.15
CA THR H 23 39.45 31.62 1.15
C THR H 23 38.43 32.51 0.47
N CYS H 24 37.17 32.38 0.87
CA CYS H 24 36.09 33.19 0.33
C CYS H 24 35.54 34.08 1.43
N ALA H 25 35.56 35.39 1.17
CA ALA H 25 35.05 36.38 2.10
C ALA H 25 33.66 36.82 1.64
N ILE H 26 32.71 36.82 2.57
CA ILE H 26 31.31 37.11 2.27
C ILE H 26 30.93 38.45 2.87
N SER H 27 29.86 39.04 2.34
CA SER H 27 29.34 40.30 2.82
C SER H 27 27.86 40.38 2.45
N GLY H 28 27.06 40.96 3.34
CA GLY H 28 25.62 40.98 3.18
C GLY H 28 24.91 39.80 3.80
N ASP H 29 25.61 38.96 4.55
CA ASP H 29 25.05 37.80 5.21
C ASP H 29 26.07 37.33 6.24
N SER H 30 25.64 36.41 7.09
CA SER H 30 26.46 35.90 8.17
C SER H 30 26.90 34.48 7.88
N VAL H 31 28.18 34.18 8.14
CA VAL H 31 28.68 32.83 7.97
C VAL H 31 28.01 31.89 8.96
N SER H 32 27.56 32.41 10.11
CA SER H 32 26.82 31.64 11.10
C SER H 32 25.31 31.65 10.84
N SER H 33 24.90 31.81 9.59
CA SER H 33 23.48 31.86 9.27
C SER H 33 22.80 30.54 9.63
N ASN H 34 21.57 30.64 10.13
CA ASN H 34 20.80 29.45 10.49
C ASN H 34 20.12 28.79 9.31
N SER H 35 20.04 29.44 8.15
CA SER H 35 19.29 28.92 7.02
C SER H 35 20.11 29.06 5.74
N ALA H 36 21.32 28.51 5.76
CA ALA H 36 22.20 28.56 4.59
C ALA H 36 23.31 27.54 4.77
N THR H 37 24.07 27.34 3.69
CA THR H 37 25.28 26.53 3.73
C THR H 37 26.27 27.14 2.75
N TRP H 38 27.55 27.05 3.10
CA TRP H 38 28.61 27.69 2.31
C TRP H 38 29.40 26.60 1.63
N ASN H 39 29.40 26.63 0.29
CA ASN H 39 29.85 25.52 -0.53
C ASN H 39 31.04 25.94 -1.39
N TRP H 40 31.96 25.00 -1.58
CA TRP H 40 33.07 25.11 -2.51
C TRP H 40 32.82 24.12 -3.66
N ILE H 41 32.85 24.63 -4.89
CA ILE H 41 32.51 23.86 -6.09
C ILE H 41 33.53 24.19 -7.17
N ARG H 42 34.07 23.15 -7.83
CA ARG H 42 35.04 23.37 -8.89
C ARG H 42 34.49 22.94 -10.24
N GLN H 43 35.00 23.57 -11.29
CA GLN H 43 34.59 23.28 -12.66
C GLN H 43 35.83 23.02 -13.52
N SER H 44 35.82 21.90 -14.23
CA SER H 44 36.92 21.52 -15.09
C SER H 44 36.35 20.74 -16.27
N PRO H 45 36.95 20.88 -17.45
CA PRO H 45 36.50 20.08 -18.60
C PRO H 45 36.64 18.58 -18.39
N SER H 46 37.60 18.15 -17.58
CA SER H 46 37.80 16.72 -17.37
C SER H 46 36.75 16.14 -16.42
N ARG H 47 36.37 16.90 -15.39
CA ARG H 47 35.45 16.42 -14.37
C ARG H 47 34.08 17.09 -14.42
N GLY H 48 33.84 17.99 -15.37
CA GLY H 48 32.57 18.68 -15.42
C GLY H 48 32.42 19.67 -14.28
N LEU H 49 31.20 19.73 -13.73
CA LEU H 49 30.88 20.57 -12.57
C LEU H 49 30.66 19.67 -11.36
N GLU H 50 31.66 19.65 -10.47
CA GLU H 50 31.63 18.81 -9.28
C GLU H 50 31.59 19.68 -8.04
N TRP H 51 30.65 19.38 -7.14
CA TRP H 51 30.57 20.09 -5.87
C TRP H 51 31.59 19.49 -4.89
N LEU H 52 32.53 20.32 -4.44
CA LEU H 52 33.58 19.83 -3.57
C LEU H 52 33.08 19.60 -2.15
N GLY H 53 32.63 20.67 -1.49
CA GLY H 53 32.25 20.50 -0.09
C GLY H 53 31.37 21.64 0.39
N ARG H 54 31.00 21.57 1.66
CA ARG H 54 30.16 22.59 2.26
C ARG H 54 30.33 22.59 3.77
N THR H 55 29.99 23.72 4.37
CA THR H 55 30.04 23.88 5.82
C THR H 55 28.88 24.76 6.27
N TYR H 56 28.47 24.57 7.51
CA TYR H 56 27.39 25.38 8.06
C TYR H 56 27.45 25.35 9.59
N TYR H 57 26.64 26.20 10.21
CA TYR H 57 26.60 26.33 11.66
C TYR H 57 25.15 26.37 12.12
N ARG H 58 24.76 25.36 12.91
CA ARG H 58 23.45 25.34 13.56
C ARG H 58 23.71 25.24 15.04
N SER H 59 23.50 24.07 15.65
CA SER H 59 23.85 23.93 17.06
C SER H 59 25.36 23.84 17.24
N LYS H 60 26.02 23.07 16.38
CA LYS H 60 27.46 23.00 16.25
C LYS H 60 27.84 23.30 14.81
N TRP H 61 29.14 23.31 14.54
CA TRP H 61 29.64 23.53 13.18
C TRP H 61 29.74 22.18 12.48
N TYR H 62 29.06 22.05 11.35
CA TYR H 62 29.01 20.82 10.58
C TYR H 62 29.69 21.00 9.25
N TYR H 63 30.46 19.98 8.84
CA TYR H 63 31.19 19.97 7.59
C TYR H 63 30.79 18.74 6.79
N ASP H 64 30.47 18.95 5.51
CA ASP H 64 30.09 17.87 4.60
C ASP H 64 31.05 17.88 3.42
N TYR H 65 31.53 16.70 3.03
CA TYR H 65 32.51 16.57 1.96
C TYR H 65 32.04 15.53 0.95
N ALA H 66 32.55 15.66 -0.27
CA ALA H 66 32.23 14.76 -1.37
C ALA H 66 33.19 13.57 -1.41
N GLN H 67 32.80 12.56 -2.20
CA GLN H 67 33.56 11.31 -2.23
C GLN H 67 34.94 11.51 -2.86
N SER H 68 35.01 12.27 -3.95
CA SER H 68 36.25 12.39 -4.72
C SER H 68 37.38 13.04 -3.94
N VAL H 69 37.11 13.64 -2.78
CA VAL H 69 38.14 14.33 -2.01
C VAL H 69 37.88 14.13 -0.52
N GLN H 70 37.34 12.96 -0.15
CA GLN H 70 36.91 12.73 1.22
C GLN H 70 38.06 12.87 2.20
N ASN H 71 39.18 12.22 1.92
CA ASN H 71 40.33 12.23 2.83
C ASN H 71 41.26 13.41 2.59
N ARG H 72 40.99 14.26 1.59
CA ARG H 72 41.93 15.30 1.20
C ARG H 72 41.43 16.72 1.45
N ILE H 73 40.14 16.92 1.67
CA ILE H 73 39.56 18.25 1.74
C ILE H 73 39.29 18.63 3.19
N SER H 74 39.48 19.92 3.49
CA SER H 74 39.06 20.51 4.75
C SER H 74 38.48 21.90 4.46
N ILE H 75 37.35 22.21 5.08
CA ILE H 75 36.68 23.50 4.91
C ILE H 75 36.43 24.07 6.30
N ASN H 76 37.23 25.07 6.69
CA ASN H 76 37.13 25.67 8.00
C ASN H 76 36.65 27.11 7.89
N PRO H 77 35.67 27.53 8.68
CA PRO H 77 35.19 28.91 8.61
C PRO H 77 35.97 29.87 9.51
N ASP H 78 35.55 31.13 9.55
CA ASP H 78 36.14 32.12 10.45
C ASP H 78 35.04 33.13 10.76
N THR H 79 34.53 33.09 12.00
CA THR H 79 33.43 33.97 12.37
C THR H 79 33.86 35.42 12.48
N SER H 80 35.14 35.68 12.76
CA SER H 80 35.61 37.05 12.95
C SER H 80 35.58 37.84 11.65
N LYS H 81 36.25 37.33 10.61
CA LYS H 81 36.31 38.01 9.32
C LYS H 81 35.12 37.70 8.42
N ASN H 82 34.19 36.85 8.88
CA ASN H 82 33.01 36.48 8.10
C ASN H 82 33.40 35.87 6.76
N GLN H 83 34.23 34.83 6.83
CA GLN H 83 34.77 34.17 5.65
C GLN H 83 34.89 32.68 5.94
N PHE H 84 35.25 31.92 4.90
CA PHE H 84 35.50 30.49 5.09
C PHE H 84 36.53 30.00 4.09
N SER H 85 37.38 29.09 4.53
CA SER H 85 38.55 28.64 3.77
C SER H 85 38.32 27.25 3.18
N LEU H 86 39.25 26.87 2.32
CA LEU H 86 39.24 25.59 1.62
C LEU H 86 40.68 25.09 1.48
N GLN H 87 40.94 23.87 1.93
CA GLN H 87 42.27 23.28 1.81
C GLN H 87 42.16 21.89 1.22
N LEU H 88 43.01 21.61 0.23
CA LEU H 88 43.01 20.34 -0.50
C LEU H 88 44.46 19.86 -0.59
N ASN H 89 44.78 18.80 0.14
CA ASN H 89 46.14 18.28 0.12
C ASN H 89 46.31 17.22 -0.95
N SER H 90 47.57 16.96 -1.31
CA SER H 90 47.93 15.96 -2.32
C SER H 90 47.21 16.22 -3.64
N VAL H 91 47.37 17.45 -4.15
CA VAL H 91 46.69 17.81 -5.40
C VAL H 91 47.37 17.10 -6.57
N THR H 92 46.59 16.85 -7.62
CA THR H 92 47.03 16.18 -8.82
C THR H 92 46.66 17.05 -10.02
N PRO H 93 47.23 16.77 -11.19
CA PRO H 93 46.82 17.51 -12.40
C PRO H 93 45.32 17.46 -12.65
N GLU H 94 44.64 16.45 -12.11
CA GLU H 94 43.18 16.38 -12.20
C GLU H 94 42.50 17.49 -11.43
N ASP H 95 43.20 18.11 -10.46
CA ASP H 95 42.63 19.18 -9.65
C ASP H 95 42.72 20.55 -10.33
N MET H 96 43.34 20.65 -11.50
CA MET H 96 43.42 21.91 -12.23
C MET H 96 42.02 22.30 -12.71
N ALA H 97 41.51 23.42 -12.21
CA ALA H 97 40.11 23.77 -12.46
C ALA H 97 39.87 25.20 -12.00
N VAL H 98 38.65 25.69 -12.26
CA VAL H 98 38.20 26.99 -11.77
C VAL H 98 37.36 26.74 -10.53
N TYR H 99 37.77 27.31 -9.40
CA TYR H 99 37.09 27.09 -8.12
C TYR H 99 36.18 28.27 -7.81
N TYR H 100 34.94 27.96 -7.43
CA TYR H 100 33.95 28.93 -7.01
C TYR H 100 33.50 28.60 -5.59
N CYS H 101 33.03 29.63 -4.91
CA CYS H 101 32.30 29.45 -3.66
C CYS H 101 30.91 30.04 -3.82
N ALA H 102 29.95 29.45 -3.12
CA ALA H 102 28.56 29.82 -3.33
C ALA H 102 27.76 29.58 -2.06
N ARG H 103 26.65 30.31 -1.95
CA ARG H 103 25.70 30.07 -0.89
C ARG H 103 24.66 29.06 -1.36
N GLY H 104 24.07 28.34 -0.42
CA GLY H 104 23.06 27.38 -0.79
C GLY H 104 22.15 27.04 0.37
N ASP H 105 21.24 26.10 0.11
CA ASP H 105 20.29 25.62 1.11
C ASP H 105 20.07 24.11 0.92
N PHE H 106 21.17 23.36 0.97
CA PHE H 106 21.19 21.90 0.84
C PHE H 106 20.80 21.44 -0.56
N ASP H 107 19.72 21.99 -1.11
CA ASP H 107 19.29 21.64 -2.47
C ASP H 107 19.92 22.58 -3.49
N ALA H 108 19.49 23.83 -3.49
CA ALA H 108 19.92 24.80 -4.50
C ALA H 108 21.18 25.53 -4.03
N PHE H 109 21.90 26.07 -5.01
CA PHE H 109 23.07 26.92 -4.75
C PHE H 109 22.72 28.34 -5.20
N ASP H 110 22.37 29.19 -4.24
CA ASP H 110 21.95 30.55 -4.53
C ASP H 110 23.12 31.49 -4.31
N PHE H 111 23.38 32.34 -5.30
CA PHE H 111 24.51 33.27 -5.36
C PHE H 111 25.84 32.53 -5.39
N TRP H 112 26.68 32.91 -6.33
CA TRP H 112 27.97 32.29 -6.58
C TRP H 112 29.08 33.32 -6.42
N GLY H 113 30.30 32.83 -6.27
CA GLY H 113 31.45 33.70 -6.22
C GLY H 113 32.00 33.98 -7.61
N GLN H 114 32.94 34.93 -7.66
CA GLN H 114 33.60 35.24 -8.93
C GLN H 114 34.36 34.02 -9.46
N GLY H 115 34.97 33.26 -8.56
CA GLY H 115 35.70 32.06 -8.94
C GLY H 115 37.08 32.36 -9.48
N LEU H 116 38.09 31.69 -8.95
CA LEU H 116 39.47 31.89 -9.37
C LEU H 116 40.01 30.60 -9.98
N ARG H 117 40.87 30.75 -10.99
CA ARG H 117 41.43 29.63 -11.72
C ARG H 117 42.67 29.11 -11.01
N VAL H 118 42.65 27.83 -10.62
CA VAL H 118 43.80 27.18 -10.01
C VAL H 118 44.40 26.23 -11.03
N THR H 119 45.67 26.42 -11.33
CA THR H 119 46.42 25.56 -12.25
C THR H 119 47.59 24.90 -11.52
N VAL H 120 47.94 23.71 -11.98
CA VAL H 120 49.03 22.92 -11.41
C VAL H 120 49.97 22.51 -12.55
N SER H 121 51.26 22.77 -12.39
CA SER H 121 52.23 22.45 -13.43
C SER H 121 53.68 22.55 -12.92
N SER H 122 53.85 22.86 -11.64
CA SER H 122 55.17 22.95 -10.99
C SER H 122 56.04 24.07 -11.56
N ALA H 123 55.67 24.62 -12.72
CA ALA H 123 56.46 25.67 -13.35
C ALA H 123 56.41 26.94 -12.52
N SER H 124 57.44 27.76 -12.66
CA SER H 124 57.56 28.99 -11.89
C SER H 124 56.84 30.14 -12.58
N THR H 125 56.61 31.20 -11.82
CA THR H 125 55.94 32.38 -12.34
C THR H 125 56.85 33.15 -13.29
N LYS H 126 56.31 33.56 -14.42
CA LYS H 126 57.03 34.36 -15.41
C LYS H 126 56.35 35.71 -15.56
N GLY H 127 57.15 36.76 -15.62
CA GLY H 127 56.65 38.10 -15.78
C GLY H 127 56.14 38.36 -17.19
N PRO H 128 55.03 39.10 -17.30
CA PRO H 128 54.50 39.41 -18.62
C PRO H 128 55.26 40.57 -19.25
N SER H 129 55.55 40.44 -20.54
CA SER H 129 56.25 41.48 -21.29
C SER H 129 55.21 42.28 -22.08
N VAL H 130 55.10 43.57 -21.77
CA VAL H 130 54.05 44.42 -22.34
C VAL H 130 54.62 45.23 -23.48
N PHE H 131 53.79 45.47 -24.49
CA PHE H 131 54.14 46.28 -25.65
C PHE H 131 52.89 47.06 -26.07
N PRO H 132 53.07 48.22 -26.71
CA PRO H 132 51.89 49.01 -27.12
C PRO H 132 51.31 48.52 -28.44
N LEU H 133 51.55 49.25 -29.53
CA LEU H 133 51.03 48.85 -30.83
C LEU H 133 51.96 49.31 -31.95
N THR H 144 37.46 56.41 -38.45
CA THR H 144 37.52 55.43 -37.37
C THR H 144 38.92 54.81 -37.28
N ALA H 145 39.31 54.44 -36.06
CA ALA H 145 40.61 53.82 -35.82
C ALA H 145 40.58 53.07 -34.50
N ALA H 146 41.60 52.26 -34.28
CA ALA H 146 41.71 51.43 -33.07
C ALA H 146 43.14 51.41 -32.59
N LEU H 147 43.31 51.33 -31.28
CA LEU H 147 44.64 51.29 -30.68
C LEU H 147 44.62 50.35 -29.48
N GLY H 148 45.70 49.59 -29.30
CA GLY H 148 45.70 48.57 -28.28
C GLY H 148 47.01 48.35 -27.56
N CYS H 149 47.11 47.21 -26.88
CA CYS H 149 48.28 46.85 -26.09
C CYS H 149 48.35 45.33 -25.98
N LEU H 150 49.56 44.81 -26.16
CA LEU H 150 49.85 43.39 -26.23
C LEU H 150 50.67 42.96 -25.01
N VAL H 151 50.50 41.71 -24.61
CA VAL H 151 51.16 41.12 -23.44
C VAL H 151 51.64 39.73 -23.85
N LYS H 152 52.95 39.53 -23.88
CA LYS H 152 53.53 38.29 -24.35
C LYS H 152 54.28 37.58 -23.23
N ASP H 153 54.24 36.25 -23.27
CA ASP H 153 55.07 35.37 -22.44
C ASP H 153 54.86 35.58 -20.94
N TYR H 154 53.76 35.03 -20.41
CA TYR H 154 53.56 34.93 -18.98
C TYR H 154 52.92 33.58 -18.68
N PHE H 155 53.28 33.00 -17.54
CA PHE H 155 52.80 31.65 -17.25
C PHE H 155 51.51 31.64 -16.42
N PRO H 156 51.50 32.23 -15.21
CA PRO H 156 50.31 32.04 -14.36
C PRO H 156 49.12 32.90 -14.75
N GLU H 157 48.27 32.39 -15.63
CA GLU H 157 47.09 33.13 -16.04
C GLU H 157 46.17 33.27 -14.82
N PRO H 158 45.31 34.31 -14.77
CA PRO H 158 44.83 35.41 -15.61
C PRO H 158 45.56 36.74 -15.45
N VAL H 159 45.18 37.73 -16.26
CA VAL H 159 45.72 39.07 -16.20
C VAL H 159 44.58 40.04 -16.46
N THR H 160 44.47 41.08 -15.64
CA THR H 160 43.42 42.07 -15.75
C THR H 160 43.92 43.28 -16.54
N VAL H 161 43.05 43.85 -17.37
CA VAL H 161 43.39 44.97 -18.24
C VAL H 161 42.33 46.05 -18.08
N SER H 162 42.77 47.30 -18.02
CA SER H 162 41.87 48.44 -17.82
C SER H 162 42.39 49.64 -18.59
N TRP H 163 41.55 50.67 -18.66
CA TRP H 163 41.90 51.93 -19.32
C TRP H 163 41.52 53.09 -18.40
N ASN H 164 42.53 53.85 -17.98
CA ASN H 164 42.36 55.00 -17.08
C ASN H 164 41.67 54.57 -15.78
N SER H 165 42.04 53.38 -15.29
CA SER H 165 41.44 52.79 -14.09
C SER H 165 39.92 52.68 -14.24
N GLY H 166 39.47 52.20 -15.40
CA GLY H 166 38.07 51.99 -15.65
C GLY H 166 37.28 53.22 -16.05
N ALA H 167 37.93 54.35 -16.30
CA ALA H 167 37.20 55.55 -16.68
C ALA H 167 36.59 55.43 -18.07
N LEU H 168 37.21 54.63 -18.94
CA LEU H 168 36.72 54.38 -20.28
C LEU H 168 36.29 52.93 -20.39
N THR H 169 35.05 52.70 -20.81
CA THR H 169 34.48 51.37 -20.90
C THR H 169 33.93 51.05 -22.28
N SER H 170 33.21 51.98 -22.90
CA SER H 170 32.64 51.73 -24.22
C SER H 170 33.73 51.70 -25.28
N GLY H 171 33.59 50.79 -26.24
CA GLY H 171 34.55 50.64 -27.31
C GLY H 171 35.78 49.84 -26.97
N VAL H 172 35.80 49.15 -25.82
CA VAL H 172 36.95 48.37 -25.39
C VAL H 172 36.64 46.89 -25.58
N HIS H 173 37.63 46.13 -26.06
CA HIS H 173 37.52 44.69 -26.20
C HIS H 173 38.86 44.08 -25.80
N THR H 174 38.84 43.26 -24.75
CA THR H 174 40.00 42.47 -24.36
C THR H 174 39.86 41.07 -24.92
N PHE H 175 40.85 40.64 -25.70
CA PHE H 175 40.81 39.30 -26.25
C PHE H 175 41.23 38.27 -25.21
N PRO H 176 40.78 37.03 -25.35
CA PRO H 176 41.26 35.97 -24.45
C PRO H 176 42.65 35.52 -24.84
N ALA H 177 43.47 35.27 -23.81
CA ALA H 177 44.84 34.82 -24.00
C ALA H 177 44.91 33.56 -24.86
N VAL H 178 46.13 33.20 -25.22
CA VAL H 178 46.43 31.98 -25.97
C VAL H 178 47.71 31.36 -25.42
N LEU H 179 47.75 30.05 -25.35
CA LEU H 179 48.89 29.34 -24.79
C LEU H 179 49.85 28.99 -25.92
N GLN H 180 51.13 29.28 -25.72
CA GLN H 180 52.09 28.89 -26.71
C GLN H 180 52.53 27.44 -26.47
N SER H 181 53.23 26.86 -27.45
CA SER H 181 53.80 25.53 -27.26
C SER H 181 54.72 25.47 -26.04
N SER H 182 55.41 26.55 -25.73
CA SER H 182 56.30 26.59 -24.57
C SER H 182 55.55 26.49 -23.26
N GLY H 183 54.26 26.84 -23.25
CA GLY H 183 53.47 26.88 -22.04
C GLY H 183 53.16 28.27 -21.54
N LEU H 184 53.81 29.29 -22.10
CA LEU H 184 53.55 30.67 -21.70
C LEU H 184 52.37 31.23 -22.49
N TYR H 185 51.73 32.25 -21.91
CA TYR H 185 50.49 32.80 -22.46
C TYR H 185 50.71 34.19 -23.02
N SER H 186 49.81 34.60 -23.91
CA SER H 186 49.85 35.94 -24.50
C SER H 186 48.43 36.41 -24.81
N LEU H 187 48.21 37.72 -24.69
CA LEU H 187 46.88 38.30 -24.89
C LEU H 187 47.01 39.78 -25.23
N SER H 188 46.11 40.27 -26.08
CA SER H 188 46.06 41.68 -26.43
C SER H 188 44.67 42.26 -26.19
N SER H 189 44.60 43.59 -26.11
CA SER H 189 43.35 44.29 -25.84
C SER H 189 43.34 45.63 -26.57
N VAL H 190 42.21 45.97 -27.20
CA VAL H 190 42.11 47.13 -28.08
C VAL H 190 40.91 48.00 -27.74
N VAL H 191 41.07 49.31 -27.92
CA VAL H 191 40.00 50.29 -27.83
C VAL H 191 39.81 50.92 -29.21
N THR H 192 38.67 51.59 -29.39
CA THR H 192 38.29 52.25 -30.64
C THR H 192 38.15 53.75 -30.44
N VAL H 193 38.91 54.52 -31.21
CA VAL H 193 38.88 55.98 -31.16
C VAL H 193 38.63 56.47 -32.58
N PRO H 194 37.84 57.52 -32.79
CA PRO H 194 37.65 58.02 -34.15
C PRO H 194 38.95 58.50 -34.79
N SER H 195 39.02 58.38 -36.12
CA SER H 195 40.21 58.81 -36.83
C SER H 195 40.41 60.32 -36.74
N SER H 196 39.31 61.08 -36.58
CA SER H 196 39.43 62.52 -36.42
C SER H 196 39.91 62.90 -35.03
N SER H 197 39.72 62.02 -34.05
CA SER H 197 40.13 62.23 -32.66
C SER H 197 41.40 61.45 -32.36
N LEU H 198 42.40 61.59 -33.23
CA LEU H 198 43.64 60.83 -33.09
C LEU H 198 44.59 61.47 -32.08
N GLY H 199 44.73 62.80 -32.09
CA GLY H 199 45.67 63.45 -31.19
C GLY H 199 45.03 64.20 -30.04
N THR H 200 43.85 63.76 -29.62
CA THR H 200 43.11 64.39 -28.53
C THR H 200 43.16 63.52 -27.28
N GLN H 201 43.28 64.17 -26.12
CA GLN H 201 43.32 63.50 -24.82
C GLN H 201 44.48 62.52 -24.71
N THR H 202 44.42 61.63 -23.72
CA THR H 202 45.46 60.64 -23.49
C THR H 202 44.84 59.35 -23.00
N TYR H 203 45.43 58.23 -23.43
CA TYR H 203 44.93 56.89 -23.13
C TYR H 203 46.03 56.08 -22.48
N ILE H 204 45.76 55.54 -21.29
CA ILE H 204 46.72 54.77 -20.51
C ILE H 204 46.18 53.34 -20.36
N CYS H 205 46.93 52.37 -20.89
CA CYS H 205 46.58 50.94 -20.80
C CYS H 205 47.16 50.38 -19.50
N ASN H 206 46.30 50.09 -18.53
CA ASN H 206 46.70 49.50 -17.27
C ASN H 206 46.66 47.98 -17.36
N VAL H 207 47.72 47.33 -16.86
CA VAL H 207 47.84 45.87 -16.89
C VAL H 207 48.24 45.41 -15.49
N ASN H 208 47.46 44.49 -14.92
CA ASN H 208 47.71 43.95 -13.58
C ASN H 208 47.80 42.43 -13.66
N HIS H 209 48.97 41.90 -13.32
CA HIS H 209 49.23 40.46 -13.26
C HIS H 209 49.51 40.12 -11.79
N LYS H 210 48.55 39.47 -11.15
CA LYS H 210 48.63 39.24 -9.70
C LYS H 210 49.69 38.22 -9.31
N PRO H 211 49.76 37.00 -9.91
CA PRO H 211 50.66 35.97 -9.35
C PRO H 211 52.14 36.31 -9.40
N SER H 212 52.49 37.45 -9.99
CA SER H 212 53.85 37.96 -9.94
C SER H 212 53.94 39.30 -9.23
N ASN H 213 52.83 39.81 -8.68
CA ASN H 213 52.77 41.13 -8.05
C ASN H 213 53.26 42.20 -9.02
N THR H 214 52.67 42.23 -10.21
CA THR H 214 53.06 43.15 -11.27
C THR H 214 51.88 44.05 -11.62
N LYS H 215 52.15 45.34 -11.78
CA LYS H 215 51.13 46.30 -12.15
C LYS H 215 51.82 47.42 -12.91
N VAL H 216 51.53 47.56 -14.20
CA VAL H 216 52.23 48.51 -15.06
C VAL H 216 51.23 49.23 -15.95
N ASP H 217 51.50 50.50 -16.22
CA ASP H 217 50.64 51.35 -17.03
C ASP H 217 51.42 51.89 -18.22
N LYS H 218 51.02 51.47 -19.42
CA LYS H 218 51.66 51.91 -20.66
C LYS H 218 50.83 53.00 -21.31
N LYS H 219 51.40 54.19 -21.45
CA LYS H 219 50.70 55.29 -22.11
C LYS H 219 50.80 55.10 -23.63
N VAL H 220 49.67 55.19 -24.32
CA VAL H 220 49.63 54.99 -25.76
C VAL H 220 49.81 56.35 -26.42
N GLU H 221 51.01 56.60 -26.95
CA GLU H 221 51.27 57.80 -27.73
C GLU H 221 51.60 57.39 -29.16
N PRO H 222 50.74 57.71 -30.15
CA PRO H 222 50.97 57.30 -31.54
C PRO H 222 52.04 58.13 -32.24
N TYR I 3 24.89 4.41 -7.51
CA TYR I 3 25.23 4.21 -6.12
C TYR I 3 26.73 4.49 -5.88
N GLU I 4 27.04 5.12 -4.75
CA GLU I 4 28.40 5.48 -4.39
C GLU I 4 29.00 4.35 -3.57
N LEU I 5 29.93 3.62 -4.18
CA LEU I 5 30.54 2.45 -3.56
C LEU I 5 31.65 2.87 -2.60
N THR I 6 31.47 2.57 -1.32
CA THR I 6 32.39 2.95 -0.27
C THR I 6 33.23 1.74 0.11
N GLN I 7 34.55 1.83 -0.09
CA GLN I 7 35.44 0.73 0.23
C GLN I 7 36.59 1.21 1.13
N PRO I 8 36.96 0.42 2.13
CA PRO I 8 38.12 0.76 2.96
C PRO I 8 39.39 0.77 2.13
N PRO I 9 40.23 1.80 2.27
CA PRO I 9 41.44 1.86 1.42
C PRO I 9 42.37 0.67 1.60
N SER I 10 42.53 0.16 2.82
CA SER I 10 43.42 -0.96 3.03
C SER I 10 42.90 -1.85 4.15
N VAL I 11 43.07 -3.15 3.97
CA VAL I 11 42.81 -4.16 5.01
C VAL I 11 43.95 -5.17 4.93
N SER I 12 44.38 -5.67 6.08
CA SER I 12 45.51 -6.57 6.18
C SER I 12 45.16 -7.76 7.05
N ALA I 13 45.90 -8.85 6.85
CA ALA I 13 45.70 -10.06 7.62
C ALA I 13 46.95 -10.92 7.54
N ALA I 14 47.23 -11.61 8.64
CA ALA I 14 48.38 -12.51 8.70
C ALA I 14 48.09 -13.79 7.92
N SER I 15 49.15 -14.37 7.36
CA SER I 15 49.02 -15.57 6.55
C SER I 15 48.36 -16.70 7.34
N GLY I 16 47.23 -17.20 6.84
CA GLY I 16 46.46 -18.26 7.46
C GLY I 16 45.11 -17.82 7.99
N GLN I 17 44.97 -16.56 8.40
CA GLN I 17 43.73 -16.05 8.96
C GLN I 17 42.80 -15.51 7.88
N THR I 18 41.51 -15.40 8.25
CA THR I 18 40.48 -14.92 7.34
C THR I 18 40.60 -13.42 7.11
N ALA I 19 40.49 -12.99 5.84
CA ALA I 19 40.45 -11.59 5.48
C ALA I 19 39.04 -11.22 5.02
N ARG I 20 38.65 -9.98 5.33
CA ARG I 20 37.31 -9.48 5.01
C ARG I 20 37.40 -8.11 4.37
N ILE I 21 36.78 -7.96 3.19
CA ILE I 21 36.71 -6.69 2.47
C ILE I 21 35.25 -6.32 2.30
N THR I 22 34.91 -5.07 2.60
CA THR I 22 33.53 -4.62 2.60
C THR I 22 33.25 -3.67 1.44
N CYS I 23 31.96 -3.54 1.12
CA CYS I 23 31.50 -2.68 0.03
C CYS I 23 30.14 -2.11 0.42
N GLY I 24 30.08 -0.78 0.58
CA GLY I 24 28.87 -0.13 1.02
C GLY I 24 28.16 0.69 -0.05
N GLY I 25 26.87 0.90 0.13
CA GLY I 25 26.09 1.69 -0.81
C GLY I 25 24.61 1.66 -0.52
N ASP I 26 23.86 2.60 -1.09
CA ASP I 26 22.43 2.70 -0.83
C ASP I 26 21.68 1.51 -1.44
N ASN I 27 21.08 0.70 -0.57
CA ASN I 27 20.20 -0.40 -0.99
C ASN I 27 20.88 -1.34 -1.99
N ILE I 28 22.16 -1.63 -1.74
CA ILE I 28 22.92 -2.52 -2.61
C ILE I 28 22.38 -3.94 -2.59
N GLY I 29 21.62 -4.32 -1.56
CA GLY I 29 21.05 -5.66 -1.51
C GLY I 29 20.07 -5.96 -2.62
N SER I 30 19.58 -4.93 -3.32
CA SER I 30 18.69 -5.13 -4.46
C SER I 30 19.43 -5.37 -5.77
N LYS I 31 20.75 -5.16 -5.80
CA LYS I 31 21.54 -5.28 -7.00
C LYS I 31 22.40 -6.55 -6.96
N ASN I 32 23.06 -6.82 -8.08
CA ASN I 32 24.00 -7.94 -8.20
C ASN I 32 25.41 -7.40 -8.06
N VAL I 33 26.09 -7.81 -6.98
CA VAL I 33 27.42 -7.31 -6.64
C VAL I 33 28.48 -8.21 -7.25
N GLN I 34 29.51 -7.59 -7.84
CA GLN I 34 30.63 -8.31 -8.40
C GLN I 34 31.92 -7.93 -7.68
N TRP I 35 32.77 -8.92 -7.45
CA TRP I 35 34.07 -8.74 -6.79
C TRP I 35 35.16 -9.20 -7.74
N TYR I 36 36.09 -8.29 -8.07
CA TYR I 36 37.22 -8.58 -8.95
C TYR I 36 38.54 -8.39 -8.20
N GLN I 37 39.50 -9.27 -8.46
CA GLN I 37 40.83 -9.19 -7.86
C GLN I 37 41.86 -8.84 -8.94
N GLN I 38 42.71 -7.85 -8.65
CA GLN I 38 43.77 -7.41 -9.56
C GLN I 38 45.11 -7.49 -8.86
N LYS I 39 45.92 -8.47 -9.23
CA LYS I 39 47.30 -8.57 -8.76
C LYS I 39 48.20 -7.57 -9.50
N PRO I 40 49.28 -7.12 -8.87
CA PRO I 40 50.20 -6.17 -9.52
C PRO I 40 50.68 -6.68 -10.87
N ALA I 41 50.66 -5.78 -11.87
CA ALA I 41 51.06 -6.10 -13.24
C ALA I 41 50.26 -7.28 -13.78
N GLN I 42 48.94 -7.15 -13.69
CA GLN I 42 48.05 -8.20 -14.17
C GLN I 42 46.69 -7.56 -14.43
N ALA I 43 45.88 -8.25 -15.22
CA ALA I 43 44.53 -7.79 -15.52
C ALA I 43 43.57 -8.23 -14.41
N PRO I 44 42.54 -7.43 -14.14
CA PRO I 44 41.53 -7.84 -13.14
C PRO I 44 40.89 -9.16 -13.53
N VAL I 45 40.59 -9.97 -12.52
CA VAL I 45 39.95 -11.27 -12.72
C VAL I 45 38.70 -11.32 -11.88
N LEU I 46 37.56 -11.61 -12.51
CA LEU I 46 36.30 -11.73 -11.78
C LEU I 46 36.38 -12.93 -10.84
N VAL I 47 36.22 -12.68 -9.55
CA VAL I 47 36.27 -13.75 -8.56
C VAL I 47 34.90 -14.07 -7.97
N ILE I 48 33.98 -13.10 -7.89
CA ILE I 48 32.65 -13.37 -7.36
C ILE I 48 31.63 -12.58 -8.15
N TYR I 49 30.52 -13.23 -8.53
CA TYR I 49 29.40 -12.54 -9.16
C TYR I 49 28.10 -12.98 -8.52
N ALA I 50 27.07 -12.15 -8.69
CA ALA I 50 25.73 -12.40 -8.15
C ALA I 50 25.79 -12.73 -6.68
N ASP I 51 26.50 -11.89 -5.92
CA ASP I 51 26.64 -12.03 -4.47
C ASP I 51 27.37 -13.31 -4.06
N SER I 52 26.84 -14.48 -4.44
CA SER I 52 27.37 -15.75 -3.96
C SER I 52 27.93 -16.65 -5.05
N LYS I 53 27.51 -16.48 -6.31
CA LYS I 53 27.97 -17.36 -7.37
C LYS I 53 29.46 -17.17 -7.63
N ARG I 54 30.15 -18.27 -7.91
CA ARG I 54 31.59 -18.24 -8.16
C ARG I 54 31.91 -18.77 -9.56
N PRO I 55 32.78 -18.09 -10.31
CA PRO I 55 33.14 -18.56 -11.64
C PRO I 55 34.04 -19.80 -11.61
N SER I 56 34.11 -20.45 -12.77
CA SER I 56 34.92 -21.65 -12.92
C SER I 56 36.41 -21.35 -12.71
N GLY I 57 37.03 -22.11 -11.83
CA GLY I 57 38.46 -22.00 -11.58
C GLY I 57 38.84 -21.00 -10.51
N VAL I 58 38.15 -21.03 -9.38
CA VAL I 58 38.47 -20.16 -8.26
C VAL I 58 38.42 -20.98 -6.97
N PRO I 59 39.40 -20.83 -6.09
CA PRO I 59 39.38 -21.59 -4.83
C PRO I 59 38.13 -21.28 -4.02
N GLU I 60 37.55 -22.33 -3.41
CA GLU I 60 36.33 -22.18 -2.63
C GLU I 60 36.50 -21.31 -1.39
N ARG I 61 37.74 -20.98 -1.01
CA ARG I 61 37.96 -20.10 0.13
C ARG I 61 37.31 -18.73 -0.08
N PHE I 62 37.27 -18.25 -1.32
CA PHE I 62 36.58 -17.00 -1.61
C PHE I 62 35.08 -17.18 -1.44
N SER I 63 34.45 -16.27 -0.69
CA SER I 63 33.01 -16.30 -0.52
C SER I 63 32.49 -14.88 -0.45
N GLY I 64 31.19 -14.74 -0.73
CA GLY I 64 30.58 -13.41 -0.78
C GLY I 64 29.16 -13.44 -0.26
N SER I 65 28.76 -12.32 0.34
CA SER I 65 27.40 -12.15 0.82
C SER I 65 26.97 -10.71 0.58
N ASN I 66 25.66 -10.50 0.51
CA ASN I 66 25.10 -9.18 0.24
C ASN I 66 23.81 -9.02 1.02
N SER I 67 23.68 -7.89 1.72
CA SER I 67 22.48 -7.66 2.51
C SER I 67 22.32 -6.16 2.74
N GLY I 68 21.12 -5.65 2.48
CA GLY I 68 20.80 -4.27 2.76
C GLY I 68 21.73 -3.25 2.10
N ASN I 69 22.67 -2.73 2.88
CA ASN I 69 23.60 -1.71 2.38
C ASN I 69 25.05 -2.17 2.41
N THR I 70 25.31 -3.45 2.67
CA THR I 70 26.68 -3.94 2.77
C THR I 70 26.84 -5.26 2.05
N ALA I 71 27.94 -5.36 1.29
CA ALA I 71 28.34 -6.59 0.63
C ALA I 71 29.74 -6.96 1.10
N THR I 72 29.91 -8.19 1.57
CA THR I 72 31.16 -8.63 2.17
C THR I 72 31.79 -9.73 1.31
N LEU I 73 33.08 -9.57 1.03
CA LEU I 73 33.90 -10.58 0.37
C LEU I 73 34.90 -11.11 1.38
N THR I 74 34.78 -12.39 1.72
CA THR I 74 35.61 -13.04 2.73
C THR I 74 36.54 -14.04 2.04
N ILE I 75 37.85 -13.85 2.22
CA ILE I 75 38.83 -14.82 1.66
C ILE I 75 39.39 -15.65 2.82
N SER I 76 38.78 -16.81 3.09
CA SER I 76 39.21 -17.66 4.22
C SER I 76 40.67 -18.08 4.06
N GLY I 77 41.46 -17.98 5.12
CA GLY I 77 42.84 -18.43 5.07
C GLY I 77 43.67 -17.82 3.96
N VAL I 78 44.05 -16.55 4.10
CA VAL I 78 44.86 -15.90 3.08
C VAL I 78 46.21 -16.59 3.00
N GLU I 79 46.62 -16.95 1.77
CA GLU I 79 47.90 -17.60 1.61
C GLU I 79 48.91 -16.61 1.02
N ALA I 80 49.92 -17.14 0.34
CA ALA I 80 50.91 -16.32 -0.32
C ALA I 80 50.50 -16.05 -1.76
N GLY I 81 50.99 -14.93 -2.30
CA GLY I 81 50.61 -14.50 -3.62
C GLY I 81 49.25 -13.80 -3.70
N ASP I 82 48.51 -13.73 -2.61
CA ASP I 82 47.20 -13.08 -2.57
C ASP I 82 47.29 -11.55 -2.51
N GLU I 83 48.50 -11.01 -2.35
CA GLU I 83 48.71 -9.56 -2.33
C GLU I 83 48.17 -8.91 -3.60
N ALA I 84 47.02 -8.24 -3.51
CA ALA I 84 46.39 -7.65 -4.67
C ALA I 84 45.41 -6.58 -4.22
N ASP I 85 44.79 -5.91 -5.21
CA ASP I 85 43.75 -4.93 -4.98
C ASP I 85 42.40 -5.54 -5.33
N TYR I 86 41.45 -5.45 -4.41
CA TYR I 86 40.13 -6.03 -4.58
C TYR I 86 39.12 -4.93 -4.81
N TYR I 87 38.34 -5.06 -5.88
CA TYR I 87 37.40 -4.04 -6.31
C TYR I 87 35.97 -4.58 -6.27
N CYS I 88 35.08 -3.75 -5.74
CA CYS I 88 33.65 -3.99 -5.80
C CYS I 88 33.07 -3.28 -7.02
N GLN I 89 32.08 -3.90 -7.65
CA GLN I 89 31.50 -3.37 -8.88
C GLN I 89 30.01 -3.64 -8.90
N VAL I 90 29.22 -2.60 -9.18
CA VAL I 90 27.77 -2.72 -9.25
C VAL I 90 27.25 -1.93 -10.44
N TRP I 91 25.96 -2.13 -10.73
CA TRP I 91 25.30 -1.63 -11.92
C TRP I 91 23.95 -1.04 -11.50
N ASP I 92 23.86 0.28 -11.37
CA ASP I 92 22.58 0.88 -11.04
C ASP I 92 21.75 1.05 -12.32
N ARG I 93 21.77 2.22 -12.94
CA ARG I 93 21.11 2.41 -14.21
C ARG I 93 22.12 2.12 -15.31
N SER I 94 22.65 3.14 -15.97
CA SER I 94 23.56 2.93 -17.11
C SER I 94 25.01 2.75 -16.65
N SER I 95 25.60 3.81 -16.10
CA SER I 95 27.00 3.74 -15.70
C SER I 95 27.18 2.72 -14.57
N ASN I 96 28.18 1.84 -14.72
CA ASN I 96 28.53 0.84 -13.72
C ASN I 96 29.67 1.36 -12.85
N ILE I 97 29.45 1.34 -11.54
CA ILE I 97 30.40 1.88 -10.57
C ILE I 97 31.36 0.80 -10.13
N PHE I 98 32.66 1.04 -10.33
CA PHE I 98 33.74 0.24 -9.79
C PHE I 98 34.14 0.77 -8.41
N GLY I 99 34.87 -0.06 -7.66
CA GLY I 99 35.36 0.36 -6.38
C GLY I 99 36.61 1.21 -6.49
N VAL I 100 36.93 1.91 -5.40
CA VAL I 100 38.15 2.71 -5.37
C VAL I 100 39.37 1.81 -5.31
N GLY I 101 39.33 0.79 -4.47
CA GLY I 101 40.44 -0.15 -4.34
C GLY I 101 40.77 -0.45 -2.90
N THR I 102 40.90 -1.74 -2.58
CA THR I 102 41.24 -2.19 -1.24
C THR I 102 42.55 -2.96 -1.33
N ARG I 103 43.63 -2.35 -0.86
CA ARG I 103 44.95 -2.98 -0.91
C ARG I 103 45.09 -3.99 0.22
N LEU I 104 45.26 -5.25 -0.14
CA LEU I 104 45.44 -6.33 0.83
C LEU I 104 46.92 -6.52 1.12
N THR I 105 47.26 -6.63 2.40
CA THR I 105 48.63 -6.87 2.85
C THR I 105 48.67 -8.23 3.54
N VAL I 106 49.52 -9.12 3.03
CA VAL I 106 49.65 -10.48 3.56
C VAL I 106 50.85 -10.52 4.49
N LEU I 107 50.60 -10.35 5.79
CA LEU I 107 51.65 -10.43 6.80
C LEU I 107 51.97 -11.88 7.12
N GLY I 108 53.10 -12.07 7.80
CA GLY I 108 53.60 -13.39 8.19
C GLY I 108 54.91 -13.79 7.54
N GLN I 109 55.23 -13.23 6.38
CA GLN I 109 56.48 -13.55 5.74
C GLN I 109 57.66 -12.91 6.49
N PRO I 110 58.81 -13.55 6.51
CA PRO I 110 59.97 -12.97 7.21
C PRO I 110 60.61 -11.84 6.41
N LYS I 111 61.19 -10.89 7.15
CA LYS I 111 61.87 -9.76 6.53
C LYS I 111 63.15 -10.22 5.83
N ALA I 112 63.04 -10.63 4.57
CA ALA I 112 64.19 -11.13 3.83
C ALA I 112 65.18 -10.02 3.54
N ALA I 113 66.47 -10.34 3.66
CA ALA I 113 67.51 -9.36 3.41
C ALA I 113 67.61 -9.06 1.92
N PRO I 114 67.99 -7.83 1.56
CA PRO I 114 68.06 -7.47 0.14
C PRO I 114 69.35 -7.94 -0.51
N SER I 115 69.23 -8.31 -1.78
CA SER I 115 70.36 -8.70 -2.62
C SER I 115 70.55 -7.62 -3.69
N VAL I 116 71.70 -6.95 -3.65
CA VAL I 116 72.01 -5.87 -4.58
C VAL I 116 73.23 -6.25 -5.42
N THR I 117 73.24 -5.76 -6.67
CA THR I 117 74.38 -5.98 -7.54
C THR I 117 74.58 -4.78 -8.45
N LEU I 118 75.84 -4.45 -8.72
CA LEU I 118 76.16 -3.25 -9.50
C LEU I 118 77.26 -3.46 -10.52
N PHE I 119 78.12 -2.43 -10.66
CA PHE I 119 79.23 -2.24 -11.60
C PHE I 119 78.86 -2.64 -13.02
N PRO I 120 78.68 -1.67 -13.92
CA PRO I 120 78.39 -2.01 -15.30
C PRO I 120 78.79 -0.91 -16.27
N PRO I 121 79.99 -0.30 -16.15
CA PRO I 121 80.34 0.72 -17.15
C PRO I 121 80.56 0.08 -18.51
N SER I 122 79.70 0.38 -19.48
CA SER I 122 79.83 -0.27 -20.78
C SER I 122 81.00 0.29 -21.57
N SER I 123 81.54 -0.57 -22.45
CA SER I 123 82.64 -0.14 -23.32
C SER I 123 82.13 0.77 -24.44
N GLU I 124 81.07 0.33 -25.13
CA GLU I 124 80.52 1.12 -26.23
C GLU I 124 79.84 2.39 -25.72
N GLU I 125 79.32 2.38 -24.48
CA GLU I 125 78.75 3.59 -23.91
C GLU I 125 79.83 4.62 -23.65
N LEU I 126 80.99 4.19 -23.16
CA LEU I 126 82.11 5.10 -22.99
C LEU I 126 82.73 5.50 -24.31
N GLN I 127 82.57 4.67 -25.36
CA GLN I 127 83.01 5.10 -26.69
C GLN I 127 82.20 6.30 -27.17
N ALA I 128 80.93 6.37 -26.79
CA ALA I 128 80.11 7.55 -27.00
C ALA I 128 80.19 8.43 -25.75
N ASN I 129 79.31 9.44 -25.67
CA ASN I 129 79.33 10.38 -24.54
C ASN I 129 78.23 10.00 -23.54
N LYS I 130 78.48 8.91 -22.81
CA LYS I 130 77.52 8.46 -21.81
C LYS I 130 78.22 7.55 -20.82
N ALA I 131 77.75 7.58 -19.57
CA ALA I 131 78.26 6.70 -18.52
C ALA I 131 77.13 6.47 -17.52
N THR I 132 76.66 5.23 -17.40
CA THR I 132 75.55 4.90 -16.52
C THR I 132 75.97 3.79 -15.56
N LEU I 133 75.78 4.03 -14.27
CA LEU I 133 76.03 3.02 -13.24
C LEU I 133 74.68 2.48 -12.78
N VAL I 134 74.45 1.19 -12.98
CA VAL I 134 73.18 0.55 -12.67
C VAL I 134 73.35 -0.30 -11.42
N CYS I 135 72.51 -0.04 -10.42
CA CYS I 135 72.42 -0.83 -9.21
C CYS I 135 71.05 -1.51 -9.14
N LEU I 136 71.04 -2.82 -8.94
CA LEU I 136 69.80 -3.61 -8.92
C LEU I 136 69.62 -4.19 -7.53
N ILE I 137 68.62 -3.68 -6.79
CA ILE I 137 68.27 -4.21 -5.48
C ILE I 137 67.03 -5.09 -5.64
N SER I 138 67.01 -6.23 -4.96
CA SER I 138 65.92 -7.17 -5.18
C SER I 138 65.77 -8.11 -3.99
N ASP I 139 64.62 -8.80 -3.97
CA ASP I 139 64.35 -9.92 -3.08
C ASP I 139 64.33 -9.50 -1.61
N PHE I 140 63.26 -8.76 -1.27
CA PHE I 140 62.97 -8.37 0.10
C PHE I 140 61.46 -8.33 0.23
N TYR I 141 60.96 -8.74 1.40
CA TYR I 141 59.51 -8.84 1.57
C TYR I 141 58.84 -7.48 1.77
N PRO I 142 59.15 -6.71 2.81
CA PRO I 142 58.39 -5.48 3.03
C PRO I 142 58.80 -4.40 2.04
N GLY I 143 57.79 -3.71 1.50
CA GLY I 143 58.05 -2.66 0.54
C GLY I 143 58.50 -1.37 1.18
N ALA I 144 59.70 -1.37 1.75
CA ALA I 144 60.22 -0.16 2.40
C ALA I 144 61.74 -0.20 2.34
N VAL I 145 62.33 0.56 1.42
CA VAL I 145 63.77 0.65 1.27
C VAL I 145 64.12 2.09 0.92
N THR I 146 65.23 2.58 1.44
CA THR I 146 65.75 3.89 1.08
C THR I 146 67.15 3.76 0.52
N VAL I 147 67.42 4.45 -0.59
CA VAL I 147 68.65 4.28 -1.34
C VAL I 147 69.41 5.60 -1.38
N ALA I 148 70.73 5.53 -1.28
CA ALA I 148 71.59 6.70 -1.36
C ALA I 148 72.99 6.27 -1.79
N TRP I 149 73.66 7.13 -2.55
CA TRP I 149 75.01 6.87 -3.01
C TRP I 149 75.99 7.67 -2.18
N LYS I 150 77.16 7.10 -1.91
CA LYS I 150 78.19 7.76 -1.12
C LYS I 150 79.48 7.86 -1.92
N ALA I 151 79.85 9.08 -2.31
CA ALA I 151 81.14 9.34 -2.91
C ALA I 151 82.22 9.07 -1.87
N ASP I 152 82.95 7.95 -2.03
CA ASP I 152 83.98 7.53 -1.08
C ASP I 152 83.38 7.38 0.31
N SER I 153 82.96 8.49 0.92
CA SER I 153 82.39 8.47 2.26
C SER I 153 81.25 9.47 2.46
N SER I 154 81.14 10.54 1.65
CA SER I 154 80.08 11.53 1.82
C SER I 154 78.92 11.23 0.89
N PRO I 155 77.67 11.24 1.36
CA PRO I 155 76.56 10.89 0.49
C PRO I 155 76.18 12.04 -0.42
N VAL I 156 75.48 11.69 -1.50
CA VAL I 156 74.99 12.64 -2.49
C VAL I 156 73.61 12.19 -2.94
N LYS I 157 72.70 13.15 -3.08
CA LYS I 157 71.32 12.90 -3.50
C LYS I 157 70.98 13.73 -4.72
N ALA I 158 71.91 13.80 -5.67
CA ALA I 158 71.72 14.58 -6.89
C ALA I 158 72.25 13.80 -8.08
N GLY I 159 71.40 13.64 -9.09
CA GLY I 159 71.77 12.97 -10.33
C GLY I 159 71.67 11.47 -10.29
N VAL I 160 70.83 10.91 -9.42
CA VAL I 160 70.67 9.47 -9.29
C VAL I 160 69.17 9.19 -9.29
N GLU I 161 68.76 8.22 -10.11
CA GLU I 161 67.34 7.96 -10.36
C GLU I 161 67.03 6.51 -10.03
N THR I 162 66.11 6.31 -9.10
CA THR I 162 65.66 4.98 -8.70
C THR I 162 64.19 4.79 -9.05
N THR I 163 63.75 3.53 -9.05
CA THR I 163 62.39 3.19 -9.40
C THR I 163 61.56 2.91 -8.16
N THR I 164 60.30 2.58 -8.38
CA THR I 164 59.31 2.31 -7.36
C THR I 164 59.44 0.87 -6.85
N PRO I 165 59.10 0.63 -5.58
CA PRO I 165 58.96 -0.76 -5.14
C PRO I 165 58.01 -1.54 -6.04
N SER I 166 58.50 -2.62 -6.64
CA SER I 166 57.71 -3.39 -7.59
C SER I 166 57.66 -4.85 -7.14
N LYS I 167 56.45 -5.40 -7.04
CA LYS I 167 56.30 -6.74 -6.51
C LYS I 167 56.94 -7.78 -7.41
N GLN I 168 57.56 -8.78 -6.80
CA GLN I 168 58.24 -9.85 -7.52
C GLN I 168 57.34 -11.07 -7.65
N SER I 169 57.79 -12.01 -8.50
CA SER I 169 57.06 -13.27 -8.67
C SER I 169 57.01 -14.04 -7.36
N ASN I 170 58.09 -13.99 -6.59
CA ASN I 170 58.16 -14.67 -5.29
C ASN I 170 57.63 -13.78 -4.19
N ASN I 171 56.55 -13.04 -4.46
CA ASN I 171 55.94 -12.07 -3.55
C ASN I 171 56.97 -11.29 -2.73
N LYS I 172 58.02 -10.85 -3.42
CA LYS I 172 59.04 -9.94 -2.90
C LYS I 172 58.93 -8.58 -3.60
N TYR I 173 59.97 -7.77 -3.49
CA TYR I 173 60.02 -6.45 -4.12
C TYR I 173 61.41 -6.23 -4.71
N ALA I 174 61.48 -5.26 -5.63
CA ALA I 174 62.74 -4.94 -6.31
C ALA I 174 62.72 -3.50 -6.79
N ALA I 175 63.92 -3.00 -7.11
CA ALA I 175 64.08 -1.64 -7.63
C ALA I 175 65.43 -1.52 -8.31
N SER I 176 65.59 -0.43 -9.06
CA SER I 176 66.77 -0.21 -9.90
C SER I 176 67.18 1.25 -9.81
N SER I 177 68.36 1.49 -9.25
CA SER I 177 68.95 2.82 -9.17
C SER I 177 69.96 3.01 -10.30
N TYR I 178 70.07 4.26 -10.77
CA TYR I 178 70.94 4.59 -11.90
C TYR I 178 71.62 5.91 -11.63
N LEU I 179 72.95 5.90 -11.59
CA LEU I 179 73.75 7.10 -11.42
C LEU I 179 74.38 7.43 -12.78
N SER I 180 73.90 8.48 -13.42
CA SER I 180 74.36 8.88 -14.75
C SER I 180 75.38 9.99 -14.66
N LEU I 181 76.39 9.92 -15.54
CA LEU I 181 77.47 10.90 -15.59
C LEU I 181 78.16 10.78 -16.95
N THR I 182 79.04 11.78 -17.26
CA THR I 182 79.83 11.92 -18.47
C THR I 182 81.14 11.15 -18.38
N PRO I 183 81.69 10.68 -19.50
CA PRO I 183 82.93 9.89 -19.43
C PRO I 183 84.13 10.63 -18.86
N GLU I 184 84.16 11.96 -18.92
CA GLU I 184 85.29 12.68 -18.34
C GLU I 184 85.27 12.64 -16.81
N GLN I 185 84.09 12.57 -16.19
CA GLN I 185 83.98 12.46 -14.74
C GLN I 185 83.96 11.01 -14.26
N TRP I 186 84.38 10.07 -15.11
CA TRP I 186 84.60 8.69 -14.66
C TRP I 186 85.96 8.56 -13.99
N LYS I 187 86.99 9.14 -14.60
CA LYS I 187 88.34 9.13 -14.02
C LYS I 187 88.45 10.02 -12.78
N SER I 188 87.39 10.74 -12.42
CA SER I 188 87.43 11.62 -11.26
C SER I 188 87.53 10.81 -9.97
N HIS I 189 86.52 10.03 -9.67
CA HIS I 189 86.48 9.29 -8.41
C HIS I 189 87.09 7.91 -8.56
N ARG I 190 87.50 7.34 -7.43
CA ARG I 190 88.08 5.99 -7.42
C ARG I 190 87.03 4.93 -7.72
N SER I 191 86.03 4.82 -6.83
CA SER I 191 84.95 3.85 -6.99
C SER I 191 83.74 4.34 -6.22
N TYR I 192 82.57 4.05 -6.77
CA TYR I 192 81.29 4.49 -6.21
C TYR I 192 80.63 3.38 -5.40
N SER I 193 79.86 3.78 -4.39
CA SER I 193 79.24 2.83 -3.47
C SER I 193 77.78 3.21 -3.23
N CYS I 194 76.88 2.27 -3.52
CA CYS I 194 75.45 2.41 -3.27
C CYS I 194 75.09 1.78 -1.92
N GLN I 195 74.16 2.41 -1.20
CA GLN I 195 73.72 1.95 0.10
C GLN I 195 72.21 1.98 0.17
N VAL I 196 71.61 0.94 0.76
CA VAL I 196 70.16 0.85 0.88
C VAL I 196 69.81 0.37 2.29
N THR I 197 69.05 1.19 3.02
CA THR I 197 68.52 0.82 4.33
C THR I 197 67.16 0.17 4.16
N HIS I 198 67.00 -1.02 4.71
CA HIS I 198 65.79 -1.84 4.58
C HIS I 198 65.19 -2.13 5.95
N GLU I 199 64.00 -1.59 6.18
CA GLU I 199 63.19 -1.89 7.38
C GLU I 199 63.97 -1.64 8.67
N GLY I 200 64.79 -0.59 8.67
CA GLY I 200 65.57 -0.25 9.84
C GLY I 200 66.97 -0.81 9.80
N SER I 201 67.08 -2.12 9.55
CA SER I 201 68.38 -2.76 9.48
C SER I 201 69.11 -2.31 8.22
N THR I 202 70.42 -2.49 8.22
CA THR I 202 71.25 -2.05 7.11
C THR I 202 72.20 -3.16 6.69
N VAL I 203 72.16 -3.53 5.41
CA VAL I 203 73.07 -4.50 4.82
C VAL I 203 73.51 -3.92 3.49
N GLU I 204 74.82 -3.76 3.30
CA GLU I 204 75.33 -3.08 2.11
C GLU I 204 76.31 -3.95 1.34
N LYS I 205 76.33 -3.71 0.02
CA LYS I 205 77.33 -4.26 -0.88
C LYS I 205 77.71 -3.18 -1.88
N THR I 206 78.81 -3.40 -2.59
CA THR I 206 79.27 -2.44 -3.58
C THR I 206 79.87 -3.14 -4.79
N GLN J 3 37.63 -22.85 -24.41
CA GLN J 3 38.69 -21.93 -24.00
C GLN J 3 38.37 -20.51 -24.43
N VAL J 4 37.98 -19.68 -23.46
CA VAL J 4 37.64 -18.29 -23.71
C VAL J 4 38.90 -17.44 -23.61
N GLN J 5 39.21 -16.68 -24.65
CA GLN J 5 40.38 -15.83 -24.65
C GLN J 5 40.13 -14.62 -25.55
N LEU J 6 40.89 -13.56 -25.32
CA LEU J 6 40.77 -12.34 -26.09
C LEU J 6 41.97 -11.45 -25.84
N GLN J 7 42.43 -10.78 -26.91
CA GLN J 7 43.64 -9.96 -26.83
C GLN J 7 43.42 -8.63 -27.55
N GLU J 8 43.97 -7.57 -26.97
CA GLU J 8 43.90 -6.24 -27.55
C GLU J 8 45.07 -6.01 -28.51
N SER J 9 44.93 -4.98 -29.35
CA SER J 9 45.97 -4.62 -30.31
C SER J 9 45.69 -3.23 -30.86
N GLY J 10 46.74 -2.62 -31.39
CA GLY J 10 46.66 -1.31 -31.98
C GLY J 10 47.80 -0.41 -31.57
N PRO J 11 47.86 0.79 -32.14
CA PRO J 11 48.94 1.73 -31.76
C PRO J 11 48.76 2.20 -30.32
N GLY J 12 49.85 2.14 -29.55
CA GLY J 12 49.80 2.53 -28.16
C GLY J 12 50.12 3.99 -27.93
N LEU J 13 50.71 4.64 -28.93
CA LEU J 13 51.07 6.04 -28.84
C LEU J 13 50.19 6.84 -29.79
N VAL J 14 49.52 7.86 -29.24
CA VAL J 14 48.69 8.78 -30.01
C VAL J 14 48.95 10.18 -29.48
N LYS J 15 49.15 11.14 -30.37
CA LYS J 15 49.33 12.51 -29.93
C LYS J 15 48.00 13.10 -29.49
N PRO J 16 48.02 14.17 -28.67
CA PRO J 16 46.77 14.78 -28.21
C PRO J 16 45.95 15.35 -29.37
N SER J 17 44.65 15.47 -29.10
CA SER J 17 43.62 15.90 -30.05
C SER J 17 43.55 15.03 -31.30
N GLN J 18 44.31 13.93 -31.36
CA GLN J 18 44.17 12.97 -32.44
C GLN J 18 43.08 11.96 -32.08
N THR J 19 42.86 11.01 -32.98
CA THR J 19 41.88 9.96 -32.74
C THR J 19 42.60 8.67 -32.42
N LEU J 20 42.09 7.95 -31.44
CA LEU J 20 42.66 6.71 -30.95
C LEU J 20 41.85 5.53 -31.48
N SER J 21 42.55 4.52 -32.00
CA SER J 21 41.92 3.33 -32.56
C SER J 21 42.57 2.10 -31.94
N LEU J 22 41.73 1.15 -31.53
CA LEU J 22 42.19 -0.09 -30.95
C LEU J 22 41.23 -1.20 -31.38
N THR J 23 41.69 -2.45 -31.28
CA THR J 23 40.87 -3.57 -31.70
C THR J 23 41.15 -4.77 -30.81
N CYS J 24 40.08 -5.43 -30.38
CA CYS J 24 40.15 -6.62 -29.53
C CYS J 24 39.69 -7.82 -30.33
N ALA J 25 40.56 -8.81 -30.47
CA ALA J 25 40.26 -10.05 -31.16
C ALA J 25 39.96 -11.15 -30.15
N ILE J 26 38.86 -11.84 -30.35
CA ILE J 26 38.39 -12.84 -29.40
C ILE J 26 38.50 -14.23 -30.01
N SER J 27 38.47 -15.24 -29.14
CA SER J 27 38.54 -16.63 -29.55
C SER J 27 37.87 -17.48 -28.47
N GLY J 28 37.15 -18.51 -28.90
CA GLY J 28 36.38 -19.33 -27.99
C GLY J 28 34.94 -18.89 -27.79
N ASP J 29 34.48 -17.90 -28.54
CA ASP J 29 33.11 -17.40 -28.45
C ASP J 29 32.85 -16.54 -29.68
N SER J 30 31.58 -16.19 -29.88
CA SER J 30 31.14 -15.41 -31.03
C SER J 30 30.73 -14.01 -30.60
N VAL J 31 31.14 -13.01 -31.38
CA VAL J 31 30.76 -11.63 -31.08
C VAL J 31 29.25 -11.46 -31.22
N SER J 32 28.61 -12.29 -32.05
CA SER J 32 27.15 -12.28 -32.19
C SER J 32 26.47 -13.18 -31.17
N SER J 33 27.08 -13.38 -30.01
CA SER J 33 26.52 -14.27 -28.99
C SER J 33 25.16 -13.76 -28.53
N ASN J 34 24.25 -14.70 -28.25
CA ASN J 34 22.94 -14.35 -27.75
C ASN J 34 22.95 -14.05 -26.26
N SER J 35 24.01 -14.44 -25.55
CA SER J 35 24.06 -14.31 -24.10
C SER J 35 25.42 -13.75 -23.66
N ALA J 36 25.79 -12.60 -24.20
CA ALA J 36 27.06 -11.96 -23.84
C ALA J 36 27.04 -10.51 -24.29
N THR J 37 28.04 -9.76 -23.82
CA THR J 37 28.28 -8.38 -24.25
C THR J 37 29.78 -8.13 -24.23
N TRP J 38 30.26 -7.31 -25.16
CA TRP J 38 31.68 -7.07 -25.34
C TRP J 38 32.00 -5.64 -24.92
N ASN J 39 32.85 -5.50 -23.90
CA ASN J 39 33.05 -4.24 -23.19
C ASN J 39 34.49 -3.76 -23.33
N TRP J 40 34.65 -2.44 -23.41
CA TRP J 40 35.93 -1.76 -23.34
C TRP J 40 35.99 -0.99 -22.03
N ILE J 41 37.07 -1.21 -21.26
CA ILE J 41 37.22 -0.67 -19.91
C ILE J 41 38.64 -0.15 -19.75
N ARG J 42 38.80 1.06 -19.22
CA ARG J 42 40.13 1.62 -19.03
C ARG J 42 40.44 1.78 -17.54
N GLN J 43 41.73 1.69 -17.21
CA GLN J 43 42.22 1.81 -15.85
C GLN J 43 43.35 2.83 -15.81
N SER J 44 43.24 3.81 -14.92
CA SER J 44 44.24 4.85 -14.76
C SER J 44 44.27 5.27 -13.30
N PRO J 45 45.44 5.67 -12.77
CA PRO J 45 45.48 6.16 -11.39
C PRO J 45 44.62 7.40 -11.19
N SER J 46 44.46 8.24 -12.22
CA SER J 46 43.67 9.45 -12.09
C SER J 46 42.18 9.16 -12.14
N ARG J 47 41.75 8.21 -12.97
CA ARG J 47 40.34 7.92 -13.17
C ARG J 47 39.90 6.60 -12.55
N GLY J 48 40.80 5.89 -11.87
CA GLY J 48 40.42 4.61 -11.30
C GLY J 48 40.20 3.57 -12.39
N LEU J 49 39.20 2.72 -12.18
CA LEU J 49 38.79 1.71 -13.16
C LEU J 49 37.45 2.15 -13.73
N GLU J 50 37.46 2.66 -14.96
CA GLU J 50 36.27 3.22 -15.59
C GLU J 50 35.85 2.36 -16.77
N TRP J 51 34.57 2.01 -16.80
CA TRP J 51 34.01 1.28 -17.94
C TRP J 51 33.71 2.26 -19.06
N LEU J 52 34.37 2.06 -20.20
CA LEU J 52 34.18 2.97 -21.33
C LEU J 52 32.89 2.67 -22.06
N GLY J 53 32.76 1.47 -22.63
CA GLY J 53 31.60 1.20 -23.44
C GLY J 53 31.38 -0.29 -23.62
N ARG J 54 30.34 -0.60 -24.39
CA ARG J 54 29.98 -1.99 -24.64
C ARG J 54 29.18 -2.08 -25.94
N THR J 55 29.18 -3.29 -26.49
CA THR J 55 28.41 -3.57 -27.70
C THR J 55 27.88 -4.99 -27.64
N TYR J 56 26.75 -5.22 -28.33
CA TYR J 56 26.16 -6.55 -28.38
C TYR J 56 25.24 -6.64 -29.58
N TYR J 57 24.77 -7.86 -29.87
CA TYR J 57 23.91 -8.12 -31.01
C TYR J 57 22.74 -8.99 -30.56
N ARG J 58 21.54 -8.40 -30.51
CA ARG J 58 20.29 -9.11 -30.26
C ARG J 58 19.33 -8.72 -31.39
N SER J 59 19.42 -9.43 -32.52
CA SER J 59 18.62 -9.23 -33.72
C SER J 59 19.16 -8.02 -34.49
N LYS J 60 19.46 -6.94 -33.78
CA LYS J 60 20.19 -5.81 -34.31
C LYS J 60 21.42 -5.56 -33.43
N TRP J 61 22.28 -4.65 -33.88
CA TRP J 61 23.49 -4.31 -33.13
C TRP J 61 23.25 -3.09 -32.24
N TYR J 62 23.51 -3.24 -30.94
CA TYR J 62 23.33 -2.18 -29.96
C TYR J 62 24.68 -1.77 -29.40
N TYR J 63 24.87 -0.47 -29.23
CA TYR J 63 26.08 0.11 -28.67
C TYR J 63 25.70 0.98 -27.48
N ASP J 64 26.38 0.78 -26.34
CA ASP J 64 26.14 1.55 -25.13
C ASP J 64 27.43 2.24 -24.70
N TYR J 65 27.33 3.52 -24.35
CA TYR J 65 28.50 4.30 -23.96
C TYR J 65 28.22 5.00 -22.63
N ALA J 66 29.30 5.35 -21.93
CA ALA J 66 29.20 6.04 -20.67
C ALA J 66 29.18 7.55 -20.87
N GLN J 67 28.79 8.29 -19.83
CA GLN J 67 28.62 9.72 -19.95
C GLN J 67 29.96 10.44 -20.17
N SER J 68 30.99 10.04 -19.44
CA SER J 68 32.27 10.75 -19.50
C SER J 68 32.91 10.71 -20.88
N VAL J 69 32.41 9.86 -21.77
CA VAL J 69 32.96 9.68 -23.11
C VAL J 69 31.82 9.42 -24.08
N GLN J 70 30.65 10.00 -23.79
CA GLN J 70 29.45 9.73 -24.58
C GLN J 70 29.61 10.18 -26.02
N ASN J 71 30.08 11.41 -26.23
CA ASN J 71 30.18 12.01 -27.55
C ASN J 71 31.46 11.64 -28.28
N ARG J 72 32.36 10.88 -27.67
CA ARG J 72 33.69 10.65 -28.22
C ARG J 72 33.95 9.21 -28.65
N ILE J 73 33.12 8.24 -28.24
CA ILE J 73 33.42 6.83 -28.47
C ILE J 73 32.59 6.29 -29.62
N SER J 74 33.21 5.37 -30.36
CA SER J 74 32.50 4.51 -31.30
C SER J 74 33.06 3.10 -31.13
N ILE J 75 32.17 2.12 -31.05
CA ILE J 75 32.53 0.73 -30.85
C ILE J 75 31.80 -0.09 -31.92
N ASN J 76 32.53 -0.53 -32.94
CA ASN J 76 31.96 -1.29 -34.03
C ASN J 76 32.47 -2.72 -34.01
N PRO J 77 31.60 -3.71 -34.15
CA PRO J 77 32.08 -5.09 -34.17
C PRO J 77 32.51 -5.52 -35.56
N ASP J 78 32.91 -6.78 -35.70
CA ASP J 78 33.25 -7.35 -36.99
C ASP J 78 32.96 -8.83 -36.93
N THR J 79 31.88 -9.24 -37.61
CA THR J 79 31.45 -10.63 -37.59
C THR J 79 32.38 -11.52 -38.41
N SER J 80 33.04 -10.97 -39.41
CA SER J 80 33.90 -11.78 -40.29
C SER J 80 35.14 -12.26 -39.54
N LYS J 81 35.91 -11.31 -38.99
CA LYS J 81 37.12 -11.63 -38.24
C LYS J 81 36.86 -11.93 -36.77
N ASN J 82 35.60 -11.85 -36.31
CA ASN J 82 35.24 -12.11 -34.92
C ASN J 82 35.99 -11.17 -33.97
N GLN J 83 35.79 -9.87 -34.17
CA GLN J 83 36.54 -8.86 -33.43
C GLN J 83 35.62 -7.71 -33.05
N PHE J 84 36.17 -6.76 -32.28
CA PHE J 84 35.44 -5.55 -31.93
C PHE J 84 36.41 -4.41 -31.75
N SER J 85 36.05 -3.23 -32.24
CA SER J 85 36.95 -2.10 -32.28
C SER J 85 36.54 -1.04 -31.25
N LEU J 86 37.43 -0.08 -31.05
CA LEU J 86 37.20 1.04 -30.15
C LEU J 86 37.89 2.26 -30.72
N GLN J 87 37.15 3.35 -30.90
CA GLN J 87 37.72 4.60 -31.39
C GLN J 87 37.27 5.74 -30.49
N LEU J 88 38.25 6.56 -30.09
CA LEU J 88 38.02 7.68 -29.19
C LEU J 88 38.76 8.90 -29.76
N ASN J 89 38.00 9.85 -30.28
CA ASN J 89 38.57 11.06 -30.86
C ASN J 89 38.68 12.15 -29.80
N SER J 90 39.46 13.18 -30.13
CA SER J 90 39.70 14.32 -29.23
C SER J 90 40.27 13.83 -27.89
N VAL J 91 41.37 13.08 -27.98
CA VAL J 91 41.98 12.52 -26.79
C VAL J 91 42.64 13.62 -25.96
N THR J 92 42.68 13.41 -24.65
CA THR J 92 43.28 14.33 -23.70
C THR J 92 44.25 13.57 -22.82
N PRO J 93 45.14 14.28 -22.11
CA PRO J 93 46.04 13.59 -21.17
C PRO J 93 45.31 12.77 -20.11
N GLU J 94 44.06 13.10 -19.80
CA GLU J 94 43.29 12.29 -18.86
C GLU J 94 42.99 10.90 -19.40
N ASP J 95 43.05 10.71 -20.72
CA ASP J 95 42.75 9.41 -21.32
C ASP J 95 43.94 8.47 -21.34
N MET J 96 45.13 8.91 -20.91
CA MET J 96 46.28 8.03 -20.84
C MET J 96 46.04 6.98 -19.77
N ALA J 97 45.96 5.72 -20.17
CA ALA J 97 45.52 4.65 -19.26
C ALA J 97 45.79 3.31 -19.92
N VAL J 98 45.54 2.24 -19.18
CA VAL J 98 45.63 0.89 -19.70
C VAL J 98 44.24 0.42 -20.08
N TYR J 99 44.05 0.07 -21.35
CA TYR J 99 42.76 -0.31 -21.89
C TYR J 99 42.65 -1.83 -21.98
N TYR J 100 41.54 -2.37 -21.50
CA TYR J 100 41.22 -3.79 -21.55
C TYR J 100 39.91 -3.99 -22.30
N CYS J 101 39.75 -5.18 -22.87
CA CYS J 101 38.49 -5.63 -23.42
C CYS J 101 38.05 -6.89 -22.69
N ALA J 102 36.74 -7.08 -22.55
CA ALA J 102 36.24 -8.17 -21.73
C ALA J 102 34.86 -8.63 -22.19
N ARG J 103 34.55 -9.88 -21.86
CA ARG J 103 33.22 -10.43 -22.04
C ARG J 103 32.39 -10.22 -20.78
N GLY J 104 31.07 -10.15 -20.95
CA GLY J 104 30.20 -9.98 -19.81
C GLY J 104 28.78 -10.42 -20.11
N ASP J 105 27.91 -10.20 -19.13
CA ASP J 105 26.49 -10.49 -19.26
C ASP J 105 25.69 -9.40 -18.55
N PHE J 106 25.90 -8.15 -18.98
CA PHE J 106 25.24 -6.96 -18.46
C PHE J 106 25.66 -6.63 -17.03
N ASP J 107 25.69 -7.63 -16.14
CA ASP J 107 26.10 -7.39 -14.76
C ASP J 107 27.60 -7.60 -14.60
N ALA J 108 28.05 -8.84 -14.76
CA ALA J 108 29.44 -9.20 -14.51
C ALA J 108 30.29 -9.03 -15.76
N PHE J 109 31.59 -8.91 -15.54
CA PHE J 109 32.60 -8.88 -16.60
C PHE J 109 33.38 -10.18 -16.50
N ASP J 110 33.08 -11.12 -17.41
CA ASP J 110 33.66 -12.46 -17.40
C ASP J 110 35.15 -12.44 -17.73
N PHE J 111 35.53 -13.07 -18.83
CA PHE J 111 36.93 -13.15 -19.19
C PHE J 111 37.46 -11.77 -19.57
N TRP J 112 38.70 -11.48 -19.21
CA TRP J 112 39.32 -10.20 -19.45
C TRP J 112 40.50 -10.35 -20.40
N GLY J 113 40.87 -9.24 -21.03
CA GLY J 113 42.00 -9.23 -21.93
C GLY J 113 43.31 -8.92 -21.24
N GLN J 114 44.40 -9.07 -21.99
CA GLN J 114 45.72 -8.72 -21.47
C GLN J 114 45.82 -7.23 -21.17
N GLY J 115 45.19 -6.40 -22.00
CA GLY J 115 45.20 -4.97 -21.80
C GLY J 115 46.48 -4.29 -22.22
N LEU J 116 46.38 -3.22 -23.00
CA LEU J 116 47.53 -2.49 -23.49
C LEU J 116 47.52 -1.07 -22.92
N ARG J 117 48.69 -0.56 -22.57
CA ARG J 117 48.80 0.78 -22.02
C ARG J 117 48.93 1.77 -23.16
N VAL J 118 48.01 2.71 -23.23
CA VAL J 118 48.03 3.79 -24.21
C VAL J 118 48.41 5.07 -23.48
N THR J 119 49.48 5.70 -23.96
CA THR J 119 49.96 6.97 -23.42
C THR J 119 49.84 8.02 -24.52
N VAL J 120 49.69 9.27 -24.11
CA VAL J 120 49.47 10.37 -25.04
C VAL J 120 50.54 11.43 -24.82
N SER J 121 51.21 11.81 -25.91
CA SER J 121 52.27 12.80 -25.92
C SER J 121 52.60 13.14 -27.36
N SER J 122 52.90 14.42 -27.62
CA SER J 122 53.23 14.85 -28.97
C SER J 122 54.61 14.39 -29.41
N ALA J 123 55.47 13.97 -28.48
CA ALA J 123 56.81 13.55 -28.85
C ALA J 123 56.76 12.25 -29.65
N SER J 124 57.77 12.08 -30.50
CA SER J 124 57.86 10.91 -31.38
C SER J 124 58.60 9.77 -30.68
N THR J 125 58.43 8.57 -31.24
CA THR J 125 59.16 7.40 -30.75
C THR J 125 60.62 7.47 -31.17
N LYS J 126 61.51 7.16 -30.24
CA LYS J 126 62.95 7.13 -30.51
C LYS J 126 63.46 5.71 -30.35
N GLY J 127 64.39 5.33 -31.23
CA GLY J 127 64.95 3.99 -31.23
C GLY J 127 65.82 3.74 -30.01
N PRO J 128 65.73 2.53 -29.47
CA PRO J 128 66.50 2.19 -28.27
C PRO J 128 67.95 1.86 -28.57
N SER J 129 68.84 2.37 -27.73
CA SER J 129 70.28 2.10 -27.84
C SER J 129 70.67 1.03 -26.84
N VAL J 130 71.18 -0.10 -27.33
CA VAL J 130 71.48 -1.26 -26.48
C VAL J 130 72.97 -1.31 -26.19
N PHE J 131 73.31 -1.78 -24.99
CA PHE J 131 74.69 -1.95 -24.55
C PHE J 131 74.80 -3.21 -23.70
N PRO J 132 75.97 -3.87 -23.68
CA PRO J 132 76.11 -5.08 -22.88
C PRO J 132 76.47 -4.81 -21.42
N LEU J 133 77.02 -5.81 -20.74
CA LEU J 133 77.40 -5.66 -19.34
C LEU J 133 78.59 -6.56 -19.05
N ALA J 134 79.35 -6.21 -18.03
CA ALA J 134 80.60 -6.88 -17.69
C ALA J 134 80.35 -7.96 -16.64
N PRO J 135 81.33 -8.85 -16.41
CA PRO J 135 81.21 -9.80 -15.31
C PRO J 135 81.03 -9.12 -13.94
N THR J 144 79.32 -18.47 -8.61
CA THR J 144 78.17 -17.69 -9.05
C THR J 144 78.61 -16.35 -9.64
N ALA J 145 77.86 -15.86 -10.62
CA ALA J 145 78.14 -14.58 -11.26
C ALA J 145 76.86 -14.10 -11.92
N ALA J 146 76.88 -12.84 -12.38
CA ALA J 146 75.71 -12.24 -13.01
C ALA J 146 76.15 -11.39 -14.18
N LEU J 147 75.33 -11.39 -15.24
CA LEU J 147 75.67 -10.63 -16.45
C LEU J 147 74.39 -10.08 -17.08
N GLY J 148 74.47 -8.87 -17.64
CA GLY J 148 73.25 -8.26 -18.14
C GLY J 148 73.35 -7.47 -19.43
N CYS J 149 72.31 -6.67 -19.70
CA CYS J 149 72.20 -5.90 -20.93
C CYS J 149 71.26 -4.72 -20.70
N LEU J 150 71.69 -3.53 -21.11
CA LEU J 150 70.92 -2.31 -20.88
C LEU J 150 70.42 -1.71 -22.20
N VAL J 151 69.33 -0.96 -22.10
CA VAL J 151 68.63 -0.34 -23.22
C VAL J 151 68.25 1.07 -22.81
N LYS J 152 68.80 2.08 -23.47
CA LYS J 152 68.64 3.48 -23.10
C LYS J 152 67.91 4.24 -24.21
N ASP J 153 67.17 5.28 -23.79
CA ASP J 153 66.59 6.27 -24.70
C ASP J 153 65.59 5.65 -25.67
N TYR J 154 64.39 5.37 -25.17
CA TYR J 154 63.24 5.00 -25.98
C TYR J 154 62.01 5.66 -25.38
N PHE J 155 61.06 6.01 -26.23
CA PHE J 155 59.94 6.82 -25.75
C PHE J 155 58.75 6.00 -25.22
N PRO J 156 58.16 5.09 -26.00
CA PRO J 156 56.90 4.46 -25.56
C PRO J 156 57.14 3.50 -24.41
N GLU J 157 56.03 3.08 -23.79
CA GLU J 157 56.11 2.26 -22.58
C GLU J 157 56.77 0.90 -22.80
N PRO J 158 56.28 0.03 -23.70
CA PRO J 158 56.72 -1.37 -23.63
C PRO J 158 57.87 -1.73 -24.56
N VAL J 159 58.58 -2.80 -24.19
CA VAL J 159 59.64 -3.40 -25.01
C VAL J 159 59.84 -4.83 -24.51
N THR J 160 59.95 -5.77 -25.45
CA THR J 160 60.15 -7.16 -25.08
C THR J 160 61.63 -7.50 -25.10
N VAL J 161 62.06 -8.30 -24.12
CA VAL J 161 63.46 -8.67 -23.95
C VAL J 161 63.53 -10.18 -23.76
N SER J 162 64.56 -10.79 -24.36
CA SER J 162 64.74 -12.24 -24.31
C SER J 162 66.22 -12.57 -24.24
N TRP J 163 66.50 -13.84 -23.96
CA TRP J 163 67.87 -14.36 -23.86
C TRP J 163 67.97 -15.62 -24.70
N ASN J 164 68.80 -15.56 -25.75
CA ASN J 164 69.02 -16.69 -26.65
C ASN J 164 67.71 -17.17 -27.27
N SER J 165 66.85 -16.23 -27.64
CA SER J 165 65.52 -16.51 -28.20
C SER J 165 64.69 -17.35 -27.23
N GLY J 166 64.69 -16.95 -25.96
CA GLY J 166 63.90 -17.62 -24.94
C GLY J 166 64.52 -18.87 -24.38
N ALA J 167 65.79 -19.15 -24.68
CA ALA J 167 66.43 -20.36 -24.16
C ALA J 167 66.65 -20.28 -22.66
N LEU J 168 66.80 -19.07 -22.12
CA LEU J 168 67.01 -18.87 -20.68
C LEU J 168 65.79 -18.18 -20.10
N THR J 169 65.17 -18.81 -19.11
CA THR J 169 64.00 -18.25 -18.45
C THR J 169 64.21 -18.20 -16.93
N SER J 170 64.66 -19.32 -16.37
CA SER J 170 64.93 -19.36 -14.94
C SER J 170 66.21 -18.62 -14.61
N GLY J 171 66.18 -17.88 -13.50
CA GLY J 171 67.34 -17.12 -13.08
C GLY J 171 67.53 -15.80 -13.80
N VAL J 172 66.55 -15.35 -14.57
CA VAL J 172 66.61 -14.11 -15.33
C VAL J 172 65.75 -13.08 -14.62
N HIS J 173 66.22 -11.83 -14.55
CA HIS J 173 65.36 -10.77 -13.95
C HIS J 173 65.37 -9.52 -14.82
N THR J 174 64.19 -9.07 -15.23
CA THR J 174 64.08 -7.81 -16.00
C THR J 174 63.51 -6.74 -15.07
N PHE J 175 64.22 -5.62 -14.91
CA PHE J 175 63.73 -4.55 -14.06
C PHE J 175 62.58 -3.80 -14.72
N PRO J 176 61.70 -3.17 -13.92
CA PRO J 176 60.68 -2.30 -14.52
C PRO J 176 61.06 -0.83 -14.67
N ALA J 177 60.87 -0.27 -15.88
CA ALA J 177 60.95 1.15 -16.21
C ALA J 177 62.04 2.02 -15.56
N VAL J 178 62.09 3.28 -15.98
CA VAL J 178 62.94 4.30 -15.37
C VAL J 178 62.22 5.66 -15.35
N LEU J 179 62.04 6.23 -16.55
CA LEU J 179 61.52 7.58 -16.77
C LEU J 179 62.53 8.61 -16.26
N GLN J 180 63.20 9.28 -17.21
CA GLN J 180 64.15 10.33 -16.94
C GLN J 180 63.46 11.67 -16.79
N SER J 181 64.23 12.67 -16.36
CA SER J 181 63.74 14.05 -16.37
C SER J 181 63.33 14.46 -17.77
N SER J 182 64.06 14.00 -18.78
CA SER J 182 63.75 14.32 -20.17
C SER J 182 62.45 13.67 -20.64
N GLY J 183 62.02 12.59 -20.01
CA GLY J 183 60.85 11.86 -20.43
C GLY J 183 61.16 10.54 -21.11
N LEU J 184 62.43 10.30 -21.45
CA LEU J 184 62.83 9.05 -22.07
C LEU J 184 63.09 7.98 -21.02
N TYR J 185 63.02 6.72 -21.45
CA TYR J 185 63.11 5.58 -20.55
C TYR J 185 64.42 4.81 -20.73
N SER J 186 64.77 4.05 -19.70
CA SER J 186 65.95 3.19 -19.69
C SER J 186 65.64 1.94 -18.89
N LEU J 187 66.25 0.82 -19.30
CA LEU J 187 65.93 -0.44 -18.66
C LEU J 187 67.06 -1.44 -18.88
N SER J 188 67.38 -2.21 -17.85
CA SER J 188 68.40 -3.24 -17.97
C SER J 188 67.83 -4.57 -17.49
N SER J 189 68.47 -5.67 -17.92
CA SER J 189 68.00 -7.00 -17.58
C SER J 189 69.21 -7.91 -17.44
N VAL J 190 69.23 -8.69 -16.36
CA VAL J 190 70.42 -9.47 -16.01
C VAL J 190 70.05 -10.92 -15.71
N VAL J 191 70.98 -11.82 -16.01
CA VAL J 191 70.86 -13.21 -15.65
C VAL J 191 71.91 -13.54 -14.59
N THR J 192 71.69 -14.68 -13.93
CA THR J 192 72.60 -15.23 -12.92
C THR J 192 73.07 -16.58 -13.41
N VAL J 193 74.38 -16.72 -13.59
CA VAL J 193 74.97 -17.93 -14.16
C VAL J 193 76.04 -18.49 -13.24
N PRO J 194 76.19 -19.81 -13.16
CA PRO J 194 77.27 -20.39 -12.35
C PRO J 194 78.64 -19.93 -12.83
N SER J 195 79.59 -19.89 -11.89
CA SER J 195 80.95 -19.49 -12.21
C SER J 195 81.63 -20.44 -13.19
N SER J 196 81.18 -21.69 -13.24
CA SER J 196 81.74 -22.66 -14.18
C SER J 196 81.29 -22.41 -15.62
N SER J 197 80.18 -21.71 -15.83
CA SER J 197 79.68 -21.46 -17.19
C SER J 197 80.00 -20.05 -17.66
N LEU J 198 81.22 -19.58 -17.45
CA LEU J 198 81.62 -18.25 -17.91
C LEU J 198 82.12 -18.27 -19.35
N GLY J 199 82.99 -19.22 -19.68
CA GLY J 199 83.54 -19.32 -21.02
C GLY J 199 82.99 -20.52 -21.77
N THR J 200 81.78 -20.94 -21.42
CA THR J 200 81.16 -22.12 -22.00
C THR J 200 80.05 -21.73 -22.97
N GLN J 201 78.91 -21.28 -22.47
CA GLN J 201 77.80 -20.89 -23.32
C GLN J 201 78.06 -19.50 -23.92
N THR J 202 77.01 -18.92 -24.50
CA THR J 202 77.05 -17.58 -25.06
C THR J 202 75.69 -16.95 -24.79
N TYR J 203 75.69 -15.67 -24.47
CA TYR J 203 74.46 -14.99 -24.07
C TYR J 203 74.24 -13.78 -24.96
N ILE J 204 73.11 -13.77 -25.66
CA ILE J 204 72.73 -12.69 -26.56
C ILE J 204 71.44 -12.09 -26.04
N CYS J 205 71.48 -10.79 -25.73
CA CYS J 205 70.32 -10.06 -25.25
C CYS J 205 69.49 -9.63 -26.46
N ASN J 206 68.35 -10.29 -26.66
CA ASN J 206 67.44 -9.94 -27.76
C ASN J 206 66.47 -8.88 -27.28
N VAL J 207 66.30 -7.83 -28.08
CA VAL J 207 65.44 -6.71 -27.75
C VAL J 207 64.53 -6.44 -28.94
N ASN J 208 63.22 -6.42 -28.69
CA ASN J 208 62.21 -6.13 -29.71
C ASN J 208 61.39 -4.95 -29.19
N HIS J 209 61.50 -3.83 -29.89
CA HIS J 209 60.76 -2.61 -29.59
C HIS J 209 59.82 -2.35 -30.75
N LYS J 210 58.53 -2.58 -30.53
CA LYS J 210 57.56 -2.52 -31.61
C LYS J 210 57.32 -1.10 -32.11
N PRO J 211 57.01 -0.09 -31.25
CA PRO J 211 56.60 1.22 -31.79
C PRO J 211 57.68 1.95 -32.57
N SER J 212 58.88 1.40 -32.62
CA SER J 212 59.93 1.93 -33.49
C SER J 212 60.41 0.92 -34.52
N ASN J 213 59.83 -0.27 -34.58
CA ASN J 213 60.25 -1.34 -35.48
C ASN J 213 61.74 -1.66 -35.31
N THR J 214 62.13 -1.96 -34.08
CA THR J 214 63.52 -2.24 -33.74
C THR J 214 63.64 -3.67 -33.21
N LYS J 215 64.68 -4.37 -33.66
CA LYS J 215 64.95 -5.72 -33.17
C LYS J 215 66.44 -5.94 -33.26
N VAL J 216 67.11 -6.03 -32.11
CA VAL J 216 68.57 -6.12 -32.07
C VAL J 216 69.01 -7.14 -31.03
N ASP J 217 70.12 -7.80 -31.32
CA ASP J 217 70.70 -8.82 -30.44
C ASP J 217 72.10 -8.38 -30.06
N LYS J 218 72.29 -8.09 -28.77
CA LYS J 218 73.59 -7.65 -28.25
C LYS J 218 74.29 -8.82 -27.58
N LYS J 219 75.44 -9.20 -28.13
CA LYS J 219 76.23 -10.29 -27.56
C LYS J 219 77.01 -9.79 -26.35
N VAL J 220 76.94 -10.54 -25.25
CA VAL J 220 77.64 -10.20 -24.01
C VAL J 220 79.00 -10.87 -24.05
N GLU J 221 80.05 -10.07 -24.28
CA GLU J 221 81.41 -10.59 -24.31
C GLU J 221 82.20 -10.06 -23.11
N PRO J 222 82.61 -10.91 -22.17
CA PRO J 222 83.35 -10.51 -20.97
C PRO J 222 84.82 -10.20 -21.26
#